data_8GJ2
#
_entry.id   8GJ2
#
_cell.length_a   1.00
_cell.length_b   1.00
_cell.length_c   1.00
_cell.angle_alpha   90.00
_cell.angle_beta   90.00
_cell.angle_gamma   90.00
#
_symmetry.space_group_name_H-M   'P 1'
#
loop_
_entity.id
_entity.type
_entity.pdbx_description
1 polymer 'DNA polymerase III subunit delta'
2 polymer 'DNA polymerase III subunit tau'
3 polymer "DNA polymerase III subunit delta'"
4 polymer 'DNA polymerase III subunit psi'
5 polymer 'Beta sliding clamp'
6 polymer Primer
7 polymer Template
8 non-polymer "ADENOSINE-5'-DIPHOSPHATE"
9 non-polymer 'MAGNESIUM ION'
10 non-polymer 'TETRAFLUOROALUMINATE ION'
11 non-polymer 'ZINC ION'
#
loop_
_entity_poly.entity_id
_entity_poly.type
_entity_poly.pdbx_seq_one_letter_code
_entity_poly.pdbx_strand_id
1 'polypeptide(L)'
;MIRLYPEQLRAQLNEGLRAAYLLLGNDPLLLQESQDAVRQVAAAQGFEEHHTFSIDPNTDWNAIFSLCQAMSLFASRQTL
LLLLPENGPNAAINEQLLTLTGLLHDDLLLIVRGNKLSKAQENAAWFTALANRSVQVTCQTPEQAQLPRWVAARAKQLNL
ELDDAANQVLCYCYEGNLLALAQALERLSLLWPDGKLTLPRVEQAVNDAAHFTPFHWVDALLMGKSKRALHILQQLRLEG
SEPVILLRTLQRELLLLVNLKRQSAHTPLRALFDKHRVWQNRRGMMGEALNRLSQTQLRQAVQLLTRTELTLKQDYGQSV
WAELEGLSLLLCHKPLADVFIDG
;
A
2 'polypeptide(L)'
;MSYQVLARKWRPQTFADVVGQEHVLTALANGLSLGRIHHAYLFSGTRGVGKTSIARLLAKGLNCETGITATPCGVCDNCR
EIEQGRFVDLIEIDAASRTKVEDTRDLLDNVQYAPARGRFKVYLIDEVHMLSRHSFNALLKTLEEPPEHVKFLLATTDPQ
KLPVTILSRCLQFHLKALDVEQIRHQLEHILNEEHIAHEPRALQLLARAAEGSLRDALSLTDQAIASGDGQVSTQAVSAM
LGTLDDDQALSLVEAMVEANGERVMALINEAAARGIEWEALLVEMLGLLHRIAMVQLSPAALGNDMAAIELRMRELARTI
PPTDIQLYYQTLLIGRKELPYAPDRRMGVEMTLLRALAFHPRMPLPEPEVPRQSFAPVAPTAVMTPTQVPPQPQSAPQQA
PTVPLPETTSQVLAARQQLQRVQGATKAKKSEPAAATRARPVNNAALERLASVTDRVQARPVPSALEKAPAKKEAYRWKA
TTPVMQQKEVVATPKALKKALEHEKTPELAAKLAAEAIERDPWAAQVSQLSLPKLVEQVALNAWKEESDNAVCLHLRSSQ
RHLNNRGAQQKLAEALSMLKGSTVELTIVEDDNPAVRTPLEWRQAIYEEKLAQARESIIADNNIQTLRRFFDAELDEESI
RPI
;
B,C,D
3 'polypeptide(L)'
;MRWYPWLRPDFEKLVASYQAGRGHHALLIQALPGMGDDALIYALSRYLLCQQPQGHKSCGHCRGCQLMQAGTHPDYYTLA
PEKGKNTLGVDAVREVTEKLNEHARLGGAKVVWVTDAALLTDAAANALLKTLEEPPAETWFFLATREPERLLATLRSRCR
LHYLAPPPEQYAVTWLSREVTMSQDALLAALRLSAGSPGAALALFQGDNWQARETLCQALAYSVPSGDWYSLLAALNHEQ
APARLHWLATLLMDALKRHHGAAQVTNVDVPGLVAELANHLSPSRLQAILGDVCHIREQLMSVTGINRELLITDLLLRIE
HYLQPGVVLPVPHL
;
E
4 'polypeptide(L)'
;MTSRRDWQLQQLGITQWSLRRPGALQGEIAIAIPAHVRLVMVANDLPALTDPLVSDVLRALTVSPDQVLQLTPEKIAMLP
QGSHCNSWRLGTDEPLSLEGAQVASPALTDLRANPTARAALWQQICTYEHDFFPRND
;
F
5 'polypeptide(L)'
;MKFTVEREHLLKPLQQVSGPLGGRPTLPILGNLLLQVADGTLSLTGTDLEMEMVARVALVQPHEPGATTVPARKFFDICR
GLPEGAEIAVQLEGERMLVRSGRSRFSLSTLPAADFPNLDDWQSEVEFTLPQATMKRLIEATQFSMAHQDVRYYLNGMLF
ETEGEELRTVATDGHRLAVCSMPIGQSLPSHSVIVPRKGVIELMRMLDGGDNPLRVQIGSNNIRAHVGDFIFTSKLVDGR
FPDYRRVLPKNPDKHLEAGCDLLKQAFARAAILSNEKFRGVRLYVSENQLKITANNPEQEEAEEILDVTYSGAEMEIGFN
VSYVLDVLNALKCENVRMMLTDSVSSVQIEDAASQSAAYVVMPMRL
;
H,I
6 'polydeoxyribonucleotide'
;(DG)(DA)(DG)(DA)(DT)(DA)(DG)(DT)(DT)(DA)(DC)(DA)(DA)(DC)(DA)(DT)(DA)(DC)(DG)(DA)
(DT)(DC)(DG)
;
X
7 'polydeoxyribonucleotide'
;(DT)(DT)(DT)(DT)(DT)(DT)(DT)(DT)(DT)(DT)(DC)(DG)(DA)(DT)(DC)(DG)(DT)(DA)(DT)(DG)
(DT)(DT)(DG)(DT)(DA)(DA)(DC)(DT)(DA)(DT)(DC)(DT)(DC)
;
Y
#
loop_
_chem_comp.id
_chem_comp.type
_chem_comp.name
_chem_comp.formula
ADP non-polymer ADENOSINE-5'-DIPHOSPHATE 'C10 H15 N5 O10 P2'
ALF non-polymer 'TETRAFLUOROALUMINATE ION' 'Al F4 -1'
DA DNA linking 2'-DEOXYADENOSINE-5'-MONOPHOSPHATE 'C10 H14 N5 O6 P'
DC DNA linking 2'-DEOXYCYTIDINE-5'-MONOPHOSPHATE 'C9 H14 N3 O7 P'
DG DNA linking 2'-DEOXYGUANOSINE-5'-MONOPHOSPHATE 'C10 H14 N5 O7 P'
DT DNA linking THYMIDINE-5'-MONOPHOSPHATE 'C10 H15 N2 O8 P'
MG non-polymer 'MAGNESIUM ION' 'Mg 2'
ZN non-polymer 'ZINC ION' 'Zn 2'
#
# COMPACT_ATOMS: atom_id res chain seq x y z
N MET A 1 -9.71 -11.07 -47.53
CA MET A 1 -9.36 -11.97 -46.40
C MET A 1 -10.35 -13.12 -46.30
N ILE A 2 -9.85 -14.34 -46.14
CA ILE A 2 -10.69 -15.52 -46.03
C ILE A 2 -11.18 -15.62 -44.59
N ARG A 3 -12.37 -16.20 -44.42
CA ARG A 3 -12.96 -16.44 -43.10
C ARG A 3 -13.21 -17.94 -42.95
N LEU A 4 -12.82 -18.48 -41.80
CA LEU A 4 -12.90 -19.93 -41.61
C LEU A 4 -13.19 -20.27 -40.15
N TYR A 5 -13.58 -21.51 -39.94
CA TYR A 5 -13.74 -22.14 -38.64
C TYR A 5 -12.63 -23.15 -38.40
N PRO A 6 -12.43 -23.60 -37.15
CA PRO A 6 -11.32 -24.52 -36.89
C PRO A 6 -11.35 -25.79 -37.72
N GLU A 7 -12.53 -26.30 -38.06
CA GLU A 7 -12.61 -27.56 -38.80
C GLU A 7 -12.09 -27.42 -40.22
N GLN A 8 -12.25 -26.24 -40.83
CA GLN A 8 -11.82 -26.01 -42.20
C GLN A 8 -10.38 -25.54 -42.31
N LEU A 9 -9.71 -25.29 -41.18
CA LEU A 9 -8.34 -24.80 -41.23
C LEU A 9 -7.40 -25.82 -41.87
N ARG A 10 -7.57 -27.10 -41.52
CA ARG A 10 -6.69 -28.13 -42.09
C ARG A 10 -6.91 -28.25 -43.59
N ALA A 11 -8.16 -28.17 -44.04
CA ALA A 11 -8.43 -28.21 -45.47
C ALA A 11 -7.79 -27.02 -46.17
N GLN A 12 -7.89 -25.82 -45.59
CA GLN A 12 -7.27 -24.65 -46.20
C GLN A 12 -5.75 -24.82 -46.27
N LEU A 13 -5.15 -25.32 -45.18
CA LEU A 13 -3.70 -25.53 -45.17
C LEU A 13 -3.29 -26.53 -46.24
N ASN A 14 -4.06 -27.60 -46.41
CA ASN A 14 -3.78 -28.54 -47.50
C ASN A 14 -3.89 -27.87 -48.85
N GLU A 15 -4.88 -26.97 -49.00
CA GLU A 15 -5.01 -26.23 -50.25
C GLU A 15 -3.78 -25.38 -50.52
N GLY A 16 -3.28 -24.69 -49.50
CA GLY A 16 -2.10 -23.85 -49.66
C GLY A 16 -1.79 -23.14 -48.37
N LEU A 17 -0.65 -22.46 -48.37
CA LEU A 17 -0.16 -21.71 -47.22
C LEU A 17 -0.12 -20.23 -47.57
N ARG A 18 -0.76 -19.41 -46.74
CA ARG A 18 -0.82 -17.98 -46.96
C ARG A 18 0.31 -17.28 -46.21
N ALA A 19 0.35 -15.96 -46.27
CA ALA A 19 1.42 -15.17 -45.66
C ALA A 19 1.17 -14.89 -44.18
N ALA A 20 -0.08 -14.61 -43.81
CA ALA A 20 -0.43 -14.27 -42.44
C ALA A 20 -1.69 -15.02 -42.02
N TYR A 21 -1.71 -15.45 -40.75
CA TYR A 21 -2.85 -16.13 -40.17
C TYR A 21 -3.25 -15.40 -38.90
N LEU A 22 -4.55 -15.11 -38.78
CA LEU A 22 -5.10 -14.42 -37.61
C LEU A 22 -6.00 -15.38 -36.86
N LEU A 23 -5.71 -15.60 -35.58
CA LEU A 23 -6.49 -16.48 -34.70
C LEU A 23 -7.11 -15.60 -33.61
N LEU A 24 -8.41 -15.34 -33.73
CA LEU A 24 -9.12 -14.46 -32.81
C LEU A 24 -10.27 -15.23 -32.18
N GLY A 25 -10.36 -15.16 -30.86
CA GLY A 25 -11.40 -15.86 -30.14
C GLY A 25 -11.15 -15.82 -28.65
N ASN A 26 -12.04 -16.50 -27.92
CA ASN A 26 -11.97 -16.58 -26.47
C ASN A 26 -11.80 -18.01 -25.97
N ASP A 27 -11.53 -18.96 -26.85
CA ASP A 27 -11.41 -20.37 -26.48
C ASP A 27 -9.95 -20.79 -26.56
N PRO A 28 -9.26 -20.99 -25.43
CA PRO A 28 -7.84 -21.40 -25.51
C PRO A 28 -7.61 -22.70 -26.26
N LEU A 29 -8.52 -23.66 -26.12
CA LEU A 29 -8.30 -24.97 -26.74
C LEU A 29 -8.26 -24.87 -28.25
N LEU A 30 -9.27 -24.21 -28.84
CA LEU A 30 -9.32 -24.08 -30.29
C LEU A 30 -8.15 -23.27 -30.83
N LEU A 31 -7.77 -22.20 -30.12
CA LEU A 31 -6.62 -21.41 -30.54
C LEU A 31 -5.35 -22.25 -30.52
N GLN A 32 -5.15 -23.04 -29.46
CA GLN A 32 -3.97 -23.89 -29.40
C GLN A 32 -3.97 -24.93 -30.51
N GLU A 33 -5.12 -25.53 -30.79
CA GLU A 33 -5.19 -26.54 -31.85
C GLU A 33 -4.88 -25.92 -33.20
N SER A 34 -5.44 -24.74 -33.49
CA SER A 34 -5.16 -24.08 -34.76
C SER A 34 -3.69 -23.71 -34.87
N GLN A 35 -3.10 -23.18 -33.79
CA GLN A 35 -1.69 -22.83 -33.81
C GLN A 35 -0.83 -24.06 -34.06
N ASP A 36 -1.14 -25.17 -33.40
CA ASP A 36 -0.36 -26.39 -33.58
C ASP A 36 -0.47 -26.90 -35.01
N ALA A 37 -1.68 -26.88 -35.57
CA ALA A 37 -1.85 -27.34 -36.95
C ALA A 37 -1.05 -26.46 -37.92
N VAL A 38 -1.14 -25.14 -37.74
CA VAL A 38 -0.43 -24.23 -38.63
C VAL A 38 1.08 -24.44 -38.52
N ARG A 39 1.58 -24.59 -37.29
CA ARG A 39 3.02 -24.77 -37.12
C ARG A 39 3.49 -26.10 -37.67
N GLN A 40 2.68 -27.16 -37.51
CA GLN A 40 3.05 -28.45 -38.10
C GLN A 40 3.11 -28.36 -39.62
N VAL A 41 2.12 -27.71 -40.24
CA VAL A 41 2.14 -27.56 -41.69
C VAL A 41 3.36 -26.74 -42.12
N ALA A 42 3.66 -25.66 -41.40
CA ALA A 42 4.82 -24.84 -41.75
C ALA A 42 6.11 -25.64 -41.63
N ALA A 43 6.25 -26.42 -40.56
CA ALA A 43 7.45 -27.24 -40.40
C ALA A 43 7.56 -28.26 -41.53
N ALA A 44 6.43 -28.83 -41.94
CA ALA A 44 6.45 -29.71 -43.11
C ALA A 44 6.93 -28.96 -44.36
N GLN A 45 6.49 -27.71 -44.51
CA GLN A 45 6.92 -26.91 -45.66
C GLN A 45 8.37 -26.49 -45.56
N GLY A 46 8.96 -26.52 -44.36
CA GLY A 46 10.37 -26.18 -44.20
C GLY A 46 10.62 -24.97 -43.31
N PHE A 47 9.76 -24.76 -42.32
CA PHE A 47 9.92 -23.69 -41.34
C PHE A 47 10.39 -24.32 -40.03
N GLU A 48 11.70 -24.27 -39.78
CA GLU A 48 12.30 -24.88 -38.60
C GLU A 48 12.69 -23.86 -37.54
N GLU A 49 12.34 -22.58 -37.72
CA GLU A 49 12.64 -21.53 -36.76
C GLU A 49 11.36 -20.83 -36.36
N HIS A 50 11.15 -20.67 -35.06
CA HIS A 50 9.94 -20.05 -34.53
C HIS A 50 10.32 -19.06 -33.44
N HIS A 51 9.62 -17.93 -33.40
CA HIS A 51 9.81 -16.91 -32.39
C HIS A 51 8.45 -16.47 -31.87
N THR A 52 8.39 -16.14 -30.58
CA THR A 52 7.15 -15.72 -29.93
C THR A 52 7.42 -14.47 -29.11
N PHE A 53 6.48 -13.53 -29.16
CA PHE A 53 6.58 -12.28 -28.40
C PHE A 53 5.22 -11.95 -27.82
N SER A 54 5.24 -11.18 -26.74
CA SER A 54 4.03 -10.74 -26.06
C SER A 54 3.87 -9.23 -26.26
N ILE A 55 2.70 -8.82 -26.76
CA ILE A 55 2.44 -7.42 -27.04
C ILE A 55 1.98 -6.75 -25.74
N ASP A 56 2.70 -5.71 -25.34
CA ASP A 56 2.39 -4.98 -24.11
C ASP A 56 3.07 -3.62 -24.19
N PRO A 57 2.71 -2.68 -23.31
CA PRO A 57 3.37 -1.36 -23.35
C PRO A 57 4.87 -1.44 -23.24
N ASN A 58 5.40 -2.37 -22.44
CA ASN A 58 6.85 -2.56 -22.31
C ASN A 58 7.28 -3.68 -23.26
N THR A 59 7.28 -3.35 -24.55
CA THR A 59 7.63 -4.28 -25.61
C THR A 59 8.80 -3.72 -26.41
N ASP A 60 9.71 -4.62 -26.79
CA ASP A 60 10.91 -4.25 -27.56
C ASP A 60 10.61 -4.54 -29.03
N TRP A 61 10.08 -3.54 -29.74
CA TRP A 61 9.80 -3.69 -31.15
C TRP A 61 11.07 -3.66 -32.00
N ASN A 62 12.17 -3.13 -31.46
CA ASN A 62 13.41 -3.11 -32.22
C ASN A 62 13.90 -4.52 -32.53
N ALA A 63 13.76 -5.44 -31.56
CA ALA A 63 14.15 -6.82 -31.81
C ALA A 63 13.31 -7.44 -32.92
N ILE A 64 12.01 -7.19 -32.90
CA ILE A 64 11.13 -7.74 -33.95
C ILE A 64 11.51 -7.18 -35.31
N PHE A 65 11.76 -5.87 -35.38
CA PHE A 65 12.14 -5.27 -36.65
C PHE A 65 13.47 -5.82 -37.15
N SER A 66 14.43 -6.00 -36.24
CA SER A 66 15.72 -6.58 -36.64
C SER A 66 15.54 -8.00 -37.14
N LEU A 67 14.69 -8.79 -36.48
CA LEU A 67 14.42 -10.15 -36.93
C LEU A 67 13.82 -10.14 -38.33
N CYS A 68 12.87 -9.24 -38.58
CA CYS A 68 12.26 -9.17 -39.91
C CYS A 68 13.28 -8.75 -40.96
N GLN A 69 14.13 -7.78 -40.64
CA GLN A 69 15.06 -7.25 -41.64
C GLN A 69 16.21 -8.22 -41.90
N ALA A 70 16.76 -8.82 -40.86
CA ALA A 70 17.98 -9.62 -40.99
C ALA A 70 17.71 -10.89 -41.79
N MET A 71 18.76 -11.38 -42.45
CA MET A 71 18.73 -12.64 -43.17
C MET A 71 19.28 -13.76 -42.29
N SER A 72 19.31 -14.97 -42.84
CA SER A 72 19.84 -16.14 -42.15
C SER A 72 20.80 -16.88 -43.04
N LEU A 73 21.93 -17.31 -42.47
CA LEU A 73 22.92 -18.04 -43.24
C LEU A 73 22.36 -19.35 -43.77
N PHE A 74 21.79 -20.16 -42.89
CA PHE A 74 21.23 -21.46 -43.26
C PHE A 74 19.80 -21.65 -42.77
N ALA A 75 19.45 -21.13 -41.60
CA ALA A 75 18.13 -21.37 -41.01
C ALA A 75 17.18 -20.25 -41.46
N SER A 76 16.66 -20.42 -42.67
CA SER A 76 15.71 -19.47 -43.24
C SER A 76 14.28 -19.91 -42.91
N ARG A 77 13.30 -19.29 -43.55
CA ARG A 77 11.89 -19.63 -43.39
C ARG A 77 11.47 -19.49 -41.93
N GLN A 78 11.53 -18.25 -41.45
CA GLN A 78 11.23 -17.94 -40.07
C GLN A 78 9.72 -17.83 -39.83
N THR A 79 9.31 -18.11 -38.59
CA THR A 79 7.93 -17.98 -38.16
C THR A 79 7.88 -17.08 -36.94
N LEU A 80 6.97 -16.11 -36.95
CA LEU A 80 6.80 -15.15 -35.88
C LEU A 80 5.39 -15.27 -35.32
N LEU A 81 5.29 -15.24 -33.99
CA LEU A 81 4.01 -15.34 -33.28
C LEU A 81 3.86 -14.16 -32.35
N LEU A 82 2.70 -13.51 -32.40
CA LEU A 82 2.39 -12.36 -31.55
C LEU A 82 1.17 -12.69 -30.69
N LEU A 83 1.20 -12.22 -29.44
CA LEU A 83 0.10 -12.41 -28.49
C LEU A 83 -0.42 -11.03 -28.11
N LEU A 84 -1.60 -10.69 -28.62
CA LEU A 84 -2.16 -9.37 -28.37
C LEU A 84 -2.64 -9.24 -26.93
N PRO A 85 -2.76 -8.02 -26.42
CA PRO A 85 -3.28 -7.85 -25.06
C PRO A 85 -4.75 -8.24 -24.97
N GLU A 86 -5.18 -8.54 -23.74
CA GLU A 86 -6.57 -8.90 -23.52
C GLU A 86 -7.50 -7.76 -23.90
N ASN A 87 -7.15 -6.52 -23.54
CA ASN A 87 -7.98 -5.38 -23.89
C ASN A 87 -8.01 -5.19 -25.41
N GLY A 88 -6.87 -5.34 -26.07
CA GLY A 88 -6.77 -5.18 -27.50
C GLY A 88 -5.77 -4.10 -27.87
N PRO A 89 -5.39 -4.05 -29.14
CA PRO A 89 -4.39 -3.05 -29.56
C PRO A 89 -4.93 -1.63 -29.45
N ASN A 90 -4.02 -0.71 -29.16
CA ASN A 90 -4.31 0.71 -29.10
C ASN A 90 -3.60 1.42 -30.26
N ALA A 91 -3.66 2.76 -30.26
CA ALA A 91 -3.11 3.52 -31.36
C ALA A 91 -1.61 3.24 -31.54
N ALA A 92 -0.87 3.22 -30.43
CA ALA A 92 0.55 2.89 -30.52
C ALA A 92 0.74 1.48 -31.07
N ILE A 93 -0.04 0.52 -30.57
CA ILE A 93 0.04 -0.84 -31.09
C ILE A 93 -0.41 -0.87 -32.55
N ASN A 94 -1.41 -0.04 -32.89
CA ASN A 94 -1.87 0.00 -34.28
C ASN A 94 -0.75 0.42 -35.22
N GLU A 95 -0.05 1.51 -34.89
CA GLU A 95 1.03 1.98 -35.76
C GLU A 95 2.21 1.00 -35.75
N GLN A 96 2.50 0.38 -34.61
CA GLN A 96 3.55 -0.63 -34.58
C GLN A 96 3.22 -1.80 -35.49
N LEU A 97 1.96 -2.26 -35.46
CA LEU A 97 1.55 -3.36 -36.32
C LEU A 97 1.57 -2.95 -37.78
N LEU A 98 1.21 -1.70 -38.08
CA LEU A 98 1.29 -1.21 -39.45
C LEU A 98 2.74 -1.24 -39.94
N THR A 99 3.66 -0.77 -39.10
CA THR A 99 5.08 -0.81 -39.46
C THR A 99 5.55 -2.24 -39.68
N LEU A 100 5.14 -3.16 -38.80
CA LEU A 100 5.53 -4.55 -38.95
C LEU A 100 5.00 -5.14 -40.25
N THR A 101 3.74 -4.86 -40.58
CA THR A 101 3.17 -5.34 -41.83
C THR A 101 3.89 -4.74 -43.03
N GLY A 102 4.40 -3.52 -42.89
CA GLY A 102 5.21 -2.95 -43.96
C GLY A 102 6.46 -3.76 -44.23
N LEU A 103 7.10 -4.25 -43.18
CA LEU A 103 8.31 -5.07 -43.31
C LEU A 103 7.93 -6.54 -43.23
N LEU A 104 7.33 -7.03 -44.32
CA LEU A 104 6.89 -8.41 -44.42
C LEU A 104 7.58 -9.07 -45.61
N HIS A 105 8.03 -10.32 -45.41
CA HIS A 105 8.80 -11.04 -46.40
C HIS A 105 8.17 -12.41 -46.65
N ASP A 106 8.44 -12.95 -47.84
CA ASP A 106 7.85 -14.23 -48.21
C ASP A 106 8.33 -15.36 -47.31
N ASP A 107 9.54 -15.24 -46.75
CA ASP A 107 10.11 -16.29 -45.90
C ASP A 107 9.70 -16.13 -44.44
N LEU A 108 8.89 -15.14 -44.10
CA LEU A 108 8.43 -14.92 -42.74
C LEU A 108 6.94 -15.23 -42.67
N LEU A 109 6.56 -16.13 -41.77
CA LEU A 109 5.17 -16.52 -41.58
C LEU A 109 4.66 -15.93 -40.26
N LEU A 110 3.65 -15.08 -40.35
CA LEU A 110 3.14 -14.34 -39.20
C LEU A 110 1.88 -14.99 -38.65
N ILE A 111 1.81 -15.11 -37.32
CA ILE A 111 0.63 -15.61 -36.63
C ILE A 111 0.32 -14.66 -35.49
N VAL A 112 -0.97 -14.37 -35.29
CA VAL A 112 -1.43 -13.44 -34.26
C VAL A 112 -2.52 -14.12 -33.45
N ARG A 113 -2.42 -14.02 -32.12
CA ARG A 113 -3.41 -14.55 -31.20
C ARG A 113 -3.95 -13.44 -30.32
N GLY A 114 -5.25 -13.49 -30.04
CA GLY A 114 -5.86 -12.50 -29.18
C GLY A 114 -7.37 -12.68 -29.16
N ASN A 115 -8.01 -11.78 -28.41
CA ASN A 115 -9.45 -11.80 -28.31
C ASN A 115 -10.09 -11.25 -29.59
N LYS A 116 -11.38 -11.49 -29.73
CA LYS A 116 -12.10 -11.01 -30.91
C LYS A 116 -12.01 -9.48 -31.00
N LEU A 117 -11.76 -8.99 -32.21
CA LEU A 117 -11.60 -7.56 -32.44
C LEU A 117 -12.95 -6.92 -32.74
N SER A 118 -13.11 -5.68 -32.27
CA SER A 118 -14.34 -4.93 -32.49
C SER A 118 -14.26 -4.18 -33.82
N LYS A 119 -15.33 -3.46 -34.14
CA LYS A 119 -15.35 -2.69 -35.38
C LYS A 119 -14.26 -1.62 -35.39
N ALA A 120 -14.09 -0.92 -34.27
CA ALA A 120 -13.02 0.08 -34.19
C ALA A 120 -11.66 -0.57 -34.37
N GLN A 121 -11.42 -1.70 -33.71
CA GLN A 121 -10.17 -2.42 -33.91
C GLN A 121 -10.05 -2.94 -35.33
N GLU A 122 -11.16 -3.42 -35.90
CA GLU A 122 -11.13 -3.95 -37.25
C GLU A 122 -10.76 -2.87 -38.26
N ASN A 123 -11.29 -1.66 -38.08
CA ASN A 123 -11.02 -0.54 -38.99
C ASN A 123 -9.68 0.08 -38.60
N ALA A 124 -8.60 -0.60 -38.98
CA ALA A 124 -7.25 -0.13 -38.72
C ALA A 124 -6.41 -0.31 -39.98
N ALA A 125 -5.37 0.51 -40.09
CA ALA A 125 -4.53 0.46 -41.29
C ALA A 125 -3.84 -0.90 -41.42
N TRP A 126 -3.30 -1.41 -40.32
CA TRP A 126 -2.61 -2.71 -40.38
C TRP A 126 -3.58 -3.83 -40.72
N PHE A 127 -4.79 -3.78 -40.17
CA PHE A 127 -5.77 -4.82 -40.44
C PHE A 127 -6.16 -4.83 -41.91
N THR A 128 -6.37 -3.64 -42.50
CA THR A 128 -6.75 -3.57 -43.90
C THR A 128 -5.57 -3.93 -44.81
N ALA A 129 -4.34 -3.65 -44.37
CA ALA A 129 -3.18 -3.96 -45.20
C ALA A 129 -3.06 -5.46 -45.46
N LEU A 130 -3.49 -6.29 -44.52
CA LEU A 130 -3.42 -7.74 -44.65
C LEU A 130 -4.69 -8.35 -45.23
N ALA A 131 -5.67 -7.52 -45.64
CA ALA A 131 -6.95 -8.06 -46.08
C ALA A 131 -6.79 -8.97 -47.29
N ASN A 132 -5.97 -8.57 -48.26
CA ASN A 132 -5.85 -9.33 -49.49
C ASN A 132 -5.03 -10.60 -49.34
N ARG A 133 -4.27 -10.75 -48.25
CA ARG A 133 -3.34 -11.87 -48.09
C ARG A 133 -3.43 -12.42 -46.67
N SER A 134 -4.65 -12.64 -46.17
CA SER A 134 -4.83 -13.15 -44.82
C SER A 134 -6.05 -14.06 -44.76
N VAL A 135 -6.03 -14.95 -43.78
CA VAL A 135 -7.15 -15.83 -43.46
C VAL A 135 -7.37 -15.77 -41.96
N GLN A 136 -8.62 -15.53 -41.55
CA GLN A 136 -9.00 -15.39 -40.16
C GLN A 136 -9.83 -16.58 -39.74
N VAL A 137 -9.40 -17.25 -38.67
CA VAL A 137 -10.10 -18.40 -38.12
C VAL A 137 -10.81 -17.94 -36.85
N THR A 138 -12.12 -18.13 -36.81
CA THR A 138 -12.92 -17.71 -35.66
C THR A 138 -13.05 -18.88 -34.70
N CYS A 139 -12.63 -18.67 -33.45
CA CYS A 139 -12.60 -19.70 -32.42
C CYS A 139 -13.47 -19.23 -31.25
N GLN A 140 -14.76 -19.54 -31.31
CA GLN A 140 -15.71 -19.17 -30.28
C GLN A 140 -16.22 -20.43 -29.58
N THR A 141 -16.28 -20.38 -28.26
CA THR A 141 -16.74 -21.53 -27.50
C THR A 141 -18.23 -21.76 -27.78
N PRO A 142 -18.62 -22.99 -28.14
CA PRO A 142 -20.05 -23.22 -28.42
C PRO A 142 -20.89 -23.05 -27.17
N GLU A 143 -22.13 -22.60 -27.39
CA GLU A 143 -23.07 -22.42 -26.29
C GLU A 143 -23.53 -23.78 -25.75
N GLN A 144 -24.36 -23.74 -24.72
CA GLN A 144 -24.86 -24.99 -24.13
C GLN A 144 -25.69 -25.78 -25.12
N ALA A 145 -26.38 -25.10 -26.04
CA ALA A 145 -27.21 -25.80 -27.01
C ALA A 145 -26.39 -26.70 -27.91
N GLN A 146 -25.25 -26.20 -28.41
CA GLN A 146 -24.41 -26.97 -29.32
C GLN A 146 -23.31 -27.74 -28.60
N LEU A 147 -23.16 -27.57 -27.29
CA LEU A 147 -22.09 -28.27 -26.56
C LEU A 147 -22.21 -29.78 -26.64
N PRO A 148 -23.37 -30.40 -26.38
CA PRO A 148 -23.41 -31.88 -26.38
C PRO A 148 -22.99 -32.49 -27.70
N ARG A 149 -23.34 -31.86 -28.84
CA ARG A 149 -22.88 -32.38 -30.13
C ARG A 149 -21.36 -32.36 -30.22
N TRP A 150 -20.74 -31.27 -29.76
CA TRP A 150 -19.28 -31.18 -29.78
C TRP A 150 -18.67 -32.26 -28.89
N VAL A 151 -19.25 -32.48 -27.70
CA VAL A 151 -18.73 -33.51 -26.81
C VAL A 151 -18.85 -34.88 -27.46
N ALA A 152 -20.00 -35.17 -28.07
CA ALA A 152 -20.19 -36.46 -28.71
C ALA A 152 -19.20 -36.67 -29.84
N ALA A 153 -18.98 -35.65 -30.67
CA ALA A 153 -18.03 -35.77 -31.77
C ALA A 153 -16.62 -35.99 -31.24
N ARG A 154 -16.22 -35.23 -30.21
CA ARG A 154 -14.88 -35.39 -29.66
C ARG A 154 -14.68 -36.77 -29.08
N ALA A 155 -15.68 -37.29 -28.38
CA ALA A 155 -15.60 -38.65 -27.86
C ALA A 155 -15.51 -39.66 -29.00
N LYS A 156 -16.28 -39.42 -30.07
CA LYS A 156 -16.26 -40.33 -31.21
C LYS A 156 -14.88 -40.40 -31.85
N GLN A 157 -14.24 -39.26 -32.04
CA GLN A 157 -12.92 -39.26 -32.69
C GLN A 157 -11.84 -39.89 -31.81
N LEU A 158 -12.10 -40.06 -30.51
CA LEU A 158 -11.16 -40.72 -29.61
C LEU A 158 -11.46 -42.19 -29.41
N ASN A 159 -12.44 -42.74 -30.14
CA ASN A 159 -12.82 -44.16 -30.03
C ASN A 159 -13.30 -44.48 -28.62
N LEU A 160 -14.32 -43.73 -28.18
CA LEU A 160 -14.94 -43.91 -26.88
C LEU A 160 -16.45 -43.91 -27.03
N GLU A 161 -17.12 -44.60 -26.11
CA GLU A 161 -18.58 -44.68 -26.08
C GLU A 161 -19.08 -43.91 -24.86
N LEU A 162 -19.92 -42.91 -25.09
CA LEU A 162 -20.49 -42.09 -24.03
C LEU A 162 -22.00 -42.29 -23.99
N ASP A 163 -22.52 -42.52 -22.79
CA ASP A 163 -23.96 -42.57 -22.60
C ASP A 163 -24.53 -41.16 -22.54
N ASP A 164 -25.86 -41.06 -22.69
CA ASP A 164 -26.50 -39.76 -22.64
C ASP A 164 -26.32 -39.11 -21.27
N ALA A 165 -26.47 -39.88 -20.20
CA ALA A 165 -26.29 -39.33 -18.87
C ALA A 165 -24.85 -38.85 -18.66
N ALA A 166 -23.87 -39.62 -19.14
CA ALA A 166 -22.48 -39.19 -19.01
C ALA A 166 -22.23 -37.92 -19.79
N ASN A 167 -22.80 -37.81 -20.99
CA ASN A 167 -22.64 -36.59 -21.78
C ASN A 167 -23.26 -35.40 -21.06
N GLN A 168 -24.44 -35.57 -20.48
CA GLN A 168 -25.07 -34.49 -19.75
C GLN A 168 -24.23 -34.07 -18.55
N VAL A 169 -23.69 -35.05 -17.81
CA VAL A 169 -22.85 -34.72 -16.66
C VAL A 169 -21.62 -33.96 -17.09
N LEU A 170 -20.97 -34.41 -18.17
CA LEU A 170 -19.78 -33.71 -18.65
C LEU A 170 -20.11 -32.28 -19.07
N CYS A 171 -21.22 -32.09 -19.78
CA CYS A 171 -21.60 -30.75 -20.18
C CYS A 171 -21.89 -29.86 -18.98
N TYR A 172 -22.60 -30.39 -17.99
CA TYR A 172 -22.93 -29.60 -16.81
C TYR A 172 -21.68 -29.22 -16.02
N CYS A 173 -20.75 -30.15 -15.84
CA CYS A 173 -19.61 -29.90 -14.97
C CYS A 173 -18.56 -29.01 -15.61
N TYR A 174 -18.40 -29.06 -16.93
CA TYR A 174 -17.36 -28.33 -17.65
C TYR A 174 -17.97 -27.39 -18.70
N GLU A 175 -19.01 -26.67 -18.33
CA GLU A 175 -19.62 -25.72 -19.25
C GLU A 175 -18.73 -24.48 -19.37
N GLY A 176 -18.45 -24.09 -20.61
CA GLY A 176 -17.62 -22.93 -20.87
C GLY A 176 -16.13 -23.16 -20.72
N ASN A 177 -15.69 -24.40 -20.44
CA ASN A 177 -14.28 -24.74 -20.28
C ASN A 177 -14.03 -26.01 -21.09
N LEU A 178 -13.67 -25.83 -22.36
CA LEU A 178 -13.45 -26.98 -23.23
C LEU A 178 -12.10 -27.65 -22.98
N LEU A 179 -11.09 -26.89 -22.54
CA LEU A 179 -9.80 -27.50 -22.23
C LEU A 179 -9.94 -28.52 -21.10
N ALA A 180 -10.66 -28.15 -20.04
CA ALA A 180 -10.88 -29.06 -18.94
C ALA A 180 -11.67 -30.28 -19.38
N LEU A 181 -12.65 -30.08 -20.25
CA LEU A 181 -13.46 -31.20 -20.73
C LEU A 181 -12.62 -32.17 -21.56
N ALA A 182 -11.77 -31.65 -22.44
CA ALA A 182 -10.90 -32.50 -23.24
C ALA A 182 -9.94 -33.27 -22.35
N GLN A 183 -9.35 -32.60 -21.35
CA GLN A 183 -8.45 -33.30 -20.43
C GLN A 183 -9.20 -34.35 -19.63
N ALA A 184 -10.46 -34.08 -19.28
CA ALA A 184 -11.26 -35.06 -18.57
C ALA A 184 -11.53 -36.29 -19.45
N LEU A 185 -11.81 -36.07 -20.73
CA LEU A 185 -11.98 -37.19 -21.65
C LEU A 185 -10.70 -38.00 -21.76
N GLU A 186 -9.55 -37.32 -21.84
CA GLU A 186 -8.29 -38.05 -21.90
C GLU A 186 -8.05 -38.86 -20.63
N ARG A 187 -8.32 -38.29 -19.47
CA ARG A 187 -8.14 -39.03 -18.22
C ARG A 187 -9.09 -40.21 -18.13
N LEU A 188 -10.33 -40.04 -18.58
CA LEU A 188 -11.28 -41.16 -18.60
C LEU A 188 -10.79 -42.27 -19.52
N SER A 189 -10.26 -41.90 -20.69
CA SER A 189 -9.72 -42.91 -21.59
C SER A 189 -8.54 -43.65 -20.94
N LEU A 190 -7.69 -42.91 -20.23
CA LEU A 190 -6.58 -43.56 -19.52
C LEU A 190 -7.09 -44.52 -18.45
N LEU A 191 -8.11 -44.11 -17.70
CA LEU A 191 -8.61 -44.94 -16.59
C LEU A 191 -9.19 -46.24 -17.10
N TRP A 192 -9.96 -46.20 -18.19
CA TRP A 192 -10.68 -47.36 -18.70
C TRP A 192 -10.17 -47.72 -20.08
N PRO A 193 -9.24 -48.67 -20.21
CA PRO A 193 -8.76 -49.04 -21.54
C PRO A 193 -9.84 -49.54 -22.48
N ASP A 194 -10.87 -50.21 -21.95
CA ASP A 194 -11.93 -50.74 -22.80
C ASP A 194 -12.72 -49.63 -23.49
N GLY A 195 -12.68 -48.42 -22.96
CA GLY A 195 -13.35 -47.30 -23.58
C GLY A 195 -14.83 -47.18 -23.27
N LYS A 196 -15.36 -48.03 -22.39
CA LYS A 196 -16.77 -48.00 -22.03
C LYS A 196 -16.95 -47.01 -20.88
N LEU A 197 -17.57 -45.86 -21.19
CA LEU A 197 -17.77 -44.79 -20.21
C LEU A 197 -19.25 -44.72 -19.85
N THR A 198 -19.59 -45.27 -18.68
CA THR A 198 -20.94 -45.21 -18.17
C THR A 198 -21.09 -44.07 -17.17
N LEU A 199 -22.33 -43.83 -16.74
CA LEU A 199 -22.59 -42.75 -15.79
C LEU A 199 -21.83 -42.92 -14.49
N PRO A 200 -21.88 -44.07 -13.80
CA PRO A 200 -21.11 -44.19 -12.55
C PRO A 200 -19.62 -44.04 -12.76
N ARG A 201 -19.08 -44.51 -13.90
CA ARG A 201 -17.66 -44.37 -14.14
C ARG A 201 -17.25 -42.91 -14.28
N VAL A 202 -18.00 -42.14 -15.09
CA VAL A 202 -17.64 -40.74 -15.29
C VAL A 202 -17.87 -39.93 -14.02
N GLU A 203 -18.93 -40.24 -13.26
CA GLU A 203 -19.23 -39.45 -12.07
C GLU A 203 -18.10 -39.48 -11.04
N GLN A 204 -17.25 -40.50 -11.07
CA GLN A 204 -16.19 -40.60 -10.07
C GLN A 204 -15.03 -39.65 -10.33
N ALA A 205 -14.72 -39.36 -11.59
CA ALA A 205 -13.54 -38.60 -11.98
C ALA A 205 -13.91 -37.29 -12.65
N VAL A 206 -14.88 -36.57 -12.08
CA VAL A 206 -15.32 -35.29 -12.61
C VAL A 206 -15.48 -34.31 -11.45
N ASN A 207 -15.03 -33.07 -11.66
CA ASN A 207 -15.16 -32.00 -10.69
C ASN A 207 -15.76 -30.78 -11.36
N ASP A 208 -16.37 -29.93 -10.55
CA ASP A 208 -17.07 -28.74 -11.06
C ASP A 208 -16.05 -27.64 -11.33
N ALA A 209 -15.86 -27.32 -12.60
CA ALA A 209 -14.94 -26.26 -13.02
C ALA A 209 -15.56 -25.43 -14.13
N ALA A 210 -16.84 -25.09 -14.00
CA ALA A 210 -17.53 -24.34 -15.03
C ALA A 210 -17.09 -22.87 -15.03
N HIS A 211 -17.27 -22.22 -16.17
CA HIS A 211 -16.94 -20.81 -16.35
C HIS A 211 -18.15 -20.10 -16.95
N PHE A 212 -18.48 -18.94 -16.41
CA PHE A 212 -19.66 -18.19 -16.83
C PHE A 212 -19.32 -16.72 -16.94
N THR A 213 -20.28 -15.95 -17.46
CA THR A 213 -20.19 -14.51 -17.59
C THR A 213 -21.49 -13.89 -17.09
N PRO A 214 -21.48 -12.59 -16.76
CA PRO A 214 -22.71 -11.97 -16.24
C PRO A 214 -23.90 -12.09 -17.18
N PHE A 215 -23.66 -12.09 -18.49
CA PHE A 215 -24.77 -12.22 -19.43
C PHE A 215 -25.49 -13.55 -19.25
N HIS A 216 -24.75 -14.62 -18.95
CA HIS A 216 -25.39 -15.90 -18.67
C HIS A 216 -26.30 -15.80 -17.44
N TRP A 217 -25.83 -15.11 -16.39
CA TRP A 217 -26.66 -14.93 -15.19
C TRP A 217 -27.92 -14.14 -15.51
N VAL A 218 -27.79 -13.09 -16.31
CA VAL A 218 -28.97 -12.28 -16.66
C VAL A 218 -29.95 -13.11 -17.49
N ASP A 219 -29.43 -13.91 -18.43
CA ASP A 219 -30.30 -14.77 -19.22
C ASP A 219 -31.02 -15.79 -18.35
N ALA A 220 -30.30 -16.37 -17.39
CA ALA A 220 -30.94 -17.32 -16.49
C ALA A 220 -32.03 -16.66 -15.67
N LEU A 221 -31.78 -15.43 -15.21
CA LEU A 221 -32.82 -14.70 -14.48
C LEU A 221 -34.03 -14.45 -15.36
N LEU A 222 -33.81 -14.05 -16.62
CA LEU A 222 -34.92 -13.80 -17.53
C LEU A 222 -35.73 -15.08 -17.77
N MET A 223 -35.05 -16.20 -17.99
CA MET A 223 -35.76 -17.46 -18.19
C MET A 223 -36.54 -17.87 -16.95
N GLY A 224 -35.94 -17.69 -15.78
CA GLY A 224 -36.58 -18.03 -14.53
C GLY A 224 -36.10 -19.33 -13.90
N LYS A 225 -34.85 -19.70 -14.10
CA LYS A 225 -34.29 -20.94 -13.55
C LYS A 225 -33.48 -20.58 -12.31
N SER A 226 -34.08 -20.82 -11.14
CA SER A 226 -33.42 -20.43 -9.89
C SER A 226 -32.13 -21.20 -9.67
N LYS A 227 -32.15 -22.51 -9.92
CA LYS A 227 -30.96 -23.32 -9.68
C LYS A 227 -29.79 -22.88 -10.55
N ARG A 228 -30.04 -22.68 -11.85
CA ARG A 228 -28.98 -22.27 -12.75
C ARG A 228 -28.47 -20.88 -12.38
N ALA A 229 -29.37 -19.96 -12.03
CA ALA A 229 -28.94 -18.62 -11.65
C ALA A 229 -28.05 -18.67 -10.40
N LEU A 230 -28.46 -19.45 -9.40
CA LEU A 230 -27.66 -19.54 -8.18
C LEU A 230 -26.30 -20.18 -8.46
N HIS A 231 -26.27 -21.22 -9.29
CA HIS A 231 -25.00 -21.85 -9.63
C HIS A 231 -24.07 -20.89 -10.35
N ILE A 232 -24.62 -20.13 -11.31
CA ILE A 232 -23.80 -19.17 -12.03
C ILE A 232 -23.28 -18.09 -11.09
N LEU A 233 -24.14 -17.61 -10.19
CA LEU A 233 -23.71 -16.58 -9.25
C LEU A 233 -22.60 -17.09 -8.34
N GLN A 234 -22.73 -18.33 -7.85
CA GLN A 234 -21.68 -18.91 -7.01
C GLN A 234 -20.37 -19.04 -7.78
N GLN A 235 -20.45 -19.50 -9.04
CA GLN A 235 -19.23 -19.61 -9.83
C GLN A 235 -18.58 -18.25 -10.06
N LEU A 236 -19.40 -17.23 -10.35
CA LEU A 236 -18.86 -15.88 -10.54
C LEU A 236 -18.19 -15.37 -9.26
N ARG A 237 -18.82 -15.62 -8.11
CA ARG A 237 -18.21 -15.20 -6.85
C ARG A 237 -16.89 -15.92 -6.62
N LEU A 238 -16.83 -17.22 -6.93
CA LEU A 238 -15.57 -17.94 -6.79
C LEU A 238 -14.49 -17.38 -7.70
N GLU A 239 -14.86 -17.04 -8.94
CA GLU A 239 -13.88 -16.50 -9.88
C GLU A 239 -13.30 -15.18 -9.36
N GLY A 240 -14.15 -14.31 -8.82
CA GLY A 240 -13.72 -13.03 -8.31
C GLY A 240 -14.17 -11.87 -9.18
N SER A 241 -15.34 -11.99 -9.77
CA SER A 241 -15.86 -10.93 -10.63
C SER A 241 -16.26 -9.71 -9.80
N GLU A 242 -16.21 -8.55 -10.45
CA GLU A 242 -16.58 -7.31 -9.79
C GLU A 242 -18.10 -7.21 -9.67
N PRO A 243 -18.66 -7.01 -8.48
CA PRO A 243 -20.12 -6.92 -8.37
C PRO A 243 -20.72 -5.79 -9.19
N VAL A 244 -20.00 -4.69 -9.39
CA VAL A 244 -20.57 -3.54 -10.09
C VAL A 244 -20.93 -3.90 -11.52
N ILE A 245 -20.12 -4.75 -12.16
CA ILE A 245 -20.41 -5.17 -13.53
C ILE A 245 -21.74 -5.91 -13.57
N LEU A 246 -21.94 -6.84 -12.64
CA LEU A 246 -23.21 -7.55 -12.57
C LEU A 246 -24.36 -6.60 -12.31
N LEU A 247 -24.15 -5.63 -11.42
CA LEU A 247 -25.21 -4.67 -11.11
C LEU A 247 -25.62 -3.90 -12.35
N ARG A 248 -24.64 -3.42 -13.13
CA ARG A 248 -24.97 -2.66 -14.33
C ARG A 248 -25.64 -3.53 -15.39
N THR A 249 -25.14 -4.74 -15.59
CA THR A 249 -25.74 -5.63 -16.58
C THR A 249 -27.18 -5.95 -16.22
N LEU A 250 -27.46 -6.20 -14.93
CA LEU A 250 -28.83 -6.44 -14.52
C LEU A 250 -29.67 -5.17 -14.63
N GLN A 251 -29.08 -4.01 -14.34
CA GLN A 251 -29.81 -2.75 -14.36
C GLN A 251 -30.34 -2.44 -15.75
N ARG A 252 -29.50 -2.64 -16.78
CA ARG A 252 -29.95 -2.33 -18.14
C ARG A 252 -31.21 -3.12 -18.48
N GLU A 253 -31.18 -4.43 -18.31
CA GLU A 253 -32.32 -5.27 -18.65
C GLU A 253 -33.51 -4.98 -17.76
N LEU A 254 -33.27 -4.71 -16.47
CA LEU A 254 -34.38 -4.44 -15.56
C LEU A 254 -35.10 -3.15 -15.94
N LEU A 255 -34.35 -2.10 -16.26
CA LEU A 255 -34.99 -0.85 -16.69
C LEU A 255 -35.73 -1.04 -18.01
N LEU A 256 -35.14 -1.80 -18.94
CA LEU A 256 -35.84 -2.08 -20.19
C LEU A 256 -37.16 -2.80 -19.93
N LEU A 257 -37.13 -3.80 -19.04
CA LEU A 257 -38.35 -4.54 -18.71
C LEU A 257 -39.38 -3.64 -18.05
N VAL A 258 -38.95 -2.76 -17.16
CA VAL A 258 -39.88 -1.85 -16.49
C VAL A 258 -40.56 -0.96 -17.52
N ASN A 259 -39.77 -0.38 -18.43
CA ASN A 259 -40.35 0.50 -19.44
C ASN A 259 -41.31 -0.26 -20.35
N LEU A 260 -40.92 -1.45 -20.79
CA LEU A 260 -41.79 -2.24 -21.66
C LEU A 260 -43.09 -2.60 -20.95
N LYS A 261 -43.01 -3.01 -19.68
CA LYS A 261 -44.21 -3.37 -18.95
C LYS A 261 -45.12 -2.16 -18.78
N ARG A 262 -44.55 -0.99 -18.51
CA ARG A 262 -45.37 0.21 -18.35
C ARG A 262 -46.06 0.58 -19.65
N GLN A 263 -45.34 0.52 -20.77
CA GLN A 263 -45.88 1.00 -22.04
C GLN A 263 -46.59 -0.07 -22.86
N SER A 264 -46.64 -1.31 -22.37
CA SER A 264 -47.34 -2.39 -23.08
C SER A 264 -48.83 -2.45 -22.76
N ALA A 265 -49.34 -1.54 -21.92
CA ALA A 265 -50.75 -1.58 -21.57
C ALA A 265 -51.63 -1.36 -22.79
N HIS A 266 -51.23 -0.46 -23.69
CA HIS A 266 -52.00 -0.08 -24.86
C HIS A 266 -51.12 -0.04 -26.11
N THR A 267 -50.31 -1.10 -26.30
CA THR A 267 -49.45 -1.18 -27.46
C THR A 267 -49.03 -2.63 -27.65
N PRO A 268 -49.03 -3.17 -28.88
CA PRO A 268 -48.55 -4.53 -29.07
C PRO A 268 -47.06 -4.65 -28.77
N LEU A 269 -46.67 -5.85 -28.33
CA LEU A 269 -45.27 -6.05 -27.93
C LEU A 269 -44.32 -6.00 -29.11
N ARG A 270 -44.77 -6.42 -30.30
CA ARG A 270 -43.88 -6.43 -31.46
C ARG A 270 -43.42 -5.02 -31.81
N ALA A 271 -44.34 -4.05 -31.78
CA ALA A 271 -43.97 -2.67 -32.07
C ALA A 271 -42.98 -2.14 -31.05
N LEU A 272 -43.19 -2.46 -29.77
CA LEU A 272 -42.25 -2.03 -28.74
C LEU A 272 -40.88 -2.64 -28.95
N PHE A 273 -40.82 -3.93 -29.28
CA PHE A 273 -39.54 -4.57 -29.54
C PHE A 273 -38.83 -3.91 -30.73
N ASP A 274 -39.58 -3.62 -31.80
CA ASP A 274 -38.99 -2.96 -32.95
C ASP A 274 -38.46 -1.58 -32.58
N LYS A 275 -39.22 -0.82 -31.78
CA LYS A 275 -38.81 0.52 -31.41
C LYS A 275 -37.60 0.51 -30.47
N HIS A 276 -37.49 -0.50 -29.62
CA HIS A 276 -36.39 -0.57 -28.65
C HIS A 276 -35.19 -1.34 -29.17
N ARG A 277 -35.20 -1.80 -30.42
CA ARG A 277 -34.05 -2.45 -31.03
C ARG A 277 -33.69 -3.74 -30.31
N VAL A 278 -34.70 -4.54 -29.98
CA VAL A 278 -34.48 -5.82 -29.32
C VAL A 278 -34.08 -6.86 -30.36
N TRP A 279 -33.00 -7.59 -30.08
CA TRP A 279 -32.54 -8.62 -31.01
C TRP A 279 -33.62 -9.69 -31.17
N GLN A 280 -33.72 -10.22 -32.39
CA GLN A 280 -34.82 -11.14 -32.71
C GLN A 280 -34.79 -12.38 -31.83
N ASN A 281 -33.61 -12.95 -31.61
CA ASN A 281 -33.52 -14.18 -30.82
C ASN A 281 -33.99 -13.95 -29.38
N ARG A 282 -33.66 -12.79 -28.80
CA ARG A 282 -34.02 -12.54 -27.41
C ARG A 282 -35.51 -12.26 -27.23
N ARG A 283 -36.19 -11.81 -28.28
CA ARG A 283 -37.58 -11.38 -28.14
C ARG A 283 -38.45 -12.48 -27.54
N GLY A 284 -38.09 -13.74 -27.76
CA GLY A 284 -38.78 -14.83 -27.10
C GLY A 284 -38.73 -14.70 -25.60
N MET A 285 -37.53 -14.79 -25.02
CA MET A 285 -37.43 -14.85 -23.56
C MET A 285 -38.05 -13.62 -22.91
N MET A 286 -37.72 -12.43 -23.44
CA MET A 286 -38.29 -11.21 -22.90
C MET A 286 -39.80 -11.32 -22.80
N GLY A 287 -40.43 -11.84 -23.85
CA GLY A 287 -41.87 -11.99 -23.84
C GLY A 287 -42.36 -12.73 -22.60
N GLU A 288 -41.80 -13.92 -22.35
CA GLU A 288 -42.29 -14.69 -21.22
C GLU A 288 -42.03 -13.96 -19.91
N ALA A 289 -40.95 -13.17 -19.85
CA ALA A 289 -40.71 -12.39 -18.64
C ALA A 289 -41.87 -11.44 -18.38
N LEU A 290 -42.35 -10.77 -19.43
CA LEU A 290 -43.48 -9.86 -19.26
C LEU A 290 -44.75 -10.60 -18.89
N ASN A 291 -44.81 -11.90 -19.11
CA ASN A 291 -45.95 -12.71 -18.72
C ASN A 291 -45.77 -13.35 -17.34
N ARG A 292 -44.64 -13.10 -16.67
CA ARG A 292 -44.36 -13.68 -15.37
C ARG A 292 -44.23 -12.66 -14.25
N LEU A 293 -43.91 -11.41 -14.56
CA LEU A 293 -43.68 -10.36 -13.57
C LEU A 293 -44.74 -9.29 -13.71
N SER A 294 -45.36 -8.91 -12.59
CA SER A 294 -46.39 -7.89 -12.58
C SER A 294 -45.78 -6.52 -12.28
N GLN A 295 -46.61 -5.49 -12.34
CA GLN A 295 -46.15 -4.14 -12.03
C GLN A 295 -45.80 -3.99 -10.55
N THR A 296 -46.48 -4.72 -9.67
CA THR A 296 -46.09 -4.73 -8.27
C THR A 296 -44.66 -5.22 -8.12
N GLN A 297 -44.31 -6.29 -8.84
CA GLN A 297 -42.92 -6.65 -9.00
C GLN A 297 -42.26 -5.70 -10.01
N LEU A 298 -40.94 -5.80 -10.10
CA LEU A 298 -40.12 -4.89 -10.92
C LEU A 298 -40.00 -3.52 -10.27
N ARG A 299 -40.72 -3.28 -9.17
CA ARG A 299 -40.50 -2.12 -8.32
C ARG A 299 -39.76 -2.49 -7.04
N GLN A 300 -40.13 -3.61 -6.42
CA GLN A 300 -39.35 -4.14 -5.32
C GLN A 300 -37.95 -4.51 -5.78
N ALA A 301 -37.84 -5.08 -6.98
CA ALA A 301 -36.52 -5.40 -7.52
C ALA A 301 -35.68 -4.15 -7.73
N VAL A 302 -36.29 -3.09 -8.25
CA VAL A 302 -35.56 -1.83 -8.45
C VAL A 302 -35.14 -1.25 -7.11
N GLN A 303 -36.03 -1.28 -6.12
CA GLN A 303 -35.69 -0.78 -4.80
C GLN A 303 -34.52 -1.56 -4.20
N LEU A 304 -34.56 -2.89 -4.30
CA LEU A 304 -33.48 -3.70 -3.77
C LEU A 304 -32.17 -3.43 -4.50
N LEU A 305 -32.24 -3.27 -5.83
CA LEU A 305 -31.02 -2.97 -6.59
C LEU A 305 -30.43 -1.63 -6.17
N THR A 306 -31.28 -0.61 -5.99
CA THR A 306 -30.79 0.69 -5.56
C THR A 306 -30.18 0.62 -4.17
N ARG A 307 -30.82 -0.12 -3.25
CA ARG A 307 -30.28 -0.27 -1.92
C ARG A 307 -28.92 -0.98 -1.95
N THR A 308 -28.80 -2.02 -2.77
CA THR A 308 -27.53 -2.71 -2.91
C THR A 308 -26.45 -1.80 -3.46
N GLU A 309 -26.80 -0.99 -4.46
CA GLU A 309 -25.82 -0.06 -5.03
C GLU A 309 -25.37 0.95 -3.98
N LEU A 310 -26.30 1.50 -3.21
CA LEU A 310 -25.92 2.46 -2.17
C LEU A 310 -25.02 1.80 -1.13
N THR A 311 -25.37 0.58 -0.70
CA THR A 311 -24.55 -0.11 0.29
C THR A 311 -23.14 -0.35 -0.26
N LEU A 312 -23.03 -0.76 -1.51
CA LEU A 312 -21.72 -1.01 -2.10
C LEU A 312 -20.92 0.29 -2.20
N LYS A 313 -21.56 1.40 -2.58
CA LYS A 313 -20.82 2.62 -2.86
C LYS A 313 -20.43 3.36 -1.58
N GLN A 314 -21.42 3.75 -0.76
CA GLN A 314 -21.12 4.60 0.39
C GLN A 314 -20.77 3.81 1.64
N ASP A 315 -21.44 2.68 1.89
CA ASP A 315 -21.21 1.93 3.12
C ASP A 315 -20.04 0.96 3.01
N TYR A 316 -19.59 0.64 1.81
CA TYR A 316 -18.50 -0.32 1.60
C TYR A 316 -18.80 -1.64 2.30
N GLY A 317 -20.05 -2.08 2.23
CA GLY A 317 -20.45 -3.31 2.87
C GLY A 317 -19.94 -4.54 2.15
N GLN A 318 -19.99 -5.67 2.86
CA GLN A 318 -19.53 -6.95 2.34
C GLN A 318 -20.67 -7.92 2.06
N SER A 319 -21.93 -7.51 2.25
CA SER A 319 -23.07 -8.37 2.06
C SER A 319 -23.72 -8.17 0.70
N VAL A 320 -22.94 -7.75 -0.30
CA VAL A 320 -23.50 -7.52 -1.63
C VAL A 320 -23.98 -8.83 -2.24
N TRP A 321 -23.24 -9.92 -2.03
CA TRP A 321 -23.59 -11.19 -2.66
C TRP A 321 -24.90 -11.73 -2.09
N ALA A 322 -25.14 -11.55 -0.79
CA ALA A 322 -26.41 -11.99 -0.22
C ALA A 322 -27.58 -11.24 -0.84
N GLU A 323 -27.44 -9.93 -1.02
CA GLU A 323 -28.50 -9.16 -1.66
C GLU A 323 -28.67 -9.57 -3.12
N LEU A 324 -27.58 -9.91 -3.81
CA LEU A 324 -27.69 -10.41 -5.17
C LEU A 324 -28.47 -11.72 -5.22
N GLU A 325 -28.19 -12.63 -4.28
CA GLU A 325 -28.94 -13.87 -4.22
C GLU A 325 -30.42 -13.61 -3.95
N GLY A 326 -30.72 -12.70 -3.02
CA GLY A 326 -32.10 -12.36 -2.74
C GLY A 326 -32.81 -11.79 -3.96
N LEU A 327 -32.13 -10.91 -4.70
CA LEU A 327 -32.73 -10.35 -5.91
C LEU A 327 -32.92 -11.42 -6.98
N SER A 328 -31.97 -12.35 -7.11
CA SER A 328 -32.11 -13.42 -8.07
C SER A 328 -33.33 -14.27 -7.74
N LEU A 329 -33.54 -14.60 -6.46
CA LEU A 329 -34.73 -15.34 -6.09
C LEU A 329 -35.99 -14.51 -6.31
N LEU A 330 -35.91 -13.20 -6.09
CA LEU A 330 -37.06 -12.33 -6.31
C LEU A 330 -37.49 -12.33 -7.76
N LEU A 331 -36.54 -12.26 -8.69
CA LEU A 331 -36.88 -12.24 -10.10
C LEU A 331 -37.60 -13.52 -10.50
N CYS A 332 -37.15 -14.66 -10.00
CA CYS A 332 -37.94 -15.87 -10.09
C CYS A 332 -39.16 -15.77 -9.18
N HIS A 333 -40.21 -16.50 -9.53
CA HIS A 333 -41.49 -16.39 -8.83
C HIS A 333 -41.34 -17.05 -7.46
N LYS A 334 -41.02 -16.25 -6.45
CA LYS A 334 -40.87 -16.71 -5.08
C LYS A 334 -41.51 -15.70 -4.15
N PRO A 335 -41.90 -16.12 -2.93
CA PRO A 335 -42.57 -15.18 -2.02
C PRO A 335 -41.75 -13.95 -1.69
N LEU A 336 -40.57 -14.12 -1.09
CA LEU A 336 -39.67 -13.01 -0.79
C LEU A 336 -40.38 -11.96 0.06
N ALA A 337 -40.63 -12.35 1.31
CA ALA A 337 -41.61 -11.71 2.20
C ALA A 337 -41.43 -10.20 2.38
N ASP A 338 -40.35 -9.62 1.87
CA ASP A 338 -40.07 -8.19 1.79
C ASP A 338 -39.51 -7.62 3.08
N VAL A 339 -39.36 -8.41 4.14
CA VAL A 339 -38.61 -7.94 5.30
C VAL A 339 -37.17 -7.67 4.89
N PHE A 340 -36.64 -8.46 3.96
CA PHE A 340 -35.29 -8.27 3.44
C PHE A 340 -35.22 -7.19 2.37
N ILE A 341 -36.35 -6.75 1.82
CA ILE A 341 -36.37 -5.64 0.87
C ILE A 341 -36.38 -4.29 1.55
N ASP A 342 -36.69 -4.24 2.85
CA ASP A 342 -36.87 -2.99 3.57
C ASP A 342 -37.96 -2.14 2.92
N GLY A 343 -39.02 -2.80 2.47
CA GLY A 343 -40.14 -2.12 1.84
C GLY A 343 -41.35 -2.06 2.75
N SER B 2 12.53 -37.08 21.27
CA SER B 2 12.32 -36.46 19.98
C SER B 2 11.05 -36.99 19.32
N TYR B 3 11.09 -38.25 18.89
CA TYR B 3 9.99 -38.97 18.26
C TYR B 3 9.61 -38.43 16.89
N GLN B 4 10.28 -37.38 16.40
CA GLN B 4 9.95 -36.81 15.10
C GLN B 4 8.52 -36.31 15.07
N VAL B 5 8.08 -35.79 13.92
CA VAL B 5 6.73 -35.29 13.75
C VAL B 5 5.94 -36.28 12.91
N LEU B 6 4.66 -36.45 13.24
CA LEU B 6 3.84 -37.44 12.54
C LEU B 6 3.73 -37.10 11.05
N ALA B 7 3.56 -35.83 10.72
CA ALA B 7 3.41 -35.44 9.32
C ALA B 7 4.66 -35.79 8.52
N ARG B 8 5.83 -35.52 9.08
CA ARG B 8 7.08 -35.82 8.37
C ARG B 8 7.39 -37.31 8.39
N LYS B 9 7.12 -37.98 9.51
CA LYS B 9 7.50 -39.38 9.63
C LYS B 9 6.69 -40.29 8.71
N TRP B 10 5.43 -39.95 8.46
CA TRP B 10 4.51 -40.82 7.73
C TRP B 10 4.28 -40.35 6.30
N ARG B 11 5.33 -39.87 5.64
CA ARG B 11 5.23 -39.55 4.22
C ARG B 11 4.92 -40.81 3.44
N PRO B 12 3.92 -40.81 2.55
CA PRO B 12 3.67 -42.00 1.72
C PRO B 12 4.86 -42.30 0.82
N GLN B 13 5.48 -43.46 1.06
CA GLN B 13 6.62 -43.90 0.27
C GLN B 13 6.24 -44.89 -0.83
N THR B 14 4.95 -45.18 -1.00
CA THR B 14 4.51 -46.11 -2.03
C THR B 14 3.09 -45.72 -2.45
N PHE B 15 2.72 -46.16 -3.66
CA PHE B 15 1.38 -45.86 -4.15
C PHE B 15 0.30 -46.49 -3.27
N ALA B 16 0.62 -47.59 -2.59
CA ALA B 16 -0.36 -48.24 -1.72
C ALA B 16 -0.58 -47.46 -0.45
N ASP B 17 0.41 -46.67 -0.02
CA ASP B 17 0.29 -45.90 1.21
C ASP B 17 -0.58 -44.66 1.04
N VAL B 18 -0.83 -44.22 -0.19
CA VAL B 18 -1.63 -43.02 -0.41
C VAL B 18 -3.09 -43.32 -0.07
N VAL B 19 -3.72 -42.40 0.64
CA VAL B 19 -5.10 -42.56 1.08
C VAL B 19 -6.01 -41.91 0.05
N GLY B 20 -6.91 -42.71 -0.54
CA GLY B 20 -7.82 -42.17 -1.53
C GLY B 20 -7.10 -41.76 -2.81
N GLN B 21 -7.68 -40.79 -3.50
CA GLN B 21 -7.12 -40.28 -4.75
C GLN B 21 -6.96 -41.39 -5.78
N GLU B 22 -7.92 -42.31 -5.83
CA GLU B 22 -7.83 -43.43 -6.75
C GLU B 22 -7.87 -42.96 -8.20
N HIS B 23 -8.70 -41.97 -8.50
CA HIS B 23 -8.87 -41.53 -9.89
C HIS B 23 -7.59 -40.95 -10.47
N VAL B 24 -6.62 -40.58 -9.64
CA VAL B 24 -5.33 -40.09 -10.09
C VAL B 24 -4.29 -41.19 -10.13
N LEU B 25 -4.21 -41.98 -9.06
CA LEU B 25 -3.22 -43.05 -8.98
C LEU B 25 -3.44 -44.10 -10.06
N THR B 26 -4.69 -44.49 -10.29
CA THR B 26 -4.98 -45.48 -11.31
C THR B 26 -4.57 -44.97 -12.70
N ALA B 27 -4.90 -43.72 -13.00
CA ALA B 27 -4.53 -43.16 -14.29
C ALA B 27 -3.01 -43.10 -14.46
N LEU B 28 -2.30 -42.67 -13.40
CA LEU B 28 -0.85 -42.61 -13.50
C LEU B 28 -0.25 -43.99 -13.69
N ALA B 29 -0.76 -44.99 -12.96
CA ALA B 29 -0.25 -46.34 -13.10
C ALA B 29 -0.48 -46.88 -14.50
N ASN B 30 -1.69 -46.66 -15.05
CA ASN B 30 -1.97 -47.13 -16.40
C ASN B 30 -1.07 -46.43 -17.41
N GLY B 31 -0.87 -45.13 -17.25
CA GLY B 31 0.01 -44.40 -18.17
C GLY B 31 1.43 -44.92 -18.12
N LEU B 32 1.95 -45.17 -16.91
CA LEU B 32 3.30 -45.70 -16.79
C LEU B 32 3.41 -47.09 -17.40
N SER B 33 2.40 -47.94 -17.17
CA SER B 33 2.45 -49.30 -17.70
C SER B 33 2.40 -49.29 -19.22
N LEU B 34 1.55 -48.45 -19.81
CA LEU B 34 1.40 -48.42 -21.26
C LEU B 34 2.43 -47.53 -21.95
N GLY B 35 3.24 -46.79 -21.20
CA GLY B 35 4.23 -45.92 -21.80
C GLY B 35 3.69 -44.58 -22.27
N ARG B 36 2.42 -44.29 -22.01
CA ARG B 36 1.82 -43.02 -22.41
C ARG B 36 2.13 -41.99 -21.34
N ILE B 37 3.24 -41.28 -21.51
CA ILE B 37 3.72 -40.29 -20.55
C ILE B 37 3.71 -38.93 -21.23
N HIS B 38 3.07 -37.95 -20.59
CA HIS B 38 3.00 -36.61 -21.11
C HIS B 38 4.24 -35.82 -20.72
N HIS B 39 4.42 -34.66 -21.37
CA HIS B 39 5.59 -33.83 -21.10
C HIS B 39 5.47 -33.10 -19.77
N ALA B 40 4.29 -32.58 -19.44
CA ALA B 40 4.09 -31.75 -18.26
C ALA B 40 2.85 -32.20 -17.50
N TYR B 41 3.00 -32.36 -16.19
CA TYR B 41 1.91 -32.70 -15.29
C TYR B 41 1.69 -31.57 -14.30
N LEU B 42 0.43 -31.33 -13.97
CA LEU B 42 0.04 -30.32 -12.99
C LEU B 42 -0.87 -30.98 -11.97
N PHE B 43 -0.67 -30.63 -10.70
CA PHE B 43 -1.48 -31.17 -9.60
C PHE B 43 -2.13 -30.01 -8.85
N SER B 44 -3.43 -30.12 -8.62
CA SER B 44 -4.18 -29.07 -7.94
C SER B 44 -5.08 -29.69 -6.87
N GLY B 45 -5.42 -28.88 -5.88
CA GLY B 45 -6.27 -29.33 -4.79
C GLY B 45 -6.12 -28.42 -3.59
N THR B 46 -6.75 -28.84 -2.49
CA THR B 46 -6.69 -28.10 -1.26
C THR B 46 -5.39 -28.41 -0.52
N ARG B 47 -5.22 -27.80 0.65
CA ARG B 47 -3.99 -27.98 1.41
C ARG B 47 -3.94 -29.38 2.02
N GLY B 48 -2.74 -29.95 2.06
CA GLY B 48 -2.54 -31.23 2.73
C GLY B 48 -3.35 -32.37 2.18
N VAL B 49 -3.42 -32.49 0.85
CA VAL B 49 -4.13 -33.60 0.20
C VAL B 49 -3.21 -34.58 -0.48
N GLY B 50 -1.92 -34.26 -0.60
CA GLY B 50 -0.94 -35.21 -1.11
C GLY B 50 -0.43 -34.90 -2.51
N LYS B 51 -0.43 -33.61 -2.88
CA LYS B 51 0.11 -33.23 -4.18
C LYS B 51 1.61 -33.49 -4.26
N THR B 52 2.35 -32.99 -3.28
CA THR B 52 3.81 -33.17 -3.28
C THR B 52 4.19 -34.64 -3.13
N SER B 53 3.45 -35.37 -2.27
CA SER B 53 3.76 -36.79 -2.09
C SER B 53 3.58 -37.56 -3.39
N ILE B 54 2.49 -37.30 -4.10
CA ILE B 54 2.24 -38.01 -5.36
C ILE B 54 3.27 -37.59 -6.41
N ALA B 55 3.64 -36.31 -6.43
CA ALA B 55 4.67 -35.87 -7.37
C ALA B 55 5.99 -36.58 -7.11
N ARG B 56 6.39 -36.68 -5.85
CA ARG B 56 7.64 -37.36 -5.52
C ARG B 56 7.56 -38.85 -5.87
N LEU B 57 6.41 -39.48 -5.61
CA LEU B 57 6.26 -40.89 -5.96
C LEU B 57 6.38 -41.09 -7.47
N LEU B 58 5.75 -40.21 -8.26
CA LEU B 58 5.86 -40.31 -9.71
C LEU B 58 7.31 -40.12 -10.16
N ALA B 59 8.01 -39.14 -9.58
CA ALA B 59 9.40 -38.92 -9.93
C ALA B 59 10.25 -40.15 -9.61
N LYS B 60 10.01 -40.76 -8.45
CA LYS B 60 10.73 -41.98 -8.09
C LYS B 60 10.43 -43.10 -9.07
N GLY B 61 9.16 -43.26 -9.47
CA GLY B 61 8.81 -44.32 -10.39
C GLY B 61 9.43 -44.13 -11.77
N LEU B 62 9.57 -42.88 -12.21
CA LEU B 62 10.10 -42.63 -13.55
C LEU B 62 11.54 -43.11 -13.67
N ASN B 63 12.36 -42.88 -12.64
CA ASN B 63 13.81 -43.09 -12.70
C ASN B 63 14.27 -44.27 -11.87
N CYS B 64 13.48 -45.34 -11.82
CA CYS B 64 13.88 -46.53 -11.09
C CYS B 64 14.80 -47.40 -11.93
N GLU B 65 15.71 -48.10 -11.25
CA GLU B 65 16.69 -48.92 -11.96
C GLU B 65 16.03 -50.03 -12.75
N THR B 66 15.02 -50.68 -12.17
CA THR B 66 14.38 -51.81 -12.85
C THR B 66 13.71 -51.35 -14.15
N GLY B 67 13.06 -50.20 -14.12
CA GLY B 67 12.42 -49.67 -15.31
C GLY B 67 11.30 -48.73 -14.94
N ILE B 68 10.61 -48.24 -15.96
CA ILE B 68 9.47 -47.36 -15.77
C ILE B 68 8.31 -48.20 -15.29
N THR B 69 8.01 -48.13 -13.99
CA THR B 69 6.97 -48.94 -13.38
C THR B 69 6.20 -48.10 -12.37
N ALA B 70 4.96 -48.51 -12.14
CA ALA B 70 4.10 -47.86 -11.16
C ALA B 70 4.34 -48.34 -9.73
N THR B 71 5.21 -49.33 -9.54
CA THR B 71 5.50 -49.90 -8.23
C THR B 71 7.02 -49.88 -8.03
N PRO B 72 7.58 -48.73 -7.62
CA PRO B 72 9.02 -48.66 -7.42
C PRO B 72 9.51 -49.68 -6.41
N CYS B 73 10.69 -50.25 -6.68
CA CYS B 73 11.25 -51.25 -5.78
C CYS B 73 11.52 -50.66 -4.40
N GLY B 74 12.09 -49.46 -4.35
CA GLY B 74 12.42 -48.83 -3.09
C GLY B 74 13.74 -49.28 -2.49
N VAL B 75 14.52 -50.11 -3.17
CA VAL B 75 15.77 -50.61 -2.64
C VAL B 75 16.98 -50.21 -3.48
N CYS B 76 16.81 -49.90 -4.76
CA CYS B 76 17.96 -49.51 -5.57
C CYS B 76 18.47 -48.13 -5.15
N ASP B 77 19.67 -47.80 -5.60
CA ASP B 77 20.32 -46.57 -5.17
C ASP B 77 19.49 -45.35 -5.56
N ASN B 78 18.88 -45.36 -6.75
CA ASN B 78 18.09 -44.22 -7.19
C ASN B 78 16.91 -43.98 -6.25
N CYS B 79 16.21 -45.04 -5.84
CA CYS B 79 15.08 -44.87 -4.94
C CYS B 79 15.51 -44.29 -3.61
N ARG B 80 16.61 -44.79 -3.03
CA ARG B 80 17.07 -44.27 -1.75
C ARG B 80 17.49 -42.81 -1.87
N GLU B 81 18.21 -42.47 -2.95
CA GLU B 81 18.64 -41.08 -3.12
C GLU B 81 17.44 -40.16 -3.28
N ILE B 82 16.44 -40.58 -4.05
CA ILE B 82 15.25 -39.75 -4.23
C ILE B 82 14.51 -39.59 -2.90
N GLU B 83 14.41 -40.67 -2.13
CA GLU B 83 13.75 -40.58 -0.83
C GLU B 83 14.48 -39.62 0.10
N GLN B 84 15.81 -39.68 0.11
CA GLN B 84 16.60 -38.80 0.97
C GLN B 84 16.80 -37.41 0.38
N GLY B 85 16.38 -37.19 -0.87
CA GLY B 85 16.52 -35.87 -1.46
C GLY B 85 17.90 -35.54 -1.95
N ARG B 86 18.69 -36.54 -2.33
CA ARG B 86 20.05 -36.34 -2.84
C ARG B 86 20.22 -36.79 -4.27
N PHE B 87 19.12 -37.01 -5.00
CA PHE B 87 19.22 -37.50 -6.37
C PHE B 87 19.63 -36.36 -7.31
N VAL B 88 20.64 -36.62 -8.13
CA VAL B 88 21.22 -35.56 -8.96
C VAL B 88 20.25 -35.13 -10.05
N ASP B 89 19.55 -36.08 -10.66
CA ASP B 89 18.71 -35.79 -11.82
C ASP B 89 17.33 -35.28 -11.45
N LEU B 90 17.00 -35.19 -10.17
CA LEU B 90 15.74 -34.62 -9.70
C LEU B 90 16.02 -33.23 -9.14
N ILE B 91 15.47 -32.21 -9.78
CA ILE B 91 15.67 -30.82 -9.39
C ILE B 91 14.35 -30.30 -8.85
N GLU B 92 14.31 -29.97 -7.56
CA GLU B 92 13.12 -29.45 -6.91
C GLU B 92 13.27 -27.95 -6.74
N ILE B 93 12.29 -27.20 -7.24
CA ILE B 93 12.34 -25.74 -7.30
C ILE B 93 11.19 -25.18 -6.48
N ASP B 94 11.55 -24.39 -5.46
CA ASP B 94 10.57 -23.66 -4.64
C ASP B 94 10.34 -22.32 -5.33
N ALA B 95 9.30 -22.27 -6.18
CA ALA B 95 9.03 -21.06 -6.95
C ALA B 95 8.69 -19.89 -6.04
N ALA B 96 8.13 -20.15 -4.86
CA ALA B 96 7.81 -19.07 -3.94
C ALA B 96 9.08 -18.36 -3.49
N SER B 97 10.14 -19.11 -3.18
CA SER B 97 11.39 -18.50 -2.74
C SER B 97 12.17 -17.90 -3.90
N ARG B 98 12.08 -18.51 -5.09
CA ARG B 98 12.80 -18.05 -6.28
C ARG B 98 11.76 -17.62 -7.31
N THR B 99 11.53 -16.32 -7.43
CA THR B 99 10.52 -15.77 -8.32
C THR B 99 11.09 -14.93 -9.45
N LYS B 100 12.23 -14.28 -9.24
CA LYS B 100 12.80 -13.40 -10.25
C LYS B 100 13.26 -14.20 -11.46
N VAL B 101 13.27 -13.54 -12.62
CA VAL B 101 13.60 -14.21 -13.87
C VAL B 101 15.05 -14.68 -13.87
N GLU B 102 15.95 -13.90 -13.24
CA GLU B 102 17.35 -14.29 -13.24
C GLU B 102 17.57 -15.60 -12.52
N ASP B 103 16.88 -15.80 -11.39
CA ASP B 103 17.01 -17.06 -10.67
C ASP B 103 16.49 -18.23 -11.49
N THR B 104 15.36 -18.04 -12.17
CA THR B 104 14.76 -19.12 -12.94
C THR B 104 15.56 -19.45 -14.19
N ARG B 105 16.25 -18.47 -14.76
CA ARG B 105 16.97 -18.69 -16.01
C ARG B 105 18.08 -19.71 -15.84
N ASP B 106 18.84 -19.62 -14.76
CA ASP B 106 19.93 -20.56 -14.52
C ASP B 106 19.39 -21.98 -14.37
N LEU B 107 18.30 -22.13 -13.62
CA LEU B 107 17.73 -23.46 -13.43
C LEU B 107 17.19 -24.02 -14.75
N LEU B 108 16.55 -23.19 -15.56
CA LEU B 108 16.00 -23.67 -16.82
C LEU B 108 17.06 -23.89 -17.89
N ASP B 109 18.24 -23.32 -17.73
CA ASP B 109 19.30 -23.51 -18.71
C ASP B 109 20.00 -24.86 -18.56
N ASN B 110 19.68 -25.64 -17.54
CA ASN B 110 20.31 -26.95 -17.35
C ASN B 110 19.70 -28.03 -18.24
N VAL B 111 18.63 -27.73 -18.99
CA VAL B 111 18.03 -28.72 -19.87
C VAL B 111 18.91 -29.06 -21.06
N GLN B 112 20.02 -28.35 -21.25
CA GLN B 112 20.93 -28.61 -22.36
C GLN B 112 21.98 -29.67 -22.02
N TYR B 113 21.92 -30.26 -20.84
CA TYR B 113 22.85 -31.30 -20.42
C TYR B 113 22.11 -32.62 -20.27
N ALA B 114 22.73 -33.69 -20.74
CA ALA B 114 22.10 -35.00 -20.66
C ALA B 114 22.04 -35.47 -19.21
N PRO B 115 21.10 -36.36 -18.88
CA PRO B 115 21.02 -36.87 -17.51
C PRO B 115 22.29 -37.61 -17.11
N ALA B 116 22.63 -37.54 -15.82
CA ALA B 116 23.84 -38.18 -15.32
C ALA B 116 23.63 -39.66 -15.09
N ARG B 117 22.68 -40.01 -14.21
CA ARG B 117 22.42 -41.41 -13.85
C ARG B 117 20.94 -41.73 -13.86
N GLY B 118 20.17 -41.15 -14.78
CA GLY B 118 18.75 -41.42 -14.84
C GLY B 118 18.25 -41.37 -16.28
N ARG B 119 17.15 -42.08 -16.52
CA ARG B 119 16.54 -42.05 -17.84
C ARG B 119 15.99 -40.67 -18.18
N PHE B 120 15.40 -39.99 -17.20
CA PHE B 120 14.79 -38.69 -17.40
C PHE B 120 15.36 -37.68 -16.41
N LYS B 121 15.34 -36.41 -16.82
CA LYS B 121 15.72 -35.30 -15.96
C LYS B 121 14.43 -34.63 -15.48
N VAL B 122 14.10 -34.83 -14.21
CA VAL B 122 12.80 -34.43 -13.67
C VAL B 122 12.94 -33.10 -12.95
N TYR B 123 12.06 -32.16 -13.28
CA TYR B 123 11.95 -30.89 -12.59
C TYR B 123 10.62 -30.86 -11.84
N LEU B 124 10.68 -30.69 -10.52
CA LEU B 124 9.51 -30.62 -9.66
C LEU B 124 9.43 -29.20 -9.12
N ILE B 125 8.58 -28.38 -9.73
CA ILE B 125 8.40 -26.99 -9.34
C ILE B 125 7.14 -26.90 -8.49
N ASP B 126 7.29 -26.51 -7.23
CA ASP B 126 6.16 -26.38 -6.33
C ASP B 126 5.94 -24.92 -5.94
N GLU B 127 4.69 -24.60 -5.66
CA GLU B 127 4.26 -23.22 -5.44
C GLU B 127 4.49 -22.39 -6.70
N VAL B 128 4.26 -23.00 -7.86
CA VAL B 128 4.57 -22.38 -9.14
C VAL B 128 3.71 -21.16 -9.43
N HIS B 129 2.63 -20.94 -8.69
CA HIS B 129 1.77 -19.80 -8.95
C HIS B 129 2.38 -18.47 -8.53
N MET B 130 3.53 -18.50 -7.84
CA MET B 130 4.19 -17.29 -7.37
C MET B 130 5.20 -16.72 -8.36
N LEU B 131 5.37 -17.34 -9.53
CA LEU B 131 6.34 -16.84 -10.49
C LEU B 131 5.88 -15.53 -11.11
N SER B 132 6.85 -14.75 -11.58
CA SER B 132 6.56 -13.49 -12.24
C SER B 132 6.28 -13.71 -13.73
N ARG B 133 5.90 -12.63 -14.41
CA ARG B 133 5.55 -12.74 -15.82
C ARG B 133 6.73 -13.19 -16.66
N HIS B 134 7.91 -12.62 -16.41
CA HIS B 134 9.09 -13.02 -17.17
C HIS B 134 9.45 -14.48 -16.91
N SER B 135 9.33 -14.94 -15.67
CA SER B 135 9.57 -16.34 -15.37
C SER B 135 8.59 -17.23 -16.09
N PHE B 136 7.30 -16.82 -16.15
CA PHE B 136 6.32 -17.60 -16.89
C PHE B 136 6.66 -17.64 -18.38
N ASN B 137 7.12 -16.52 -18.94
CA ASN B 137 7.50 -16.50 -20.34
C ASN B 137 8.67 -17.44 -20.60
N ALA B 138 9.68 -17.43 -19.72
CA ALA B 138 10.81 -18.33 -19.89
C ALA B 138 10.36 -19.79 -19.78
N LEU B 139 9.48 -20.09 -18.83
CA LEU B 139 8.98 -21.46 -18.69
C LEU B 139 8.20 -21.89 -19.93
N LEU B 140 7.38 -20.99 -20.47
CA LEU B 140 6.65 -21.32 -21.69
C LEU B 140 7.58 -21.56 -22.85
N LYS B 141 8.62 -20.74 -22.99
CA LYS B 141 9.58 -20.94 -24.07
C LYS B 141 10.28 -22.28 -23.93
N THR B 142 10.64 -22.65 -22.70
CA THR B 142 11.25 -23.96 -22.47
C THR B 142 10.29 -25.09 -22.82
N LEU B 143 9.01 -24.93 -22.46
CA LEU B 143 8.03 -26.00 -22.69
C LEU B 143 7.62 -26.10 -24.16
N GLU B 144 7.85 -25.05 -24.95
CA GLU B 144 7.46 -25.13 -26.36
C GLU B 144 8.22 -26.23 -27.10
N GLU B 145 9.52 -26.35 -26.85
CA GLU B 145 10.37 -27.35 -27.49
C GLU B 145 11.13 -28.08 -26.39
N PRO B 146 10.50 -29.02 -25.69
CA PRO B 146 11.17 -29.71 -24.60
C PRO B 146 12.00 -30.87 -25.11
N PRO B 147 13.21 -31.07 -24.59
CA PRO B 147 13.96 -32.29 -24.94
C PRO B 147 13.21 -33.54 -24.53
N GLU B 148 13.43 -34.61 -25.29
CA GLU B 148 12.72 -35.85 -25.07
C GLU B 148 13.05 -36.52 -23.73
N HIS B 149 14.12 -36.09 -23.05
CA HIS B 149 14.59 -36.74 -21.83
C HIS B 149 14.42 -35.86 -20.60
N VAL B 150 13.40 -35.00 -20.60
CA VAL B 150 13.11 -34.14 -19.45
C VAL B 150 11.60 -34.13 -19.22
N LYS B 151 11.20 -34.12 -17.95
CA LYS B 151 9.80 -34.06 -17.56
C LYS B 151 9.61 -32.96 -16.53
N PHE B 152 8.45 -32.32 -16.58
CA PHE B 152 8.11 -31.22 -15.68
C PHE B 152 6.90 -31.61 -14.85
N LEU B 153 7.02 -31.46 -13.53
CA LEU B 153 5.94 -31.71 -12.60
C LEU B 153 5.66 -30.43 -11.82
N LEU B 154 4.39 -30.00 -11.84
CA LEU B 154 3.98 -28.76 -11.21
C LEU B 154 2.91 -29.03 -10.16
N ALA B 155 3.00 -28.35 -9.03
CA ALA B 155 2.04 -28.49 -7.95
C ALA B 155 1.69 -27.10 -7.42
N THR B 156 0.40 -26.84 -7.26
CA THR B 156 -0.06 -25.56 -6.74
C THR B 156 -1.49 -25.70 -6.24
N THR B 157 -1.91 -24.74 -5.43
CA THR B 157 -3.27 -24.67 -4.90
C THR B 157 -4.11 -23.60 -5.59
N ASP B 158 -3.53 -22.81 -6.48
CA ASP B 158 -4.23 -21.73 -7.18
C ASP B 158 -3.94 -21.84 -8.67
N PRO B 159 -4.49 -22.86 -9.34
CA PRO B 159 -4.22 -23.01 -10.79
C PRO B 159 -4.72 -21.85 -11.63
N GLN B 160 -5.74 -21.11 -11.16
CA GLN B 160 -6.26 -19.99 -11.94
C GLN B 160 -5.24 -18.88 -12.12
N LYS B 161 -4.20 -18.82 -11.28
CA LYS B 161 -3.20 -17.78 -11.39
C LYS B 161 -2.26 -17.98 -12.57
N LEU B 162 -2.16 -19.20 -13.09
CA LEU B 162 -1.24 -19.46 -14.18
C LEU B 162 -1.80 -18.94 -15.51
N PRO B 163 -0.93 -18.57 -16.45
CA PRO B 163 -1.43 -18.18 -17.78
C PRO B 163 -2.07 -19.36 -18.48
N VAL B 164 -3.04 -19.05 -19.35
CA VAL B 164 -3.74 -20.10 -20.09
C VAL B 164 -2.78 -20.84 -21.00
N THR B 165 -1.75 -20.14 -21.50
CA THR B 165 -0.76 -20.81 -22.36
C THR B 165 -0.04 -21.91 -21.61
N ILE B 166 0.34 -21.67 -20.36
CA ILE B 166 0.97 -22.70 -19.55
C ILE B 166 0.01 -23.85 -19.31
N LEU B 167 -1.25 -23.53 -18.98
CA LEU B 167 -2.21 -24.57 -18.64
C LEU B 167 -2.49 -25.49 -19.83
N SER B 168 -2.58 -24.92 -21.03
CA SER B 168 -2.95 -25.71 -22.20
C SER B 168 -1.90 -26.71 -22.62
N ARG B 169 -0.68 -26.64 -22.07
CA ARG B 169 0.42 -27.52 -22.48
C ARG B 169 0.77 -28.55 -21.42
N CYS B 170 -0.08 -28.75 -20.42
CA CYS B 170 0.17 -29.74 -19.38
C CYS B 170 -1.13 -30.44 -19.02
N LEU B 171 -1.02 -31.68 -18.55
CA LEU B 171 -2.17 -32.46 -18.12
C LEU B 171 -2.41 -32.23 -16.63
N GLN B 172 -3.63 -31.85 -16.28
CA GLN B 172 -3.97 -31.43 -14.92
C GLN B 172 -4.75 -32.52 -14.20
N PHE B 173 -4.35 -32.79 -12.97
CA PHE B 173 -5.06 -33.68 -12.06
C PHE B 173 -5.49 -32.91 -10.83
N HIS B 174 -6.77 -32.99 -10.49
CA HIS B 174 -7.35 -32.29 -9.35
C HIS B 174 -7.63 -33.28 -8.25
N LEU B 175 -7.05 -33.05 -7.07
CA LEU B 175 -7.25 -33.92 -5.91
C LEU B 175 -8.46 -33.45 -5.12
N LYS B 176 -9.09 -34.41 -4.43
CA LYS B 176 -10.31 -34.17 -3.69
C LYS B 176 -10.04 -34.21 -2.18
N ALA B 177 -11.04 -33.79 -1.42
CA ALA B 177 -10.96 -33.86 0.04
C ALA B 177 -10.93 -35.31 0.49
N LEU B 178 -10.32 -35.54 1.64
CA LEU B 178 -10.06 -36.90 2.11
C LEU B 178 -11.26 -37.54 2.81
N ASP B 179 -12.33 -36.79 3.07
CA ASP B 179 -13.52 -37.34 3.70
C ASP B 179 -13.24 -37.79 5.13
N VAL B 180 -14.30 -37.89 5.94
CA VAL B 180 -14.11 -38.17 7.37
C VAL B 180 -13.64 -39.61 7.60
N GLU B 181 -14.26 -40.58 6.91
CA GLU B 181 -13.98 -41.98 7.19
C GLU B 181 -12.52 -42.33 6.90
N GLN B 182 -12.01 -41.89 5.76
CA GLN B 182 -10.63 -42.22 5.40
C GLN B 182 -9.65 -41.57 6.37
N ILE B 183 -9.92 -40.32 6.76
CA ILE B 183 -9.06 -39.64 7.74
C ILE B 183 -9.06 -40.40 9.06
N ARG B 184 -10.24 -40.82 9.51
CA ARG B 184 -10.32 -41.57 10.77
C ARG B 184 -9.54 -42.88 10.68
N HIS B 185 -9.70 -43.60 9.56
CA HIS B 185 -8.97 -44.86 9.40
C HIS B 185 -7.47 -44.63 9.40
N GLN B 186 -7.00 -43.60 8.71
CA GLN B 186 -5.57 -43.30 8.68
C GLN B 186 -5.06 -42.96 10.07
N LEU B 187 -5.82 -42.14 10.81
CA LEU B 187 -5.41 -41.79 12.17
C LEU B 187 -5.34 -43.02 13.06
N GLU B 188 -6.33 -43.91 12.96
CA GLU B 188 -6.32 -45.13 13.76
C GLU B 188 -5.11 -45.98 13.42
N HIS B 189 -4.81 -46.14 12.12
CA HIS B 189 -3.65 -46.92 11.72
C HIS B 189 -2.36 -46.32 12.26
N ILE B 190 -2.22 -45.00 12.15
CA ILE B 190 -0.99 -44.34 12.62
C ILE B 190 -0.84 -44.51 14.12
N LEU B 191 -1.92 -44.32 14.88
CA LEU B 191 -1.82 -44.46 16.32
C LEU B 191 -1.51 -45.90 16.72
N ASN B 192 -2.11 -46.88 16.03
CA ASN B 192 -1.80 -48.27 16.32
C ASN B 192 -0.33 -48.57 16.05
N GLU B 193 0.21 -48.03 14.95
CA GLU B 193 1.63 -48.22 14.67
C GLU B 193 2.51 -47.54 15.71
N GLU B 194 2.07 -46.39 16.24
CA GLU B 194 2.85 -45.64 17.20
C GLU B 194 2.68 -46.12 18.64
N HIS B 195 1.79 -47.09 18.88
CA HIS B 195 1.53 -47.60 20.23
C HIS B 195 1.06 -46.47 21.16
N ILE B 196 -0.03 -45.82 20.75
CA ILE B 196 -0.64 -44.74 21.51
C ILE B 196 -2.09 -45.11 21.80
N ALA B 197 -2.46 -45.04 23.07
CA ALA B 197 -3.83 -45.34 23.46
C ALA B 197 -4.79 -44.29 22.90
N HIS B 198 -5.97 -44.74 22.49
CA HIS B 198 -6.94 -43.85 21.86
C HIS B 198 -8.34 -44.44 22.06
N GLU B 199 -9.34 -43.62 21.78
CA GLU B 199 -10.74 -44.03 21.86
C GLU B 199 -11.45 -43.67 20.57
N PRO B 200 -12.48 -44.42 20.19
CA PRO B 200 -13.17 -44.11 18.91
C PRO B 200 -13.73 -42.71 18.84
N ARG B 201 -14.30 -42.21 19.93
CA ARG B 201 -14.93 -40.90 19.89
C ARG B 201 -13.90 -39.80 19.63
N ALA B 202 -12.72 -39.91 20.25
CA ALA B 202 -11.67 -38.93 20.01
C ALA B 202 -11.26 -38.92 18.54
N LEU B 203 -11.10 -40.11 17.95
CA LEU B 203 -10.72 -40.18 16.54
C LEU B 203 -11.79 -39.58 15.66
N GLN B 204 -13.06 -39.85 15.96
CA GLN B 204 -14.15 -39.28 15.16
C GLN B 204 -14.16 -37.76 15.26
N LEU B 205 -13.97 -37.22 16.47
CA LEU B 205 -13.95 -35.78 16.64
C LEU B 205 -12.78 -35.16 15.88
N LEU B 206 -11.59 -35.77 15.97
CA LEU B 206 -10.44 -35.24 15.26
C LEU B 206 -10.65 -35.27 13.75
N ALA B 207 -11.19 -36.37 13.24
CA ALA B 207 -11.45 -36.47 11.80
C ALA B 207 -12.46 -35.43 11.35
N ARG B 208 -13.51 -35.22 12.14
CA ARG B 208 -14.51 -34.22 11.78
C ARG B 208 -13.92 -32.81 11.81
N ALA B 209 -13.04 -32.53 12.78
CA ALA B 209 -12.43 -31.22 12.86
C ALA B 209 -11.34 -31.01 11.81
N ALA B 210 -10.85 -32.10 11.21
CA ALA B 210 -9.80 -31.96 10.19
C ALA B 210 -10.30 -31.18 8.98
N GLU B 211 -11.54 -31.42 8.57
CA GLU B 211 -12.16 -30.72 7.44
C GLU B 211 -11.43 -31.02 6.13
N GLY B 212 -11.25 -32.31 5.87
CA GLY B 212 -10.76 -32.77 4.58
C GLY B 212 -9.25 -32.69 4.38
N SER B 213 -8.50 -32.28 5.38
CA SER B 213 -7.05 -32.16 5.29
C SER B 213 -6.40 -33.15 6.24
N LEU B 214 -5.49 -33.97 5.72
CA LEU B 214 -4.80 -34.94 6.56
C LEU B 214 -3.72 -34.30 7.42
N ARG B 215 -3.04 -33.28 6.90
CA ARG B 215 -2.03 -32.59 7.70
C ARG B 215 -2.66 -31.90 8.89
N ASP B 216 -3.84 -31.29 8.71
CA ASP B 216 -4.54 -30.71 9.85
C ASP B 216 -4.89 -31.78 10.87
N ALA B 217 -5.33 -32.95 10.40
CA ALA B 217 -5.64 -34.04 11.32
C ALA B 217 -4.43 -34.46 12.11
N LEU B 218 -3.28 -34.58 11.45
CA LEU B 218 -2.06 -34.99 12.16
C LEU B 218 -1.61 -33.93 13.15
N SER B 219 -1.71 -32.65 12.78
CA SER B 219 -1.35 -31.58 13.71
C SER B 219 -2.26 -31.61 14.94
N LEU B 220 -3.56 -31.77 14.72
CA LEU B 220 -4.49 -31.85 15.85
C LEU B 220 -4.21 -33.07 16.71
N THR B 221 -3.84 -34.20 16.08
CA THR B 221 -3.51 -35.39 16.85
C THR B 221 -2.27 -35.16 17.71
N ASP B 222 -1.25 -34.51 17.16
CA ASP B 222 -0.06 -34.20 17.94
C ASP B 222 -0.42 -33.27 19.12
N GLN B 223 -1.23 -32.26 18.86
CA GLN B 223 -1.61 -31.34 19.93
C GLN B 223 -2.40 -32.06 21.01
N ALA B 224 -3.31 -32.95 20.62
CA ALA B 224 -4.08 -33.72 21.60
C ALA B 224 -3.18 -34.64 22.41
N ILE B 225 -2.22 -35.30 21.76
CA ILE B 225 -1.29 -36.15 22.49
C ILE B 225 -0.51 -35.33 23.51
N ALA B 226 -0.07 -34.14 23.11
CA ALA B 226 0.62 -33.27 24.05
C ALA B 226 -0.28 -32.88 25.22
N SER B 227 -1.54 -32.54 24.92
CA SER B 227 -2.46 -32.14 25.98
C SER B 227 -2.82 -33.32 26.88
N GLY B 228 -2.99 -34.51 26.30
CA GLY B 228 -3.38 -35.68 27.06
C GLY B 228 -2.25 -36.38 27.78
N ASP B 229 -1.02 -35.87 27.67
CA ASP B 229 0.13 -36.46 28.35
C ASP B 229 0.38 -37.89 27.86
N GLY B 230 0.61 -38.01 26.56
CA GLY B 230 0.93 -39.29 25.96
C GLY B 230 -0.26 -40.17 25.66
N GLN B 231 -1.48 -39.68 25.87
CA GLN B 231 -2.68 -40.47 25.63
C GLN B 231 -3.71 -39.61 24.93
N VAL B 232 -4.54 -40.26 24.10
CA VAL B 232 -5.64 -39.61 23.40
C VAL B 232 -6.94 -40.07 24.07
N SER B 233 -7.66 -39.13 24.66
CA SER B 233 -8.90 -39.43 25.36
C SER B 233 -10.00 -38.48 24.88
N THR B 234 -11.25 -38.94 25.04
CA THR B 234 -12.37 -38.15 24.57
C THR B 234 -12.46 -36.81 25.28
N GLN B 235 -12.28 -36.80 26.60
CA GLN B 235 -12.40 -35.55 27.35
C GLN B 235 -11.31 -34.56 26.95
N ALA B 236 -10.07 -35.03 26.81
CA ALA B 236 -8.98 -34.13 26.44
C ALA B 236 -9.21 -33.53 25.05
N VAL B 237 -9.60 -34.37 24.09
CA VAL B 237 -9.83 -33.87 22.74
C VAL B 237 -10.99 -32.90 22.71
N SER B 238 -12.06 -33.20 23.45
CA SER B 238 -13.21 -32.29 23.48
C SER B 238 -12.82 -30.95 24.07
N ALA B 239 -12.03 -30.96 25.16
CA ALA B 239 -11.59 -29.71 25.76
C ALA B 239 -10.70 -28.92 24.79
N MET B 240 -9.79 -29.62 24.11
CA MET B 240 -8.91 -28.95 23.17
C MET B 240 -9.71 -28.30 22.04
N LEU B 241 -10.68 -29.03 21.49
CA LEU B 241 -11.50 -28.49 20.42
C LEU B 241 -12.33 -27.31 20.91
N GLY B 242 -12.85 -27.39 22.13
CA GLY B 242 -13.58 -26.27 22.69
C GLY B 242 -12.71 -25.04 22.84
N THR B 243 -11.44 -25.24 23.17
CA THR B 243 -10.51 -24.11 23.26
C THR B 243 -10.35 -23.42 21.91
N LEU B 244 -10.26 -24.20 20.84
CA LEU B 244 -10.09 -23.65 19.50
C LEU B 244 -11.41 -23.36 18.79
N ASP B 245 -12.54 -23.63 19.44
CA ASP B 245 -13.84 -23.43 18.80
C ASP B 245 -14.07 -21.93 18.56
N ASP B 246 -14.47 -21.59 17.34
CA ASP B 246 -14.70 -20.20 16.95
C ASP B 246 -15.93 -20.07 16.07
N ASP B 247 -17.02 -20.74 16.45
CA ASP B 247 -18.28 -20.69 15.73
C ASP B 247 -19.42 -20.31 16.67
N GLN B 248 -19.18 -19.31 17.51
CA GLN B 248 -20.18 -18.91 18.49
C GLN B 248 -21.46 -18.37 17.85
N ALA B 249 -21.38 -17.87 16.61
CA ALA B 249 -22.56 -17.28 15.99
C ALA B 249 -23.65 -18.32 15.75
N LEU B 250 -23.30 -19.46 15.16
CA LEU B 250 -24.30 -20.49 14.89
C LEU B 250 -24.86 -21.06 16.18
N SER B 251 -24.01 -21.28 17.18
CA SER B 251 -24.49 -21.77 18.46
C SER B 251 -25.44 -20.78 19.11
N LEU B 252 -25.11 -19.48 19.03
CA LEU B 252 -26.00 -18.47 19.59
C LEU B 252 -27.34 -18.46 18.86
N VAL B 253 -27.32 -18.59 17.53
CA VAL B 253 -28.56 -18.62 16.78
C VAL B 253 -29.41 -19.82 17.21
N GLU B 254 -28.78 -20.99 17.33
CA GLU B 254 -29.50 -22.19 17.72
C GLU B 254 -30.09 -22.05 19.11
N ALA B 255 -29.31 -21.50 20.05
CA ALA B 255 -29.82 -21.32 21.41
C ALA B 255 -30.97 -20.33 21.45
N MET B 256 -30.83 -19.22 20.70
CA MET B 256 -31.88 -18.21 20.68
C MET B 256 -33.17 -18.76 20.09
N VAL B 257 -33.07 -19.56 19.04
CA VAL B 257 -34.26 -20.02 18.33
C VAL B 257 -35.11 -20.92 19.24
N GLU B 258 -34.48 -21.63 20.18
CA GLU B 258 -35.19 -22.53 21.07
C GLU B 258 -35.50 -21.89 22.42
N ALA B 259 -35.21 -20.61 22.60
CA ALA B 259 -35.53 -19.88 23.83
C ALA B 259 -34.87 -20.54 25.04
N ASN B 260 -33.53 -20.52 25.03
CA ASN B 260 -32.72 -21.07 26.12
C ASN B 260 -31.77 -19.96 26.58
N GLY B 261 -32.21 -19.21 27.59
CA GLY B 261 -31.42 -18.06 28.02
C GLY B 261 -30.09 -18.43 28.63
N GLU B 262 -30.06 -19.52 29.41
CA GLU B 262 -28.81 -19.92 30.06
C GLU B 262 -27.73 -20.25 29.04
N ARG B 263 -28.10 -20.99 27.98
CA ARG B 263 -27.14 -21.30 26.93
C ARG B 263 -26.66 -20.03 26.24
N VAL B 264 -27.56 -19.07 26.02
CA VAL B 264 -27.17 -17.81 25.39
C VAL B 264 -26.15 -17.07 26.26
N MET B 265 -26.41 -17.01 27.56
CA MET B 265 -25.46 -16.33 28.45
C MET B 265 -24.12 -17.05 28.48
N ALA B 266 -24.14 -18.38 28.51
CA ALA B 266 -22.89 -19.13 28.51
C ALA B 266 -22.11 -18.88 27.22
N LEU B 267 -22.79 -18.86 26.07
CA LEU B 267 -22.13 -18.60 24.81
C LEU B 267 -21.56 -17.18 24.77
N ILE B 268 -22.30 -16.21 25.32
CA ILE B 268 -21.79 -14.84 25.36
C ILE B 268 -20.54 -14.77 26.21
N ASN B 269 -20.53 -15.45 27.37
CA ASN B 269 -19.34 -15.46 28.21
C ASN B 269 -18.16 -16.12 27.49
N GLU B 270 -18.41 -17.22 26.79
CA GLU B 270 -17.34 -17.89 26.06
C GLU B 270 -16.78 -16.99 24.96
N ALA B 271 -17.66 -16.30 24.24
CA ALA B 271 -17.19 -15.37 23.21
C ALA B 271 -16.38 -14.25 23.82
N ALA B 272 -16.82 -13.71 24.95
CA ALA B 272 -16.07 -12.66 25.62
C ALA B 272 -14.74 -13.14 26.17
N ALA B 273 -14.61 -14.45 26.42
CA ALA B 273 -13.35 -14.97 26.94
C ALA B 273 -12.21 -14.71 25.97
N ARG B 274 -12.46 -14.91 24.68
CA ARG B 274 -11.50 -14.57 23.64
C ARG B 274 -11.82 -13.20 23.05
N GLY B 275 -10.82 -12.61 22.40
CA GLY B 275 -10.98 -11.30 21.81
C GLY B 275 -11.78 -11.32 20.52
N ILE B 276 -13.02 -10.84 20.59
CA ILE B 276 -13.92 -10.83 19.44
C ILE B 276 -14.55 -9.45 19.32
N GLU B 277 -14.94 -9.10 18.10
CA GLU B 277 -15.64 -7.85 17.82
C GLU B 277 -17.14 -8.12 17.84
N TRP B 278 -17.86 -7.40 18.71
CA TRP B 278 -19.28 -7.67 18.89
C TRP B 278 -20.06 -7.36 17.62
N GLU B 279 -19.73 -6.26 16.94
CA GLU B 279 -20.41 -5.93 15.69
C GLU B 279 -20.17 -7.00 14.65
N ALA B 280 -18.96 -7.58 14.61
CA ALA B 280 -18.71 -8.69 13.70
C ALA B 280 -19.60 -9.89 14.04
N LEU B 281 -19.79 -10.16 15.33
CA LEU B 281 -20.67 -11.26 15.72
C LEU B 281 -22.11 -11.01 15.26
N LEU B 282 -22.60 -9.77 15.43
CA LEU B 282 -23.94 -9.46 14.97
C LEU B 282 -24.05 -9.60 13.45
N VAL B 283 -23.03 -9.16 12.71
CA VAL B 283 -23.04 -9.30 11.27
C VAL B 283 -23.08 -10.77 10.87
N GLU B 284 -22.29 -11.60 11.55
CA GLU B 284 -22.31 -13.03 11.26
C GLU B 284 -23.67 -13.65 11.52
N MET B 285 -24.30 -13.28 12.64
CA MET B 285 -25.63 -13.80 12.94
C MET B 285 -26.65 -13.36 11.90
N LEU B 286 -26.57 -12.10 11.47
CA LEU B 286 -27.48 -11.62 10.43
C LEU B 286 -27.27 -12.38 9.12
N GLY B 287 -26.01 -12.63 8.76
CA GLY B 287 -25.74 -13.40 7.55
C GLY B 287 -26.27 -14.82 7.65
N LEU B 288 -26.12 -15.45 8.81
CA LEU B 288 -26.64 -16.80 8.98
C LEU B 288 -28.16 -16.82 8.86
N LEU B 289 -28.84 -15.84 9.47
CA LEU B 289 -30.30 -15.78 9.37
C LEU B 289 -30.72 -15.56 7.92
N HIS B 290 -30.04 -14.67 7.20
CA HIS B 290 -30.37 -14.44 5.80
C HIS B 290 -30.18 -15.69 4.97
N ARG B 291 -29.08 -16.42 5.22
CA ARG B 291 -28.85 -17.65 4.49
C ARG B 291 -29.93 -18.68 4.78
N ILE B 292 -30.36 -18.77 6.05
CA ILE B 292 -31.43 -19.70 6.40
C ILE B 292 -32.71 -19.34 5.67
N ALA B 293 -33.04 -18.04 5.62
CA ALA B 293 -34.23 -17.61 4.89
C ALA B 293 -34.14 -17.96 3.41
N MET B 294 -32.98 -17.72 2.80
CA MET B 294 -32.81 -18.05 1.38
C MET B 294 -32.96 -19.55 1.15
N VAL B 295 -32.38 -20.37 2.04
CA VAL B 295 -32.51 -21.81 1.91
C VAL B 295 -33.96 -22.23 2.03
N GLN B 296 -34.71 -21.61 2.94
CA GLN B 296 -36.13 -21.90 3.04
C GLN B 296 -36.84 -21.55 1.73
N LEU B 297 -36.47 -20.43 1.12
CA LEU B 297 -37.07 -20.07 -0.17
C LEU B 297 -36.75 -21.11 -1.24
N SER B 298 -35.50 -21.57 -1.29
CA SER B 298 -35.09 -22.55 -2.29
C SER B 298 -33.95 -23.39 -1.73
N PRO B 299 -34.01 -24.72 -1.84
CA PRO B 299 -32.93 -25.55 -1.27
C PRO B 299 -31.57 -25.31 -1.94
N ALA B 300 -31.54 -24.81 -3.17
CA ALA B 300 -30.29 -24.61 -3.88
C ALA B 300 -29.51 -23.40 -3.37
N ALA B 301 -30.08 -22.59 -2.49
CA ALA B 301 -29.39 -21.41 -2.01
C ALA B 301 -28.09 -21.77 -1.30
N LEU B 302 -28.12 -22.81 -0.47
CA LEU B 302 -26.91 -23.25 0.22
C LEU B 302 -25.97 -23.93 -0.77
N GLY B 303 -24.71 -23.50 -0.78
CA GLY B 303 -23.72 -24.02 -1.68
C GLY B 303 -22.68 -24.88 -0.98
N ASN B 304 -21.57 -25.10 -1.66
CA ASN B 304 -20.47 -25.90 -1.12
C ASN B 304 -19.56 -25.10 -0.21
N ASP B 305 -19.76 -23.79 -0.08
CA ASP B 305 -18.90 -22.99 0.77
C ASP B 305 -19.18 -23.24 2.25
N MET B 306 -20.39 -23.68 2.59
CA MET B 306 -20.80 -23.94 3.96
C MET B 306 -20.99 -25.44 4.21
N ALA B 307 -20.12 -26.26 3.62
CA ALA B 307 -20.25 -27.70 3.78
C ALA B 307 -20.01 -28.13 5.23
N ALA B 308 -19.21 -27.35 5.98
CA ALA B 308 -18.92 -27.73 7.36
C ALA B 308 -20.16 -27.73 8.23
N ILE B 309 -21.04 -26.74 8.05
CA ILE B 309 -22.21 -26.56 8.89
C ILE B 309 -23.48 -26.78 8.08
N GLU B 310 -23.39 -27.61 7.04
CA GLU B 310 -24.54 -27.81 6.16
C GLU B 310 -25.71 -28.45 6.92
N LEU B 311 -25.43 -29.48 7.74
CA LEU B 311 -26.50 -30.20 8.40
C LEU B 311 -27.26 -29.30 9.36
N ARG B 312 -26.55 -28.50 10.15
CA ARG B 312 -27.21 -27.63 11.12
C ARG B 312 -28.07 -26.59 10.42
N MET B 313 -27.55 -25.99 9.35
CA MET B 313 -28.32 -25.00 8.59
C MET B 313 -29.57 -25.64 7.98
N ARG B 314 -29.43 -26.84 7.41
CA ARG B 314 -30.58 -27.53 6.84
C ARG B 314 -31.63 -27.82 7.90
N GLU B 315 -31.19 -28.27 9.08
CA GLU B 315 -32.14 -28.56 10.16
C GLU B 315 -32.86 -27.30 10.61
N LEU B 316 -32.13 -26.21 10.76
CA LEU B 316 -32.76 -24.95 11.17
C LEU B 316 -33.76 -24.49 10.12
N ALA B 317 -33.41 -24.59 8.84
CA ALA B 317 -34.33 -24.18 7.79
C ALA B 317 -35.58 -25.05 7.79
N ARG B 318 -35.42 -26.36 8.00
CA ARG B 318 -36.57 -27.25 7.96
C ARG B 318 -37.48 -27.07 9.16
N THR B 319 -36.92 -26.76 10.34
CA THR B 319 -37.71 -26.72 11.57
C THR B 319 -38.37 -25.36 11.79
N ILE B 320 -37.60 -24.29 11.72
CA ILE B 320 -38.09 -22.97 12.15
C ILE B 320 -39.08 -22.44 11.13
N PRO B 321 -40.24 -21.90 11.54
CA PRO B 321 -41.12 -21.26 10.57
C PRO B 321 -40.49 -20.01 10.00
N PRO B 322 -40.85 -19.61 8.78
CA PRO B 322 -40.25 -18.38 8.20
C PRO B 322 -40.51 -17.13 9.03
N THR B 323 -41.69 -17.03 9.65
CA THR B 323 -42.04 -15.81 10.37
C THR B 323 -41.09 -15.55 11.53
N ASP B 324 -40.72 -16.61 12.26
CA ASP B 324 -39.77 -16.44 13.35
C ASP B 324 -38.42 -15.97 12.83
N ILE B 325 -37.98 -16.51 11.69
CA ILE B 325 -36.71 -16.09 11.11
C ILE B 325 -36.77 -14.61 10.75
N GLN B 326 -37.87 -14.17 10.14
CA GLN B 326 -38.00 -12.76 9.77
C GLN B 326 -38.01 -11.87 11.01
N LEU B 327 -38.71 -12.30 12.06
CA LEU B 327 -38.75 -11.51 13.28
C LEU B 327 -37.36 -11.37 13.89
N TYR B 328 -36.62 -12.48 13.96
CA TYR B 328 -35.27 -12.43 14.51
C TYR B 328 -34.37 -11.55 13.66
N TYR B 329 -34.49 -11.64 12.34
CA TYR B 329 -33.68 -10.80 11.45
C TYR B 329 -33.96 -9.33 11.69
N GLN B 330 -35.24 -8.96 11.81
CA GLN B 330 -35.57 -7.56 12.05
C GLN B 330 -35.06 -7.10 13.41
N THR B 331 -35.20 -7.94 14.43
CA THR B 331 -34.71 -7.57 15.75
C THR B 331 -33.20 -7.36 15.73
N LEU B 332 -32.45 -8.23 15.04
CA LEU B 332 -31.01 -8.06 14.97
C LEU B 332 -30.63 -6.83 14.15
N LEU B 333 -31.41 -6.50 13.12
CA LEU B 333 -31.14 -5.26 12.38
C LEU B 333 -31.30 -4.05 13.28
N ILE B 334 -32.38 -4.01 14.06
CA ILE B 334 -32.59 -2.90 14.99
C ILE B 334 -31.46 -2.85 16.02
N GLY B 335 -31.05 -4.02 16.50
CA GLY B 335 -29.96 -4.07 17.47
C GLY B 335 -28.65 -3.53 16.90
N ARG B 336 -28.32 -3.91 15.67
CA ARG B 336 -27.11 -3.39 15.04
C ARG B 336 -27.22 -1.88 14.86
N LYS B 337 -28.40 -1.40 14.49
CA LYS B 337 -28.58 0.05 14.31
C LYS B 337 -28.36 0.79 15.62
N GLU B 338 -28.86 0.25 16.73
CA GLU B 338 -28.77 0.92 18.03
C GLU B 338 -27.48 0.63 18.78
N LEU B 339 -26.65 -0.30 18.30
CA LEU B 339 -25.43 -0.66 19.03
C LEU B 339 -24.53 0.52 19.36
N PRO B 340 -24.26 1.47 18.45
CA PRO B 340 -23.28 2.52 18.78
C PRO B 340 -23.63 3.32 20.02
N TYR B 341 -24.91 3.54 20.29
CA TYR B 341 -25.33 4.39 21.41
C TYR B 341 -25.63 3.60 22.68
N ALA B 342 -25.41 2.29 22.68
CA ALA B 342 -25.59 1.49 23.88
C ALA B 342 -24.51 1.82 24.91
N PRO B 343 -24.77 1.58 26.20
CA PRO B 343 -23.73 1.86 27.19
C PRO B 343 -22.45 1.08 26.95
N ASP B 344 -22.54 -0.13 26.42
CA ASP B 344 -21.37 -0.90 26.05
C ASP B 344 -21.74 -1.86 24.94
N ARG B 345 -20.73 -2.28 24.18
CA ARG B 345 -20.97 -3.21 23.08
C ARG B 345 -21.53 -4.53 23.59
N ARG B 346 -20.93 -5.06 24.65
CA ARG B 346 -21.42 -6.31 25.25
C ARG B 346 -22.85 -6.13 25.77
N MET B 347 -23.11 -5.00 26.44
CA MET B 347 -24.45 -4.74 26.94
C MET B 347 -25.45 -4.62 25.80
N GLY B 348 -25.06 -3.96 24.71
CA GLY B 348 -25.94 -3.86 23.55
C GLY B 348 -26.28 -5.22 22.97
N VAL B 349 -25.27 -6.07 22.81
CA VAL B 349 -25.51 -7.41 22.27
C VAL B 349 -26.42 -8.20 23.20
N GLU B 350 -26.18 -8.12 24.51
CA GLU B 350 -27.01 -8.84 25.47
C GLU B 350 -28.45 -8.36 25.42
N MET B 351 -28.65 -7.04 25.35
CA MET B 351 -30.01 -6.50 25.28
C MET B 351 -30.72 -6.96 24.00
N THR B 352 -30.01 -6.93 22.87
CA THR B 352 -30.64 -7.37 21.63
C THR B 352 -31.00 -8.84 21.67
N LEU B 353 -30.12 -9.67 22.23
CA LEU B 353 -30.41 -11.10 22.34
C LEU B 353 -31.60 -11.33 23.27
N LEU B 354 -31.67 -10.58 24.37
CA LEU B 354 -32.82 -10.70 25.27
C LEU B 354 -34.12 -10.32 24.55
N ARG B 355 -34.09 -9.23 23.78
CA ARG B 355 -35.28 -8.81 23.05
C ARG B 355 -35.70 -9.87 22.05
N ALA B 356 -34.73 -10.46 21.34
CA ALA B 356 -35.05 -11.54 20.41
C ALA B 356 -35.64 -12.75 21.14
N LEU B 357 -35.09 -13.06 22.32
CA LEU B 357 -35.55 -14.23 23.07
C LEU B 357 -36.99 -14.07 23.54
N ALA B 358 -37.30 -12.94 24.19
CA ALA B 358 -38.54 -12.82 24.95
C ALA B 358 -39.51 -11.76 24.43
N PHE B 359 -39.04 -10.74 23.73
CA PHE B 359 -39.87 -9.59 23.38
C PHE B 359 -40.18 -9.56 21.90
N HIS B 360 -41.22 -8.80 21.56
CA HIS B 360 -41.69 -8.64 20.18
C HIS B 360 -42.00 -7.17 19.96
N PRO B 361 -41.42 -6.54 18.93
CA PRO B 361 -41.68 -5.10 18.72
C PRO B 361 -43.11 -4.85 18.27
N ARG B 362 -43.60 -3.66 18.57
CA ARG B 362 -44.91 -3.21 18.16
C ARG B 362 -44.75 -2.25 16.97
N MET B 363 -45.37 -2.60 15.84
CA MET B 363 -45.23 -1.83 14.63
C MET B 363 -46.36 -0.81 14.49
N PRO B 364 -46.13 0.29 13.76
CA PRO B 364 -47.17 1.31 13.62
C PRO B 364 -48.38 0.78 12.88
N LEU B 365 -49.55 1.29 13.27
CA LEU B 365 -50.81 0.92 12.63
C LEU B 365 -51.04 -0.59 12.71
N TYR C 3 10.58 3.93 39.47
CA TYR C 3 11.52 4.24 38.40
C TYR C 3 11.18 3.46 37.13
N GLN C 4 11.46 2.17 37.15
CA GLN C 4 11.18 1.33 35.99
C GLN C 4 9.68 1.07 35.87
N VAL C 5 9.19 1.02 34.63
CA VAL C 5 7.77 0.80 34.40
C VAL C 5 7.36 -0.56 34.92
N LEU C 6 6.16 -0.64 35.51
CA LEU C 6 5.69 -1.90 36.08
C LEU C 6 5.54 -2.97 35.01
N ALA C 7 5.03 -2.61 33.84
CA ALA C 7 4.81 -3.59 32.79
C ALA C 7 6.13 -4.26 32.38
N ARG C 8 7.19 -3.47 32.21
CA ARG C 8 8.48 -4.03 31.86
C ARG C 8 9.15 -4.72 33.04
N LYS C 9 8.99 -4.17 34.25
CA LYS C 9 9.68 -4.74 35.41
C LYS C 9 9.13 -6.11 35.78
N TRP C 10 7.82 -6.30 35.68
CA TRP C 10 7.16 -7.50 36.17
C TRP C 10 6.81 -8.48 35.05
N ARG C 11 7.65 -8.59 34.04
CA ARG C 11 7.46 -9.62 33.01
C ARG C 11 7.75 -10.99 33.63
N PRO C 12 6.88 -11.99 33.43
CA PRO C 12 7.16 -13.30 34.02
C PRO C 12 8.49 -13.87 33.53
N GLN C 13 9.20 -14.52 34.45
CA GLN C 13 10.47 -15.18 34.14
C GLN C 13 10.44 -16.68 34.40
N THR C 14 9.35 -17.21 34.96
CA THR C 14 9.18 -18.64 35.15
C THR C 14 7.72 -18.99 34.88
N PHE C 15 7.49 -20.27 34.59
CA PHE C 15 6.12 -20.71 34.31
C PHE C 15 5.20 -20.52 35.50
N ALA C 16 5.75 -20.48 36.72
CA ALA C 16 4.91 -20.27 37.90
C ALA C 16 4.40 -18.84 38.00
N ASP C 17 5.08 -17.88 37.38
CA ASP C 17 4.68 -16.48 37.45
C ASP C 17 3.57 -16.13 36.48
N VAL C 18 3.23 -17.02 35.55
CA VAL C 18 2.19 -16.71 34.58
C VAL C 18 0.81 -16.81 35.23
N VAL C 19 -0.03 -15.82 34.97
CA VAL C 19 -1.37 -15.76 35.53
C VAL C 19 -2.35 -16.33 34.52
N GLY C 20 -3.07 -17.38 34.90
CA GLY C 20 -4.01 -17.99 33.99
C GLY C 20 -3.33 -18.78 32.89
N GLN C 21 -4.05 -18.96 31.80
CA GLN C 21 -3.55 -19.71 30.64
C GLN C 21 -3.12 -21.12 31.05
N GLU C 22 -3.94 -21.77 31.88
CA GLU C 22 -3.55 -23.05 32.43
C GLU C 22 -3.38 -24.11 31.35
N HIS C 23 -4.30 -24.14 30.38
CA HIS C 23 -4.26 -25.20 29.36
C HIS C 23 -2.99 -25.11 28.52
N VAL C 24 -2.60 -23.91 28.11
CA VAL C 24 -1.41 -23.76 27.28
C VAL C 24 -0.17 -24.19 28.05
N LEU C 25 -0.06 -23.75 29.31
CA LEU C 25 1.10 -24.12 30.11
C LEU C 25 1.16 -25.63 30.34
N THR C 26 0.01 -26.25 30.61
CA THR C 26 -0.02 -27.69 30.82
C THR C 26 0.41 -28.43 29.56
N ALA C 27 -0.09 -27.99 28.40
CA ALA C 27 0.28 -28.65 27.15
C ALA C 27 1.78 -28.50 26.89
N LEU C 28 2.32 -27.30 27.08
CA LEU C 28 3.74 -27.09 26.85
C LEU C 28 4.58 -27.93 27.80
N ALA C 29 4.20 -27.98 29.08
CA ALA C 29 4.95 -28.76 30.05
C ALA C 29 4.91 -30.25 29.70
N ASN C 30 3.75 -30.76 29.31
CA ASN C 30 3.66 -32.16 28.93
C ASN C 30 4.50 -32.45 27.71
N GLY C 31 4.47 -31.56 26.71
CA GLY C 31 5.28 -31.76 25.53
C GLY C 31 6.77 -31.77 25.84
N LEU C 32 7.21 -30.83 26.67
CA LEU C 32 8.63 -30.77 27.04
C LEU C 32 9.04 -32.01 27.83
N SER C 33 8.20 -32.46 28.76
CA SER C 33 8.56 -33.61 29.59
C SER C 33 8.59 -34.90 28.77
N LEU C 34 7.57 -35.12 27.93
CA LEU C 34 7.53 -36.33 27.13
C LEU C 34 8.62 -36.36 26.07
N GLY C 35 9.02 -35.20 25.57
CA GLY C 35 10.00 -35.10 24.50
C GLY C 35 9.41 -34.93 23.12
N ARG C 36 8.09 -34.82 23.00
CA ARG C 36 7.44 -34.62 21.71
C ARG C 36 7.36 -33.12 21.47
N ILE C 37 8.34 -32.60 20.74
CA ILE C 37 8.48 -31.16 20.50
C ILE C 37 8.25 -30.92 19.01
N HIS C 38 7.31 -30.03 18.69
CA HIS C 38 7.01 -29.67 17.31
C HIS C 38 8.08 -28.69 16.82
N HIS C 39 7.88 -28.14 15.62
CA HIS C 39 8.79 -27.16 15.06
C HIS C 39 8.08 -25.89 14.60
N ALA C 40 6.81 -25.71 14.96
CA ALA C 40 6.08 -24.51 14.56
C ALA C 40 4.94 -24.30 15.54
N TYR C 41 5.02 -23.21 16.32
CA TYR C 41 4.01 -22.85 17.31
C TYR C 41 3.42 -21.50 16.95
N LEU C 42 2.10 -21.40 17.05
CA LEU C 42 1.38 -20.14 16.83
C LEU C 42 0.60 -19.80 18.09
N PHE C 43 0.70 -18.55 18.51
CA PHE C 43 0.01 -18.05 19.70
C PHE C 43 -0.96 -16.95 19.29
N SER C 44 -2.19 -17.05 19.76
CA SER C 44 -3.24 -16.09 19.42
C SER C 44 -3.94 -15.63 20.69
N GLY C 45 -4.51 -14.44 20.62
CA GLY C 45 -5.24 -13.88 21.74
C GLY C 45 -5.32 -12.38 21.62
N THR C 46 -6.05 -11.79 22.59
CA THR C 46 -6.19 -10.35 22.64
C THR C 46 -4.91 -9.71 23.19
N ARG C 47 -4.85 -8.39 23.11
CA ARG C 47 -3.63 -7.68 23.46
C ARG C 47 -3.34 -7.80 24.95
N GLY C 48 -2.06 -7.89 25.29
CA GLY C 48 -1.63 -7.89 26.67
C GLY C 48 -2.09 -9.08 27.48
N VAL C 49 -1.98 -10.29 26.92
CA VAL C 49 -2.34 -11.52 27.63
C VAL C 49 -1.15 -12.43 27.89
N GLY C 50 0.00 -12.19 27.25
CA GLY C 50 1.20 -12.92 27.56
C GLY C 50 1.69 -13.85 26.47
N LYS C 51 1.44 -13.50 25.21
CA LYS C 51 1.95 -14.31 24.11
C LYS C 51 3.47 -14.27 24.04
N THR C 52 4.04 -13.05 24.05
CA THR C 52 5.49 -12.91 23.99
C THR C 52 6.16 -13.50 25.23
N SER C 53 5.55 -13.30 26.40
CA SER C 53 6.12 -13.84 27.63
C SER C 53 6.20 -15.36 27.57
N ILE C 54 5.12 -16.01 27.12
CA ILE C 54 5.12 -17.47 27.04
C ILE C 54 6.10 -17.95 25.98
N ALA C 55 6.20 -17.23 24.86
CA ALA C 55 7.17 -17.60 23.84
C ALA C 55 8.60 -17.54 24.39
N ARG C 56 8.92 -16.48 25.12
CA ARG C 56 10.26 -16.36 25.68
C ARG C 56 10.51 -17.44 26.74
N LEU C 57 9.50 -17.76 27.54
CA LEU C 57 9.66 -18.84 28.52
C LEU C 57 9.91 -20.18 27.82
N LEU C 58 9.20 -20.44 26.72
CA LEU C 58 9.44 -21.66 25.96
C LEU C 58 10.85 -21.68 25.39
N ALA C 59 11.33 -20.54 24.89
CA ALA C 59 12.70 -20.48 24.40
C ALA C 59 13.69 -20.77 25.51
N LYS C 60 13.47 -20.20 26.69
CA LYS C 60 14.35 -20.48 27.83
C LYS C 60 14.35 -21.97 28.16
N GLY C 61 13.17 -22.58 28.19
CA GLY C 61 13.11 -24.01 28.47
C GLY C 61 13.84 -24.84 27.44
N LEU C 62 13.70 -24.48 26.16
CA LEU C 62 14.39 -25.23 25.11
C LEU C 62 15.90 -25.09 25.21
N ASN C 63 16.39 -23.88 25.48
CA ASN C 63 17.82 -23.58 25.40
C ASN C 63 18.52 -23.58 26.75
N CYS C 64 17.87 -24.04 27.82
CA CYS C 64 18.50 -24.01 29.13
C CYS C 64 19.69 -24.96 29.17
N GLU C 65 20.71 -24.57 29.94
CA GLU C 65 21.93 -25.36 30.01
C GLU C 65 21.71 -26.69 30.71
N THR C 66 20.83 -26.73 31.71
CA THR C 66 20.56 -27.98 32.41
C THR C 66 20.01 -29.04 31.47
N GLY C 67 19.11 -28.65 30.59
CA GLY C 67 18.53 -29.59 29.64
C GLY C 67 17.16 -29.10 29.22
N ILE C 68 16.52 -29.90 28.37
CA ILE C 68 15.17 -29.59 27.91
C ILE C 68 14.20 -29.90 29.05
N THR C 69 13.74 -28.86 29.73
CA THR C 69 12.90 -29.01 30.90
C THR C 69 11.77 -27.99 30.85
N ALA C 70 10.67 -28.31 31.53
CA ALA C 70 9.53 -27.42 31.63
C ALA C 70 9.66 -26.42 32.77
N THR C 71 10.73 -26.49 33.55
CA THR C 71 10.97 -25.58 34.68
C THR C 71 12.38 -25.01 34.53
N PRO C 72 12.55 -23.98 33.72
CA PRO C 72 13.89 -23.39 33.55
C PRO C 72 14.46 -22.91 34.87
N CYS C 73 15.77 -23.10 35.05
CA CYS C 73 16.43 -22.70 36.29
C CYS C 73 16.34 -21.19 36.49
N GLY C 74 16.57 -20.42 35.43
CA GLY C 74 16.55 -18.98 35.53
C GLY C 74 17.83 -18.35 36.05
N VAL C 75 18.89 -19.13 36.22
CA VAL C 75 20.13 -18.62 36.79
C VAL C 75 21.34 -18.87 35.90
N CYS C 76 21.27 -19.79 34.94
CA CYS C 76 22.42 -20.05 34.08
C CYS C 76 22.59 -18.91 33.07
N ASP C 77 23.70 -18.95 32.33
CA ASP C 77 24.02 -17.87 31.41
C ASP C 77 22.94 -17.71 30.34
N ASN C 78 22.46 -18.82 29.79
CA ASN C 78 21.45 -18.73 28.74
C ASN C 78 20.18 -18.06 29.25
N CYS C 79 19.71 -18.43 30.44
CA CYS C 79 18.49 -17.84 30.98
C CYS C 79 18.66 -16.34 31.20
N ARG C 80 19.79 -15.93 31.78
CA ARG C 80 20.01 -14.51 32.02
C ARG C 80 20.10 -13.73 30.72
N GLU C 81 20.80 -14.28 29.73
CA GLU C 81 20.91 -13.57 28.45
C GLU C 81 19.57 -13.46 27.76
N ILE C 82 18.74 -14.51 27.84
CA ILE C 82 17.40 -14.43 27.26
C ILE C 82 16.57 -13.39 27.99
N GLU C 83 16.72 -13.31 29.32
CA GLU C 83 16.03 -12.27 30.08
C GLU C 83 16.46 -10.88 29.63
N GLN C 84 17.76 -10.68 29.40
CA GLN C 84 18.27 -9.39 28.97
C GLN C 84 18.14 -9.16 27.48
N GLY C 85 17.69 -10.16 26.72
CA GLY C 85 17.53 -9.98 25.29
C GLY C 85 18.83 -9.94 24.52
N ARG C 86 19.88 -10.58 25.03
CA ARG C 86 21.19 -10.57 24.39
C ARG C 86 21.65 -11.98 24.03
N PHE C 87 20.72 -12.92 23.85
CA PHE C 87 21.05 -14.30 23.52
C PHE C 87 21.17 -14.43 22.01
N VAL C 88 22.29 -15.00 21.56
CA VAL C 88 22.58 -15.02 20.13
C VAL C 88 21.62 -15.94 19.37
N ASP C 89 21.27 -17.08 19.97
CA ASP C 89 20.50 -18.10 19.27
C ASP C 89 19.00 -17.83 19.29
N LEU C 90 18.55 -16.78 19.97
CA LEU C 90 17.14 -16.38 19.96
C LEU C 90 17.01 -15.19 19.01
N ILE C 91 16.67 -15.48 17.75
CA ILE C 91 16.53 -14.45 16.74
C ILE C 91 15.09 -13.94 16.79
N GLU C 92 14.93 -12.70 17.24
CA GLU C 92 13.61 -12.08 17.36
C GLU C 92 13.40 -11.15 16.17
N ILE C 93 12.36 -11.43 15.39
CA ILE C 93 12.04 -10.69 14.18
C ILE C 93 10.78 -9.87 14.43
N ASP C 94 10.83 -8.59 14.07
CA ASP C 94 9.68 -7.69 14.14
C ASP C 94 9.04 -7.68 12.75
N ALA C 95 8.08 -8.58 12.54
CA ALA C 95 7.47 -8.70 11.23
C ALA C 95 6.74 -7.42 10.83
N ALA C 96 6.30 -6.62 11.80
CA ALA C 96 5.60 -5.39 11.47
C ALA C 96 6.52 -4.41 10.75
N SER C 97 7.83 -4.47 11.02
CA SER C 97 8.79 -3.57 10.39
C SER C 97 9.37 -4.16 9.11
N ARG C 98 9.75 -5.44 9.14
CA ARG C 98 10.34 -6.10 7.97
C ARG C 98 9.27 -6.98 7.33
N THR C 99 8.45 -6.35 6.48
CA THR C 99 7.35 -7.02 5.81
C THR C 99 7.68 -7.42 4.37
N LYS C 100 8.89 -7.12 3.89
CA LYS C 100 9.23 -7.34 2.49
C LYS C 100 9.82 -8.73 2.28
N VAL C 101 9.63 -9.25 1.07
CA VAL C 101 10.07 -10.60 0.76
C VAL C 101 11.59 -10.69 0.73
N GLU C 102 12.29 -9.58 0.47
CA GLU C 102 13.74 -9.61 0.47
C GLU C 102 14.29 -9.96 1.85
N ASP C 103 13.71 -9.38 2.89
CA ASP C 103 14.14 -9.72 4.25
C ASP C 103 13.86 -11.19 4.57
N THR C 104 12.71 -11.69 4.13
CA THR C 104 12.39 -13.10 4.36
C THR C 104 13.39 -14.01 3.67
N ARG C 105 13.75 -13.69 2.43
CA ARG C 105 14.73 -14.49 1.71
C ARG C 105 16.10 -14.43 2.39
N ASP C 106 16.50 -13.25 2.85
CA ASP C 106 17.76 -13.14 3.57
C ASP C 106 17.75 -13.99 4.83
N LEU C 107 16.64 -13.96 5.57
CA LEU C 107 16.52 -14.79 6.77
C LEU C 107 16.58 -16.27 6.44
N LEU C 108 15.89 -16.68 5.37
CA LEU C 108 15.85 -18.10 5.02
C LEU C 108 17.19 -18.60 4.50
N ASP C 109 18.00 -17.72 3.92
CA ASP C 109 19.27 -18.15 3.35
C ASP C 109 20.28 -18.60 4.41
N ASN C 110 20.02 -18.35 5.69
CA ASN C 110 20.95 -18.68 6.76
C ASN C 110 20.29 -19.53 7.84
N VAL C 111 19.43 -20.47 7.45
CA VAL C 111 18.76 -21.32 8.41
C VAL C 111 19.49 -22.64 8.65
N GLN C 112 20.37 -23.06 7.73
CA GLN C 112 21.05 -24.33 7.84
C GLN C 112 22.30 -24.28 8.71
N TYR C 113 22.76 -23.08 9.09
CA TYR C 113 23.94 -22.97 9.93
C TYR C 113 23.60 -23.35 11.38
N ALA C 114 24.55 -24.01 12.04
CA ALA C 114 24.30 -24.51 13.38
C ALA C 114 24.24 -23.35 14.38
N PRO C 115 23.55 -23.55 15.50
CA PRO C 115 23.50 -22.48 16.52
C PRO C 115 24.88 -22.23 17.11
N ALA C 116 25.11 -20.97 17.52
CA ALA C 116 26.43 -20.58 18.01
C ALA C 116 26.77 -21.30 19.32
N ARG C 117 25.88 -21.24 20.29
CA ARG C 117 26.14 -21.81 21.62
C ARG C 117 25.04 -22.74 22.11
N GLY C 118 23.78 -22.44 21.81
CA GLY C 118 22.69 -23.25 22.29
C GLY C 118 22.47 -24.50 21.45
N ARG C 119 21.61 -25.38 21.97
CA ARG C 119 21.30 -26.62 21.25
C ARG C 119 20.23 -26.42 20.19
N PHE C 120 19.50 -25.31 20.21
CA PHE C 120 18.50 -25.01 19.21
C PHE C 120 18.62 -23.54 18.78
N LYS C 121 18.19 -23.28 17.55
CA LYS C 121 18.08 -21.91 17.04
C LYS C 121 16.60 -21.59 16.93
N VAL C 122 16.15 -20.59 17.69
CA VAL C 122 14.74 -20.28 17.84
C VAL C 122 14.47 -18.93 17.18
N TYR C 123 13.59 -18.93 16.18
CA TYR C 123 13.12 -17.71 15.52
C TYR C 123 11.78 -17.33 16.11
N LEU C 124 11.70 -16.16 16.73
CA LEU C 124 10.47 -15.64 17.32
C LEU C 124 10.01 -14.47 16.46
N ILE C 125 8.98 -14.69 15.66
CA ILE C 125 8.46 -13.68 14.75
C ILE C 125 7.23 -13.05 15.40
N ASP C 126 7.30 -11.76 15.66
CA ASP C 126 6.21 -11.02 16.30
C ASP C 126 5.43 -10.22 15.26
N GLU C 127 4.13 -10.10 15.49
CA GLU C 127 3.24 -9.38 14.58
C GLU C 127 3.31 -9.98 13.19
N VAL C 128 3.32 -11.31 13.11
CA VAL C 128 3.50 -12.01 11.85
C VAL C 128 2.34 -11.77 10.88
N HIS C 129 1.22 -11.24 11.36
CA HIS C 129 0.08 -10.99 10.48
C HIS C 129 0.33 -9.82 9.53
N MET C 130 1.41 -9.07 9.71
CA MET C 130 1.72 -7.93 8.84
C MET C 130 2.62 -8.30 7.67
N LEU C 131 3.05 -9.57 7.57
CA LEU C 131 3.89 -9.98 6.45
C LEU C 131 3.10 -9.91 5.14
N SER C 132 3.83 -9.71 4.05
CA SER C 132 3.22 -9.66 2.74
C SER C 132 2.88 -11.07 2.26
N ARG C 133 2.06 -11.14 1.21
CA ARG C 133 1.64 -12.43 0.68
C ARG C 133 2.83 -13.22 0.17
N HIS C 134 3.76 -12.56 -0.52
CA HIS C 134 4.97 -13.24 -0.97
C HIS C 134 5.79 -13.75 0.20
N SER C 135 5.89 -12.96 1.27
CA SER C 135 6.61 -13.41 2.46
C SER C 135 5.95 -14.63 3.07
N PHE C 136 4.62 -14.64 3.14
CA PHE C 136 3.93 -15.81 3.67
C PHE C 136 4.19 -17.04 2.80
N ASN C 137 4.12 -16.89 1.48
CA ASN C 137 4.32 -18.03 0.60
C ASN C 137 5.77 -18.50 0.55
N ALA C 138 6.72 -17.64 0.91
CA ALA C 138 8.13 -18.03 0.90
C ALA C 138 8.52 -18.90 2.09
N LEU C 139 7.71 -18.92 3.14
CA LEU C 139 8.02 -19.68 4.35
C LEU C 139 7.41 -21.09 4.34
N LEU C 140 6.65 -21.46 3.32
CA LEU C 140 5.89 -22.71 3.37
C LEU C 140 6.81 -23.92 3.47
N LYS C 141 7.78 -24.03 2.55
CA LYS C 141 8.60 -25.23 2.51
C LYS C 141 9.55 -25.31 3.70
N THR C 142 10.20 -24.19 4.05
CA THR C 142 11.10 -24.20 5.19
C THR C 142 10.35 -24.50 6.47
N LEU C 143 9.17 -23.91 6.64
CA LEU C 143 8.37 -24.18 7.84
C LEU C 143 7.90 -25.63 7.88
N GLU C 144 7.54 -26.21 6.73
CA GLU C 144 7.06 -27.59 6.71
C GLU C 144 8.16 -28.57 7.12
N GLU C 145 9.37 -28.37 6.61
CA GLU C 145 10.49 -29.28 6.86
C GLU C 145 11.73 -28.49 7.23
N PRO C 146 11.78 -27.94 8.44
CA PRO C 146 12.97 -27.20 8.86
C PRO C 146 14.11 -28.15 9.20
N PRO C 147 15.33 -27.64 9.35
CA PRO C 147 16.41 -28.49 9.86
C PRO C 147 16.10 -28.98 11.27
N GLU C 148 16.92 -29.94 11.72
CA GLU C 148 16.67 -30.55 13.02
C GLU C 148 16.80 -29.53 14.14
N HIS C 149 17.74 -28.59 14.02
CA HIS C 149 18.07 -27.65 15.09
C HIS C 149 17.43 -26.29 14.89
N VAL C 150 16.22 -26.24 14.32
CA VAL C 150 15.52 -24.98 14.06
C VAL C 150 14.09 -25.09 14.58
N LYS C 151 13.65 -24.07 15.31
CA LYS C 151 12.29 -23.98 15.81
C LYS C 151 11.71 -22.62 15.44
N PHE C 152 10.42 -22.58 15.15
CA PHE C 152 9.72 -21.37 14.78
C PHE C 152 8.62 -21.08 15.79
N LEU C 153 8.59 -19.85 16.30
CA LEU C 153 7.55 -19.38 17.21
C LEU C 153 6.89 -18.15 16.62
N LEU C 154 5.57 -18.19 16.49
CA LEU C 154 4.80 -17.11 15.88
C LEU C 154 3.77 -16.59 16.87
N ALA C 155 3.61 -15.27 16.91
CA ALA C 155 2.64 -14.63 17.79
C ALA C 155 1.90 -13.55 17.00
N THR C 156 0.58 -13.49 17.19
CA THR C 156 -0.24 -12.51 16.50
C THR C 156 -1.55 -12.33 17.25
N THR C 157 -2.19 -11.19 17.01
CA THR C 157 -3.51 -10.89 17.54
C THR C 157 -4.61 -11.00 16.51
N ASP C 158 -4.26 -11.25 15.24
CA ASP C 158 -5.23 -11.33 14.14
C ASP C 158 -4.95 -12.60 13.34
N PRO C 159 -5.19 -13.77 13.94
CA PRO C 159 -4.81 -15.02 13.28
C PRO C 159 -5.52 -15.27 11.96
N GLN C 160 -6.75 -14.79 11.79
CA GLN C 160 -7.52 -15.13 10.61
C GLN C 160 -6.94 -14.56 9.33
N LYS C 161 -6.00 -13.62 9.41
CA LYS C 161 -5.40 -13.07 8.20
C LYS C 161 -4.31 -13.98 7.61
N LEU C 162 -3.86 -14.98 8.36
CA LEU C 162 -2.84 -15.87 7.85
C LEU C 162 -3.44 -16.84 6.83
N PRO C 163 -2.68 -17.24 5.81
CA PRO C 163 -3.19 -18.27 4.89
C PRO C 163 -3.43 -19.59 5.60
N VAL C 164 -4.42 -20.34 5.11
CA VAL C 164 -4.74 -21.64 5.69
C VAL C 164 -3.55 -22.58 5.58
N THR C 165 -2.75 -22.43 4.53
CA THR C 165 -1.56 -23.28 4.38
C THR C 165 -0.59 -23.07 5.55
N ILE C 166 -0.40 -21.83 5.97
CA ILE C 166 0.45 -21.56 7.12
C ILE C 166 -0.15 -22.18 8.38
N LEU C 167 -1.47 -22.03 8.56
CA LEU C 167 -2.12 -22.54 9.76
C LEU C 167 -1.99 -24.05 9.86
N SER C 168 -2.08 -24.76 8.73
CA SER C 168 -2.03 -26.21 8.73
C SER C 168 -0.66 -26.76 9.15
N ARG C 169 0.37 -25.92 9.18
CA ARG C 169 1.74 -26.37 9.42
C ARG C 169 2.22 -26.16 10.86
N CYS C 170 1.37 -25.63 11.74
CA CYS C 170 1.81 -25.26 13.08
C CYS C 170 0.75 -25.64 14.09
N LEU C 171 1.19 -25.81 15.34
CA LEU C 171 0.29 -26.06 16.46
C LEU C 171 -0.21 -24.74 17.01
N GLN C 172 -1.53 -24.62 17.16
CA GLN C 172 -2.17 -23.37 17.51
C GLN C 172 -2.57 -23.37 18.99
N PHE C 173 -2.23 -22.29 19.68
CA PHE C 173 -2.65 -22.08 21.08
C PHE C 173 -3.33 -20.72 21.18
N HIS C 174 -4.57 -20.72 21.65
CA HIS C 174 -5.37 -19.50 21.77
C HIS C 174 -5.42 -19.10 23.24
N LEU C 175 -4.80 -17.97 23.57
CA LEU C 175 -4.87 -17.45 24.92
C LEU C 175 -6.18 -16.72 25.14
N LYS C 176 -6.71 -16.84 26.36
CA LYS C 176 -8.01 -16.30 26.71
C LYS C 176 -7.85 -15.09 27.63
N ALA C 177 -8.79 -14.16 27.52
CA ALA C 177 -8.75 -12.95 28.35
C ALA C 177 -8.89 -13.31 29.82
N LEU C 178 -8.17 -12.57 30.66
CA LEU C 178 -8.19 -12.82 32.10
C LEU C 178 -9.42 -12.20 32.74
N ASP C 179 -9.90 -12.85 33.80
CA ASP C 179 -11.07 -12.38 34.51
C ASP C 179 -10.68 -11.38 35.60
N VAL C 180 -11.71 -10.82 36.27
CA VAL C 180 -11.46 -9.76 37.24
C VAL C 180 -10.68 -10.28 38.43
N GLU C 181 -10.99 -11.49 38.89
CA GLU C 181 -10.35 -12.02 40.09
C GLU C 181 -8.85 -12.15 39.91
N GLN C 182 -8.42 -12.73 38.77
CA GLN C 182 -7.00 -12.92 38.55
C GLN C 182 -6.26 -11.59 38.44
N ILE C 183 -6.86 -10.62 37.75
CA ILE C 183 -6.22 -9.31 37.61
C ILE C 183 -6.09 -8.64 38.97
N ARG C 184 -7.16 -8.71 39.79
CA ARG C 184 -7.10 -8.10 41.11
C ARG C 184 -6.04 -8.76 41.98
N HIS C 185 -5.95 -10.09 41.93
CA HIS C 185 -4.93 -10.79 42.72
C HIS C 185 -3.54 -10.40 42.27
N GLN C 186 -3.31 -10.31 40.96
CA GLN C 186 -2.01 -9.92 40.46
C GLN C 186 -1.65 -8.50 40.89
N LEU C 187 -2.62 -7.58 40.82
CA LEU C 187 -2.36 -6.21 41.26
C LEU C 187 -2.04 -6.16 42.74
N GLU C 188 -2.77 -6.92 43.56
CA GLU C 188 -2.48 -6.98 44.98
C GLU C 188 -1.06 -7.47 45.23
N HIS C 189 -0.67 -8.54 44.54
CA HIS C 189 0.68 -9.08 44.72
C HIS C 189 1.73 -8.05 44.32
N ILE C 190 1.54 -7.40 43.18
CA ILE C 190 2.53 -6.44 42.69
C ILE C 190 2.66 -5.27 43.65
N LEU C 191 1.53 -4.74 44.12
CA LEU C 191 1.58 -3.60 45.03
C LEU C 191 2.21 -3.99 46.37
N ASN C 192 1.90 -5.19 46.87
CA ASN C 192 2.54 -5.64 48.11
C ASN C 192 4.04 -5.77 47.94
N GLU C 193 4.49 -6.28 46.79
CA GLU C 193 5.93 -6.38 46.54
C GLU C 193 6.57 -5.00 46.41
N GLU C 194 5.83 -4.02 45.92
CA GLU C 194 6.35 -2.67 45.72
C GLU C 194 6.24 -1.79 46.96
N HIS C 195 5.61 -2.26 48.02
CA HIS C 195 5.44 -1.49 49.25
C HIS C 195 4.69 -0.19 48.98
N ILE C 196 3.48 -0.34 48.43
CA ILE C 196 2.61 0.78 48.13
C ILE C 196 1.25 0.51 48.76
N ALA C 197 0.73 1.50 49.49
CA ALA C 197 -0.57 1.36 50.14
C ALA C 197 -1.68 1.30 49.09
N HIS C 198 -2.73 0.55 49.40
CA HIS C 198 -3.84 0.36 48.48
C HIS C 198 -5.09 0.00 49.29
N GLU C 199 -6.23 0.08 48.63
CA GLU C 199 -7.51 -0.27 49.22
C GLU C 199 -8.25 -1.24 48.31
N PRO C 200 -9.07 -2.14 48.87
CA PRO C 200 -9.72 -3.15 48.02
C PRO C 200 -10.60 -2.57 46.93
N ARG C 201 -11.34 -1.49 47.22
CA ARG C 201 -12.27 -0.94 46.24
C ARG C 201 -11.52 -0.36 45.05
N ALA C 202 -10.39 0.32 45.31
CA ALA C 202 -9.61 0.87 44.22
C ALA C 202 -9.10 -0.24 43.29
N LEU C 203 -8.64 -1.34 43.87
CA LEU C 203 -8.15 -2.45 43.06
C LEU C 203 -9.29 -3.09 42.26
N GLN C 204 -10.47 -3.22 42.88
CA GLN C 204 -11.61 -3.76 42.14
C GLN C 204 -11.98 -2.86 40.97
N LEU C 205 -12.00 -1.54 41.19
CA LEU C 205 -12.31 -0.61 40.10
C LEU C 205 -11.28 -0.70 38.99
N LEU C 206 -10.00 -0.76 39.36
CA LEU C 206 -8.94 -0.88 38.34
C LEU C 206 -9.10 -2.17 37.55
N ALA C 207 -9.37 -3.28 38.24
CA ALA C 207 -9.52 -4.56 37.56
C ALA C 207 -10.71 -4.53 36.59
N ARG C 208 -11.83 -3.94 37.02
CA ARG C 208 -12.99 -3.87 36.14
C ARG C 208 -12.75 -2.93 34.96
N ALA C 209 -11.96 -1.88 35.16
CA ALA C 209 -11.70 -0.92 34.09
C ALA C 209 -10.64 -1.38 33.10
N ALA C 210 -9.94 -2.48 33.40
CA ALA C 210 -8.88 -2.97 32.53
C ALA C 210 -9.37 -4.04 31.55
N GLU C 211 -10.66 -4.35 31.55
CA GLU C 211 -11.23 -5.40 30.69
C GLU C 211 -10.50 -6.70 30.98
N GLY C 212 -9.86 -7.34 30.02
CA GLY C 212 -9.17 -8.60 30.25
C GLY C 212 -7.71 -8.56 29.86
N SER C 213 -7.08 -7.40 29.96
CA SER C 213 -5.68 -7.22 29.60
C SER C 213 -4.90 -6.76 30.83
N LEU C 214 -3.79 -7.44 31.10
CA LEU C 214 -2.96 -7.08 32.25
C LEU C 214 -2.13 -5.83 31.98
N ARG C 215 -1.71 -5.61 30.73
CA ARG C 215 -0.94 -4.41 30.42
C ARG C 215 -1.76 -3.15 30.70
N ASP C 216 -3.05 -3.18 30.32
CA ASP C 216 -3.92 -2.05 30.61
C ASP C 216 -4.05 -1.85 32.12
N ALA C 217 -4.19 -2.93 32.87
CA ALA C 217 -4.30 -2.83 34.32
C ALA C 217 -3.04 -2.20 34.92
N LEU C 218 -1.87 -2.61 34.45
CA LEU C 218 -0.63 -2.04 34.98
C LEU C 218 -0.49 -0.58 34.60
N SER C 219 -0.88 -0.21 33.37
CA SER C 219 -0.82 1.19 32.99
C SER C 219 -1.76 2.04 33.85
N LEU C 220 -2.97 1.55 34.09
CA LEU C 220 -3.90 2.27 34.95
C LEU C 220 -3.38 2.37 36.37
N THR C 221 -2.71 1.31 36.86
CA THR C 221 -2.13 1.35 38.20
C THR C 221 -1.04 2.41 38.28
N ASP C 222 -0.19 2.48 37.25
CA ASP C 222 0.85 3.52 37.23
C ASP C 222 0.23 4.91 37.22
N GLN C 223 -0.81 5.11 36.40
CA GLN C 223 -1.47 6.42 36.34
C GLN C 223 -2.08 6.78 37.68
N ALA C 224 -2.72 5.80 38.35
CA ALA C 224 -3.31 6.06 39.65
C ALA C 224 -2.24 6.39 40.69
N ILE C 225 -1.12 5.67 40.66
CA ILE C 225 -0.04 5.97 41.60
C ILE C 225 0.48 7.39 41.38
N ALA C 226 0.63 7.79 40.11
CA ALA C 226 1.04 9.16 39.83
C ALA C 226 0.01 10.17 40.34
N SER C 227 -1.27 9.90 40.12
CA SER C 227 -2.32 10.81 40.56
C SER C 227 -2.42 10.84 42.08
N GLY C 228 -2.32 9.68 42.72
CA GLY C 228 -2.46 9.58 44.16
C GLY C 228 -1.25 9.98 44.96
N ASP C 229 -0.15 10.33 44.31
CA ASP C 229 1.07 10.76 44.98
C ASP C 229 1.62 9.66 45.90
N GLY C 230 1.94 8.53 45.28
CA GLY C 230 2.55 7.43 45.98
C GLY C 230 1.58 6.47 46.66
N GLN C 231 0.27 6.68 46.52
CA GLN C 231 -0.73 5.81 47.11
C GLN C 231 -1.84 5.56 46.11
N VAL C 232 -2.51 4.41 46.26
CA VAL C 232 -3.65 4.03 45.45
C VAL C 232 -4.88 4.09 46.36
N SER C 233 -5.64 5.17 46.24
CA SER C 233 -6.82 5.38 47.07
C SER C 233 -8.08 5.31 46.21
N THR C 234 -9.18 4.89 46.84
CA THR C 234 -10.43 4.73 46.11
C THR C 234 -10.90 6.06 45.53
N GLN C 235 -10.77 7.14 46.29
CA GLN C 235 -11.18 8.46 45.79
C GLN C 235 -10.33 8.88 44.60
N ALA C 236 -9.02 8.67 44.68
CA ALA C 236 -8.14 9.05 43.58
C ALA C 236 -8.47 8.26 42.32
N VAL C 237 -8.68 6.95 42.46
CA VAL C 237 -9.00 6.13 41.29
C VAL C 237 -10.35 6.53 40.71
N SER C 238 -11.33 6.80 41.58
CA SER C 238 -12.64 7.22 41.09
C SER C 238 -12.54 8.53 40.33
N ALA C 239 -11.76 9.49 40.84
CA ALA C 239 -11.57 10.74 40.13
C ALA C 239 -10.87 10.52 38.79
N MET C 240 -9.85 9.65 38.78
CA MET C 240 -9.11 9.40 37.54
C MET C 240 -10.01 8.78 36.47
N LEU C 241 -10.80 7.78 36.86
CA LEU C 241 -11.67 7.10 35.90
C LEU C 241 -12.93 7.87 35.57
N GLY C 242 -13.24 8.93 36.32
CA GLY C 242 -14.45 9.69 36.06
C GLY C 242 -15.71 8.89 36.26
N THR C 243 -15.74 8.04 37.29
CA THR C 243 -16.89 7.21 37.59
C THR C 243 -17.60 7.75 38.82
N LEU C 244 -18.91 7.94 38.72
CA LEU C 244 -19.71 8.44 39.83
C LEU C 244 -20.21 7.29 40.69
N ASP C 245 -20.56 7.63 41.93
CA ASP C 245 -21.03 6.62 42.86
C ASP C 245 -22.30 5.96 42.34
N ASP C 246 -22.35 4.63 42.43
CA ASP C 246 -23.54 3.92 41.99
C ASP C 246 -24.77 4.29 42.80
N ASP C 247 -24.57 4.76 44.04
CA ASP C 247 -25.70 5.13 44.88
C ASP C 247 -26.50 6.27 44.26
N GLN C 248 -25.82 7.29 43.75
CA GLN C 248 -26.52 8.42 43.16
C GLN C 248 -27.31 8.01 41.92
N ALA C 249 -26.70 7.19 41.06
CA ALA C 249 -27.40 6.73 39.86
C ALA C 249 -28.61 5.89 40.22
N LEU C 250 -28.45 4.99 41.19
CA LEU C 250 -29.58 4.15 41.60
C LEU C 250 -30.68 4.99 42.22
N SER C 251 -30.32 6.01 43.01
CA SER C 251 -31.32 6.89 43.57
C SER C 251 -32.07 7.64 42.48
N LEU C 252 -31.35 8.11 41.45
CA LEU C 252 -32.00 8.79 40.33
C LEU C 252 -32.95 7.85 39.61
N VAL C 253 -32.54 6.60 39.38
CA VAL C 253 -33.40 5.64 38.71
C VAL C 253 -34.66 5.38 39.54
N GLU C 254 -34.48 5.21 40.86
CA GLU C 254 -35.64 4.98 41.73
C GLU C 254 -36.58 6.17 41.73
N ALA C 255 -36.03 7.39 41.75
CA ALA C 255 -36.86 8.58 41.70
C ALA C 255 -37.63 8.65 40.39
N MET C 256 -36.98 8.33 39.27
CA MET C 256 -37.67 8.31 37.99
C MET C 256 -38.80 7.29 37.99
N VAL C 257 -38.53 6.10 38.54
CA VAL C 257 -39.56 5.06 38.58
C VAL C 257 -40.75 5.51 39.43
N GLU C 258 -40.47 6.10 40.59
CA GLU C 258 -41.54 6.53 41.49
C GLU C 258 -42.36 7.67 40.90
N ALA C 259 -41.86 8.34 39.86
CA ALA C 259 -42.60 9.41 39.20
C ALA C 259 -42.84 10.58 40.13
N ASN C 260 -41.78 11.03 40.78
CA ASN C 260 -41.79 12.23 41.62
C ASN C 260 -40.76 13.19 41.06
N GLY C 261 -41.25 14.22 40.36
CA GLY C 261 -40.35 15.14 39.68
C GLY C 261 -39.47 15.94 40.62
N GLU C 262 -39.99 16.27 41.80
CA GLU C 262 -39.23 17.10 42.74
C GLU C 262 -37.92 16.43 43.13
N ARG C 263 -37.96 15.13 43.44
CA ARG C 263 -36.75 14.43 43.81
C ARG C 263 -35.75 14.40 42.66
N VAL C 264 -36.24 14.20 41.43
CA VAL C 264 -35.35 14.17 40.27
C VAL C 264 -34.68 15.53 40.09
N MET C 265 -35.45 16.60 40.20
CA MET C 265 -34.88 17.94 40.06
C MET C 265 -33.87 18.23 41.17
N ALA C 266 -34.17 17.80 42.40
CA ALA C 266 -33.22 17.99 43.49
C ALA C 266 -31.93 17.23 43.24
N LEU C 267 -32.03 15.99 42.75
CA LEU C 267 -30.83 15.22 42.43
C LEU C 267 -30.03 15.90 41.32
N ILE C 268 -30.72 16.42 40.31
CA ILE C 268 -30.02 17.11 39.22
C ILE C 268 -29.29 18.35 39.75
N ASN C 269 -29.95 19.12 40.61
CA ASN C 269 -29.31 20.29 41.20
C ASN C 269 -28.09 19.89 42.03
N GLU C 270 -28.22 18.83 42.83
CA GLU C 270 -27.10 18.37 43.63
C GLU C 270 -25.93 17.95 42.75
N ALA C 271 -26.21 17.23 41.66
CA ALA C 271 -25.16 16.83 40.74
C ALA C 271 -24.51 18.06 40.10
N ALA C 272 -25.31 19.05 39.73
CA ALA C 272 -24.77 20.27 39.14
C ALA C 272 -23.89 21.03 40.12
N ALA C 273 -24.22 20.97 41.42
CA ALA C 273 -23.37 21.62 42.41
C ALA C 273 -21.96 21.07 42.37
N ARG C 274 -21.83 19.74 42.30
CA ARG C 274 -20.52 19.13 42.09
C ARG C 274 -20.04 19.35 40.66
N GLY C 275 -20.94 19.22 39.68
CA GLY C 275 -20.58 19.32 38.29
C GLY C 275 -20.34 17.97 37.66
N ILE C 276 -21.25 17.02 37.94
CA ILE C 276 -21.12 15.67 37.41
C ILE C 276 -21.29 15.70 35.90
N GLU C 277 -20.43 14.98 35.19
CA GLU C 277 -20.58 14.84 33.76
C GLU C 277 -21.93 14.21 33.43
N TRP C 278 -22.65 14.81 32.48
CA TRP C 278 -24.02 14.39 32.22
C TRP C 278 -24.08 13.17 31.30
N GLU C 279 -23.21 13.09 30.30
CA GLU C 279 -23.19 11.90 29.46
C GLU C 279 -22.82 10.67 30.27
N ALA C 280 -21.88 10.82 31.20
CA ALA C 280 -21.54 9.72 32.10
C ALA C 280 -22.73 9.33 32.95
N LEU C 281 -23.51 10.31 33.41
CA LEU C 281 -24.71 10.00 34.18
C LEU C 281 -25.70 9.19 33.36
N LEU C 282 -25.93 9.59 32.10
CA LEU C 282 -26.83 8.83 31.24
C LEU C 282 -26.31 7.41 31.01
N VAL C 283 -24.99 7.27 30.80
CA VAL C 283 -24.42 5.95 30.58
C VAL C 283 -24.62 5.08 31.82
N GLU C 284 -24.40 5.64 33.01
CA GLU C 284 -24.57 4.87 34.23
C GLU C 284 -26.03 4.44 34.42
N MET C 285 -26.97 5.35 34.14
CA MET C 285 -28.38 4.97 34.25
C MET C 285 -28.75 3.87 33.26
N LEU C 286 -28.25 3.98 32.03
CA LEU C 286 -28.50 2.92 31.05
C LEU C 286 -27.92 1.60 31.51
N GLY C 287 -26.71 1.62 32.07
CA GLY C 287 -26.10 0.40 32.57
C GLY C 287 -26.91 -0.22 33.69
N LEU C 288 -27.41 0.61 34.62
CA LEU C 288 -28.24 0.08 35.69
C LEU C 288 -29.53 -0.54 35.15
N LEU C 289 -30.16 0.11 34.19
CA LEU C 289 -31.38 -0.46 33.61
C LEU C 289 -31.08 -1.78 32.91
N HIS C 290 -29.98 -1.85 32.16
CA HIS C 290 -29.61 -3.09 31.50
C HIS C 290 -29.33 -4.19 32.51
N ARG C 291 -28.66 -3.86 33.61
CA ARG C 291 -28.39 -4.86 34.64
C ARG C 291 -29.69 -5.36 35.28
N ILE C 292 -30.64 -4.46 35.50
CA ILE C 292 -31.93 -4.88 36.04
C ILE C 292 -32.63 -5.82 35.07
N ALA C 293 -32.59 -5.50 33.77
CA ALA C 293 -33.20 -6.38 32.78
C ALA C 293 -32.53 -7.76 32.77
N MET C 294 -31.19 -7.78 32.85
CA MET C 294 -30.48 -9.05 32.88
C MET C 294 -30.86 -9.85 34.12
N VAL C 295 -30.97 -9.20 35.27
CA VAL C 295 -31.37 -9.89 36.49
C VAL C 295 -32.77 -10.47 36.32
N GLN C 296 -33.67 -9.73 35.69
CA GLN C 296 -34.99 -10.27 35.39
C GLN C 296 -34.89 -11.51 34.50
N LEU C 297 -33.98 -11.49 33.53
CA LEU C 297 -33.80 -12.65 32.66
C LEU C 297 -33.29 -13.84 33.46
N SER C 298 -32.22 -13.64 34.24
CA SER C 298 -31.58 -14.73 34.97
C SER C 298 -31.21 -14.24 36.37
N PRO C 299 -31.50 -15.00 37.43
CA PRO C 299 -31.14 -14.52 38.78
C PRO C 299 -29.65 -14.33 38.97
N ALA C 300 -28.81 -15.12 38.31
CA ALA C 300 -27.37 -15.09 38.51
C ALA C 300 -26.66 -14.08 37.64
N ALA C 301 -27.40 -13.28 36.86
CA ALA C 301 -26.76 -12.30 35.98
C ALA C 301 -25.98 -11.26 36.78
N LEU C 302 -26.52 -10.83 37.92
CA LEU C 302 -25.87 -9.79 38.71
C LEU C 302 -24.49 -10.26 39.18
N GLY C 303 -23.51 -9.38 39.06
CA GLY C 303 -22.15 -9.68 39.46
C GLY C 303 -21.90 -9.40 40.94
N ASN C 304 -20.69 -9.73 41.37
CA ASN C 304 -20.30 -9.54 42.76
C ASN C 304 -20.00 -8.07 43.08
N ASP C 305 -19.45 -7.33 42.12
CA ASP C 305 -19.03 -5.96 42.37
C ASP C 305 -20.17 -5.06 42.81
N MET C 306 -21.41 -5.43 42.49
CA MET C 306 -22.59 -4.64 42.85
C MET C 306 -23.27 -5.16 44.12
N ALA C 307 -22.61 -6.05 44.85
CA ALA C 307 -23.23 -6.64 46.04
C ALA C 307 -23.70 -5.55 47.01
N ALA C 308 -22.94 -4.46 47.12
CA ALA C 308 -23.29 -3.40 48.07
C ALA C 308 -24.71 -2.88 47.83
N ILE C 309 -25.18 -2.92 46.58
CA ILE C 309 -26.53 -2.49 46.24
C ILE C 309 -27.39 -3.65 45.76
N GLU C 310 -26.87 -4.89 45.80
CA GLU C 310 -27.54 -6.01 45.15
C GLU C 310 -29.00 -6.11 45.60
N LEU C 311 -29.24 -6.14 46.91
CA LEU C 311 -30.60 -6.27 47.41
C LEU C 311 -31.52 -5.24 46.77
N ARG C 312 -31.09 -3.96 46.78
CA ARG C 312 -31.90 -2.92 46.19
C ARG C 312 -32.26 -3.26 44.75
N MET C 313 -31.25 -3.64 43.97
CA MET C 313 -31.50 -4.04 42.58
C MET C 313 -32.58 -5.11 42.51
N ARG C 314 -32.45 -6.15 43.34
CA ARG C 314 -33.42 -7.24 43.32
C ARG C 314 -34.82 -6.70 43.54
N GLU C 315 -34.98 -5.74 44.44
CA GLU C 315 -36.31 -5.18 44.70
C GLU C 315 -36.93 -4.68 43.41
N LEU C 316 -36.17 -3.90 42.63
CA LEU C 316 -36.69 -3.41 41.36
C LEU C 316 -37.05 -4.57 40.44
N ALA C 317 -36.18 -5.59 40.38
CA ALA C 317 -36.46 -6.75 39.55
C ALA C 317 -37.75 -7.44 39.95
N ARG C 318 -38.18 -7.27 41.20
CA ARG C 318 -39.41 -7.90 41.67
C ARG C 318 -40.65 -7.03 41.47
N THR C 319 -40.48 -5.77 41.08
CA THR C 319 -41.59 -4.83 41.02
C THR C 319 -41.85 -4.30 39.63
N ILE C 320 -40.80 -3.90 38.90
CA ILE C 320 -40.96 -3.21 37.63
C ILE C 320 -41.25 -4.24 36.53
N PRO C 321 -42.35 -4.13 35.79
CA PRO C 321 -42.57 -5.05 34.68
C PRO C 321 -41.50 -4.87 33.63
N PRO C 322 -41.20 -5.92 32.86
CA PRO C 322 -40.18 -5.78 31.80
C PRO C 322 -40.51 -4.70 30.79
N THR C 323 -41.79 -4.49 30.48
CA THR C 323 -42.15 -3.48 29.49
C THR C 323 -41.73 -2.09 29.94
N ASP C 324 -41.92 -1.77 31.23
CA ASP C 324 -41.51 -0.47 31.73
C ASP C 324 -39.99 -0.31 31.65
N ILE C 325 -39.25 -1.36 31.97
CA ILE C 325 -37.79 -1.30 31.88
C ILE C 325 -37.38 -1.04 30.44
N GLN C 326 -38.00 -1.74 29.49
CA GLN C 326 -37.67 -1.52 28.08
C GLN C 326 -38.00 -0.10 27.65
N LEU C 327 -39.14 0.43 28.10
CA LEU C 327 -39.52 1.79 27.74
C LEU C 327 -38.51 2.80 28.26
N TYR C 328 -38.11 2.64 29.53
CA TYR C 328 -37.12 3.56 30.10
C TYR C 328 -35.79 3.45 29.37
N TYR C 329 -35.36 2.23 29.08
CA TYR C 329 -34.09 2.05 28.37
C TYR C 329 -34.12 2.71 27.00
N GLN C 330 -35.22 2.51 26.26
CA GLN C 330 -35.33 3.11 24.94
C GLN C 330 -35.36 4.64 25.02
N THR C 331 -36.09 5.18 25.99
CA THR C 331 -36.18 6.63 26.15
C THR C 331 -34.80 7.22 26.43
N LEU C 332 -34.05 6.59 27.35
CA LEU C 332 -32.72 7.10 27.68
C LEU C 332 -31.77 6.95 26.50
N LEU C 333 -31.89 5.86 25.73
CA LEU C 333 -31.04 5.69 24.57
C LEU C 333 -31.31 6.78 23.53
N ILE C 334 -32.58 7.08 23.28
CA ILE C 334 -32.91 8.16 22.35
C ILE C 334 -32.39 9.49 22.86
N GLY C 335 -32.55 9.74 24.17
CA GLY C 335 -32.03 10.97 24.74
C GLY C 335 -30.53 11.12 24.55
N ARG C 336 -29.79 10.03 24.76
CA ARG C 336 -28.36 10.06 24.49
C ARG C 336 -28.08 10.30 23.02
N LYS C 337 -28.89 9.71 22.15
CA LYS C 337 -28.68 9.89 20.71
C LYS C 337 -28.84 11.35 20.32
N GLU C 338 -29.81 12.04 20.88
CA GLU C 338 -30.07 13.44 20.54
C GLU C 338 -29.28 14.42 21.41
N LEU C 339 -28.43 13.94 22.31
CA LEU C 339 -27.73 14.83 23.22
C LEU C 339 -26.84 15.83 22.51
N PRO C 340 -26.03 15.45 21.50
CA PRO C 340 -25.08 16.43 20.94
C PRO C 340 -25.72 17.68 20.37
N TYR C 341 -26.94 17.57 19.84
CA TYR C 341 -27.58 18.69 19.17
C TYR C 341 -28.44 19.55 20.10
N ALA C 342 -28.48 19.22 21.39
CA ALA C 342 -29.24 20.04 22.32
C ALA C 342 -28.51 21.35 22.59
N PRO C 343 -29.22 22.39 23.04
CA PRO C 343 -28.54 23.65 23.36
C PRO C 343 -27.44 23.49 24.40
N ASP C 344 -27.64 22.62 25.38
CA ASP C 344 -26.66 22.37 26.43
C ASP C 344 -26.85 20.96 26.95
N ARG C 345 -25.76 20.36 27.43
CA ARG C 345 -25.83 18.99 27.94
C ARG C 345 -26.77 18.89 29.13
N ARG C 346 -26.68 19.85 30.06
CA ARG C 346 -27.62 19.87 31.18
C ARG C 346 -29.05 20.00 30.68
N MET C 347 -29.28 20.91 29.72
CA MET C 347 -30.61 21.08 29.17
C MET C 347 -31.10 19.81 28.51
N GLY C 348 -30.23 19.14 27.76
CA GLY C 348 -30.62 17.89 27.11
C GLY C 348 -30.99 16.81 28.09
N VAL C 349 -30.19 16.64 29.14
CA VAL C 349 -30.49 15.62 30.14
C VAL C 349 -31.79 15.94 30.87
N GLU C 350 -31.99 17.20 31.23
CA GLU C 350 -33.23 17.58 31.90
C GLU C 350 -34.44 17.32 31.00
N MET C 351 -34.32 17.65 29.72
CA MET C 351 -35.43 17.40 28.80
C MET C 351 -35.69 15.91 28.64
N THR C 352 -34.63 15.10 28.58
CA THR C 352 -34.81 13.65 28.49
C THR C 352 -35.54 13.11 29.72
N LEU C 353 -35.14 13.55 30.92
CA LEU C 353 -35.81 13.10 32.13
C LEU C 353 -37.26 13.56 32.17
N LEU C 354 -37.52 14.79 31.73
CA LEU C 354 -38.90 15.28 31.67
C LEU C 354 -39.73 14.46 30.70
N ARG C 355 -39.15 14.09 29.55
CA ARG C 355 -39.84 13.23 28.60
C ARG C 355 -40.15 11.87 29.21
N ALA C 356 -39.18 11.29 29.93
CA ALA C 356 -39.43 10.01 30.59
C ALA C 356 -40.55 10.12 31.60
N LEU C 357 -40.58 11.19 32.38
CA LEU C 357 -41.65 11.37 33.36
C LEU C 357 -43.00 11.58 32.68
N ALA C 358 -43.02 12.31 31.57
CA ALA C 358 -44.28 12.62 30.91
C ALA C 358 -44.99 11.36 30.43
N PHE C 359 -44.23 10.42 29.86
CA PHE C 359 -44.79 9.17 29.35
C PHE C 359 -44.68 8.03 30.36
N HIS C 360 -44.75 8.35 31.66
CA HIS C 360 -44.65 7.32 32.68
C HIS C 360 -45.83 6.37 32.55
N PRO C 361 -45.60 5.05 32.51
CA PRO C 361 -46.74 4.13 32.30
C PRO C 361 -47.82 4.23 33.36
N ARG C 362 -47.46 4.49 34.62
CA ARG C 362 -48.41 4.45 35.73
C ARG C 362 -48.93 5.82 36.14
N MET C 363 -48.03 6.79 36.31
CA MET C 363 -48.38 8.11 36.83
C MET C 363 -47.82 9.19 35.91
N PRO C 364 -48.49 9.46 34.79
CA PRO C 364 -48.06 10.56 33.92
C PRO C 364 -48.30 11.91 34.56
N LEU C 365 -47.65 12.92 34.01
CA LEU C 365 -47.85 14.28 34.50
C LEU C 365 -49.30 14.69 34.27
N PRO C 366 -49.85 15.55 35.13
CA PRO C 366 -51.28 15.88 35.02
C PRO C 366 -51.62 16.51 33.69
N GLU C 367 -52.78 16.14 33.15
CA GLU C 367 -53.25 16.69 31.89
C GLU C 367 -53.84 18.09 32.11
N PRO C 368 -53.52 19.05 31.26
CA PRO C 368 -54.10 20.39 31.44
C PRO C 368 -55.61 20.37 31.24
N GLU C 369 -56.29 21.26 31.96
CA GLU C 369 -57.74 21.35 31.89
C GLU C 369 -58.20 21.89 30.54
N SER D 2 4.62 38.91 10.20
CA SER D 2 5.01 39.94 11.16
C SER D 2 4.07 39.93 12.36
N TYR D 3 2.90 40.54 12.20
CA TYR D 3 1.91 40.56 13.27
C TYR D 3 1.43 39.15 13.58
N GLN D 4 1.33 38.85 14.87
CA GLN D 4 0.89 37.54 15.35
C GLN D 4 -0.46 37.67 16.02
N VAL D 5 -1.36 36.75 15.70
CA VAL D 5 -2.72 36.76 16.24
C VAL D 5 -2.66 36.40 17.72
N LEU D 6 -3.78 36.61 18.43
CA LEU D 6 -3.80 36.36 19.87
C LEU D 6 -3.53 34.90 20.18
N ALA D 7 -4.01 33.99 19.33
CA ALA D 7 -3.83 32.56 19.59
C ALA D 7 -2.35 32.19 19.63
N ARG D 8 -1.56 32.71 18.68
CA ARG D 8 -0.14 32.40 18.66
C ARG D 8 0.61 33.16 19.74
N LYS D 9 0.24 34.42 19.98
CA LYS D 9 0.98 35.26 20.91
C LYS D 9 0.86 34.74 22.34
N TRP D 10 -0.33 34.32 22.74
CA TRP D 10 -0.62 33.98 24.13
C TRP D 10 -0.57 32.48 24.40
N ARG D 11 0.32 31.76 23.73
CA ARG D 11 0.51 30.35 24.05
C ARG D 11 1.18 30.22 25.41
N PRO D 12 0.62 29.46 26.35
CA PRO D 12 1.24 29.39 27.68
C PRO D 12 2.66 28.83 27.61
N GLN D 13 3.54 29.40 28.43
CA GLN D 13 4.93 28.99 28.51
C GLN D 13 5.32 28.44 29.87
N THR D 14 4.36 28.30 30.78
CA THR D 14 4.63 27.75 32.10
C THR D 14 3.40 26.98 32.56
N PHE D 15 3.61 26.02 33.46
CA PHE D 15 2.50 25.22 33.97
C PHE D 15 1.47 26.08 34.69
N ALA D 16 1.89 27.21 35.24
CA ALA D 16 0.97 28.10 35.94
C ALA D 16 0.19 29.01 35.01
N ASP D 17 0.54 29.07 33.73
CA ASP D 17 -0.13 29.93 32.78
C ASP D 17 -1.29 29.25 32.05
N VAL D 18 -1.52 27.96 32.29
CA VAL D 18 -2.59 27.25 31.63
C VAL D 18 -3.87 27.40 32.44
N VAL D 19 -5.01 27.24 31.76
CA VAL D 19 -6.33 27.41 32.35
C VAL D 19 -6.97 26.03 32.46
N GLY D 20 -7.41 25.69 33.67
CA GLY D 20 -8.06 24.41 33.87
C GLY D 20 -7.09 23.24 33.77
N GLN D 21 -7.66 22.06 33.50
CA GLN D 21 -6.88 20.83 33.36
C GLN D 21 -6.06 20.57 34.62
N GLU D 22 -6.68 20.79 35.78
CA GLU D 22 -5.94 20.67 37.04
C GLU D 22 -5.46 19.25 37.26
N HIS D 23 -6.29 18.25 36.95
CA HIS D 23 -5.93 16.87 37.22
C HIS D 23 -4.69 16.45 36.42
N VAL D 24 -4.63 16.83 35.15
CA VAL D 24 -3.48 16.45 34.32
C VAL D 24 -2.20 17.08 34.86
N LEU D 25 -2.27 18.37 35.20
CA LEU D 25 -1.09 19.06 35.72
C LEU D 25 -0.64 18.44 37.04
N THR D 26 -1.58 18.14 37.93
CA THR D 26 -1.22 17.54 39.20
C THR D 26 -0.58 16.18 39.01
N ALA D 27 -1.15 15.35 38.11
CA ALA D 27 -0.57 14.04 37.85
C ALA D 27 0.84 14.16 37.29
N LEU D 28 1.04 15.06 36.33
CA LEU D 28 2.37 15.23 35.74
C LEU D 28 3.37 15.71 36.79
N ALA D 29 2.97 16.68 37.63
CA ALA D 29 3.88 17.19 38.65
C ALA D 29 4.23 16.10 39.64
N ASN D 30 3.25 15.32 40.09
CA ASN D 30 3.54 14.23 41.01
C ASN D 30 4.47 13.19 40.39
N GLY D 31 4.23 12.84 39.12
CA GLY D 31 5.09 11.88 38.47
C GLY D 31 6.52 12.38 38.34
N LEU D 32 6.69 13.65 37.96
CA LEU D 32 8.04 14.21 37.85
C LEU D 32 8.72 14.27 39.21
N SER D 33 7.99 14.66 40.26
CA SER D 33 8.60 14.80 41.58
C SER D 33 9.00 13.44 42.15
N LEU D 34 8.11 12.45 42.04
CA LEU D 34 8.39 11.13 42.59
C LEU D 34 9.45 10.36 41.81
N GLY D 35 9.82 10.83 40.63
CA GLY D 35 10.79 10.14 39.80
C GLY D 35 10.22 9.03 38.93
N ARG D 36 8.91 8.81 38.97
CA ARG D 36 8.26 7.78 38.16
C ARG D 36 7.88 8.41 36.83
N ILE D 37 8.72 8.20 35.81
CA ILE D 37 8.55 8.79 34.50
C ILE D 37 8.28 7.68 33.50
N HIS D 38 7.13 7.74 32.83
CA HIS D 38 6.79 6.77 31.81
C HIS D 38 7.43 7.16 30.47
N HIS D 39 7.40 6.24 29.51
CA HIS D 39 8.01 6.44 28.21
C HIS D 39 6.99 6.63 27.10
N ALA D 40 5.71 6.79 27.42
CA ALA D 40 4.68 6.93 26.40
C ALA D 40 3.49 7.66 27.01
N TYR D 41 3.26 8.90 26.58
CA TYR D 41 2.15 9.72 27.04
C TYR D 41 1.23 10.03 25.86
N LEU D 42 -0.08 9.89 26.09
CA LEU D 42 -1.10 10.21 25.12
C LEU D 42 -2.04 11.24 25.71
N PHE D 43 -2.39 12.25 24.92
CA PHE D 43 -3.29 13.32 25.33
C PHE D 43 -4.51 13.33 24.42
N SER D 44 -5.69 13.30 25.01
CA SER D 44 -6.93 13.28 24.27
C SER D 44 -7.86 14.37 24.78
N GLY D 45 -8.76 14.82 23.92
CA GLY D 45 -9.71 15.85 24.30
C GLY D 45 -10.30 16.50 23.06
N THR D 46 -11.08 17.55 23.31
CA THR D 46 -11.71 18.31 22.24
C THR D 46 -10.66 19.22 21.60
N ARG D 47 -11.10 20.10 20.69
CA ARG D 47 -10.19 20.98 19.98
C ARG D 47 -9.92 22.24 20.79
N GLY D 48 -8.68 22.71 20.72
CA GLY D 48 -8.32 23.96 21.40
C GLY D 48 -8.42 23.89 22.91
N VAL D 49 -7.96 22.80 23.52
CA VAL D 49 -7.97 22.66 24.96
C VAL D 49 -6.58 22.64 25.58
N GLY D 50 -5.52 22.59 24.76
CA GLY D 50 -4.17 22.71 25.27
C GLY D 50 -3.37 21.42 25.29
N LYS D 51 -3.69 20.49 24.39
CA LYS D 51 -2.92 19.26 24.31
C LYS D 51 -1.48 19.52 23.87
N THR D 52 -1.31 20.26 22.78
CA THR D 52 0.02 20.57 22.29
C THR D 52 0.78 21.44 23.27
N SER D 53 0.09 22.40 23.90
CA SER D 53 0.76 23.26 24.88
C SER D 53 1.31 22.44 26.04
N ILE D 54 0.50 21.53 26.58
CA ILE D 54 0.96 20.72 27.70
C ILE D 54 2.07 19.78 27.27
N ALA D 55 1.97 19.23 26.06
CA ALA D 55 3.03 18.36 25.56
C ALA D 55 4.35 19.12 25.46
N ARG D 56 4.31 20.34 24.92
CA ARG D 56 5.53 21.14 24.81
C ARG D 56 6.07 21.51 26.17
N LEU D 57 5.19 21.83 27.12
CA LEU D 57 5.65 22.14 28.47
C LEU D 57 6.33 20.94 29.11
N LEU D 58 5.77 19.74 28.93
CA LEU D 58 6.40 18.54 29.47
C LEU D 58 7.75 18.29 28.82
N ALA D 59 7.83 18.47 27.50
CA ALA D 59 9.10 18.29 26.81
C ALA D 59 10.14 19.28 27.33
N LYS D 60 9.75 20.53 27.53
CA LYS D 60 10.66 21.53 28.07
C LYS D 60 11.13 21.15 29.47
N GLY D 61 10.20 20.67 30.31
CA GLY D 61 10.58 20.29 31.66
C GLY D 61 11.53 19.11 31.69
N LEU D 62 11.34 18.15 30.78
CA LEU D 62 12.20 16.97 30.78
C LEU D 62 13.65 17.31 30.48
N ASN D 63 13.89 18.22 29.54
CA ASN D 63 15.23 18.50 29.04
C ASN D 63 15.84 19.77 29.63
N CYS D 64 15.26 20.32 30.69
CA CYS D 64 15.81 21.53 31.27
C CYS D 64 17.20 21.26 31.85
N GLU D 65 18.09 22.24 31.73
CA GLU D 65 19.47 22.05 32.16
C GLU D 65 19.56 21.83 33.66
N THR D 66 18.74 22.56 34.44
CA THR D 66 18.80 22.43 35.88
C THR D 66 18.49 21.01 36.33
N GLY D 67 17.48 20.40 35.72
CA GLY D 67 17.12 19.03 36.06
C GLY D 67 15.69 18.75 35.66
N ILE D 68 15.27 17.51 35.94
CA ILE D 68 13.91 17.07 35.66
C ILE D 68 13.01 17.69 36.73
N THR D 69 12.32 18.77 36.37
CA THR D 69 11.47 19.49 37.31
C THR D 69 10.14 19.82 36.64
N ALA D 70 9.13 20.00 37.47
CA ALA D 70 7.80 20.37 37.00
C ALA D 70 7.64 21.88 36.82
N THR D 71 8.67 22.66 37.14
CA THR D 71 8.64 24.12 36.99
C THR D 71 9.87 24.53 36.18
N PRO D 72 9.80 24.45 34.86
CA PRO D 72 10.96 24.83 34.04
C PRO D 72 11.37 26.27 34.29
N CYS D 73 12.69 26.51 34.29
CA CYS D 73 13.20 27.85 34.53
C CYS D 73 12.75 28.82 33.45
N GLY D 74 12.81 28.40 32.19
CA GLY D 74 12.45 29.26 31.09
C GLY D 74 13.53 30.22 30.64
N VAL D 75 14.73 30.13 31.20
CA VAL D 75 15.82 31.04 30.87
C VAL D 75 17.05 30.34 30.32
N CYS D 76 17.22 29.04 30.55
CA CYS D 76 18.40 28.36 30.03
C CYS D 76 18.29 28.16 28.53
N ASP D 77 19.38 27.72 27.92
CA ASP D 77 19.43 27.59 26.47
C ASP D 77 18.37 26.61 25.96
N ASN D 78 18.22 25.48 26.63
CA ASN D 78 17.27 24.47 26.17
C ASN D 78 15.84 25.00 26.18
N CYS D 79 15.45 25.70 27.25
CA CYS D 79 14.10 26.24 27.33
C CYS D 79 13.84 27.24 26.21
N ARG D 80 14.79 28.15 25.98
CA ARG D 80 14.64 29.15 24.92
C ARG D 80 14.55 28.49 23.56
N GLU D 81 15.41 27.52 23.28
CA GLU D 81 15.38 26.85 21.99
C GLU D 81 14.07 26.10 21.78
N ILE D 82 13.57 25.43 22.82
CA ILE D 82 12.31 24.72 22.71
C ILE D 82 11.17 25.71 22.46
N GLU D 83 11.19 26.85 23.16
CA GLU D 83 10.17 27.86 22.95
C GLU D 83 10.20 28.37 21.52
N GLN D 84 11.40 28.62 20.98
CA GLN D 84 11.53 29.06 19.59
C GLN D 84 11.25 27.96 18.59
N GLY D 85 11.15 26.71 19.04
CA GLY D 85 10.85 25.62 18.13
C GLY D 85 12.00 25.19 17.25
N ARG D 86 13.23 25.31 17.74
CA ARG D 86 14.42 24.93 16.99
C ARG D 86 15.38 24.16 17.88
N PHE D 87 14.87 23.22 18.67
CA PHE D 87 15.68 22.41 19.57
C PHE D 87 16.01 21.08 18.88
N VAL D 88 17.29 20.71 18.89
CA VAL D 88 17.74 19.57 18.11
C VAL D 88 17.12 18.27 18.63
N ASP D 89 17.07 18.09 19.95
CA ASP D 89 16.64 16.83 20.53
C ASP D 89 15.13 16.70 20.67
N LEU D 90 14.37 17.72 20.29
CA LEU D 90 12.90 17.66 20.28
C LEU D 90 12.46 17.57 18.83
N ILE D 91 12.05 16.38 18.41
CA ILE D 91 11.64 16.12 17.04
C ILE D 91 10.13 16.11 16.99
N GLU D 92 9.54 17.07 16.28
CA GLU D 92 8.09 17.18 16.15
C GLU D 92 7.69 16.66 14.78
N ILE D 93 6.78 15.69 14.78
CA ILE D 93 6.30 15.03 13.57
C ILE D 93 4.85 15.42 13.34
N ASP D 94 4.52 15.80 12.11
CA ASP D 94 3.15 16.11 11.70
C ASP D 94 2.62 14.86 11.02
N ALA D 95 1.95 14.01 11.80
CA ALA D 95 1.46 12.74 11.27
C ALA D 95 0.42 12.93 10.17
N ALA D 96 -0.21 14.11 10.10
CA ALA D 96 -1.19 14.36 9.05
C ALA D 96 -0.56 14.42 7.67
N SER D 97 0.74 14.70 7.57
CA SER D 97 1.44 14.75 6.30
C SER D 97 2.58 13.74 6.19
N ARG D 98 2.83 12.95 7.24
CA ARG D 98 3.87 11.93 7.23
C ARG D 98 3.26 10.56 7.53
N THR D 99 2.14 10.25 6.87
CA THR D 99 1.43 9.00 7.12
C THR D 99 2.15 7.78 6.54
N LYS D 100 3.10 8.00 5.62
CA LYS D 100 3.73 6.87 4.93
C LYS D 100 4.52 6.01 5.92
N VAL D 101 4.44 4.69 5.72
CA VAL D 101 5.18 3.78 6.59
C VAL D 101 6.68 3.91 6.38
N GLU D 102 7.11 4.34 5.19
CA GLU D 102 8.54 4.53 4.95
C GLU D 102 9.11 5.59 5.87
N ASP D 103 8.39 6.69 6.05
CA ASP D 103 8.84 7.74 6.97
C ASP D 103 8.94 7.21 8.39
N THR D 104 7.95 6.41 8.82
CA THR D 104 8.00 5.84 10.16
C THR D 104 9.21 4.93 10.33
N ARG D 105 9.48 4.08 9.34
CA ARG D 105 10.63 3.20 9.42
C ARG D 105 11.94 3.98 9.46
N ASP D 106 12.03 5.04 8.65
CA ASP D 106 13.23 5.87 8.67
C ASP D 106 13.41 6.53 10.04
N LEU D 107 12.31 7.01 10.63
CA LEU D 107 12.39 7.61 11.96
C LEU D 107 12.84 6.59 13.00
N LEU D 108 12.30 5.37 12.93
CA LEU D 108 12.64 4.37 13.92
C LEU D 108 14.08 3.88 13.75
N ASP D 109 14.62 3.93 12.54
CA ASP D 109 15.99 3.47 12.32
C ASP D 109 17.02 4.34 13.01
N ASN D 110 16.66 5.56 13.41
CA ASN D 110 17.60 6.50 14.01
C ASN D 110 17.45 6.62 15.52
N VAL D 111 16.62 5.78 16.16
CA VAL D 111 16.44 5.87 17.60
C VAL D 111 17.67 5.40 18.36
N GLN D 112 18.56 4.64 17.71
CA GLN D 112 19.75 4.14 18.40
C GLN D 112 20.77 5.25 18.66
N TYR D 113 20.72 6.34 17.90
CA TYR D 113 21.67 7.43 18.11
C TYR D 113 21.36 8.18 19.40
N ALA D 114 22.41 8.57 20.12
CA ALA D 114 22.26 9.27 21.38
C ALA D 114 21.80 10.70 21.14
N PRO D 115 21.17 11.32 22.14
CA PRO D 115 20.75 12.73 21.97
C PRO D 115 21.96 13.65 21.84
N ALA D 116 21.75 14.76 21.13
CA ALA D 116 22.84 15.68 20.86
C ALA D 116 23.22 16.47 22.10
N ARG D 117 22.27 17.24 22.64
CA ARG D 117 22.53 18.11 23.79
C ARG D 117 21.73 17.73 25.02
N GLY D 118 20.42 17.55 24.88
CA GLY D 118 19.59 17.23 26.02
C GLY D 118 19.82 15.81 26.51
N ARG D 119 19.30 15.54 27.72
CA ARG D 119 19.43 14.23 28.32
C ARG D 119 18.45 13.22 27.76
N PHE D 120 17.41 13.68 27.06
CA PHE D 120 16.43 12.80 26.44
C PHE D 120 16.18 13.25 25.00
N LYS D 121 15.79 12.29 24.17
CA LYS D 121 15.38 12.56 22.79
C LYS D 121 13.87 12.40 22.74
N VAL D 122 13.15 13.52 22.64
CA VAL D 122 11.70 13.54 22.72
C VAL D 122 11.12 13.57 21.31
N TYR D 123 10.14 12.71 21.05
CA TYR D 123 9.39 12.70 19.80
C TYR D 123 7.97 13.13 20.11
N LEU D 124 7.52 14.20 19.46
CA LEU D 124 6.18 14.75 19.65
C LEU D 124 5.42 14.55 18.34
N ILE D 125 4.54 13.55 18.31
CA ILE D 125 3.77 13.21 17.13
C ILE D 125 2.40 13.86 17.26
N ASP D 126 2.07 14.76 16.35
CA ASP D 126 0.79 15.45 16.37
C ASP D 126 -0.14 14.85 15.31
N GLU D 127 -1.45 14.86 15.63
CA GLU D 127 -2.45 14.28 14.75
C GLU D 127 -2.14 12.82 14.44
N VAL D 128 -1.73 12.08 15.48
CA VAL D 128 -1.29 10.70 15.29
C VAL D 128 -2.40 9.81 14.78
N HIS D 129 -3.66 10.24 14.89
CA HIS D 129 -4.77 9.43 14.40
C HIS D 129 -4.80 9.31 12.89
N MET D 130 -4.00 10.10 12.17
CA MET D 130 -3.98 10.07 10.72
C MET D 130 -2.95 9.09 10.16
N LEU D 131 -2.17 8.42 11.01
CA LEU D 131 -1.20 7.45 10.53
C LEU D 131 -1.91 6.22 9.96
N SER D 132 -1.22 5.54 9.05
CA SER D 132 -1.75 4.32 8.46
C SER D 132 -1.58 3.14 9.41
N ARG D 133 -2.26 2.05 9.10
CA ARG D 133 -2.20 0.86 9.96
C ARG D 133 -0.78 0.32 10.04
N HIS D 134 -0.07 0.31 8.91
CA HIS D 134 1.30 -0.18 8.90
C HIS D 134 2.18 0.66 9.81
N SER D 135 1.95 1.97 9.84
CA SER D 135 2.74 2.84 10.72
C SER D 135 2.52 2.47 12.19
N PHE D 136 1.26 2.27 12.59
CA PHE D 136 0.97 1.87 13.96
C PHE D 136 1.63 0.54 14.31
N ASN D 137 1.53 -0.44 13.40
CA ASN D 137 2.11 -1.74 13.67
C ASN D 137 3.63 -1.66 13.78
N ALA D 138 4.26 -0.84 12.93
CA ALA D 138 5.70 -0.65 13.03
C ALA D 138 6.06 0.02 14.35
N LEU D 139 5.26 0.98 14.80
CA LEU D 139 5.55 1.65 16.06
C LEU D 139 5.48 0.68 17.23
N LEU D 140 4.47 -0.19 17.24
CA LEU D 140 4.15 -1.03 18.40
C LEU D 140 5.39 -1.57 19.12
N LYS D 141 6.28 -2.25 18.38
CA LYS D 141 7.38 -2.96 19.02
C LYS D 141 8.30 -2.00 19.78
N THR D 142 8.76 -0.94 19.12
CA THR D 142 9.65 0.01 19.78
C THR D 142 8.92 0.80 20.86
N LEU D 143 7.64 1.09 20.67
CA LEU D 143 6.88 1.80 21.68
C LEU D 143 6.74 0.97 22.96
N GLU D 144 6.70 -0.35 22.82
CA GLU D 144 6.59 -1.19 24.01
C GLU D 144 7.83 -1.07 24.90
N GLU D 145 9.02 -1.17 24.30
CA GLU D 145 10.28 -1.17 25.03
C GLU D 145 11.26 -0.21 24.37
N PRO D 146 11.08 1.09 24.53
CA PRO D 146 12.01 2.05 23.95
C PRO D 146 13.34 2.03 24.66
N PRO D 147 14.42 2.47 24.02
CA PRO D 147 15.69 2.66 24.74
C PRO D 147 15.52 3.65 25.89
N GLU D 148 16.52 3.65 26.77
CA GLU D 148 16.42 4.44 28.00
C GLU D 148 16.54 5.94 27.76
N HIS D 149 16.92 6.38 26.55
CA HIS D 149 17.17 7.78 26.26
C HIS D 149 16.18 8.37 25.27
N VAL D 150 14.99 7.80 25.15
CA VAL D 150 13.97 8.31 24.24
C VAL D 150 12.63 8.34 24.94
N LYS D 151 11.80 9.32 24.56
CA LYS D 151 10.45 9.46 25.08
C LYS D 151 9.50 9.73 23.92
N PHE D 152 8.24 9.32 24.09
CA PHE D 152 7.21 9.49 23.08
C PHE D 152 6.05 10.29 23.68
N LEU D 153 5.63 11.33 22.98
CA LEU D 153 4.48 12.14 23.36
C LEU D 153 3.51 12.17 22.20
N LEU D 154 2.27 11.78 22.45
CA LEU D 154 1.25 11.69 21.41
C LEU D 154 0.06 12.57 21.77
N ALA D 155 -0.43 13.32 20.78
CA ALA D 155 -1.59 14.18 20.93
C ALA D 155 -2.58 13.86 19.83
N THR D 156 -3.85 13.67 20.22
CA THR D 156 -4.88 13.32 19.25
C THR D 156 -6.22 13.89 19.73
N THR D 157 -7.13 14.05 18.78
CA THR D 157 -8.49 14.46 19.05
C THR D 157 -9.51 13.37 18.78
N ASP D 158 -9.12 12.28 18.13
CA ASP D 158 -9.99 11.15 17.85
C ASP D 158 -9.30 9.86 18.30
N PRO D 159 -9.22 9.63 19.61
CA PRO D 159 -8.54 8.42 20.09
C PRO D 159 -9.23 7.13 19.69
N GLN D 160 -10.50 7.18 19.25
CA GLN D 160 -11.21 5.97 18.89
C GLN D 160 -10.56 5.27 17.72
N LYS D 161 -9.94 6.03 16.81
CA LYS D 161 -9.38 5.44 15.59
C LYS D 161 -8.08 4.70 15.85
N LEU D 162 -7.41 4.96 16.96
CA LEU D 162 -6.17 4.25 17.25
C LEU D 162 -6.47 2.79 17.63
N PRO D 163 -5.63 1.85 17.23
CA PRO D 163 -5.87 0.45 17.64
C PRO D 163 -5.66 0.28 19.14
N VAL D 164 -6.35 -0.72 19.70
CA VAL D 164 -6.29 -0.97 21.13
C VAL D 164 -4.87 -1.30 21.56
N THR D 165 -4.09 -1.93 20.68
CA THR D 165 -2.71 -2.27 21.03
C THR D 165 -1.90 -1.01 21.33
N ILE D 166 -2.07 0.03 20.53
CA ILE D 166 -1.37 1.29 20.79
C ILE D 166 -1.84 1.90 22.09
N LEU D 167 -3.15 1.92 22.33
CA LEU D 167 -3.68 2.53 23.55
C LEU D 167 -3.20 1.80 24.79
N SER D 168 -2.98 0.49 24.70
CA SER D 168 -2.57 -0.28 25.86
C SER D 168 -1.15 0.03 26.32
N ARG D 169 -0.33 0.66 25.49
CA ARG D 169 1.10 0.83 25.77
C ARG D 169 1.45 2.20 26.33
N CYS D 170 0.49 3.09 26.54
CA CYS D 170 0.78 4.46 26.93
C CYS D 170 -0.16 4.92 28.02
N LEU D 171 0.29 5.90 28.81
CA LEU D 171 -0.54 6.53 29.82
C LEU D 171 -1.41 7.60 29.17
N GLN D 172 -2.72 7.52 29.38
CA GLN D 172 -3.69 8.36 28.71
C GLN D 172 -4.16 9.47 29.64
N PHE D 173 -4.20 10.70 29.14
CA PHE D 173 -4.70 11.86 29.87
C PHE D 173 -5.81 12.49 29.05
N HIS D 174 -7.00 12.60 29.64
CA HIS D 174 -8.15 13.20 29.01
C HIS D 174 -8.34 14.61 29.53
N LEU D 175 -8.50 15.58 28.62
CA LEU D 175 -8.66 16.98 28.97
C LEU D 175 -10.12 17.37 28.83
N LYS D 176 -10.68 17.92 29.90
CA LYS D 176 -12.08 18.32 29.89
C LYS D 176 -12.26 19.61 29.09
N ALA D 177 -13.47 19.81 28.57
CA ALA D 177 -13.79 21.06 27.91
C ALA D 177 -13.85 22.18 28.94
N LEU D 178 -13.28 23.33 28.58
CA LEU D 178 -13.20 24.44 29.51
C LEU D 178 -14.59 25.02 29.78
N ASP D 179 -14.80 25.47 31.02
CA ASP D 179 -16.07 26.03 31.43
C ASP D 179 -16.21 27.47 30.92
N VAL D 180 -17.44 27.97 30.93
CA VAL D 180 -17.71 29.32 30.45
C VAL D 180 -16.98 30.35 31.32
N GLU D 181 -17.01 30.16 32.63
CA GLU D 181 -16.36 31.12 33.53
C GLU D 181 -14.86 31.19 33.27
N GLN D 182 -14.21 30.04 33.08
CA GLN D 182 -12.78 30.04 32.84
C GLN D 182 -12.44 30.76 31.54
N ILE D 183 -13.22 30.51 30.48
CA ILE D 183 -12.97 31.19 29.20
C ILE D 183 -13.17 32.69 29.35
N ARG D 184 -14.22 33.10 30.05
CA ARG D 184 -14.48 34.52 30.25
C ARG D 184 -13.33 35.17 31.01
N HIS D 185 -12.86 34.52 32.08
CA HIS D 185 -11.75 35.07 32.86
C HIS D 185 -10.49 35.19 32.01
N GLN D 186 -10.20 34.16 31.22
CA GLN D 186 -9.01 34.21 30.37
C GLN D 186 -9.11 35.35 29.35
N LEU D 187 -10.28 35.51 28.74
CA LEU D 187 -10.46 36.59 27.77
C LEU D 187 -10.30 37.95 28.44
N GLU D 188 -10.88 38.12 29.63
CA GLU D 188 -10.75 39.38 30.35
C GLU D 188 -9.28 39.68 30.67
N HIS D 189 -8.55 38.66 31.13
CA HIS D 189 -7.14 38.86 31.45
C HIS D 189 -6.35 39.24 30.20
N ILE D 190 -6.59 38.55 29.09
CA ILE D 190 -5.86 38.84 27.86
C ILE D 190 -6.16 40.27 27.40
N LEU D 191 -7.43 40.66 27.41
CA LEU D 191 -7.78 42.01 26.96
C LEU D 191 -7.17 43.07 27.88
N ASN D 192 -7.18 42.83 29.19
CA ASN D 192 -6.56 43.78 30.11
C ASN D 192 -5.07 43.90 29.84
N GLU D 193 -4.39 42.78 29.58
CA GLU D 193 -2.97 42.83 29.26
C GLU D 193 -2.71 43.54 27.94
N GLU D 194 -3.64 43.44 26.98
CA GLU D 194 -3.48 44.06 25.68
C GLU D 194 -3.99 45.49 25.64
N HIS D 195 -4.57 46.00 26.73
CA HIS D 195 -5.08 47.36 26.80
C HIS D 195 -6.13 47.61 25.72
N ILE D 196 -7.22 46.85 25.81
CA ILE D 196 -8.35 46.95 24.88
C ILE D 196 -9.62 47.07 25.70
N ALA D 197 -10.43 48.07 25.37
CA ALA D 197 -11.69 48.28 26.08
C ALA D 197 -12.66 47.14 25.78
N HIS D 198 -13.46 46.79 26.79
CA HIS D 198 -14.40 45.68 26.66
C HIS D 198 -15.53 45.89 27.68
N GLU D 199 -16.59 45.13 27.51
CA GLU D 199 -17.75 45.16 28.39
C GLU D 199 -18.07 43.75 28.87
N PRO D 200 -18.66 43.61 30.07
CA PRO D 200 -18.93 42.25 30.58
C PRO D 200 -19.83 41.43 29.68
N ARG D 201 -20.86 42.05 29.09
CA ARG D 201 -21.80 41.29 28.29
C ARG D 201 -21.15 40.75 27.02
N ALA D 202 -20.26 41.53 26.41
CA ALA D 202 -19.55 41.04 25.23
C ALA D 202 -18.70 39.82 25.58
N LEU D 203 -18.01 39.86 26.71
CA LEU D 203 -17.22 38.71 27.13
C LEU D 203 -18.11 37.51 27.40
N GLN D 204 -19.26 37.74 28.04
CA GLN D 204 -20.18 36.64 28.31
C GLN D 204 -20.65 35.99 27.01
N LEU D 205 -21.03 36.81 26.03
CA LEU D 205 -21.49 36.28 24.75
C LEU D 205 -20.38 35.51 24.03
N LEU D 206 -19.16 36.06 24.04
CA LEU D 206 -18.05 35.37 23.39
C LEU D 206 -17.76 34.03 24.05
N ALA D 207 -17.76 34.00 25.39
CA ALA D 207 -17.52 32.76 26.10
C ALA D 207 -18.60 31.73 25.81
N ARG D 208 -19.86 32.18 25.76
CA ARG D 208 -20.96 31.26 25.46
C ARG D 208 -20.83 30.71 24.04
N ALA D 209 -20.46 31.57 23.08
CA ALA D 209 -20.29 31.11 21.71
C ALA D 209 -19.04 30.26 21.51
N ALA D 210 -18.10 30.32 22.45
CA ALA D 210 -16.89 29.52 22.32
C ALA D 210 -17.20 28.02 22.32
N GLU D 211 -18.13 27.60 23.17
CA GLU D 211 -18.54 26.20 23.26
C GLU D 211 -17.38 25.31 23.73
N GLY D 212 -16.72 25.74 24.81
CA GLY D 212 -15.72 24.93 25.46
C GLY D 212 -14.35 24.93 24.80
N SER D 213 -14.15 25.69 23.73
CA SER D 213 -12.88 25.75 23.03
C SER D 213 -12.30 27.15 23.20
N LEU D 214 -11.08 27.23 23.74
CA LEU D 214 -10.45 28.53 23.96
C LEU D 214 -9.89 29.10 22.66
N ARG D 215 -9.42 28.24 21.75
CA ARG D 215 -8.96 28.74 20.46
C ARG D 215 -10.11 29.40 19.69
N ASP D 216 -11.30 28.80 19.74
CA ASP D 216 -12.46 29.42 19.12
C ASP D 216 -12.80 30.75 19.77
N ALA D 217 -12.69 30.82 21.10
CA ALA D 217 -12.94 32.08 21.78
C ALA D 217 -11.96 33.16 21.34
N LEU D 218 -10.68 32.80 21.23
CA LEU D 218 -9.69 33.78 20.78
C LEU D 218 -9.94 34.21 19.34
N SER D 219 -10.32 33.27 18.47
CA SER D 219 -10.62 33.62 17.09
C SER D 219 -11.81 34.57 17.02
N LEU D 220 -12.86 34.29 17.79
CA LEU D 220 -14.02 35.18 17.81
C LEU D 220 -13.65 36.55 18.34
N THR D 221 -12.82 36.60 19.38
CA THR D 221 -12.39 37.88 19.92
C THR D 221 -11.59 38.67 18.88
N ASP D 222 -10.70 37.99 18.15
CA ASP D 222 -9.93 38.66 17.11
C ASP D 222 -10.85 39.19 16.01
N GLN D 223 -11.84 38.39 15.61
CA GLN D 223 -12.79 38.85 14.59
C GLN D 223 -13.55 40.07 15.08
N ALA D 224 -14.01 40.05 16.34
CA ALA D 224 -14.75 41.19 16.88
C ALA D 224 -13.88 42.43 16.94
N ILE D 225 -12.61 42.27 17.35
CA ILE D 225 -11.70 43.42 17.39
C ILE D 225 -11.49 43.98 15.99
N ALA D 226 -11.30 43.11 15.01
CA ALA D 226 -11.08 43.57 13.63
C ALA D 226 -12.30 44.30 13.10
N SER D 227 -13.49 43.78 13.38
CA SER D 227 -14.72 44.34 12.84
C SER D 227 -15.32 45.44 13.71
N GLY D 228 -14.69 45.78 14.83
CA GLY D 228 -15.22 46.78 15.74
C GLY D 228 -14.26 47.92 15.97
N ASP D 229 -13.59 48.37 14.91
CA ASP D 229 -12.65 49.49 14.95
C ASP D 229 -11.71 49.40 16.15
N GLY D 230 -11.23 48.19 16.44
CA GLY D 230 -10.28 47.99 17.50
C GLY D 230 -10.85 48.00 18.90
N GLN D 231 -12.17 47.96 19.04
CA GLN D 231 -12.83 47.98 20.34
C GLN D 231 -13.86 46.87 20.41
N VAL D 232 -13.96 46.25 21.59
CA VAL D 232 -14.94 45.19 21.84
C VAL D 232 -16.12 45.82 22.55
N SER D 233 -17.29 45.79 21.91
CA SER D 233 -18.50 46.38 22.46
C SER D 233 -19.65 45.39 22.32
N THR D 234 -20.67 45.57 23.17
CA THR D 234 -21.81 44.66 23.17
C THR D 234 -22.52 44.67 21.83
N GLN D 235 -22.75 45.86 21.27
CA GLN D 235 -23.47 45.94 20.00
C GLN D 235 -22.70 45.26 18.88
N ALA D 236 -21.39 45.46 18.83
CA ALA D 236 -20.59 44.85 17.76
C ALA D 236 -20.63 43.33 17.83
N VAL D 237 -20.46 42.78 19.04
CA VAL D 237 -20.50 41.33 19.20
C VAL D 237 -21.88 40.79 18.88
N SER D 238 -22.93 41.49 19.32
CA SER D 238 -24.29 41.04 19.03
C SER D 238 -24.54 41.02 17.53
N ALA D 239 -24.11 42.07 16.81
CA ALA D 239 -24.27 42.09 15.37
C ALA D 239 -23.47 40.97 14.71
N MET D 240 -22.26 40.72 15.19
CA MET D 240 -21.43 39.66 14.61
C MET D 240 -22.08 38.30 14.80
N LEU D 241 -22.63 38.03 15.98
CA LEU D 241 -23.24 36.75 16.28
C LEU D 241 -24.72 36.69 15.94
N GLY D 242 -25.33 37.81 15.56
CA GLY D 242 -26.74 37.81 15.20
C GLY D 242 -27.66 37.44 16.35
N THR D 243 -27.42 38.02 17.51
CA THR D 243 -28.24 37.73 18.69
C THR D 243 -29.68 38.15 18.44
N LEU D 244 -30.62 37.32 18.90
CA LEU D 244 -32.04 37.59 18.66
C LEU D 244 -32.50 38.85 19.39
N ASP D 245 -32.00 39.06 20.61
CA ASP D 245 -32.40 40.22 21.40
C ASP D 245 -33.90 40.20 21.68
N ASP D 246 -34.69 40.87 20.86
CA ASP D 246 -36.12 40.96 21.09
C ASP D 246 -36.76 39.57 21.14
N ASP D 247 -38.01 39.53 21.60
CA ASP D 247 -38.71 38.26 21.80
C ASP D 247 -39.37 37.78 20.51
N GLN D 248 -38.59 37.69 19.43
CA GLN D 248 -39.12 37.13 18.20
C GLN D 248 -39.38 35.63 18.35
N ALA D 249 -38.50 34.93 19.07
CA ALA D 249 -38.67 33.50 19.26
C ALA D 249 -39.96 33.17 20.00
N LEU D 250 -40.30 33.97 21.02
CA LEU D 250 -41.53 33.73 21.77
C LEU D 250 -42.75 33.85 20.86
N SER D 251 -42.80 34.92 20.04
CA SER D 251 -43.91 35.09 19.13
C SER D 251 -43.97 33.95 18.11
N LEU D 252 -42.82 33.53 17.61
CA LEU D 252 -42.80 32.45 16.62
C LEU D 252 -43.30 31.15 17.21
N VAL D 253 -42.87 30.80 18.42
CA VAL D 253 -43.32 29.56 19.04
C VAL D 253 -44.80 29.65 19.38
N GLU D 254 -45.28 30.81 19.81
CA GLU D 254 -46.71 30.97 20.06
C GLU D 254 -47.51 30.75 18.78
N ALA D 255 -47.06 31.33 17.66
CA ALA D 255 -47.75 31.13 16.40
C ALA D 255 -47.73 29.66 15.99
N MET D 256 -46.59 29.00 16.17
CA MET D 256 -46.49 27.58 15.85
C MET D 256 -47.46 26.75 16.68
N VAL D 257 -47.54 27.04 17.98
CA VAL D 257 -48.43 26.28 18.87
C VAL D 257 -49.88 26.52 18.49
N GLU D 258 -50.24 27.77 18.18
CA GLU D 258 -51.60 28.07 17.76
C GLU D 258 -51.94 27.47 16.40
N ALA D 259 -50.94 26.98 15.67
CA ALA D 259 -51.17 26.37 14.36
C ALA D 259 -51.75 27.37 13.37
N ASN D 260 -51.16 28.57 13.34
CA ASN D 260 -51.53 29.63 12.41
C ASN D 260 -50.40 29.77 11.41
N GLY D 261 -50.56 29.13 10.25
CA GLY D 261 -49.49 29.12 9.27
C GLY D 261 -49.17 30.48 8.71
N GLU D 262 -50.20 31.31 8.49
CA GLU D 262 -49.98 32.62 7.90
C GLU D 262 -49.09 33.48 8.78
N ARG D 263 -49.36 33.49 10.09
CA ARG D 263 -48.54 34.28 11.00
C ARG D 263 -47.10 33.80 11.01
N VAL D 264 -46.91 32.48 11.03
CA VAL D 264 -45.56 31.93 11.05
C VAL D 264 -44.80 32.31 9.79
N MET D 265 -45.45 32.20 8.64
CA MET D 265 -44.79 32.56 7.39
C MET D 265 -44.48 34.05 7.34
N ALA D 266 -45.40 34.89 7.83
CA ALA D 266 -45.13 36.33 7.86
C ALA D 266 -43.94 36.65 8.76
N LEU D 267 -43.87 36.01 9.92
CA LEU D 267 -42.74 36.25 10.82
C LEU D 267 -41.43 35.78 10.20
N ILE D 268 -41.45 34.62 9.53
CA ILE D 268 -40.24 34.13 8.87
C ILE D 268 -39.80 35.09 7.77
N ASN D 269 -40.76 35.59 6.99
CA ASN D 269 -40.42 36.54 5.94
C ASN D 269 -39.81 37.82 6.52
N GLU D 270 -40.40 38.34 7.60
CA GLU D 270 -39.85 39.53 8.22
C GLU D 270 -38.44 39.28 8.75
N ALA D 271 -38.23 38.12 9.38
CA ALA D 271 -36.89 37.80 9.88
C ALA D 271 -35.89 37.70 8.74
N ALA D 272 -36.27 37.07 7.64
CA ALA D 272 -35.37 36.96 6.49
C ALA D 272 -35.05 38.34 5.93
N ALA D 273 -36.06 39.21 5.85
CA ALA D 273 -35.81 40.58 5.38
C ALA D 273 -34.83 41.29 6.30
N ARG D 274 -34.99 41.12 7.62
CA ARG D 274 -34.07 41.73 8.57
C ARG D 274 -32.71 41.03 8.59
N GLY D 275 -32.64 39.79 8.12
CA GLY D 275 -31.38 39.10 8.01
C GLY D 275 -30.77 38.65 9.32
N ILE D 276 -31.45 37.73 10.00
CA ILE D 276 -30.97 37.18 11.27
C ILE D 276 -30.37 35.80 11.01
N GLU D 277 -29.70 35.26 12.02
CA GLU D 277 -29.11 33.94 11.96
C GLU D 277 -30.16 32.90 12.35
N TRP D 278 -30.34 31.89 11.49
CA TRP D 278 -31.38 30.89 11.72
C TRP D 278 -30.99 29.94 12.85
N GLU D 279 -29.70 29.62 12.97
CA GLU D 279 -29.26 28.73 14.05
C GLU D 279 -29.58 29.33 15.41
N ALA D 280 -29.34 30.64 15.56
CA ALA D 280 -29.66 31.29 16.83
C ALA D 280 -31.16 31.24 17.10
N LEU D 281 -31.98 31.43 16.06
CA LEU D 281 -33.42 31.37 16.23
C LEU D 281 -33.84 29.98 16.71
N LEU D 282 -33.30 28.93 16.09
CA LEU D 282 -33.64 27.57 16.51
C LEU D 282 -33.20 27.30 17.95
N VAL D 283 -32.00 27.77 18.31
CA VAL D 283 -31.51 27.56 19.67
C VAL D 283 -32.41 28.27 20.68
N GLU D 284 -32.81 29.51 20.37
CA GLU D 284 -33.69 30.24 21.26
C GLU D 284 -35.04 29.56 21.41
N MET D 285 -35.59 29.05 20.30
CA MET D 285 -36.86 28.33 20.38
C MET D 285 -36.73 27.07 21.24
N LEU D 286 -35.62 26.34 21.08
CA LEU D 286 -35.38 25.16 21.91
C LEU D 286 -35.29 25.53 23.37
N GLY D 287 -34.59 26.62 23.69
CA GLY D 287 -34.49 27.06 25.07
C GLY D 287 -35.84 27.44 25.65
N LEU D 288 -36.66 28.15 24.87
CA LEU D 288 -37.98 28.52 25.34
C LEU D 288 -38.84 27.29 25.59
N LEU D 289 -38.79 26.31 24.69
CA LEU D 289 -39.55 25.09 24.90
C LEU D 289 -39.09 24.35 26.15
N HIS D 290 -37.77 24.27 26.35
CA HIS D 290 -37.26 23.61 27.56
C HIS D 290 -37.73 24.34 28.81
N ARG D 291 -37.70 25.67 28.80
CA ARG D 291 -38.15 26.43 29.97
C ARG D 291 -39.64 26.20 30.23
N ILE D 292 -40.45 26.18 29.16
CA ILE D 292 -41.87 25.94 29.33
C ILE D 292 -42.10 24.55 29.92
N ALA D 293 -41.38 23.54 29.43
CA ALA D 293 -41.53 22.20 30.00
C ALA D 293 -41.11 22.18 31.46
N MET D 294 -40.02 22.89 31.81
CA MET D 294 -39.55 22.91 33.18
C MET D 294 -40.57 23.56 34.10
N VAL D 295 -41.21 24.64 33.65
CA VAL D 295 -42.15 25.36 34.50
C VAL D 295 -43.36 24.49 34.84
N GLN D 296 -43.78 23.63 33.91
CA GLN D 296 -44.95 22.79 34.16
C GLN D 296 -44.72 21.88 35.37
N LEU D 297 -43.52 21.32 35.49
CA LEU D 297 -43.24 20.44 36.62
C LEU D 297 -43.33 21.19 37.94
N SER D 298 -42.77 22.41 37.99
CA SER D 298 -42.79 23.22 39.20
C SER D 298 -42.87 24.70 38.82
N PRO D 299 -43.86 25.45 39.31
CA PRO D 299 -43.94 26.88 38.94
C PRO D 299 -42.70 27.67 39.30
N ALA D 300 -42.03 27.33 40.42
CA ALA D 300 -40.87 28.08 40.86
C ALA D 300 -39.66 27.90 39.95
N ALA D 301 -39.71 26.94 39.02
CA ALA D 301 -38.56 26.69 38.15
C ALA D 301 -38.28 27.85 37.20
N LEU D 302 -39.27 28.71 36.95
CA LEU D 302 -39.08 29.83 36.04
C LEU D 302 -37.99 30.76 36.57
N GLY D 303 -37.05 31.13 35.70
CA GLY D 303 -35.97 31.99 36.11
C GLY D 303 -36.44 33.40 36.41
N ASN D 304 -35.73 34.06 37.33
CA ASN D 304 -36.05 35.43 37.67
C ASN D 304 -35.58 36.41 36.61
N ASP D 305 -34.50 36.08 35.89
CA ASP D 305 -33.99 36.96 34.85
C ASP D 305 -34.99 37.15 33.72
N MET D 306 -35.97 36.25 33.58
CA MET D 306 -36.98 36.32 32.53
C MET D 306 -38.28 36.93 33.03
N ALA D 307 -38.20 37.96 33.88
CA ALA D 307 -39.38 38.56 34.50
C ALA D 307 -39.96 39.66 33.61
N ALA D 308 -40.09 39.34 32.32
CA ALA D 308 -40.70 40.24 31.35
C ALA D 308 -41.76 39.57 30.47
N ILE D 309 -41.75 38.24 30.37
CA ILE D 309 -42.73 37.52 29.56
C ILE D 309 -43.34 36.39 30.39
N GLU D 310 -43.44 36.60 31.70
CA GLU D 310 -43.92 35.55 32.59
C GLU D 310 -45.36 35.15 32.26
N LEU D 311 -46.21 36.13 31.95
CA LEU D 311 -47.61 35.83 31.69
C LEU D 311 -47.75 34.89 30.50
N ARG D 312 -47.09 35.23 29.38
CA ARG D 312 -47.20 34.41 28.18
C ARG D 312 -46.60 33.03 28.40
N MET D 313 -45.45 32.96 29.08
CA MET D 313 -44.82 31.67 29.34
C MET D 313 -45.72 30.78 30.20
N ARG D 314 -46.32 31.34 31.24
CA ARG D 314 -47.19 30.55 32.10
C ARG D 314 -48.46 30.14 31.36
N GLU D 315 -48.98 31.03 30.50
CA GLU D 315 -50.14 30.65 29.68
C GLU D 315 -49.81 29.46 28.79
N LEU D 316 -48.65 29.50 28.14
CA LEU D 316 -48.25 28.38 27.29
C LEU D 316 -48.06 27.12 28.12
N ALA D 317 -47.44 27.23 29.30
CA ALA D 317 -47.22 26.05 30.13
C ALA D 317 -48.53 25.43 30.56
N ARG D 318 -49.51 26.24 30.95
CA ARG D 318 -50.79 25.72 31.40
C ARG D 318 -51.59 25.13 30.25
N THR D 319 -51.55 25.77 29.08
CA THR D 319 -52.45 25.40 27.99
C THR D 319 -51.99 24.18 27.20
N ILE D 320 -50.69 23.89 27.18
CA ILE D 320 -50.12 22.87 26.30
C ILE D 320 -49.70 21.68 27.14
N PRO D 321 -50.15 20.46 26.81
CA PRO D 321 -49.68 19.29 27.56
C PRO D 321 -48.20 19.06 27.35
N PRO D 322 -47.53 18.41 28.30
CA PRO D 322 -46.08 18.18 28.15
C PRO D 322 -45.72 17.34 26.92
N THR D 323 -46.58 16.42 26.50
CA THR D 323 -46.27 15.56 25.36
C THR D 323 -46.10 16.39 24.09
N ASP D 324 -46.98 17.38 23.89
CA ASP D 324 -46.84 18.26 22.73
C ASP D 324 -45.55 19.06 22.80
N ILE D 325 -45.16 19.48 24.00
CA ILE D 325 -43.90 20.19 24.16
C ILE D 325 -42.73 19.29 23.76
N GLN D 326 -42.77 18.03 24.17
CA GLN D 326 -41.72 17.08 23.78
C GLN D 326 -41.69 16.89 22.27
N LEU D 327 -42.87 16.78 21.65
CA LEU D 327 -42.92 16.63 20.19
C LEU D 327 -42.31 17.84 19.49
N TYR D 328 -42.65 19.05 19.94
CA TYR D 328 -42.09 20.25 19.33
C TYR D 328 -40.58 20.30 19.53
N TYR D 329 -40.10 19.94 20.72
CA TYR D 329 -38.67 19.92 20.97
C TYR D 329 -37.96 18.94 20.03
N GLN D 330 -38.54 17.75 19.86
CA GLN D 330 -37.95 16.77 18.95
C GLN D 330 -37.92 17.29 17.52
N THR D 331 -39.01 17.92 17.08
CA THR D 331 -39.07 18.44 15.72
C THR D 331 -38.02 19.52 15.50
N LEU D 332 -37.87 20.42 16.47
CA LEU D 332 -36.87 21.48 16.32
C LEU D 332 -35.45 20.91 16.35
N LEU D 333 -35.21 19.88 17.17
CA LEU D 333 -33.89 19.25 17.16
C LEU D 333 -33.60 18.62 15.81
N ILE D 334 -34.58 17.93 15.24
CA ILE D 334 -34.40 17.31 13.92
C ILE D 334 -34.11 18.40 12.88
N GLY D 335 -34.86 19.50 12.93
CA GLY D 335 -34.61 20.58 11.99
C GLY D 335 -33.21 21.16 12.14
N ARG D 336 -32.76 21.34 13.38
CA ARG D 336 -31.41 21.86 13.61
C ARG D 336 -30.35 20.91 13.08
N LYS D 337 -30.56 19.61 13.24
CA LYS D 337 -29.59 18.63 12.78
C LYS D 337 -29.40 18.72 11.27
N GLU D 338 -30.50 18.84 10.52
CA GLU D 338 -30.47 18.77 9.06
C GLU D 338 -30.36 20.15 8.41
N LEU D 339 -30.22 21.21 9.18
CA LEU D 339 -30.17 22.56 8.58
C LEU D 339 -29.02 22.72 7.60
N PRO D 340 -27.77 22.37 7.92
CA PRO D 340 -26.68 22.61 6.96
C PRO D 340 -26.80 21.80 5.67
N TYR D 341 -27.55 20.70 5.68
CA TYR D 341 -27.68 19.86 4.50
C TYR D 341 -28.81 20.26 3.58
N ALA D 342 -29.65 21.21 3.99
CA ALA D 342 -30.74 21.66 3.13
C ALA D 342 -30.21 22.55 2.01
N PRO D 343 -30.96 22.70 0.92
CA PRO D 343 -30.51 23.61 -0.14
C PRO D 343 -30.25 25.03 0.35
N ASP D 344 -31.10 25.52 1.25
CA ASP D 344 -30.93 26.84 1.86
C ASP D 344 -31.33 26.76 3.32
N ARG D 345 -30.74 27.64 4.13
CA ARG D 345 -31.11 27.69 5.54
C ARG D 345 -32.57 28.05 5.71
N ARG D 346 -33.04 29.05 4.96
CA ARG D 346 -34.45 29.44 5.05
C ARG D 346 -35.37 28.30 4.64
N MET D 347 -34.99 27.57 3.59
CA MET D 347 -35.80 26.44 3.16
C MET D 347 -35.88 25.37 4.24
N GLY D 348 -34.76 25.08 4.89
CA GLY D 348 -34.79 24.10 5.97
C GLY D 348 -35.64 24.55 7.15
N VAL D 349 -35.53 25.82 7.52
CA VAL D 349 -36.35 26.33 8.62
C VAL D 349 -37.83 26.24 8.25
N GLU D 350 -38.17 26.60 7.02
CA GLU D 350 -39.56 26.53 6.59
C GLU D 350 -40.06 25.08 6.60
N MET D 351 -39.22 24.14 6.16
CA MET D 351 -39.61 22.74 6.20
C MET D 351 -39.88 22.29 7.64
N THR D 352 -38.98 22.66 8.56
CA THR D 352 -39.15 22.26 9.96
C THR D 352 -40.44 22.84 10.53
N LEU D 353 -40.70 24.12 10.27
CA LEU D 353 -41.90 24.74 10.80
C LEU D 353 -43.17 24.15 10.19
N LEU D 354 -43.14 23.85 8.89
CA LEU D 354 -44.29 23.22 8.26
C LEU D 354 -44.55 21.85 8.85
N ARG D 355 -43.49 21.07 9.09
CA ARG D 355 -43.68 19.76 9.72
C ARG D 355 -44.25 19.91 11.13
N ALA D 356 -43.76 20.90 11.89
CA ALA D 356 -44.26 21.11 13.25
C ALA D 356 -45.72 21.55 13.25
N LEU D 357 -46.14 22.33 12.25
CA LEU D 357 -47.51 22.83 12.22
C LEU D 357 -48.53 21.70 12.10
N ALA D 358 -48.12 20.51 11.68
CA ALA D 358 -49.05 19.41 11.49
C ALA D 358 -49.47 18.74 12.79
N PHE D 359 -48.76 19.00 13.89
CA PHE D 359 -49.07 18.37 15.18
C PHE D 359 -50.13 19.18 15.93
N HIS D 360 -51.33 19.21 15.35
CA HIS D 360 -52.45 19.88 15.98
C HIS D 360 -53.73 19.22 15.49
N PRO D 361 -54.65 18.83 16.40
CA PRO D 361 -55.87 18.17 15.93
C PRO D 361 -56.84 19.13 15.23
N MET E 1 -15.01 36.85 -13.96
CA MET E 1 -14.69 37.46 -12.63
C MET E 1 -15.09 38.94 -12.61
N ARG E 2 -16.39 39.19 -12.71
CA ARG E 2 -16.91 40.55 -12.70
C ARG E 2 -16.82 41.13 -11.29
N TRP E 3 -16.55 42.44 -11.22
CA TRP E 3 -16.51 43.18 -9.97
C TRP E 3 -17.88 43.83 -9.77
N TYR E 4 -18.68 43.26 -8.86
CA TYR E 4 -20.01 43.78 -8.62
C TYR E 4 -19.96 45.02 -7.72
N PRO E 5 -20.93 45.93 -7.84
CA PRO E 5 -20.88 47.15 -7.03
C PRO E 5 -20.90 46.88 -5.53
N TRP E 6 -21.68 45.92 -5.06
CA TRP E 6 -21.85 45.71 -3.63
C TRP E 6 -20.60 45.16 -2.96
N LEU E 7 -19.55 44.85 -3.71
CA LEU E 7 -18.27 44.50 -3.12
C LEU E 7 -17.45 45.70 -2.70
N ARG E 8 -17.87 46.91 -3.07
CA ARG E 8 -17.10 48.10 -2.71
C ARG E 8 -16.91 48.26 -1.21
N PRO E 9 -17.95 48.16 -0.37
CA PRO E 9 -17.75 48.41 1.06
C PRO E 9 -16.83 47.38 1.72
N ASP E 10 -17.18 46.10 1.58
CA ASP E 10 -16.46 45.05 2.29
C ASP E 10 -14.96 45.11 2.01
N PHE E 11 -14.59 45.22 0.73
CA PHE E 11 -13.18 45.36 0.37
C PHE E 11 -12.53 46.49 1.15
N GLU E 12 -13.16 47.67 1.12
CA GLU E 12 -12.57 48.84 1.78
C GLU E 12 -12.31 48.57 3.25
N LYS E 13 -13.06 47.65 3.86
CA LYS E 13 -12.78 47.25 5.23
C LYS E 13 -11.55 46.36 5.29
N LEU E 14 -11.60 45.23 4.57
CA LEU E 14 -10.56 44.21 4.73
C LEU E 14 -9.18 44.79 4.44
N VAL E 15 -9.03 45.42 3.27
CA VAL E 15 -7.72 45.96 2.89
C VAL E 15 -7.22 46.93 3.96
N ALA E 16 -8.13 47.65 4.60
CA ALA E 16 -7.72 48.62 5.63
C ALA E 16 -6.90 47.92 6.70
N SER E 17 -7.36 46.76 7.16
CA SER E 17 -6.60 46.01 8.16
C SER E 17 -5.20 45.69 7.65
N TYR E 18 -5.11 45.23 6.40
CA TYR E 18 -3.81 44.91 5.83
C TYR E 18 -2.92 46.15 5.72
N GLN E 19 -3.50 47.35 5.66
CA GLN E 19 -2.69 48.56 5.67
C GLN E 19 -2.07 48.79 7.04
N ALA E 20 -2.81 48.45 8.11
CA ALA E 20 -2.34 48.66 9.46
C ALA E 20 -1.49 47.50 9.99
N GLY E 21 -1.37 46.42 9.22
CA GLY E 21 -0.65 45.25 9.67
C GLY E 21 -1.43 44.34 10.59
N ARG E 22 -2.68 44.67 10.89
CA ARG E 22 -3.53 43.84 11.74
C ARG E 22 -4.34 42.86 10.91
N GLY E 23 -3.65 42.07 10.09
CA GLY E 23 -4.28 41.13 9.18
C GLY E 23 -4.11 39.69 9.66
N HIS E 24 -5.21 38.97 9.72
CA HIS E 24 -5.17 37.56 10.07
C HIS E 24 -4.54 36.76 8.92
N HIS E 25 -3.77 35.74 9.28
CA HIS E 25 -3.07 34.94 8.29
C HIS E 25 -3.96 33.90 7.61
N ALA E 26 -5.21 33.76 8.04
CA ALA E 26 -6.14 32.79 7.45
C ALA E 26 -7.53 33.41 7.44
N LEU E 27 -8.02 33.76 6.26
CA LEU E 27 -9.32 34.40 6.08
C LEU E 27 -10.25 33.44 5.35
N LEU E 28 -11.43 33.23 5.91
CA LEU E 28 -12.44 32.35 5.34
C LEU E 28 -13.66 33.19 4.96
N ILE E 29 -13.99 33.23 3.67
CA ILE E 29 -15.08 34.02 3.16
C ILE E 29 -16.30 33.13 2.97
N GLN E 30 -17.41 33.50 3.58
CA GLN E 30 -18.68 32.80 3.42
C GLN E 30 -19.56 33.62 2.49
N ALA E 31 -19.89 33.04 1.33
CA ALA E 31 -20.72 33.74 0.35
C ALA E 31 -21.38 32.71 -0.56
N LEU E 32 -22.59 33.04 -0.99
CA LEU E 32 -23.30 32.20 -1.94
C LEU E 32 -22.64 32.29 -3.31
N PRO E 33 -22.81 31.28 -4.17
CA PRO E 33 -22.25 31.36 -5.51
C PRO E 33 -22.82 32.53 -6.28
N GLY E 34 -21.97 33.17 -7.08
CA GLY E 34 -22.36 34.34 -7.84
C GLY E 34 -22.28 35.65 -7.08
N MET E 35 -21.79 35.63 -5.84
CA MET E 35 -21.63 36.86 -5.05
C MET E 35 -20.33 37.58 -5.32
N GLY E 36 -19.41 36.99 -6.10
CA GLY E 36 -18.18 37.66 -6.44
C GLY E 36 -17.09 37.59 -5.40
N ASP E 37 -17.10 36.58 -4.53
CA ASP E 37 -16.03 36.45 -3.54
C ASP E 37 -14.68 36.22 -4.22
N ASP E 38 -14.68 35.53 -5.37
CA ASP E 38 -13.43 35.32 -6.09
C ASP E 38 -12.80 36.63 -6.51
N ALA E 39 -13.62 37.58 -6.98
CA ALA E 39 -13.09 38.89 -7.36
C ALA E 39 -12.48 39.61 -6.17
N LEU E 40 -13.14 39.53 -5.00
CA LEU E 40 -12.60 40.15 -3.80
C LEU E 40 -11.26 39.53 -3.41
N ILE E 41 -11.17 38.20 -3.47
CA ILE E 41 -9.92 37.54 -3.12
C ILE E 41 -8.83 37.91 -4.10
N TYR E 42 -9.18 38.00 -5.38
CA TYR E 42 -8.18 38.38 -6.39
C TYR E 42 -7.69 39.80 -6.16
N ALA E 43 -8.60 40.72 -5.81
CA ALA E 43 -8.20 42.10 -5.53
C ALA E 43 -7.26 42.15 -4.32
N LEU E 44 -7.60 41.40 -3.26
CA LEU E 44 -6.73 41.37 -2.09
C LEU E 44 -5.36 40.79 -2.44
N SER E 45 -5.32 39.72 -3.24
CA SER E 45 -4.05 39.14 -3.64
C SER E 45 -3.22 40.13 -4.45
N ARG E 46 -3.86 40.83 -5.38
CA ARG E 46 -3.14 41.84 -6.16
C ARG E 46 -2.58 42.94 -5.27
N TYR E 47 -3.35 43.38 -4.28
CA TYR E 47 -2.86 44.39 -3.36
C TYR E 47 -1.66 43.87 -2.57
N LEU E 48 -1.72 42.64 -2.10
CA LEU E 48 -0.65 42.12 -1.24
C LEU E 48 0.65 41.93 -2.01
N LEU E 49 0.56 41.54 -3.28
CA LEU E 49 1.74 41.22 -4.08
C LEU E 49 2.29 42.42 -4.83
N CYS E 50 1.75 43.61 -4.65
CA CYS E 50 2.26 44.79 -5.33
C CYS E 50 3.46 45.35 -4.56
N GLN E 51 4.55 45.57 -5.28
CA GLN E 51 5.79 46.06 -4.66
C GLN E 51 5.71 47.54 -4.30
N GLN E 52 4.84 48.31 -4.95
CA GLN E 52 4.71 49.75 -4.71
C GLN E 52 3.24 50.10 -4.57
N PRO E 53 2.60 49.69 -3.49
CA PRO E 53 1.18 50.00 -3.31
C PRO E 53 0.96 51.51 -3.20
N GLN E 54 -0.16 51.97 -3.77
CA GLN E 54 -0.58 53.35 -3.64
C GLN E 54 -2.06 53.36 -3.24
N GLY E 55 -2.37 54.07 -2.16
CA GLY E 55 -3.73 54.04 -1.66
C GLY E 55 -4.15 52.63 -1.31
N HIS E 56 -5.34 52.24 -1.77
CA HIS E 56 -5.87 50.91 -1.56
C HIS E 56 -5.80 50.05 -2.81
N LYS E 57 -5.08 50.48 -3.84
CA LYS E 57 -5.04 49.78 -5.12
C LYS E 57 -3.59 49.62 -5.56
N SER E 58 -3.34 48.56 -6.32
CA SER E 58 -2.00 48.29 -6.82
C SER E 58 -1.59 49.30 -7.88
N CYS E 59 -0.29 49.55 -7.97
CA CYS E 59 0.22 50.51 -8.93
C CYS E 59 -0.08 50.08 -10.37
N GLY E 60 0.14 48.80 -10.67
CA GLY E 60 -0.11 48.27 -11.99
C GLY E 60 1.08 48.31 -12.94
N HIS E 61 2.21 48.88 -12.53
CA HIS E 61 3.39 48.95 -13.37
C HIS E 61 4.61 48.27 -12.80
N CYS E 62 4.62 47.93 -11.52
CA CYS E 62 5.77 47.25 -10.94
C CYS E 62 5.85 45.82 -11.47
N ARG E 63 6.99 45.17 -11.20
CA ARG E 63 7.21 43.82 -11.72
C ARG E 63 6.16 42.86 -11.19
N GLY E 64 5.76 43.00 -9.92
CA GLY E 64 4.74 42.13 -9.38
C GLY E 64 3.42 42.24 -10.12
N CYS E 65 3.01 43.47 -10.44
CA CYS E 65 1.77 43.66 -11.19
C CYS E 65 1.87 43.03 -12.57
N GLN E 66 3.01 43.20 -13.24
CA GLN E 66 3.19 42.61 -14.57
C GLN E 66 3.12 41.09 -14.50
N LEU E 67 3.78 40.49 -13.51
CA LEU E 67 3.73 39.04 -13.37
C LEU E 67 2.32 38.56 -13.08
N MET E 68 1.58 39.27 -12.21
CA MET E 68 0.21 38.88 -11.93
C MET E 68 -0.66 38.98 -13.19
N GLN E 69 -0.47 40.04 -13.98
CA GLN E 69 -1.21 40.15 -15.23
C GLN E 69 -0.88 39.01 -16.17
N ALA E 70 0.40 38.66 -16.28
CA ALA E 70 0.80 37.52 -17.09
C ALA E 70 0.39 36.19 -16.47
N GLY E 71 0.14 36.16 -15.17
CA GLY E 71 -0.26 34.93 -14.51
C GLY E 71 0.87 33.95 -14.28
N THR E 72 2.09 34.44 -14.06
CA THR E 72 3.26 33.61 -13.83
C THR E 72 4.04 34.10 -12.61
N HIS E 73 3.33 34.56 -11.59
CA HIS E 73 3.99 35.04 -10.39
C HIS E 73 4.48 33.86 -9.56
N PRO E 74 5.76 33.75 -9.24
CA PRO E 74 6.23 32.58 -8.47
C PRO E 74 5.58 32.43 -7.12
N ASP E 75 5.24 33.53 -6.45
CA ASP E 75 4.77 33.51 -5.07
C ASP E 75 3.25 33.41 -4.94
N TYR E 76 2.55 33.11 -6.03
CA TYR E 76 1.10 32.98 -6.02
C TYR E 76 0.74 31.51 -6.26
N TYR E 77 -0.02 30.93 -5.34
CA TYR E 77 -0.39 29.52 -5.41
C TYR E 77 -1.90 29.38 -5.39
N THR E 78 -2.42 28.48 -6.21
CA THR E 78 -3.85 28.21 -6.29
C THR E 78 -4.09 26.72 -6.13
N LEU E 79 -5.02 26.35 -5.25
CA LEU E 79 -5.40 24.97 -5.02
C LEU E 79 -6.82 24.77 -5.54
N ALA E 80 -6.95 24.07 -6.65
CA ALA E 80 -8.24 23.78 -7.27
C ALA E 80 -8.25 22.33 -7.73
N PRO E 81 -9.43 21.75 -7.88
CA PRO E 81 -9.50 20.36 -8.38
C PRO E 81 -9.02 20.26 -9.81
N GLU E 82 -8.56 19.07 -10.18
CA GLU E 82 -8.15 18.82 -11.54
C GLU E 82 -9.33 19.00 -12.49
N LYS E 83 -9.02 19.10 -13.79
CA LYS E 83 -10.07 19.34 -14.78
C LYS E 83 -11.07 18.20 -14.82
N GLY E 84 -10.60 16.96 -14.76
CA GLY E 84 -11.47 15.81 -14.84
C GLY E 84 -12.00 15.35 -13.50
N LYS E 85 -11.36 15.77 -12.42
CA LYS E 85 -11.74 15.35 -11.08
C LYS E 85 -12.73 16.34 -10.47
N ASN E 86 -13.21 16.01 -9.26
CA ASN E 86 -14.15 16.84 -8.54
C ASN E 86 -13.70 17.20 -7.13
N THR E 87 -12.70 16.51 -6.57
CA THR E 87 -12.21 16.77 -5.24
C THR E 87 -10.74 17.16 -5.29
N LEU E 88 -10.28 17.82 -4.24
CA LEU E 88 -8.90 18.25 -4.12
C LEU E 88 -8.15 17.25 -3.24
N GLY E 89 -7.11 16.63 -3.80
CA GLY E 89 -6.38 15.59 -3.12
C GLY E 89 -5.37 16.12 -2.12
N VAL E 90 -4.72 15.18 -1.43
CA VAL E 90 -3.73 15.53 -0.42
C VAL E 90 -2.34 15.76 -1.02
N ASP E 91 -2.06 15.20 -2.19
CA ASP E 91 -0.74 15.39 -2.78
C ASP E 91 -0.49 16.85 -3.11
N ALA E 92 -1.49 17.54 -3.66
CA ALA E 92 -1.33 18.96 -3.98
C ALA E 92 -1.10 19.77 -2.71
N VAL E 93 -1.84 19.47 -1.64
CA VAL E 93 -1.66 20.19 -0.39
C VAL E 93 -0.25 19.96 0.15
N ARG E 94 0.23 18.72 0.11
CA ARG E 94 1.57 18.43 0.61
C ARG E 94 2.63 19.16 -0.22
N GLU E 95 2.47 19.18 -1.54
CA GLU E 95 3.46 19.85 -2.39
C GLU E 95 3.46 21.35 -2.12
N VAL E 96 2.28 21.96 -1.96
CA VAL E 96 2.23 23.39 -1.66
C VAL E 96 2.86 23.66 -0.29
N THR E 97 2.59 22.80 0.69
CA THR E 97 3.17 22.99 2.01
C THR E 97 4.69 22.91 1.96
N GLU E 98 5.23 21.94 1.22
CA GLU E 98 6.69 21.83 1.14
C GLU E 98 7.28 23.00 0.37
N LYS E 99 6.58 23.51 -0.64
CA LYS E 99 7.10 24.65 -1.39
C LYS E 99 7.05 25.94 -0.58
N LEU E 100 6.10 26.06 0.35
CA LEU E 100 5.99 27.28 1.14
C LEU E 100 7.17 27.49 2.08
N ASN E 101 7.91 26.43 2.41
CA ASN E 101 9.00 26.56 3.38
C ASN E 101 10.09 27.50 2.89
N GLU E 102 10.48 27.38 1.62
CA GLU E 102 11.59 28.16 1.10
C GLU E 102 11.17 29.63 0.92
N HIS E 103 12.19 30.49 0.82
CA HIS E 103 11.96 31.92 0.73
C HIS E 103 11.31 32.29 -0.60
N ALA E 104 10.66 33.44 -0.61
CA ALA E 104 10.00 33.93 -1.82
C ALA E 104 11.04 34.36 -2.86
N ARG E 105 10.72 34.13 -4.13
CA ARG E 105 11.65 34.50 -5.20
C ARG E 105 11.85 36.01 -5.25
N LEU E 106 10.77 36.77 -5.12
CA LEU E 106 10.83 38.23 -5.20
C LEU E 106 11.02 38.91 -3.85
N GLY E 107 11.22 38.13 -2.80
CA GLY E 107 11.44 38.71 -1.48
C GLY E 107 10.25 39.49 -0.96
N GLY E 108 9.04 38.95 -1.12
CA GLY E 108 7.84 39.61 -0.65
C GLY E 108 6.87 38.65 0.00
N ALA E 109 5.59 38.99 -0.02
CA ALA E 109 4.57 38.14 0.59
C ALA E 109 4.23 36.97 -0.34
N LYS E 110 3.74 35.89 0.26
CA LYS E 110 3.31 34.71 -0.44
C LYS E 110 1.82 34.53 -0.22
N VAL E 111 1.07 34.28 -1.30
CA VAL E 111 -0.38 34.19 -1.26
C VAL E 111 -0.79 32.80 -1.75
N VAL E 112 -1.65 32.14 -0.98
CA VAL E 112 -2.20 30.84 -1.33
C VAL E 112 -3.72 30.98 -1.31
N TRP E 113 -4.37 30.57 -2.40
CA TRP E 113 -5.81 30.68 -2.56
C TRP E 113 -6.41 29.30 -2.77
N VAL E 114 -7.35 28.92 -1.91
CA VAL E 114 -8.11 27.68 -2.04
C VAL E 114 -9.44 28.02 -2.70
N THR E 115 -9.69 27.47 -3.89
CA THR E 115 -10.87 27.84 -4.64
C THR E 115 -12.15 27.51 -3.88
N ASP E 116 -12.22 26.32 -3.28
CA ASP E 116 -13.39 25.89 -2.54
C ASP E 116 -12.95 24.93 -1.45
N ALA E 117 -13.12 25.32 -0.19
CA ALA E 117 -12.71 24.47 0.92
C ALA E 117 -13.64 23.28 1.11
N ALA E 118 -14.86 23.33 0.57
CA ALA E 118 -15.79 22.23 0.71
C ALA E 118 -15.39 21.01 -0.10
N LEU E 119 -14.52 21.18 -1.10
CA LEU E 119 -14.07 20.07 -1.94
C LEU E 119 -12.87 19.34 -1.37
N LEU E 120 -12.27 19.85 -0.30
CA LEU E 120 -11.14 19.18 0.31
C LEU E 120 -11.55 17.83 0.89
N THR E 121 -10.73 16.81 0.66
CA THR E 121 -10.93 15.52 1.28
C THR E 121 -10.51 15.58 2.74
N ASP E 122 -10.87 14.53 3.49
CA ASP E 122 -10.52 14.49 4.91
C ASP E 122 -9.01 14.51 5.10
N ALA E 123 -8.29 13.74 4.29
CA ALA E 123 -6.83 13.70 4.43
C ALA E 123 -6.21 15.06 4.14
N ALA E 124 -6.67 15.74 3.08
CA ALA E 124 -6.13 17.06 2.77
C ALA E 124 -6.44 18.06 3.85
N ALA E 125 -7.68 18.04 4.37
CA ALA E 125 -8.05 18.97 5.43
C ALA E 125 -7.19 18.74 6.67
N ASN E 126 -6.97 17.48 7.05
CA ASN E 126 -6.12 17.21 8.21
C ASN E 126 -4.68 17.62 7.95
N ALA E 127 -4.17 17.41 6.74
CA ALA E 127 -2.79 17.78 6.44
C ALA E 127 -2.60 19.29 6.46
N LEU E 128 -3.63 20.06 6.10
CA LEU E 128 -3.50 21.51 6.06
C LEU E 128 -3.49 22.15 7.43
N LEU E 129 -3.88 21.44 8.49
CA LEU E 129 -4.06 22.06 9.80
C LEU E 129 -2.75 22.61 10.34
N LYS E 130 -1.69 21.79 10.31
CA LYS E 130 -0.43 22.21 10.91
C LYS E 130 0.13 23.44 10.21
N THR E 131 0.08 23.46 8.88
CA THR E 131 0.55 24.62 8.14
C THR E 131 -0.31 25.85 8.43
N LEU E 132 -1.63 25.66 8.54
CA LEU E 132 -2.51 26.80 8.73
C LEU E 132 -2.38 27.39 10.13
N GLU E 133 -2.05 26.57 11.13
CA GLU E 133 -1.95 27.07 12.50
C GLU E 133 -0.79 28.03 12.67
N GLU E 134 0.39 27.64 12.20
CA GLU E 134 1.63 28.41 12.39
C GLU E 134 2.34 28.54 11.04
N PRO E 135 1.80 29.35 10.14
CA PRO E 135 2.44 29.53 8.83
C PRO E 135 3.72 30.33 8.95
N PRO E 136 4.62 30.23 7.98
CA PRO E 136 5.83 31.06 8.00
C PRO E 136 5.49 32.52 7.81
N ALA E 137 6.47 33.37 8.13
CA ALA E 137 6.27 34.82 8.07
C ALA E 137 5.93 35.26 6.65
N GLU E 138 5.08 36.28 6.56
CA GLU E 138 4.68 36.86 5.27
C GLU E 138 4.00 35.82 4.38
N THR E 139 3.08 35.06 4.99
CA THR E 139 2.28 34.07 4.26
C THR E 139 0.81 34.32 4.58
N TRP E 140 -0.02 34.37 3.54
CA TRP E 140 -1.44 34.65 3.68
C TRP E 140 -2.25 33.56 3.00
N PHE E 141 -3.33 33.13 3.65
CA PHE E 141 -4.22 32.11 3.14
C PHE E 141 -5.61 32.70 2.94
N PHE E 142 -6.25 32.33 1.82
CA PHE E 142 -7.61 32.74 1.52
C PHE E 142 -8.42 31.50 1.20
N LEU E 143 -9.58 31.35 1.85
CA LEU E 143 -10.48 30.23 1.65
C LEU E 143 -11.88 30.75 1.42
N ALA E 144 -12.63 30.07 0.56
CA ALA E 144 -14.01 30.42 0.25
C ALA E 144 -14.88 29.18 0.35
N THR E 145 -16.08 29.35 0.91
CA THR E 145 -17.01 28.24 1.07
C THR E 145 -18.43 28.79 1.17
N ARG E 146 -19.39 27.90 0.95
CA ARG E 146 -20.81 28.26 1.05
C ARG E 146 -21.32 28.03 2.47
N GLU E 147 -21.15 26.82 2.98
CA GLU E 147 -21.62 26.43 4.32
C GLU E 147 -20.42 26.11 5.19
N PRO E 148 -20.02 27.01 6.09
CA PRO E 148 -18.89 26.68 6.99
C PRO E 148 -19.13 25.44 7.84
N GLU E 149 -20.38 25.14 8.15
CA GLU E 149 -20.68 23.97 8.98
C GLU E 149 -20.22 22.67 8.34
N ARG E 150 -20.09 22.64 7.02
CA ARG E 150 -19.63 21.43 6.34
C ARG E 150 -18.13 21.21 6.47
N LEU E 151 -17.38 22.23 6.85
CA LEU E 151 -15.93 22.11 6.99
C LEU E 151 -15.57 21.41 8.30
N LEU E 152 -14.32 20.95 8.37
CA LEU E 152 -13.82 20.32 9.58
C LEU E 152 -13.74 21.35 10.70
N ALA E 153 -14.17 20.94 11.91
CA ALA E 153 -14.21 21.87 13.03
C ALA E 153 -12.83 22.39 13.37
N THR E 154 -11.82 21.50 13.39
CA THR E 154 -10.46 21.94 13.70
C THR E 154 -9.95 22.93 12.65
N LEU E 155 -10.22 22.66 11.37
CA LEU E 155 -9.83 23.59 10.33
C LEU E 155 -10.57 24.91 10.47
N ARG E 156 -11.87 24.85 10.79
CA ARG E 156 -12.66 26.06 10.91
C ARG E 156 -12.16 26.94 12.05
N SER E 157 -11.76 26.33 13.16
CA SER E 157 -11.35 27.09 14.34
C SER E 157 -10.08 27.89 14.13
N ARG E 158 -9.32 27.62 13.06
CA ARG E 158 -8.04 28.30 12.82
C ARG E 158 -8.17 29.51 11.91
N CYS E 159 -9.37 29.87 11.48
CA CYS E 159 -9.58 30.91 10.49
C CYS E 159 -10.41 32.06 11.06
N ARG E 160 -10.31 33.21 10.41
CA ARG E 160 -11.14 34.37 10.70
C ARG E 160 -12.25 34.42 9.66
N LEU E 161 -13.50 34.42 10.12
CA LEU E 161 -14.65 34.33 9.22
C LEU E 161 -15.12 35.72 8.81
N HIS E 162 -15.44 35.86 7.53
CA HIS E 162 -16.05 37.07 7.00
C HIS E 162 -17.23 36.68 6.13
N TYR E 163 -18.39 37.26 6.41
CA TYR E 163 -19.64 36.90 5.74
C TYR E 163 -20.09 38.04 4.82
N LEU E 164 -20.48 37.68 3.61
CA LEU E 164 -20.99 38.64 2.63
C LEU E 164 -22.52 38.53 2.59
N ALA E 165 -23.19 39.63 2.94
CA ALA E 165 -24.65 39.65 2.97
C ALA E 165 -25.19 40.04 1.60
N PRO E 166 -26.15 39.28 1.05
CA PRO E 166 -26.72 39.69 -0.23
C PRO E 166 -27.39 41.04 -0.11
N PRO E 167 -27.42 41.82 -1.20
CA PRO E 167 -28.04 43.14 -1.14
C PRO E 167 -29.54 43.04 -0.99
N PRO E 168 -30.23 44.15 -0.71
CA PRO E 168 -31.69 44.08 -0.57
C PRO E 168 -32.37 43.66 -1.87
N GLU E 169 -33.58 43.12 -1.72
CA GLU E 169 -34.28 42.51 -2.84
C GLU E 169 -34.55 43.53 -3.95
N GLN E 170 -34.99 44.73 -3.59
CA GLN E 170 -35.32 45.73 -4.60
C GLN E 170 -34.10 46.13 -5.40
N TYR E 171 -32.96 46.32 -4.74
CA TYR E 171 -31.74 46.67 -5.44
C TYR E 171 -31.32 45.56 -6.40
N ALA E 172 -31.41 44.31 -5.95
CA ALA E 172 -31.06 43.18 -6.81
C ALA E 172 -31.97 43.12 -8.02
N VAL E 173 -33.28 43.33 -7.82
CA VAL E 173 -34.22 43.29 -8.93
C VAL E 173 -33.91 44.40 -9.93
N THR E 174 -33.61 45.61 -9.44
CA THR E 174 -33.27 46.71 -10.33
C THR E 174 -32.00 46.40 -11.11
N TRP E 175 -30.99 45.86 -10.45
CA TRP E 175 -29.74 45.52 -11.13
C TRP E 175 -29.97 44.46 -12.19
N LEU E 176 -30.77 43.43 -11.88
CA LEU E 176 -31.05 42.38 -12.86
C LEU E 176 -31.81 42.94 -14.05
N SER E 177 -32.81 43.79 -13.80
CA SER E 177 -33.54 44.40 -14.91
C SER E 177 -32.62 45.23 -15.78
N ARG E 178 -31.66 45.94 -15.15
CA ARG E 178 -30.68 46.68 -15.93
C ARG E 178 -29.83 45.76 -16.78
N GLU E 179 -29.41 44.62 -16.23
CA GLU E 179 -28.49 43.73 -16.94
C GLU E 179 -29.20 43.02 -18.09
N VAL E 180 -30.39 42.47 -17.83
CA VAL E 180 -31.10 41.66 -18.80
C VAL E 180 -32.54 42.14 -18.89
N THR E 181 -33.18 41.84 -20.01
CA THR E 181 -34.58 42.21 -20.26
C THR E 181 -35.46 41.01 -20.00
N MET E 182 -36.44 41.18 -19.12
CA MET E 182 -37.36 40.10 -18.76
C MET E 182 -38.49 40.71 -17.95
N SER E 183 -39.54 39.92 -17.75
CA SER E 183 -40.67 40.37 -16.94
C SER E 183 -40.27 40.45 -15.46
N GLN E 184 -40.97 41.30 -14.73
CA GLN E 184 -40.66 41.49 -13.31
C GLN E 184 -40.86 40.19 -12.53
N ASP E 185 -41.94 39.46 -12.83
CA ASP E 185 -42.19 38.21 -12.12
C ASP E 185 -41.08 37.21 -12.37
N ALA E 186 -40.61 37.10 -13.62
CA ALA E 186 -39.54 36.17 -13.93
C ALA E 186 -38.26 36.54 -13.18
N LEU E 187 -37.92 37.82 -13.15
CA LEU E 187 -36.73 38.25 -12.43
C LEU E 187 -36.85 37.96 -10.95
N LEU E 188 -38.01 38.24 -10.36
CA LEU E 188 -38.19 37.98 -8.94
C LEU E 188 -38.10 36.49 -8.64
N ALA E 189 -38.72 35.65 -9.47
CA ALA E 189 -38.64 34.21 -9.26
C ALA E 189 -37.21 33.72 -9.37
N ALA E 190 -36.47 34.20 -10.37
CA ALA E 190 -35.07 33.78 -10.52
C ALA E 190 -34.24 34.23 -9.31
N LEU E 191 -34.47 35.45 -8.82
CA LEU E 191 -33.74 35.93 -7.66
C LEU E 191 -34.04 35.09 -6.42
N ARG E 192 -35.32 34.74 -6.22
CA ARG E 192 -35.68 33.96 -5.05
C ARG E 192 -35.16 32.53 -5.14
N LEU E 193 -35.14 31.95 -6.35
CA LEU E 193 -34.60 30.62 -6.52
C LEU E 193 -33.11 30.54 -6.19
N SER E 194 -32.39 31.65 -6.29
CA SER E 194 -30.96 31.70 -6.01
C SER E 194 -30.66 32.19 -4.60
N ALA E 195 -31.64 32.14 -3.70
CA ALA E 195 -31.46 32.58 -2.32
C ALA E 195 -31.12 34.08 -2.25
N GLY E 196 -31.60 34.85 -3.21
CA GLY E 196 -31.42 36.28 -3.19
C GLY E 196 -30.05 36.77 -3.61
N SER E 197 -29.22 35.91 -4.20
CA SER E 197 -27.87 36.30 -4.60
C SER E 197 -27.88 36.71 -6.06
N PRO E 198 -27.61 37.97 -6.41
CA PRO E 198 -27.51 38.33 -7.82
C PRO E 198 -26.32 37.67 -8.49
N GLY E 199 -26.40 37.57 -9.81
CA GLY E 199 -25.41 36.88 -10.60
C GLY E 199 -25.79 35.45 -10.87
N ALA E 200 -26.24 34.73 -9.84
CA ALA E 200 -26.79 33.40 -10.04
C ALA E 200 -28.04 33.46 -10.90
N ALA E 201 -28.91 34.44 -10.65
CA ALA E 201 -30.06 34.64 -11.52
C ALA E 201 -29.61 35.03 -12.93
N LEU E 202 -28.57 35.88 -13.02
CA LEU E 202 -28.02 36.21 -14.32
C LEU E 202 -27.46 34.97 -15.01
N ALA E 203 -26.82 34.08 -14.24
CA ALA E 203 -26.35 32.83 -14.81
C ALA E 203 -27.50 31.97 -15.34
N LEU E 204 -28.61 31.93 -14.60
CA LEU E 204 -29.77 31.19 -15.07
C LEU E 204 -30.32 31.78 -16.36
N PHE E 205 -30.40 33.11 -16.44
CA PHE E 205 -31.02 33.73 -17.61
C PHE E 205 -30.13 33.63 -18.83
N GLN E 206 -28.82 33.87 -18.67
CA GLN E 206 -27.93 33.91 -19.82
C GLN E 206 -27.84 32.55 -20.51
N GLY E 207 -27.92 31.47 -19.74
CA GLY E 207 -27.86 30.12 -20.28
C GLY E 207 -29.23 29.65 -20.76
N ASP E 208 -29.30 28.35 -21.04
CA ASP E 208 -30.52 27.69 -21.48
C ASP E 208 -31.28 27.04 -20.32
N ASN E 209 -30.88 27.33 -19.08
CA ASN E 209 -31.54 26.70 -17.93
C ASN E 209 -33.00 27.10 -17.83
N TRP E 210 -33.35 28.30 -18.31
CA TRP E 210 -34.74 28.74 -18.23
C TRP E 210 -35.65 27.85 -19.07
N GLN E 211 -35.18 27.46 -20.27
CA GLN E 211 -35.97 26.55 -21.10
C GLN E 211 -36.13 25.20 -20.43
N ALA E 212 -35.08 24.71 -19.77
CA ALA E 212 -35.18 23.45 -19.05
C ALA E 212 -36.20 23.55 -17.92
N ARG E 213 -36.20 24.68 -17.21
CA ARG E 213 -37.19 24.88 -16.15
C ARG E 213 -38.60 24.90 -16.72
N GLU E 214 -38.79 25.57 -17.86
CA GLU E 214 -40.12 25.58 -18.48
C GLU E 214 -40.55 24.18 -18.88
N THR E 215 -39.63 23.40 -19.46
CA THR E 215 -39.96 22.02 -19.83
C THR E 215 -40.34 21.21 -18.60
N LEU E 216 -39.59 21.36 -17.51
CA LEU E 216 -39.92 20.64 -16.29
C LEU E 216 -41.29 21.05 -15.76
N CYS E 217 -41.60 22.35 -15.81
CA CYS E 217 -42.91 22.80 -15.34
C CYS E 217 -44.02 22.21 -16.18
N GLN E 218 -43.86 22.18 -17.52
CA GLN E 218 -44.88 21.59 -18.37
C GLN E 218 -45.05 20.11 -18.08
N ALA E 219 -43.93 19.39 -17.92
CA ALA E 219 -44.01 17.96 -17.62
C ALA E 219 -44.73 17.72 -16.30
N LEU E 220 -44.42 18.52 -15.27
CA LEU E 220 -45.08 18.35 -13.99
C LEU E 220 -46.57 18.69 -14.08
N ALA E 221 -46.90 19.72 -14.86
CA ALA E 221 -48.31 20.07 -15.05
C ALA E 221 -49.06 18.92 -15.71
N TYR E 222 -48.44 18.26 -16.68
CA TYR E 222 -49.08 17.09 -17.28
C TYR E 222 -49.19 15.94 -16.30
N SER E 223 -48.16 15.74 -15.47
CA SER E 223 -48.10 14.54 -14.65
C SER E 223 -49.05 14.62 -13.46
N VAL E 224 -49.19 15.81 -12.86
CA VAL E 224 -49.94 15.92 -11.61
C VAL E 224 -51.38 15.45 -11.76
N PRO E 225 -52.15 15.86 -12.76
CA PRO E 225 -53.53 15.35 -12.87
C PRO E 225 -53.60 13.85 -13.10
N SER E 226 -52.90 13.36 -14.12
CA SER E 226 -52.97 11.93 -14.44
C SER E 226 -52.39 11.08 -13.31
N GLY E 227 -51.28 11.52 -12.73
CA GLY E 227 -50.59 10.77 -11.70
C GLY E 227 -49.43 9.94 -12.18
N ASP E 228 -49.03 10.08 -13.44
CA ASP E 228 -47.90 9.33 -14.00
C ASP E 228 -46.63 10.16 -13.78
N TRP E 229 -45.99 9.95 -12.63
CA TRP E 229 -44.77 10.68 -12.30
C TRP E 229 -43.54 10.09 -12.95
N TYR E 230 -43.63 8.89 -13.54
CA TYR E 230 -42.48 8.32 -14.22
C TYR E 230 -42.07 9.14 -15.43
N SER E 231 -43.05 9.77 -16.10
CA SER E 231 -42.76 10.55 -17.29
C SER E 231 -41.78 11.69 -17.03
N LEU E 232 -41.65 12.12 -15.77
CA LEU E 232 -40.71 13.18 -15.44
C LEU E 232 -39.26 12.76 -15.59
N LEU E 233 -38.98 11.46 -15.77
CA LEU E 233 -37.60 11.00 -15.85
C LEU E 233 -36.82 11.76 -16.91
N ALA E 234 -37.39 11.88 -18.12
CA ALA E 234 -36.69 12.56 -19.20
C ALA E 234 -36.36 14.01 -18.84
N ALA E 235 -37.21 14.64 -18.02
CA ALA E 235 -36.98 16.03 -17.63
C ALA E 235 -35.98 16.17 -16.48
N LEU E 236 -35.64 15.07 -15.81
CA LEU E 236 -34.74 15.12 -14.67
C LEU E 236 -33.40 14.44 -14.90
N ASN E 237 -33.35 13.42 -15.78
CA ASN E 237 -32.12 12.69 -16.01
C ASN E 237 -31.15 13.53 -16.83
N HIS E 238 -30.28 14.26 -16.15
CA HIS E 238 -29.33 15.15 -16.81
C HIS E 238 -28.18 15.42 -15.87
N GLU E 239 -27.08 15.96 -16.41
CA GLU E 239 -25.92 16.27 -15.60
C GLU E 239 -26.23 17.36 -14.57
N GLN E 240 -27.25 18.17 -14.80
CA GLN E 240 -27.67 19.23 -13.87
C GLN E 240 -28.86 18.78 -13.02
N ALA E 241 -28.91 17.50 -12.66
CA ALA E 241 -30.04 17.00 -11.89
C ALA E 241 -30.26 17.72 -10.57
N PRO E 242 -29.23 18.03 -9.77
CA PRO E 242 -29.49 18.70 -8.48
C PRO E 242 -30.28 19.99 -8.60
N ALA E 243 -29.99 20.80 -9.62
CA ALA E 243 -30.71 22.07 -9.78
C ALA E 243 -32.18 21.81 -10.07
N ARG E 244 -32.48 20.84 -10.93
CA ARG E 244 -33.87 20.56 -11.26
C ARG E 244 -34.61 19.95 -10.08
N LEU E 245 -33.92 19.12 -9.29
CA LEU E 245 -34.53 18.61 -8.06
C LEU E 245 -34.81 19.74 -7.09
N HIS E 246 -33.91 20.72 -7.01
CA HIS E 246 -34.15 21.89 -6.16
C HIS E 246 -35.37 22.67 -6.66
N TRP E 247 -35.51 22.83 -7.97
CA TRP E 247 -36.67 23.51 -8.52
C TRP E 247 -37.97 22.77 -8.17
N LEU E 248 -37.95 21.44 -8.30
CA LEU E 248 -39.13 20.65 -7.94
C LEU E 248 -39.46 20.79 -6.47
N ALA E 249 -38.45 20.75 -5.61
CA ALA E 249 -38.68 20.92 -4.18
C ALA E 249 -39.25 22.30 -3.88
N THR E 250 -38.76 23.32 -4.56
CA THR E 250 -39.30 24.67 -4.38
C THR E 250 -40.77 24.73 -4.79
N LEU E 251 -41.12 24.09 -5.91
CA LEU E 251 -42.52 24.06 -6.33
C LEU E 251 -43.39 23.36 -5.29
N LEU E 252 -42.92 22.23 -4.76
CA LEU E 252 -43.69 21.51 -3.74
C LEU E 252 -43.86 22.36 -2.49
N MET E 253 -42.80 23.04 -2.05
CA MET E 253 -42.89 23.91 -0.89
C MET E 253 -43.88 25.05 -1.12
N ASP E 254 -43.84 25.64 -2.32
CA ASP E 254 -44.78 26.71 -2.63
C ASP E 254 -46.22 26.21 -2.58
N ALA E 255 -46.46 25.01 -3.13
CA ALA E 255 -47.81 24.44 -3.08
C ALA E 255 -48.26 24.21 -1.64
N LEU E 256 -47.37 23.68 -0.81
CA LEU E 256 -47.73 23.42 0.59
C LEU E 256 -48.02 24.72 1.33
N LYS E 257 -47.19 25.74 1.12
CA LYS E 257 -47.43 27.04 1.75
C LYS E 257 -48.74 27.65 1.28
N ARG E 258 -49.04 27.52 -0.02
CA ARG E 258 -50.31 28.01 -0.52
C ARG E 258 -51.48 27.29 0.14
N HIS E 259 -51.35 25.98 0.34
CA HIS E 259 -52.39 25.24 1.06
C HIS E 259 -52.56 25.79 2.47
N HIS E 260 -51.44 25.99 3.18
CA HIS E 260 -51.52 26.54 4.53
C HIS E 260 -51.98 27.99 4.55
N GLY E 261 -51.79 28.72 3.45
CA GLY E 261 -52.18 30.11 3.37
C GLY E 261 -51.02 31.05 3.64
N ALA E 262 -50.51 31.67 2.59
CA ALA E 262 -49.37 32.58 2.71
C ALA E 262 -49.43 33.59 1.58
N ALA E 263 -48.72 34.70 1.78
CA ALA E 263 -48.69 35.78 0.81
C ALA E 263 -47.46 35.76 -0.09
N GLN E 264 -46.39 35.09 0.31
CA GLN E 264 -45.15 35.04 -0.45
C GLN E 264 -44.88 33.60 -0.88
N VAL E 265 -44.56 33.43 -2.16
CA VAL E 265 -44.19 32.14 -2.72
C VAL E 265 -42.99 32.34 -3.64
N THR E 266 -42.07 31.37 -3.61
CA THR E 266 -40.86 31.48 -4.41
C THR E 266 -41.18 31.54 -5.90
N ASN E 267 -42.09 30.69 -6.37
CA ASN E 267 -42.47 30.64 -7.78
C ASN E 267 -43.67 31.55 -7.99
N VAL E 268 -43.40 32.81 -8.30
CA VAL E 268 -44.46 33.80 -8.49
C VAL E 268 -44.95 33.87 -9.94
N ASP E 269 -44.23 33.27 -10.89
CA ASP E 269 -44.59 33.34 -12.29
C ASP E 269 -45.43 32.16 -12.77
N VAL E 270 -45.74 31.20 -11.90
CA VAL E 270 -46.55 30.05 -12.27
C VAL E 270 -47.61 29.78 -11.21
N PRO E 271 -48.59 30.67 -11.02
CA PRO E 271 -49.64 30.38 -10.03
C PRO E 271 -50.45 29.13 -10.34
N GLY E 272 -50.67 28.83 -11.63
CA GLY E 272 -51.52 27.71 -11.97
C GLY E 272 -50.95 26.37 -11.53
N LEU E 273 -49.66 26.17 -11.73
CA LEU E 273 -49.04 24.90 -11.37
C LEU E 273 -49.11 24.67 -9.87
N VAL E 274 -48.79 25.69 -9.07
CA VAL E 274 -48.84 25.54 -7.62
C VAL E 274 -50.27 25.35 -7.15
N ALA E 275 -51.23 26.03 -7.78
CA ALA E 275 -52.63 25.84 -7.43
C ALA E 275 -53.06 24.40 -7.70
N GLU E 276 -52.70 23.85 -8.85
CA GLU E 276 -53.05 22.47 -9.16
C GLU E 276 -52.38 21.50 -8.20
N LEU E 277 -51.11 21.73 -7.87
CA LEU E 277 -50.43 20.87 -6.91
C LEU E 277 -51.11 20.89 -5.56
N ALA E 278 -51.50 22.08 -5.09
CA ALA E 278 -52.20 22.17 -3.81
C ALA E 278 -53.55 21.47 -3.85
N ASN E 279 -54.27 21.62 -4.96
CA ASN E 279 -55.61 21.04 -5.05
C ASN E 279 -55.56 19.52 -5.11
N HIS E 280 -54.62 18.96 -5.87
CA HIS E 280 -54.64 17.53 -6.17
C HIS E 280 -53.87 16.68 -5.17
N LEU E 281 -53.14 17.27 -4.23
CA LEU E 281 -52.33 16.52 -3.28
C LEU E 281 -52.60 17.00 -1.86
N SER E 282 -52.53 16.07 -0.91
CA SER E 282 -52.73 16.36 0.50
C SER E 282 -51.42 16.82 1.13
N PRO E 283 -51.48 17.56 2.25
CA PRO E 283 -50.25 18.06 2.86
C PRO E 283 -49.26 16.98 3.24
N SER E 284 -49.74 15.85 3.77
CA SER E 284 -48.82 14.79 4.20
C SER E 284 -48.05 14.22 3.02
N ARG E 285 -48.74 13.96 1.92
CA ARG E 285 -48.06 13.44 0.73
C ARG E 285 -47.07 14.46 0.18
N LEU E 286 -47.44 15.75 0.20
CA LEU E 286 -46.51 16.78 -0.25
C LEU E 286 -45.25 16.80 0.61
N GLN E 287 -45.42 16.70 1.94
CA GLN E 287 -44.25 16.69 2.82
C GLN E 287 -43.39 15.46 2.56
N ALA E 288 -44.00 14.30 2.39
CA ALA E 288 -43.23 13.08 2.14
C ALA E 288 -42.45 13.19 0.84
N ILE E 289 -43.10 13.69 -0.22
CA ILE E 289 -42.43 13.83 -1.51
C ILE E 289 -41.29 14.83 -1.42
N LEU E 290 -41.51 15.94 -0.71
CA LEU E 290 -40.45 16.94 -0.55
C LEU E 290 -39.26 16.35 0.19
N GLY E 291 -39.51 15.61 1.26
CA GLY E 291 -38.42 14.97 1.98
C GLY E 291 -37.65 13.99 1.12
N ASP E 292 -38.37 13.17 0.35
CA ASP E 292 -37.70 12.22 -0.53
C ASP E 292 -36.86 12.93 -1.58
N VAL E 293 -37.39 14.00 -2.17
CA VAL E 293 -36.64 14.74 -3.19
C VAL E 293 -35.37 15.33 -2.59
N CYS E 294 -35.48 15.94 -1.40
CA CYS E 294 -34.30 16.50 -0.77
C CYS E 294 -33.26 15.43 -0.46
N HIS E 295 -33.72 14.29 0.07
CA HIS E 295 -32.79 13.21 0.39
C HIS E 295 -32.08 12.69 -0.86
N ILE E 296 -32.83 12.52 -1.95
CA ILE E 296 -32.22 12.01 -3.18
C ILE E 296 -31.23 13.03 -3.75
N ARG E 297 -31.57 14.32 -3.68
CA ARG E 297 -30.63 15.34 -4.13
C ARG E 297 -29.35 15.31 -3.31
N GLU E 298 -29.47 15.17 -1.99
CA GLU E 298 -28.29 15.10 -1.15
C GLU E 298 -27.45 13.86 -1.49
N GLN E 299 -28.11 12.73 -1.72
CA GLN E 299 -27.37 11.52 -2.08
C GLN E 299 -26.64 11.70 -3.40
N LEU E 300 -27.29 12.30 -4.39
CA LEU E 300 -26.64 12.53 -5.68
C LEU E 300 -25.44 13.45 -5.52
N MET E 301 -25.57 14.51 -4.73
CA MET E 301 -24.46 15.45 -4.57
C MET E 301 -23.33 14.87 -3.73
N SER E 302 -23.63 13.94 -2.84
CA SER E 302 -22.63 13.44 -1.88
C SER E 302 -21.91 12.20 -2.39
N VAL E 303 -22.67 11.13 -2.67
CA VAL E 303 -22.05 9.86 -3.03
C VAL E 303 -21.32 10.00 -4.36
N THR E 304 -20.12 9.40 -4.43
CA THR E 304 -19.29 9.45 -5.62
C THR E 304 -19.50 8.18 -6.43
N GLY E 305 -19.73 8.35 -7.74
CA GLY E 305 -19.95 7.23 -8.63
C GLY E 305 -21.36 6.69 -8.64
N ILE E 306 -22.29 7.31 -7.93
CA ILE E 306 -23.66 6.82 -7.89
C ILE E 306 -24.29 6.97 -9.27
N ASN E 307 -25.19 6.05 -9.60
CA ASN E 307 -25.87 6.05 -10.90
C ASN E 307 -27.10 6.94 -10.82
N ARG E 308 -27.15 7.93 -11.71
CA ARG E 308 -28.23 8.93 -11.65
C ARG E 308 -29.57 8.32 -12.08
N GLU E 309 -29.58 7.59 -13.19
CA GLU E 309 -30.84 7.11 -13.74
C GLU E 309 -31.54 6.15 -12.77
N LEU E 310 -30.79 5.25 -12.15
CA LEU E 310 -31.39 4.29 -11.23
C LEU E 310 -32.02 5.00 -10.05
N LEU E 311 -31.31 5.97 -9.47
CA LEU E 311 -31.85 6.71 -8.33
C LEU E 311 -33.10 7.49 -8.71
N ILE E 312 -33.09 8.16 -9.86
CA ILE E 312 -34.25 8.95 -10.26
C ILE E 312 -35.44 8.03 -10.52
N THR E 313 -35.21 6.90 -11.19
CA THR E 313 -36.31 5.96 -11.45
C THR E 313 -36.88 5.42 -10.16
N ASP E 314 -36.01 5.06 -9.20
CA ASP E 314 -36.49 4.58 -7.92
C ASP E 314 -37.31 5.65 -7.20
N LEU E 315 -36.84 6.89 -7.24
CA LEU E 315 -37.58 7.99 -6.60
C LEU E 315 -38.96 8.15 -7.22
N LEU E 316 -39.04 8.13 -8.55
CA LEU E 316 -40.33 8.32 -9.21
C LEU E 316 -41.28 7.18 -8.89
N LEU E 317 -40.80 5.94 -8.94
CA LEU E 317 -41.65 4.81 -8.61
C LEU E 317 -42.11 4.87 -7.15
N ARG E 318 -41.22 5.27 -6.25
CA ARG E 318 -41.58 5.40 -4.85
C ARG E 318 -42.66 6.47 -4.66
N ILE E 319 -42.55 7.59 -5.36
CA ILE E 319 -43.56 8.63 -5.27
C ILE E 319 -44.90 8.11 -5.78
N GLU E 320 -44.88 7.41 -6.91
CA GLU E 320 -46.13 6.83 -7.44
C GLU E 320 -46.76 5.88 -6.44
N HIS E 321 -45.93 5.05 -5.78
CA HIS E 321 -46.46 4.14 -4.77
C HIS E 321 -47.05 4.91 -3.60
N TYR E 322 -46.38 5.98 -3.16
CA TYR E 322 -46.90 6.78 -2.05
C TYR E 322 -48.25 7.39 -2.41
N LEU E 323 -48.44 7.76 -3.68
CA LEU E 323 -49.71 8.34 -4.08
C LEU E 323 -50.89 7.39 -3.86
N GLN E 324 -50.63 6.09 -3.76
CA GLN E 324 -51.72 5.14 -3.57
C GLN E 324 -52.28 5.24 -2.16
N PRO E 325 -53.58 5.01 -1.98
CA PRO E 325 -54.16 5.06 -0.63
C PRO E 325 -53.64 3.93 0.25
N GLY E 326 -53.65 4.20 1.57
CA GLY E 326 -53.31 3.17 2.54
C GLY E 326 -51.85 2.80 2.61
N VAL E 327 -50.96 3.73 2.23
CA VAL E 327 -49.52 3.48 2.24
C VAL E 327 -48.91 4.30 3.38
N VAL E 328 -48.11 3.65 4.21
CA VAL E 328 -47.45 4.33 5.32
C VAL E 328 -46.40 5.28 4.78
N LEU E 329 -46.40 6.53 5.28
CA LEU E 329 -45.47 7.53 4.80
C LEU E 329 -44.25 7.62 5.71
N PRO E 330 -43.09 8.02 5.20
CA PRO E 330 -41.91 8.15 6.06
C PRO E 330 -42.07 9.25 7.10
N VAL E 331 -41.37 9.08 8.21
CA VAL E 331 -41.34 10.06 9.29
C VAL E 331 -39.89 10.45 9.54
N PRO E 332 -39.55 11.73 9.66
CA PRO E 332 -38.15 12.09 9.94
C PRO E 332 -37.68 11.51 11.28
N HIS E 333 -36.41 11.17 11.33
CA HIS E 333 -35.81 10.61 12.53
C HIS E 333 -34.33 10.93 12.56
N LEU E 334 -33.74 10.80 13.74
CA LEU E 334 -32.31 11.03 13.91
C LEU E 334 -31.49 10.06 13.08
N THR F 2 -55.63 5.01 16.22
CA THR F 2 -54.79 4.47 17.28
C THR F 2 -54.78 5.40 18.49
N SER F 3 -54.21 4.91 19.59
CA SER F 3 -54.13 5.72 20.80
C SER F 3 -53.23 6.93 20.59
N ARG F 4 -53.59 8.03 21.26
CA ARG F 4 -52.79 9.25 21.13
C ARG F 4 -51.37 9.04 21.63
N ARG F 5 -51.21 8.35 22.77
CA ARG F 5 -49.88 8.13 23.31
C ARG F 5 -49.03 7.29 22.38
N ASP F 6 -49.62 6.26 21.77
CA ASP F 6 -48.88 5.43 20.83
C ASP F 6 -48.44 6.23 19.62
N TRP F 7 -49.32 7.09 19.10
CA TRP F 7 -48.95 7.92 17.96
C TRP F 7 -47.83 8.89 18.33
N GLN F 8 -47.90 9.49 19.52
CA GLN F 8 -46.85 10.40 19.95
C GLN F 8 -45.52 9.68 20.09
N LEU F 9 -45.53 8.48 20.67
CA LEU F 9 -44.29 7.70 20.80
C LEU F 9 -43.75 7.33 19.44
N GLN F 10 -44.63 6.98 18.50
CA GLN F 10 -44.19 6.69 17.13
C GLN F 10 -43.51 7.90 16.52
N GLN F 11 -44.11 9.08 16.69
CA GLN F 11 -43.50 10.30 16.15
C GLN F 11 -42.15 10.58 16.78
N LEU F 12 -42.04 10.37 18.10
CA LEU F 12 -40.78 10.59 18.79
C LEU F 12 -39.71 9.57 18.42
N GLY F 13 -40.08 8.47 17.76
CA GLY F 13 -39.11 7.46 17.39
C GLY F 13 -38.80 6.45 18.47
N ILE F 14 -39.68 6.29 19.45
CA ILE F 14 -39.50 5.34 20.54
C ILE F 14 -40.33 4.10 20.24
N THR F 15 -39.67 2.95 20.17
CA THR F 15 -40.35 1.68 19.89
C THR F 15 -40.76 1.02 21.20
N GLN F 16 -41.94 0.42 21.19
CA GLN F 16 -42.50 -0.26 22.35
C GLN F 16 -42.42 -1.76 22.15
N TRP F 17 -41.91 -2.46 23.17
CA TRP F 17 -41.73 -3.90 23.13
C TRP F 17 -42.69 -4.58 24.09
N SER F 18 -43.34 -5.65 23.62
CA SER F 18 -44.29 -6.41 24.42
C SER F 18 -43.82 -7.86 24.53
N LEU F 19 -44.15 -8.48 25.65
CA LEU F 19 -43.75 -9.86 25.88
C LEU F 19 -44.38 -10.78 24.84
N ARG F 20 -43.58 -11.72 24.35
CA ARG F 20 -44.01 -12.71 23.37
C ARG F 20 -43.88 -14.14 23.89
N ARG F 21 -42.80 -14.44 24.61
CA ARG F 21 -42.60 -15.75 25.23
C ARG F 21 -42.24 -15.52 26.69
N PRO F 22 -43.22 -15.19 27.54
CA PRO F 22 -42.91 -14.88 28.94
C PRO F 22 -42.29 -16.04 29.70
N GLY F 23 -42.46 -17.28 29.23
CA GLY F 23 -41.85 -18.41 29.89
C GLY F 23 -40.33 -18.43 29.81
N ALA F 24 -39.76 -17.68 28.86
CA ALA F 24 -38.31 -17.63 28.73
C ALA F 24 -37.67 -17.02 29.98
N LEU F 25 -38.27 -15.96 30.51
CA LEU F 25 -37.73 -15.32 31.69
C LEU F 25 -37.79 -16.28 32.88
N GLN F 26 -36.70 -16.33 33.63
CA GLN F 26 -36.55 -17.19 34.79
C GLN F 26 -36.38 -16.31 36.03
N GLY F 27 -37.49 -15.93 36.64
CA GLY F 27 -37.44 -15.10 37.83
C GLY F 27 -38.82 -14.64 38.22
N GLU F 28 -38.87 -13.96 39.36
CA GLU F 28 -40.12 -13.42 39.89
C GLU F 28 -40.40 -12.05 39.26
N ILE F 29 -40.79 -12.09 37.98
CA ILE F 29 -41.05 -10.86 37.24
C ILE F 29 -42.22 -10.11 37.87
N ALA F 30 -43.26 -10.84 38.29
CA ALA F 30 -44.43 -10.24 38.93
C ALA F 30 -45.04 -9.15 38.06
N ILE F 31 -45.14 -9.41 36.76
CA ILE F 31 -45.74 -8.45 35.84
C ILE F 31 -47.20 -8.21 36.22
N ALA F 32 -47.93 -9.26 36.54
CA ALA F 32 -49.33 -9.14 36.92
C ALA F 32 -49.45 -8.73 38.38
N ILE F 33 -50.40 -7.82 38.65
CA ILE F 33 -50.65 -7.36 40.02
C ILE F 33 -52.10 -7.64 40.39
N MET G 1 40.92 -29.72 11.83
CA MET G 1 41.76 -29.24 10.70
C MET G 1 42.54 -27.99 11.10
N LYS G 2 43.87 -28.08 11.00
CA LYS G 2 44.75 -26.98 11.35
C LYS G 2 45.81 -26.84 10.28
N PHE G 3 46.12 -25.61 9.88
CA PHE G 3 47.23 -25.37 8.98
C PHE G 3 47.68 -23.92 9.09
N THR G 4 48.86 -23.64 8.56
CA THR G 4 49.44 -22.31 8.53
C THR G 4 50.06 -22.07 7.17
N VAL G 5 49.78 -20.92 6.56
CA VAL G 5 50.24 -20.59 5.22
C VAL G 5 50.63 -19.12 5.17
N GLU G 6 51.14 -18.72 4.00
CA GLU G 6 51.51 -17.33 3.74
C GLU G 6 50.45 -16.68 2.86
N ARG G 7 50.33 -15.36 2.98
CA ARG G 7 49.33 -14.62 2.22
C ARG G 7 49.59 -14.74 0.72
N GLU G 8 50.85 -14.64 0.31
CA GLU G 8 51.17 -14.66 -1.12
C GLU G 8 50.83 -16.01 -1.75
N HIS G 9 51.14 -17.11 -1.07
CA HIS G 9 50.90 -18.43 -1.64
C HIS G 9 49.41 -18.77 -1.73
N LEU G 10 48.56 -18.05 -1.00
CA LEU G 10 47.13 -18.34 -0.98
C LEU G 10 46.28 -17.31 -1.69
N LEU G 11 46.81 -16.12 -1.96
CA LEU G 11 45.98 -15.05 -2.52
C LEU G 11 45.47 -15.39 -3.91
N LYS G 12 46.34 -15.90 -4.78
CA LYS G 12 45.97 -16.09 -6.18
C LYS G 12 45.12 -17.35 -6.39
N PRO G 13 45.51 -18.50 -5.84
CA PRO G 13 44.63 -19.68 -6.00
C PRO G 13 43.24 -19.45 -5.45
N LEU G 14 43.13 -18.76 -4.32
CA LEU G 14 41.81 -18.47 -3.76
C LEU G 14 40.98 -17.61 -4.70
N GLN G 15 41.60 -16.58 -5.29
CA GLN G 15 40.89 -15.74 -6.26
C GLN G 15 40.44 -16.56 -7.46
N GLN G 16 41.31 -17.42 -7.98
CA GLN G 16 40.94 -18.23 -9.14
C GLN G 16 39.78 -19.15 -8.80
N VAL G 17 39.80 -19.76 -7.63
CA VAL G 17 38.75 -20.72 -7.27
C VAL G 17 37.43 -20.00 -7.00
N SER G 18 37.48 -18.82 -6.37
CA SER G 18 36.28 -18.11 -5.97
C SER G 18 35.74 -17.16 -7.05
N GLY G 19 36.44 -17.00 -8.16
CA GLY G 19 35.99 -16.11 -9.20
C GLY G 19 34.63 -16.47 -9.77
N PRO G 20 34.43 -17.76 -10.12
CA PRO G 20 33.13 -18.15 -10.70
C PRO G 20 31.95 -17.87 -9.79
N LEU G 21 32.12 -18.02 -8.48
CA LEU G 21 31.00 -17.89 -7.56
C LEU G 21 30.48 -16.46 -7.54
N GLY G 22 29.15 -16.33 -7.46
CA GLY G 22 28.53 -15.02 -7.40
C GLY G 22 27.03 -15.16 -7.38
N GLY G 23 26.36 -14.06 -7.06
CA GLY G 23 24.92 -14.04 -7.03
C GLY G 23 24.37 -14.88 -5.88
N ARG G 24 23.11 -15.32 -6.05
CA ARG G 24 22.46 -16.16 -5.07
C ARG G 24 22.49 -17.60 -5.57
N PRO G 25 23.24 -18.50 -4.94
CA PRO G 25 23.34 -19.86 -5.47
C PRO G 25 22.04 -20.65 -5.29
N THR G 26 21.93 -21.72 -6.06
CA THR G 26 20.76 -22.59 -5.96
C THR G 26 20.64 -23.19 -4.57
N LEU G 27 21.76 -23.60 -3.99
CA LEU G 27 21.82 -24.10 -2.63
C LEU G 27 22.88 -23.34 -1.85
N PRO G 28 22.70 -23.18 -0.53
CA PRO G 28 23.73 -22.47 0.24
C PRO G 28 25.10 -23.10 0.15
N ILE G 29 25.17 -24.43 0.13
CA ILE G 29 26.46 -25.11 0.11
C ILE G 29 27.24 -24.74 -1.14
N LEU G 30 26.55 -24.58 -2.26
CA LEU G 30 27.22 -24.21 -3.50
C LEU G 30 27.89 -22.84 -3.41
N GLY G 31 27.48 -22.01 -2.46
CA GLY G 31 28.10 -20.72 -2.27
C GLY G 31 29.39 -20.73 -1.47
N ASN G 32 29.85 -21.91 -1.04
CA ASN G 32 31.02 -22.05 -0.20
C ASN G 32 32.12 -22.79 -0.95
N LEU G 33 33.35 -22.60 -0.47
CA LEU G 33 34.51 -23.30 -0.96
C LEU G 33 34.84 -24.47 -0.05
N LEU G 34 35.20 -25.60 -0.64
CA LEU G 34 35.58 -26.79 0.11
C LEU G 34 37.09 -26.78 0.31
N LEU G 35 37.52 -26.79 1.57
CA LEU G 35 38.92 -26.85 1.94
C LEU G 35 39.23 -28.23 2.49
N GLN G 36 40.28 -28.85 1.97
CA GLN G 36 40.71 -30.16 2.43
C GLN G 36 42.22 -30.15 2.69
N VAL G 37 42.62 -30.57 3.89
CA VAL G 37 44.02 -30.67 4.27
C VAL G 37 44.35 -32.16 4.37
N ALA G 38 45.35 -32.60 3.62
CA ALA G 38 45.72 -34.01 3.61
C ALA G 38 47.13 -34.16 3.07
N ASP G 39 47.91 -35.02 3.72
CA ASP G 39 49.27 -35.38 3.31
C ASP G 39 50.07 -34.16 2.83
N GLY G 40 50.09 -33.14 3.69
CA GLY G 40 50.86 -31.93 3.37
C GLY G 40 50.39 -31.24 2.12
N THR G 41 49.09 -31.14 1.92
CA THR G 41 48.53 -30.48 0.75
C THR G 41 47.17 -29.89 1.11
N LEU G 42 46.93 -28.67 0.65
CA LEU G 42 45.66 -27.98 0.83
C LEU G 42 44.96 -27.88 -0.51
N SER G 43 43.75 -28.42 -0.58
CA SER G 43 42.95 -28.43 -1.80
C SER G 43 41.75 -27.52 -1.61
N LEU G 44 41.58 -26.58 -2.54
CA LEU G 44 40.44 -25.67 -2.56
C LEU G 44 39.58 -26.03 -3.76
N THR G 45 38.30 -26.30 -3.52
CA THR G 45 37.37 -26.72 -4.56
C THR G 45 36.15 -25.81 -4.58
N GLY G 46 35.72 -25.47 -5.80
CA GLY G 46 34.52 -24.68 -5.99
C GLY G 46 33.71 -25.15 -7.17
N THR G 47 32.40 -25.35 -6.97
CA THR G 47 31.54 -25.91 -8.00
C THR G 47 30.18 -25.20 -7.97
N ASP G 48 29.45 -25.34 -9.08
CA ASP G 48 28.09 -24.80 -9.19
C ASP G 48 27.16 -25.78 -9.88
N LEU G 49 27.43 -27.08 -9.75
CA LEU G 49 26.66 -28.17 -10.36
C LEU G 49 26.76 -28.19 -11.87
N GLU G 50 27.59 -27.35 -12.48
CA GLU G 50 27.82 -27.34 -13.92
C GLU G 50 29.29 -27.42 -14.28
N MET G 51 30.16 -26.79 -13.48
CA MET G 51 31.59 -26.86 -13.69
C MET G 51 32.28 -26.79 -12.33
N GLU G 52 33.50 -27.30 -12.29
CA GLU G 52 34.26 -27.42 -11.06
C GLU G 52 35.66 -26.89 -11.25
N MET G 53 36.19 -26.22 -10.22
CA MET G 53 37.53 -25.67 -10.22
C MET G 53 38.25 -26.16 -8.97
N VAL G 54 39.46 -26.69 -9.15
CA VAL G 54 40.26 -27.25 -8.07
C VAL G 54 41.65 -26.64 -8.11
N ALA G 55 42.14 -26.22 -6.94
CA ALA G 55 43.49 -25.68 -6.80
C ALA G 55 44.18 -26.37 -5.63
N ARG G 56 45.50 -26.49 -5.74
CA ARG G 56 46.31 -27.18 -4.75
C ARG G 56 47.44 -26.27 -4.28
N VAL G 57 47.78 -26.39 -2.99
CA VAL G 57 48.85 -25.61 -2.37
C VAL G 57 49.66 -26.55 -1.49
N ALA G 58 50.98 -26.35 -1.49
CA ALA G 58 51.89 -27.16 -0.69
C ALA G 58 52.08 -26.55 0.69
N LEU G 59 52.08 -27.41 1.71
CA LEU G 59 52.25 -27.00 3.09
C LEU G 59 53.60 -27.49 3.60
N VAL G 60 54.38 -26.59 4.20
CA VAL G 60 55.70 -26.91 4.73
C VAL G 60 55.76 -26.63 6.24
N GLN G 61 54.63 -26.64 6.92
CA GLN G 61 54.53 -26.37 8.34
C GLN G 61 53.61 -27.40 8.98
N PRO G 62 53.66 -27.55 10.30
CA PRO G 62 52.81 -28.55 10.95
C PRO G 62 51.33 -28.31 10.64
N HIS G 63 50.60 -29.40 10.47
CA HIS G 63 49.21 -29.34 10.04
C HIS G 63 48.51 -30.62 10.49
N GLU G 64 47.17 -30.58 10.43
CA GLU G 64 46.34 -31.73 10.79
C GLU G 64 45.35 -31.99 9.65
N PRO G 65 45.16 -33.26 9.26
CA PRO G 65 44.25 -33.54 8.15
C PRO G 65 42.80 -33.23 8.52
N GLY G 66 42.02 -32.86 7.52
CA GLY G 66 40.62 -32.58 7.75
C GLY G 66 39.97 -32.02 6.50
N ALA G 67 38.69 -31.67 6.66
CA ALA G 67 37.92 -31.10 5.55
C ALA G 67 36.79 -30.25 6.12
N THR G 68 36.46 -29.19 5.40
CA THR G 68 35.37 -28.31 5.82
C THR G 68 34.96 -27.44 4.62
N THR G 69 33.94 -26.63 4.83
CA THR G 69 33.45 -25.69 3.83
C THR G 69 33.31 -24.31 4.46
N VAL G 70 33.74 -23.28 3.73
CA VAL G 70 33.74 -21.92 4.28
C VAL G 70 33.18 -20.96 3.24
N PRO G 71 32.64 -19.83 3.69
CA PRO G 71 32.18 -18.81 2.75
C PRO G 71 33.32 -18.34 1.86
N ALA G 72 33.00 -18.07 0.59
CA ALA G 72 34.03 -17.73 -0.39
C ALA G 72 34.42 -16.26 -0.29
N ARG G 73 33.47 -15.36 -0.49
CA ARG G 73 33.77 -13.94 -0.53
C ARG G 73 34.33 -13.45 0.80
N LYS G 74 33.74 -13.90 1.91
CA LYS G 74 34.22 -13.46 3.23
C LYS G 74 35.67 -13.88 3.44
N PHE G 75 35.97 -15.15 3.16
CA PHE G 75 37.33 -15.65 3.37
C PHE G 75 38.31 -14.94 2.45
N PHE G 76 37.93 -14.73 1.19
CA PHE G 76 38.83 -14.04 0.26
C PHE G 76 39.09 -12.61 0.71
N ASP G 77 38.06 -11.90 1.15
CA ASP G 77 38.26 -10.53 1.63
C ASP G 77 39.14 -10.50 2.86
N ILE G 78 38.93 -11.44 3.79
CA ILE G 78 39.75 -11.48 4.99
C ILE G 78 41.21 -11.73 4.64
N CYS G 79 41.46 -12.68 3.74
CA CYS G 79 42.83 -12.97 3.34
C CYS G 79 43.47 -11.78 2.63
N ARG G 80 42.71 -11.11 1.76
CA ARG G 80 43.26 -9.99 1.01
C ARG G 80 43.54 -8.78 1.89
N GLY G 81 42.72 -8.55 2.91
CA GLY G 81 42.86 -7.36 3.73
C GLY G 81 44.02 -7.41 4.70
N LEU G 82 44.63 -8.57 4.92
CA LEU G 82 45.75 -8.67 5.83
C LEU G 82 46.99 -8.00 5.23
N PRO G 83 47.92 -7.55 6.07
CA PRO G 83 49.14 -6.92 5.54
C PRO G 83 49.96 -7.90 4.73
N GLU G 84 50.66 -7.36 3.73
CA GLU G 84 51.48 -8.19 2.85
C GLU G 84 52.59 -8.87 3.64
N GLY G 85 52.84 -10.13 3.33
CA GLY G 85 53.86 -10.91 4.00
C GLY G 85 53.44 -11.52 5.32
N ALA G 86 52.15 -11.43 5.67
CA ALA G 86 51.68 -11.97 6.94
C ALA G 86 51.49 -13.47 6.85
N GLU G 87 51.43 -14.11 8.02
CA GLU G 87 51.20 -15.54 8.14
C GLU G 87 49.77 -15.76 8.63
N ILE G 88 49.03 -16.63 7.95
CA ILE G 88 47.64 -16.91 8.27
C ILE G 88 47.57 -18.32 8.85
N ALA G 89 47.03 -18.44 10.06
CA ALA G 89 46.84 -19.72 10.72
C ALA G 89 45.35 -20.00 10.79
N VAL G 90 44.93 -21.13 10.24
CA VAL G 90 43.53 -21.52 10.18
C VAL G 90 43.33 -22.76 11.05
N GLN G 91 42.32 -22.73 11.91
CA GLN G 91 41.99 -23.84 12.78
C GLN G 91 40.49 -24.05 12.77
N LEU G 92 40.06 -25.28 13.07
CA LEU G 92 38.65 -25.64 13.13
C LEU G 92 38.30 -26.01 14.56
N GLU G 93 37.30 -25.33 15.12
CA GLU G 93 36.84 -25.57 16.48
C GLU G 93 35.33 -25.70 16.45
N GLY G 94 34.82 -26.90 16.76
CA GLY G 94 33.38 -27.11 16.72
C GLY G 94 32.84 -26.86 15.32
N GLU G 95 31.82 -26.02 15.24
CA GLU G 95 31.22 -25.61 13.97
C GLU G 95 31.74 -24.25 13.50
N ARG G 96 32.93 -23.84 13.96
CA ARG G 96 33.49 -22.55 13.62
C ARG G 96 34.91 -22.72 13.09
N MET G 97 35.33 -21.77 12.27
CA MET G 97 36.71 -21.69 11.79
C MET G 97 37.33 -20.42 12.32
N LEU G 98 38.49 -20.55 12.95
CA LEU G 98 39.25 -19.42 13.49
C LEU G 98 40.44 -19.13 12.59
N VAL G 99 40.55 -17.88 12.16
CA VAL G 99 41.66 -17.41 11.34
C VAL G 99 42.43 -16.39 12.16
N ARG G 100 43.74 -16.61 12.30
CA ARG G 100 44.60 -15.74 13.09
C ARG G 100 45.72 -15.21 12.22
N SER G 101 46.01 -13.91 12.38
CA SER G 101 47.10 -13.27 11.66
C SER G 101 47.65 -12.17 12.55
N GLY G 102 48.83 -12.38 13.13
CA GLY G 102 49.40 -11.43 14.05
C GLY G 102 48.55 -11.26 15.28
N ARG G 103 47.91 -10.09 15.42
CA ARG G 103 46.99 -9.81 16.51
C ARG G 103 45.54 -9.72 16.03
N SER G 104 45.24 -10.23 14.84
CA SER G 104 43.91 -10.18 14.26
C SER G 104 43.28 -11.56 14.31
N ARG G 105 42.05 -11.64 14.80
CA ARG G 105 41.31 -12.88 14.92
C ARG G 105 39.97 -12.75 14.21
N PHE G 106 39.59 -13.80 13.48
CA PHE G 106 38.31 -13.85 12.79
C PHE G 106 37.66 -15.21 13.02
N SER G 107 36.34 -15.19 13.21
CA SER G 107 35.56 -16.41 13.40
C SER G 107 34.50 -16.49 12.31
N LEU G 108 34.46 -17.62 11.62
CA LEU G 108 33.55 -17.82 10.50
C LEU G 108 32.73 -19.09 10.70
N SER G 109 31.49 -19.04 10.23
CA SER G 109 30.62 -20.20 10.26
C SER G 109 30.92 -21.13 9.10
N THR G 110 30.67 -22.42 9.30
CA THR G 110 30.96 -23.45 8.32
C THR G 110 29.79 -24.40 8.21
N LEU G 111 29.85 -25.28 7.22
CA LEU G 111 28.88 -26.32 6.98
C LEU G 111 29.59 -27.65 6.82
N PRO G 112 28.91 -28.77 7.06
CA PRO G 112 29.57 -30.07 6.94
C PRO G 112 30.11 -30.30 5.53
N ALA G 113 31.28 -30.93 5.45
CA ALA G 113 31.89 -31.22 4.16
C ALA G 113 31.24 -32.40 3.44
N ALA G 114 30.49 -33.23 4.17
CA ALA G 114 29.84 -34.37 3.53
C ALA G 114 28.73 -33.97 2.58
N ASP G 115 28.17 -32.78 2.74
CA ASP G 115 27.08 -32.31 1.90
C ASP G 115 27.55 -31.67 0.60
N PHE G 116 28.85 -31.48 0.42
CA PHE G 116 29.37 -30.81 -0.76
C PHE G 116 29.24 -31.74 -1.97
N PRO G 117 28.58 -31.32 -3.06
CA PRO G 117 28.49 -32.19 -4.23
C PRO G 117 29.86 -32.48 -4.81
N ASN G 118 30.01 -33.69 -5.35
CA ASN G 118 31.24 -34.12 -6.01
C ASN G 118 30.89 -34.77 -7.34
N LEU G 119 31.55 -34.32 -8.41
CA LEU G 119 31.30 -34.87 -9.73
C LEU G 119 31.85 -36.29 -9.83
N ASP G 120 31.10 -37.15 -10.52
CA ASP G 120 31.51 -38.53 -10.67
C ASP G 120 32.68 -38.64 -11.66
N ASP G 121 33.48 -39.68 -11.47
CA ASP G 121 34.64 -39.90 -12.33
C ASP G 121 34.20 -40.36 -13.72
N TRP G 122 34.99 -40.00 -14.72
CA TRP G 122 34.73 -40.38 -16.10
C TRP G 122 36.06 -40.66 -16.80
N GLN G 123 35.99 -41.42 -17.88
CA GLN G 123 37.16 -41.84 -18.63
C GLN G 123 37.33 -40.96 -19.86
N SER G 124 38.51 -40.38 -20.01
CA SER G 124 38.79 -39.52 -21.16
C SER G 124 38.98 -40.35 -22.43
N GLU G 125 38.71 -39.70 -23.56
CA GLU G 125 38.87 -40.32 -24.88
C GLU G 125 40.02 -39.74 -25.67
N VAL G 126 40.24 -38.42 -25.60
CA VAL G 126 41.33 -37.76 -26.31
C VAL G 126 42.11 -36.91 -25.31
N GLU G 127 43.43 -36.91 -25.45
CA GLU G 127 44.30 -36.13 -24.57
C GLU G 127 45.35 -35.42 -25.41
N PHE G 128 45.58 -34.14 -25.15
CA PHE G 128 46.60 -33.41 -25.89
C PHE G 128 47.03 -32.18 -25.11
N THR G 129 48.31 -31.83 -25.25
CA THR G 129 48.89 -30.68 -24.59
C THR G 129 49.28 -29.64 -25.64
N LEU G 130 48.94 -28.39 -25.38
CA LEU G 130 49.22 -27.29 -26.29
C LEU G 130 49.64 -26.06 -25.49
N PRO G 131 50.36 -25.14 -26.11
CA PRO G 131 50.71 -23.89 -25.41
C PRO G 131 49.47 -23.05 -25.11
N GLN G 132 49.57 -22.24 -24.05
CA GLN G 132 48.46 -21.37 -23.69
C GLN G 132 48.19 -20.32 -24.76
N ALA G 133 49.23 -19.91 -25.49
CA ALA G 133 49.06 -18.85 -26.48
C ALA G 133 48.09 -19.26 -27.59
N THR G 134 48.19 -20.51 -28.04
CA THR G 134 47.30 -20.98 -29.12
C THR G 134 45.85 -20.96 -28.66
N MET G 135 45.57 -21.48 -27.46
CA MET G 135 44.21 -21.49 -26.96
C MET G 135 43.68 -20.07 -26.77
N LYS G 136 44.52 -19.19 -26.23
CA LYS G 136 44.09 -17.80 -26.05
C LYS G 136 43.77 -17.15 -27.39
N ARG G 137 44.61 -17.40 -28.40
CA ARG G 137 44.36 -16.84 -29.72
C ARG G 137 43.03 -17.35 -30.29
N LEU G 138 42.80 -18.66 -30.20
CA LEU G 138 41.57 -19.23 -30.72
C LEU G 138 40.35 -18.64 -30.02
N ILE G 139 40.40 -18.56 -28.69
CA ILE G 139 39.25 -18.06 -27.94
C ILE G 139 39.00 -16.59 -28.27
N GLU G 140 40.04 -15.76 -28.24
CA GLU G 140 39.84 -14.34 -28.51
C GLU G 140 39.38 -14.12 -29.95
N ALA G 141 39.74 -15.02 -30.87
CA ALA G 141 39.28 -14.89 -32.24
C ALA G 141 37.81 -15.26 -32.40
N THR G 142 37.37 -16.34 -31.75
CA THR G 142 36.06 -16.93 -32.04
C THR G 142 35.01 -16.71 -30.96
N GLN G 143 35.33 -15.96 -29.89
CA GLN G 143 34.36 -15.81 -28.81
C GLN G 143 33.22 -14.88 -29.16
N PHE G 144 33.51 -13.75 -29.81
CA PHE G 144 32.51 -12.69 -29.96
C PHE G 144 31.34 -13.08 -30.86
N SER G 145 31.44 -14.17 -31.62
CA SER G 145 30.39 -14.56 -32.55
C SER G 145 29.35 -15.47 -31.93
N MET G 146 29.53 -15.92 -30.70
CA MET G 146 28.57 -16.82 -30.07
C MET G 146 27.26 -16.09 -29.78
N ALA G 147 26.17 -16.84 -29.85
CA ALA G 147 24.86 -16.29 -29.52
C ALA G 147 24.74 -16.09 -28.01
N HIS G 148 23.86 -15.16 -27.63
CA HIS G 148 23.68 -14.82 -26.22
C HIS G 148 22.59 -15.67 -25.56
N GLN G 149 21.37 -15.62 -26.09
CA GLN G 149 20.25 -16.36 -25.54
C GLN G 149 19.35 -16.76 -26.71
N ASP G 150 19.42 -18.02 -27.10
CA ASP G 150 18.64 -18.56 -28.21
C ASP G 150 18.00 -19.87 -27.80
N VAL G 151 16.86 -20.19 -28.41
CA VAL G 151 16.18 -21.45 -28.10
C VAL G 151 17.04 -22.63 -28.52
N ARG G 152 17.77 -22.50 -29.62
CA ARG G 152 18.69 -23.53 -30.08
C ARG G 152 19.93 -23.48 -29.18
N TYR G 153 20.04 -24.45 -28.28
CA TYR G 153 21.08 -24.38 -27.25
C TYR G 153 22.47 -24.50 -27.86
N TYR G 154 22.64 -25.35 -28.87
CA TYR G 154 23.97 -25.61 -29.40
C TYR G 154 24.62 -24.36 -29.99
N LEU G 155 23.84 -23.34 -30.34
CA LEU G 155 24.41 -22.10 -30.85
C LEU G 155 24.97 -21.21 -29.76
N ASN G 156 24.64 -21.47 -28.49
CA ASN G 156 25.14 -20.65 -27.40
C ASN G 156 26.57 -21.00 -27.01
N GLY G 157 27.10 -22.13 -27.49
CA GLY G 157 28.45 -22.54 -27.18
C GLY G 157 29.41 -22.34 -28.35
N MET G 158 30.58 -22.96 -28.22
CA MET G 158 31.62 -22.91 -29.23
C MET G 158 31.99 -24.33 -29.64
N LEU G 159 32.20 -24.54 -30.94
CA LEU G 159 32.52 -25.86 -31.46
C LEU G 159 34.03 -26.01 -31.54
N PHE G 160 34.55 -27.00 -30.81
CA PHE G 160 35.97 -27.36 -30.84
C PHE G 160 36.10 -28.66 -31.63
N GLU G 161 36.92 -28.63 -32.68
CA GLU G 161 37.09 -29.79 -33.56
C GLU G 161 38.56 -30.12 -33.68
N THR G 162 38.90 -31.39 -33.47
CA THR G 162 40.24 -31.90 -33.68
C THR G 162 40.24 -32.69 -34.98
N GLU G 163 41.13 -32.33 -35.91
CA GLU G 163 41.21 -32.99 -37.20
C GLU G 163 42.67 -33.12 -37.59
N GLY G 164 43.14 -34.36 -37.71
CA GLY G 164 44.54 -34.58 -38.04
C GLY G 164 45.43 -33.96 -37.00
N GLU G 165 46.30 -33.05 -37.44
CA GLU G 165 47.19 -32.30 -36.56
C GLU G 165 46.75 -30.85 -36.41
N GLU G 166 45.44 -30.61 -36.41
CA GLU G 166 44.89 -29.26 -36.37
C GLU G 166 43.74 -29.19 -35.37
N LEU G 167 43.65 -28.05 -34.70
CA LEU G 167 42.57 -27.76 -33.76
C LEU G 167 41.84 -26.52 -34.26
N ARG G 168 40.52 -26.62 -34.38
CA ARG G 168 39.69 -25.57 -34.96
C ARG G 168 38.60 -25.17 -33.99
N THR G 169 38.37 -23.87 -33.89
CA THR G 169 37.29 -23.31 -33.09
C THR G 169 36.34 -22.56 -34.02
N VAL G 170 35.04 -22.83 -33.88
CA VAL G 170 34.02 -22.21 -34.71
C VAL G 170 32.91 -21.68 -33.82
N ALA G 171 32.38 -20.51 -34.18
CA ALA G 171 31.26 -19.91 -33.48
C ALA G 171 30.33 -19.25 -34.49
N THR G 172 29.05 -19.20 -34.15
CA THR G 172 28.05 -18.60 -35.03
C THR G 172 26.77 -18.38 -34.24
N ASP G 173 25.89 -17.54 -34.80
CA ASP G 173 24.60 -17.27 -34.18
C ASP G 173 23.46 -17.21 -35.19
N GLY G 174 23.68 -17.67 -36.42
CA GLY G 174 22.67 -17.66 -37.45
C GLY G 174 22.76 -16.47 -38.40
N HIS G 175 23.45 -15.40 -38.00
CA HIS G 175 23.65 -14.24 -38.85
C HIS G 175 25.11 -13.97 -39.17
N ARG G 176 26.04 -14.50 -38.39
CA ARG G 176 27.46 -14.32 -38.63
C ARG G 176 28.19 -15.56 -38.14
N LEU G 177 29.39 -15.78 -38.71
CA LEU G 177 30.18 -16.95 -38.37
C LEU G 177 31.64 -16.57 -38.30
N ALA G 178 32.36 -17.16 -37.33
CA ALA G 178 33.79 -16.98 -37.19
C ALA G 178 34.45 -18.34 -37.04
N VAL G 179 35.53 -18.57 -37.79
CA VAL G 179 36.25 -19.84 -37.77
C VAL G 179 37.73 -19.55 -37.67
N CYS G 180 38.42 -20.32 -36.83
CA CYS G 180 39.87 -20.23 -36.69
C CYS G 180 40.44 -21.62 -36.51
N SER G 181 41.69 -21.81 -36.93
CA SER G 181 42.34 -23.10 -36.84
C SER G 181 43.83 -22.91 -36.63
N MET G 182 44.43 -23.79 -35.83
CA MET G 182 45.85 -23.72 -35.53
C MET G 182 46.44 -25.12 -35.48
N PRO G 183 47.72 -25.28 -35.82
CA PRO G 183 48.37 -26.58 -35.67
C PRO G 183 48.77 -26.85 -34.23
N ILE G 184 48.96 -28.13 -33.94
CA ILE G 184 49.35 -28.57 -32.59
C ILE G 184 50.61 -29.42 -32.67
N GLY G 185 50.96 -29.89 -33.86
CA GLY G 185 52.17 -30.66 -34.05
C GLY G 185 52.06 -32.13 -33.73
N GLN G 186 50.88 -32.62 -33.33
CA GLN G 186 50.68 -34.02 -33.02
C GLN G 186 49.38 -34.48 -33.66
N SER G 187 49.34 -35.75 -34.03
CA SER G 187 48.19 -36.32 -34.71
C SER G 187 47.17 -36.84 -33.71
N LEU G 188 45.91 -36.46 -33.90
CA LEU G 188 44.82 -36.87 -33.03
C LEU G 188 43.66 -37.39 -33.87
N PRO G 189 42.84 -38.29 -33.32
CA PRO G 189 41.68 -38.76 -34.07
C PRO G 189 40.66 -37.64 -34.26
N SER G 190 39.90 -37.74 -35.35
CA SER G 190 38.88 -36.76 -35.64
C SER G 190 37.83 -36.73 -34.53
N HIS G 191 37.50 -35.54 -34.05
CA HIS G 191 36.52 -35.42 -32.98
C HIS G 191 35.95 -34.01 -32.98
N SER G 192 34.77 -33.87 -32.38
CA SER G 192 34.10 -32.58 -32.29
C SER G 192 33.27 -32.52 -31.02
N VAL G 193 33.33 -31.38 -30.33
CA VAL G 193 32.57 -31.17 -29.10
C VAL G 193 32.10 -29.72 -29.05
N ILE G 194 31.12 -29.48 -28.18
CA ILE G 194 30.53 -28.15 -27.97
C ILE G 194 30.78 -27.76 -26.52
N VAL G 195 31.33 -26.57 -26.32
CA VAL G 195 31.65 -26.05 -24.98
C VAL G 195 30.67 -24.93 -24.67
N PRO G 196 30.07 -24.90 -23.48
CA PRO G 196 29.13 -23.82 -23.17
C PRO G 196 29.84 -22.50 -22.93
N ARG G 197 29.02 -21.43 -22.81
CA ARG G 197 29.57 -20.10 -22.67
C ARG G 197 30.41 -19.96 -21.41
N LYS G 198 29.88 -20.41 -20.27
CA LYS G 198 30.60 -20.26 -19.01
C LYS G 198 31.90 -21.05 -19.03
N GLY G 199 31.88 -22.24 -19.63
CA GLY G 199 33.11 -23.00 -19.75
C GLY G 199 34.18 -22.26 -20.53
N VAL G 200 33.78 -21.64 -21.65
CA VAL G 200 34.73 -20.86 -22.44
C VAL G 200 35.26 -19.67 -21.64
N ILE G 201 34.37 -19.01 -20.89
CA ILE G 201 34.78 -17.86 -20.09
C ILE G 201 35.82 -18.29 -19.05
N GLU G 202 35.55 -19.38 -18.35
CA GLU G 202 36.49 -19.85 -17.33
C GLU G 202 37.80 -20.30 -17.95
N LEU G 203 37.74 -20.97 -19.09
CA LEU G 203 38.97 -21.40 -19.76
C LEU G 203 39.80 -20.19 -20.18
N MET G 204 39.15 -19.14 -20.65
CA MET G 204 39.88 -17.91 -20.99
C MET G 204 40.50 -17.29 -19.75
N ARG G 205 39.74 -17.24 -18.65
CA ARG G 205 40.25 -16.58 -17.44
C ARG G 205 41.45 -17.33 -16.86
N MET G 206 41.38 -18.66 -16.81
CA MET G 206 42.43 -19.41 -16.14
C MET G 206 43.78 -19.28 -16.84
N LEU G 207 43.79 -18.94 -18.12
CA LEU G 207 45.05 -18.74 -18.82
C LEU G 207 45.72 -17.45 -18.35
N ASP G 208 47.02 -17.54 -18.07
CA ASP G 208 47.80 -16.40 -17.59
C ASP G 208 48.93 -16.00 -18.52
N GLY G 209 49.09 -16.68 -19.66
CA GLY G 209 50.15 -16.34 -20.59
C GLY G 209 51.52 -16.88 -20.24
N GLY G 210 51.62 -17.74 -19.23
CA GLY G 210 52.89 -18.29 -18.84
C GLY G 210 53.36 -19.40 -19.77
N ASP G 211 54.55 -19.92 -19.47
CA ASP G 211 55.14 -20.97 -20.28
C ASP G 211 54.64 -22.36 -19.93
N ASN G 212 53.86 -22.51 -18.86
CA ASN G 212 53.35 -23.81 -18.49
C ASN G 212 52.37 -24.31 -19.55
N PRO G 213 52.56 -25.51 -20.10
CA PRO G 213 51.62 -25.99 -21.13
C PRO G 213 50.25 -26.29 -20.55
N LEU G 214 49.24 -26.20 -21.41
CA LEU G 214 47.87 -26.50 -21.06
C LEU G 214 47.53 -27.89 -21.57
N ARG G 215 47.08 -28.78 -20.67
CA ARG G 215 46.72 -30.13 -21.03
C ARG G 215 45.20 -30.27 -21.05
N VAL G 216 44.67 -30.84 -22.12
CA VAL G 216 43.23 -30.93 -22.33
C VAL G 216 42.86 -32.40 -22.52
N GLN G 217 41.85 -32.84 -21.78
CA GLN G 217 41.28 -34.18 -21.91
C GLN G 217 39.80 -34.04 -22.26
N ILE G 218 39.37 -34.76 -23.29
CA ILE G 218 38.00 -34.73 -23.78
C ILE G 218 37.43 -36.14 -23.69
N GLY G 219 36.26 -36.26 -23.06
CA GLY G 219 35.60 -37.54 -22.91
C GLY G 219 34.26 -37.57 -23.60
N SER G 220 33.37 -38.46 -23.15
CA SER G 220 32.07 -38.59 -23.80
C SER G 220 31.22 -37.35 -23.60
N ASN G 221 31.14 -36.85 -22.35
CA ASN G 221 30.29 -35.71 -22.04
C ASN G 221 30.96 -34.72 -21.09
N ASN G 222 32.28 -34.75 -20.97
CA ASN G 222 32.99 -33.87 -20.06
C ASN G 222 34.34 -33.49 -20.65
N ILE G 223 34.86 -32.35 -20.19
CA ILE G 223 36.16 -31.84 -20.63
C ILE G 223 36.92 -31.37 -19.40
N ARG G 224 38.19 -31.74 -19.32
CA ARG G 224 39.06 -31.35 -18.22
C ARG G 224 40.29 -30.63 -18.75
N ALA G 225 40.71 -29.60 -18.03
CA ALA G 225 41.86 -28.78 -18.41
C ALA G 225 42.80 -28.65 -17.20
N HIS G 226 44.08 -28.95 -17.43
CA HIS G 226 45.12 -28.82 -16.41
C HIS G 226 46.07 -27.71 -16.81
N VAL G 227 46.30 -26.77 -15.89
CA VAL G 227 47.27 -25.69 -16.07
C VAL G 227 47.98 -25.52 -14.74
N GLY G 228 49.24 -25.94 -14.67
CA GLY G 228 49.97 -25.85 -13.42
C GLY G 228 49.27 -26.65 -12.34
N ASP G 229 48.98 -25.98 -11.22
CA ASP G 229 48.27 -26.59 -10.10
C ASP G 229 46.77 -26.30 -10.13
N PHE G 230 46.22 -25.99 -11.30
CA PHE G 230 44.81 -25.66 -11.45
C PHE G 230 44.15 -26.67 -12.37
N ILE G 231 42.99 -27.19 -11.95
CA ILE G 231 42.21 -28.14 -12.73
C ILE G 231 40.81 -27.58 -12.90
N PHE G 232 40.32 -27.58 -14.14
CA PHE G 232 38.98 -27.09 -14.46
C PHE G 232 38.22 -28.16 -15.22
N THR G 233 37.06 -28.55 -14.69
CA THR G 233 36.23 -29.57 -15.30
C THR G 233 34.89 -28.97 -15.68
N SER G 234 34.37 -29.34 -16.85
CA SER G 234 33.12 -28.81 -17.35
C SER G 234 32.38 -29.88 -18.14
N LYS G 235 31.08 -29.69 -18.30
CA LYS G 235 30.24 -30.57 -19.08
C LYS G 235 30.05 -30.02 -20.49
N LEU G 236 29.62 -30.90 -21.39
CA LEU G 236 29.45 -30.56 -22.81
C LEU G 236 27.98 -30.51 -23.16
N VAL G 237 27.63 -29.60 -24.06
CA VAL G 237 26.26 -29.46 -24.53
C VAL G 237 25.96 -30.57 -25.53
N ASP G 238 24.73 -31.09 -25.48
CA ASP G 238 24.30 -32.16 -26.37
C ASP G 238 23.52 -31.58 -27.54
N GLY G 239 23.84 -32.05 -28.74
CA GLY G 239 23.17 -31.57 -29.93
C GLY G 239 24.11 -31.70 -31.12
N ARG G 240 23.65 -31.16 -32.25
CA ARG G 240 24.40 -31.16 -33.50
C ARG G 240 24.68 -29.73 -33.93
N PHE G 241 25.95 -29.43 -34.18
CA PHE G 241 26.33 -28.08 -34.60
C PHE G 241 26.22 -27.96 -36.11
N PRO G 242 25.74 -26.83 -36.65
CA PRO G 242 25.70 -26.70 -38.11
C PRO G 242 27.07 -26.79 -38.73
N ASP G 243 27.11 -27.35 -39.94
CA ASP G 243 28.37 -27.49 -40.67
C ASP G 243 28.78 -26.15 -41.26
N TYR G 244 29.94 -25.66 -40.88
CA TYR G 244 30.40 -24.34 -41.32
C TYR G 244 30.91 -24.34 -42.75
N ARG G 245 31.30 -25.50 -43.29
CA ARG G 245 31.89 -25.54 -44.62
C ARG G 245 30.90 -25.06 -45.68
N ARG G 246 29.63 -25.47 -45.58
CA ARG G 246 28.63 -25.05 -46.54
C ARG G 246 28.36 -23.56 -46.47
N VAL G 247 28.62 -22.92 -45.34
CA VAL G 247 28.36 -21.49 -45.20
C VAL G 247 29.30 -20.67 -46.08
N LEU G 248 30.55 -21.10 -46.19
CA LEU G 248 31.52 -20.33 -46.96
C LEU G 248 31.09 -20.25 -48.42
N PRO G 249 31.20 -19.08 -49.07
CA PRO G 249 30.85 -19.01 -50.49
C PRO G 249 31.70 -19.95 -51.33
N LYS G 250 31.06 -20.54 -52.34
CA LYS G 250 31.78 -21.48 -53.20
C LYS G 250 32.77 -20.77 -54.12
N ASN G 251 32.34 -19.66 -54.72
CA ASN G 251 33.17 -18.94 -55.69
C ASN G 251 32.87 -17.45 -55.59
N PRO G 252 33.59 -16.72 -54.74
CA PRO G 252 33.42 -15.26 -54.67
C PRO G 252 34.19 -14.57 -55.81
N ASP G 253 33.44 -14.02 -56.76
CA ASP G 253 34.07 -13.41 -57.93
C ASP G 253 34.67 -12.05 -57.63
N LYS G 254 34.06 -11.26 -56.76
CA LYS G 254 34.51 -9.90 -56.50
C LYS G 254 35.36 -9.86 -55.22
N HIS G 255 36.48 -9.15 -55.31
CA HIS G 255 37.45 -9.06 -54.22
C HIS G 255 37.77 -7.60 -53.96
N LEU G 256 38.20 -7.31 -52.73
CA LEU G 256 38.56 -5.97 -52.33
C LEU G 256 39.58 -6.06 -51.19
N GLU G 257 40.49 -5.09 -51.15
CA GLU G 257 41.47 -5.00 -50.09
C GLU G 257 41.48 -3.56 -49.56
N ALA G 258 41.40 -3.41 -48.24
CA ALA G 258 41.29 -2.08 -47.65
C ALA G 258 42.10 -1.99 -46.36
N GLY G 259 42.59 -0.78 -46.08
CA GLY G 259 43.28 -0.53 -44.83
C GLY G 259 42.37 -0.77 -43.63
N CYS G 260 42.87 -1.51 -42.64
CA CYS G 260 42.02 -1.87 -41.50
C CYS G 260 41.65 -0.64 -40.68
N ASP G 261 42.63 0.17 -40.31
CA ASP G 261 42.36 1.30 -39.43
C ASP G 261 41.47 2.35 -40.11
N LEU G 262 41.77 2.67 -41.38
CA LEU G 262 40.96 3.66 -42.08
C LEU G 262 39.53 3.17 -42.24
N LEU G 263 39.36 1.90 -42.62
CA LEU G 263 38.01 1.35 -42.77
C LEU G 263 37.26 1.35 -41.45
N LYS G 264 37.95 0.99 -40.36
CA LYS G 264 37.31 0.99 -39.05
C LYS G 264 36.87 2.39 -38.66
N GLN G 265 37.74 3.39 -38.87
CA GLN G 265 37.37 4.76 -38.53
C GLN G 265 36.19 5.23 -39.38
N ALA G 266 36.20 4.91 -40.66
CA ALA G 266 35.09 5.30 -41.53
C ALA G 266 33.78 4.67 -41.07
N PHE G 267 33.82 3.37 -40.72
CA PHE G 267 32.62 2.70 -40.24
C PHE G 267 32.13 3.31 -38.93
N ALA G 268 33.05 3.64 -38.03
CA ALA G 268 32.66 4.27 -36.77
C ALA G 268 31.99 5.63 -37.02
N ARG G 269 32.59 6.44 -37.90
CA ARG G 269 32.01 7.74 -38.20
C ARG G 269 30.62 7.59 -38.83
N ALA G 270 30.47 6.63 -39.74
CA ALA G 270 29.16 6.40 -40.35
C ALA G 270 28.14 5.94 -39.30
N ALA G 271 28.55 5.07 -38.39
CA ALA G 271 27.64 4.55 -37.38
C ALA G 271 27.30 5.57 -36.31
N ILE G 272 28.12 6.62 -36.16
CA ILE G 272 27.79 7.66 -35.18
C ILE G 272 26.42 8.24 -35.44
N LEU G 273 26.00 8.32 -36.70
CA LEU G 273 24.70 8.85 -37.07
C LEU G 273 23.76 7.80 -37.64
N SER G 274 24.17 6.53 -37.69
CA SER G 274 23.29 5.49 -38.17
C SER G 274 22.10 5.32 -37.22
N ASN G 275 20.99 4.84 -37.77
CA ASN G 275 19.79 4.61 -36.97
C ASN G 275 20.12 3.71 -35.80
N GLU G 276 19.93 4.25 -34.58
CA GLU G 276 20.27 3.50 -33.38
C GLU G 276 19.47 2.20 -33.29
N LYS G 277 18.20 2.25 -33.68
CA LYS G 277 17.35 1.06 -33.57
C LYS G 277 17.85 -0.06 -34.46
N PHE G 278 18.23 0.25 -35.69
CA PHE G 278 18.63 -0.76 -36.67
C PHE G 278 20.14 -0.90 -36.82
N ARG G 279 20.89 0.20 -36.69
CA ARG G 279 22.35 0.18 -36.87
C ARG G 279 22.73 -0.33 -38.25
N GLY G 280 22.06 0.21 -39.26
CA GLY G 280 22.26 -0.21 -40.65
C GLY G 280 23.02 0.84 -41.43
N VAL G 281 23.90 0.39 -42.32
CA VAL G 281 24.66 1.26 -43.21
C VAL G 281 24.59 0.69 -44.62
N ARG G 282 24.86 1.56 -45.59
CA ARG G 282 24.82 1.19 -47.00
C ARG G 282 26.15 1.50 -47.64
N LEU G 283 26.71 0.52 -48.36
CA LEU G 283 28.01 0.63 -49.01
C LEU G 283 27.84 0.61 -50.52
N TYR G 284 28.41 1.62 -51.18
CA TYR G 284 28.51 1.66 -52.62
C TYR G 284 29.97 1.43 -53.00
N VAL G 285 30.22 0.38 -53.78
CA VAL G 285 31.57 0.01 -54.21
C VAL G 285 31.67 0.26 -55.71
N SER G 286 32.70 1.02 -56.10
CA SER G 286 32.98 1.31 -57.49
C SER G 286 34.48 1.30 -57.69
N GLU G 287 34.92 1.57 -58.92
CA GLU G 287 36.33 1.46 -59.27
C GLU G 287 37.19 2.28 -58.32
N ASN G 288 37.98 1.59 -57.51
CA ASN G 288 38.88 2.24 -56.55
C ASN G 288 38.14 3.27 -55.70
N GLN G 289 36.93 2.91 -55.25
CA GLN G 289 36.15 3.84 -54.43
C GLN G 289 35.15 3.06 -53.60
N LEU G 290 35.03 3.44 -52.32
CA LEU G 290 34.07 2.84 -51.41
C LEU G 290 33.41 3.98 -50.64
N LYS G 291 32.07 4.07 -50.75
CA LYS G 291 31.30 5.10 -50.07
C LYS G 291 30.38 4.44 -49.06
N ILE G 292 30.35 5.00 -47.86
CA ILE G 292 29.51 4.50 -46.77
C ILE G 292 28.51 5.59 -46.41
N THR G 293 27.23 5.21 -46.35
CA THR G 293 26.15 6.15 -46.07
C THR G 293 25.25 5.59 -44.98
N ALA G 294 24.68 6.50 -44.20
CA ALA G 294 23.75 6.14 -43.13
C ALA G 294 22.75 7.27 -42.96
N ASN G 295 21.59 6.93 -42.40
CA ASN G 295 20.53 7.90 -42.19
C ASN G 295 19.67 7.47 -41.02
N ASN G 296 18.89 8.42 -40.51
CA ASN G 296 18.02 8.25 -39.36
C ASN G 296 16.65 8.82 -39.69
N PRO G 297 15.61 8.42 -38.96
CA PRO G 297 14.25 8.87 -39.31
C PRO G 297 14.06 10.38 -39.27
N GLU G 298 14.95 11.12 -38.61
CA GLU G 298 14.83 12.57 -38.54
C GLU G 298 15.40 13.28 -39.77
N GLN G 299 15.54 12.58 -40.89
CA GLN G 299 16.03 13.16 -42.14
C GLN G 299 17.42 13.78 -41.99
N GLU G 300 18.30 13.10 -41.25
CA GLU G 300 19.69 13.49 -41.12
C GLU G 300 20.56 12.37 -41.68
N GLU G 301 21.47 12.74 -42.59
CA GLU G 301 22.25 11.77 -43.34
C GLU G 301 23.74 11.99 -43.10
N ALA G 302 24.50 10.89 -43.06
CA ALA G 302 25.94 10.92 -42.93
C ALA G 302 26.56 10.14 -44.08
N GLU G 303 27.62 10.70 -44.67
CA GLU G 303 28.27 10.12 -45.83
C GLU G 303 29.78 10.20 -45.65
N GLU G 304 30.47 9.19 -46.19
CA GLU G 304 31.93 9.18 -46.20
C GLU G 304 32.40 8.43 -47.42
N ILE G 305 33.59 8.79 -47.91
CA ILE G 305 34.16 8.19 -49.12
C ILE G 305 35.63 7.89 -48.85
N LEU G 306 36.11 6.77 -49.40
CA LEU G 306 37.51 6.41 -49.27
C LEU G 306 37.92 5.61 -50.49
N ASP G 307 39.24 5.38 -50.61
CA ASP G 307 39.80 4.65 -51.74
C ASP G 307 40.16 3.23 -51.33
N VAL G 308 40.01 2.31 -52.28
CA VAL G 308 40.30 0.89 -52.06
C VAL G 308 40.91 0.33 -53.34
N THR G 309 41.26 -0.95 -53.29
CA THR G 309 41.80 -1.68 -54.45
C THR G 309 40.69 -2.58 -54.97
N TYR G 310 39.85 -2.02 -55.84
CA TYR G 310 38.69 -2.73 -56.40
C TYR G 310 38.68 -2.56 -57.90
N SER G 311 38.27 -3.62 -58.61
CA SER G 311 38.24 -3.61 -60.07
C SER G 311 36.97 -4.19 -60.66
N GLY G 312 35.98 -4.58 -59.85
CA GLY G 312 34.75 -5.15 -60.35
C GLY G 312 33.74 -4.10 -60.74
N ALA G 313 32.55 -4.56 -61.07
CA ALA G 313 31.45 -3.67 -61.44
C ALA G 313 30.90 -2.96 -60.20
N GLU G 314 30.27 -1.82 -60.43
CA GLU G 314 29.69 -1.05 -59.35
C GLU G 314 28.58 -1.85 -58.67
N MET G 315 28.46 -1.70 -57.35
CA MET G 315 27.47 -2.45 -56.60
C MET G 315 27.09 -1.67 -55.35
N GLU G 316 25.91 -2.00 -54.81
CA GLU G 316 25.40 -1.45 -53.58
C GLU G 316 24.96 -2.59 -52.67
N ILE G 317 25.26 -2.47 -51.37
CA ILE G 317 24.95 -3.55 -50.43
C ILE G 317 24.75 -2.95 -49.05
N GLY G 318 23.75 -3.46 -48.33
CA GLY G 318 23.46 -3.03 -46.97
C GLY G 318 24.11 -3.96 -45.95
N PHE G 319 24.40 -3.40 -44.77
CA PHE G 319 25.04 -4.18 -43.72
C PHE G 319 24.65 -3.64 -42.36
N ASN G 320 24.83 -4.47 -41.34
CA ASN G 320 24.72 -4.06 -39.96
C ASN G 320 26.11 -3.68 -39.46
N VAL G 321 26.29 -2.40 -39.10
CA VAL G 321 27.62 -1.90 -38.81
C VAL G 321 28.22 -2.58 -37.58
N SER G 322 27.38 -3.08 -36.67
CA SER G 322 27.90 -3.71 -35.45
C SER G 322 28.75 -4.92 -35.78
N TYR G 323 28.25 -5.78 -36.68
CA TYR G 323 28.99 -6.99 -37.03
C TYR G 323 30.32 -6.64 -37.71
N VAL G 324 30.29 -5.67 -38.62
CA VAL G 324 31.52 -5.28 -39.32
C VAL G 324 32.53 -4.70 -38.35
N LEU G 325 32.07 -3.86 -37.42
CA LEU G 325 32.98 -3.30 -36.42
C LEU G 325 33.57 -4.39 -35.54
N ASP G 326 32.76 -5.36 -35.14
CA ASP G 326 33.27 -6.47 -34.33
C ASP G 326 34.32 -7.26 -35.09
N VAL G 327 34.06 -7.55 -36.36
CA VAL G 327 35.02 -8.31 -37.17
C VAL G 327 36.32 -7.52 -37.31
N LEU G 328 36.21 -6.21 -37.59
CA LEU G 328 37.41 -5.41 -37.75
C LEU G 328 38.21 -5.33 -36.46
N ASN G 329 37.54 -5.20 -35.32
CA ASN G 329 38.24 -5.22 -34.04
C ASN G 329 38.92 -6.55 -33.80
N ALA G 330 38.27 -7.65 -34.18
CA ALA G 330 38.88 -8.96 -34.02
C ALA G 330 40.15 -9.09 -34.85
N LEU G 331 40.12 -8.59 -36.09
CA LEU G 331 41.27 -8.65 -36.98
C LEU G 331 42.17 -7.44 -36.73
N LYS G 332 43.33 -7.68 -36.13
CA LYS G 332 44.31 -6.63 -35.88
C LYS G 332 45.43 -6.79 -36.91
N CYS G 333 45.26 -6.15 -38.07
CA CYS G 333 46.20 -6.28 -39.16
C CYS G 333 46.18 -5.00 -39.99
N GLU G 334 47.22 -4.81 -40.79
CA GLU G 334 47.34 -3.60 -41.60
C GLU G 334 46.28 -3.53 -42.69
N ASN G 335 45.96 -4.67 -43.31
CA ASN G 335 45.01 -4.71 -44.42
C ASN G 335 44.02 -5.84 -44.20
N VAL G 336 42.82 -5.67 -44.75
CA VAL G 336 41.74 -6.65 -44.66
C VAL G 336 41.22 -6.93 -46.06
N ARG G 337 40.95 -8.21 -46.33
CA ARG G 337 40.45 -8.66 -47.62
C ARG G 337 38.97 -9.04 -47.48
N MET G 338 38.14 -8.49 -48.36
CA MET G 338 36.72 -8.76 -48.43
C MET G 338 36.40 -9.46 -49.74
N MET G 339 35.63 -10.53 -49.67
CA MET G 339 35.26 -11.33 -50.83
C MET G 339 33.75 -11.44 -50.88
N LEU G 340 33.17 -11.15 -52.05
CA LEU G 340 31.72 -11.11 -52.18
C LEU G 340 31.32 -11.39 -53.62
N THR G 341 30.05 -11.73 -53.79
CA THR G 341 29.49 -12.06 -55.10
C THR G 341 28.37 -11.11 -55.51
N ASP G 342 27.41 -10.85 -54.64
CA ASP G 342 26.28 -9.99 -54.97
C ASP G 342 25.75 -9.37 -53.68
N SER G 343 24.65 -8.64 -53.79
CA SER G 343 24.08 -7.92 -52.65
C SER G 343 23.19 -8.80 -51.77
N VAL G 344 22.89 -10.03 -52.18
CA VAL G 344 22.04 -10.92 -51.40
C VAL G 344 22.81 -12.20 -51.08
N SER G 345 24.11 -12.08 -50.91
CA SER G 345 24.97 -13.22 -50.59
C SER G 345 25.93 -12.84 -49.48
N SER G 346 26.39 -13.87 -48.76
CA SER G 346 27.29 -13.65 -47.64
C SER G 346 28.64 -13.10 -48.11
N VAL G 347 29.27 -12.32 -47.24
CA VAL G 347 30.57 -11.72 -47.52
C VAL G 347 31.60 -12.33 -46.58
N GLN G 348 32.76 -12.66 -47.13
CA GLN G 348 33.87 -13.20 -46.36
C GLN G 348 34.87 -12.09 -46.04
N ILE G 349 35.34 -12.08 -44.80
CA ILE G 349 36.35 -11.14 -44.34
C ILE G 349 37.52 -11.94 -43.80
N GLU G 350 38.73 -11.60 -44.25
CA GLU G 350 39.94 -12.28 -43.83
C GLU G 350 41.09 -11.30 -43.75
N ASP G 351 42.21 -11.75 -43.21
CA ASP G 351 43.42 -10.96 -43.17
C ASP G 351 44.14 -11.05 -44.50
N ALA G 352 44.83 -9.97 -44.86
CA ALA G 352 45.51 -9.92 -46.16
C ALA G 352 46.60 -10.97 -46.25
N ALA G 353 47.36 -11.16 -45.18
CA ALA G 353 48.51 -12.07 -45.18
C ALA G 353 48.28 -13.35 -44.39
N SER G 354 47.27 -13.41 -43.54
CA SER G 354 47.02 -14.57 -42.69
C SER G 354 45.70 -15.22 -43.10
N GLN G 355 45.72 -16.54 -43.24
CA GLN G 355 44.54 -17.31 -43.61
C GLN G 355 44.00 -18.15 -42.46
N SER G 356 44.56 -17.99 -41.25
CA SER G 356 44.15 -18.83 -40.13
C SER G 356 42.69 -18.58 -39.74
N ALA G 357 42.28 -17.31 -39.71
CA ALA G 357 40.97 -16.92 -39.25
C ALA G 357 40.14 -16.37 -40.41
N ALA G 358 38.85 -16.71 -40.42
CA ALA G 358 37.93 -16.23 -41.43
C ALA G 358 36.61 -15.88 -40.77
N TYR G 359 35.91 -14.89 -41.35
CA TYR G 359 34.62 -14.46 -40.87
C TYR G 359 33.64 -14.37 -42.02
N VAL G 360 32.39 -14.73 -41.77
CA VAL G 360 31.32 -14.67 -42.76
C VAL G 360 30.19 -13.85 -42.18
N VAL G 361 29.72 -12.86 -42.95
CA VAL G 361 28.66 -11.95 -42.52
C VAL G 361 27.56 -11.97 -43.58
N MET G 362 26.31 -12.09 -43.13
CA MET G 362 25.17 -12.11 -44.04
C MET G 362 24.62 -10.71 -44.21
N PRO G 363 24.46 -10.20 -45.44
CA PRO G 363 23.96 -8.84 -45.61
C PRO G 363 22.52 -8.69 -45.15
N MET G 364 22.17 -7.48 -44.75
CA MET G 364 20.83 -7.16 -44.29
C MET G 364 19.97 -6.69 -45.45
N ARG G 365 18.68 -7.01 -45.38
CA ARG G 365 17.72 -6.60 -46.42
C ARG G 365 17.60 -5.08 -46.42
N LEU G 366 18.12 -4.45 -47.46
CA LEU G 366 18.08 -3.00 -47.58
C LEU G 366 18.13 -2.57 -49.04
N MET H 1 25.65 31.32 -40.88
CA MET H 1 26.88 31.06 -40.08
C MET H 1 27.80 30.07 -40.80
N LYS H 2 29.07 30.44 -40.89
CA LYS H 2 30.08 29.59 -41.51
C LYS H 2 31.42 29.86 -40.84
N PHE H 3 32.11 28.80 -40.42
CA PHE H 3 33.39 28.98 -39.76
C PHE H 3 34.18 27.68 -39.80
N THR H 4 35.50 27.81 -39.93
CA THR H 4 36.43 26.69 -39.91
C THR H 4 37.29 26.77 -38.67
N VAL H 5 37.41 25.67 -37.94
CA VAL H 5 38.13 25.63 -36.68
C VAL H 5 38.90 24.32 -36.57
N GLU H 6 40.06 24.40 -35.92
CA GLU H 6 40.85 23.19 -35.67
C GLU H 6 40.16 22.29 -34.67
N ARG H 7 40.33 20.97 -34.87
CA ARG H 7 39.68 20.01 -33.99
C ARG H 7 40.22 20.10 -32.56
N GLU H 8 41.54 20.23 -32.42
CA GLU H 8 42.14 20.24 -31.08
C GLU H 8 41.65 21.42 -30.26
N HIS H 9 41.56 22.60 -30.87
CA HIS H 9 41.12 23.78 -30.15
C HIS H 9 39.65 23.70 -29.73
N LEU H 10 38.88 22.79 -30.34
CA LEU H 10 37.46 22.67 -30.06
C LEU H 10 37.11 21.42 -29.25
N LEU H 11 38.04 20.48 -29.08
CA LEU H 11 37.73 19.27 -28.34
C LEU H 11 37.35 19.57 -26.89
N LYS H 12 38.28 20.16 -26.14
CA LYS H 12 38.06 20.34 -24.70
C LYS H 12 36.84 21.21 -24.39
N PRO H 13 36.63 22.36 -25.04
CA PRO H 13 35.43 23.15 -24.72
C PRO H 13 34.14 22.39 -24.93
N LEU H 14 34.07 21.54 -25.97
CA LEU H 14 32.85 20.76 -26.19
C LEU H 14 32.59 19.81 -25.02
N GLN H 15 33.63 19.13 -24.54
CA GLN H 15 33.46 18.24 -23.40
C GLN H 15 33.04 19.02 -22.15
N GLN H 16 33.67 20.17 -21.92
CA GLN H 16 33.32 20.98 -20.75
C GLN H 16 31.87 21.42 -20.82
N VAL H 17 31.39 21.84 -21.99
CA VAL H 17 30.02 22.29 -22.12
C VAL H 17 29.05 21.12 -21.97
N SER H 18 29.39 19.97 -22.54
CA SER H 18 28.50 18.82 -22.50
C SER H 18 28.45 18.18 -21.12
N GLY H 19 29.45 18.41 -20.27
CA GLY H 19 29.48 17.89 -18.93
C GLY H 19 28.17 18.07 -18.19
N PRO H 20 27.78 19.33 -17.94
CA PRO H 20 26.55 19.57 -17.17
C PRO H 20 25.30 18.95 -17.78
N LEU H 21 25.23 18.86 -19.11
CA LEU H 21 24.04 18.30 -19.75
C LEU H 21 23.80 16.87 -19.28
N GLY H 22 22.54 16.59 -18.93
CA GLY H 22 22.18 15.27 -18.44
C GLY H 22 21.69 14.34 -19.54
N GLY H 23 21.56 13.06 -19.19
CA GLY H 23 21.10 12.08 -20.15
C GLY H 23 19.66 12.29 -20.57
N ARG H 24 18.80 12.67 -19.63
CA ARG H 24 17.38 12.86 -19.89
C ARG H 24 17.02 14.33 -19.65
N PRO H 25 16.99 15.17 -20.69
CA PRO H 25 16.71 16.60 -20.47
C PRO H 25 15.24 16.89 -20.24
N THR H 26 14.36 16.08 -20.83
CA THR H 26 12.91 16.18 -20.80
C THR H 26 12.40 17.25 -21.76
N LEU H 27 13.28 18.05 -22.38
CA LEU H 27 12.88 19.04 -23.36
C LEU H 27 13.88 18.97 -24.51
N PRO H 28 13.43 18.95 -25.77
CA PRO H 28 14.39 18.89 -26.88
C PRO H 28 15.39 20.04 -26.87
N ILE H 29 14.95 21.24 -26.50
CA ILE H 29 15.84 22.40 -26.52
C ILE H 29 16.93 22.24 -25.47
N LEU H 30 16.59 21.69 -24.30
CA LEU H 30 17.59 21.53 -23.25
C LEU H 30 18.71 20.58 -23.69
N GLY H 31 18.36 19.52 -24.42
CA GLY H 31 19.36 18.57 -24.87
C GLY H 31 20.34 19.15 -25.86
N ASN H 32 20.02 20.29 -26.47
CA ASN H 32 20.87 20.94 -27.45
C ASN H 32 21.61 22.12 -26.83
N LEU H 33 22.89 22.23 -27.16
CA LEU H 33 23.70 23.34 -26.69
C LEU H 33 23.66 24.48 -27.71
N LEU H 34 23.85 25.70 -27.21
CA LEU H 34 23.80 26.90 -28.03
C LEU H 34 25.19 27.21 -28.58
N LEU H 35 25.28 27.40 -29.89
CA LEU H 35 26.52 27.72 -30.57
C LEU H 35 26.36 29.08 -31.24
N GLN H 36 27.22 30.03 -30.89
CA GLN H 36 27.19 31.36 -31.46
C GLN H 36 28.57 31.70 -32.01
N VAL H 37 28.60 32.49 -33.08
CA VAL H 37 29.84 33.04 -33.62
C VAL H 37 29.64 34.53 -33.80
N ALA H 38 30.59 35.32 -33.28
CA ALA H 38 30.47 36.76 -33.33
C ALA H 38 31.85 37.40 -33.39
N ASP H 39 32.00 38.38 -34.26
CA ASP H 39 33.27 39.09 -34.42
C ASP H 39 34.39 38.10 -34.73
N GLY H 40 35.13 37.68 -33.71
CA GLY H 40 36.21 36.73 -33.89
C GLY H 40 36.25 35.67 -32.81
N THR H 41 35.08 35.35 -32.25
CA THR H 41 34.97 34.39 -31.17
C THR H 41 33.81 33.44 -31.42
N LEU H 42 33.95 32.23 -30.89
CA LEU H 42 32.93 31.19 -30.95
C LEU H 42 32.56 30.82 -29.52
N SER H 43 31.27 30.97 -29.19
CA SER H 43 30.77 30.75 -27.84
C SER H 43 29.89 29.50 -27.83
N LEU H 44 30.20 28.59 -26.90
CA LEU H 44 29.41 27.38 -26.67
C LEU H 44 28.79 27.48 -25.28
N THR H 45 27.46 27.35 -25.22
CA THR H 45 26.72 27.50 -23.97
C THR H 45 25.86 26.27 -23.73
N GLY H 46 25.84 25.83 -22.47
CA GLY H 46 25.01 24.71 -22.07
C GLY H 46 24.34 24.97 -20.73
N THR H 47 23.01 24.79 -20.68
CA THR H 47 22.24 25.07 -19.48
C THR H 47 21.19 24.00 -19.29
N ASP H 48 20.74 23.86 -18.04
CA ASP H 48 19.68 22.93 -17.68
C ASP H 48 18.63 23.61 -16.79
N LEU H 49 18.48 24.93 -16.93
CA LEU H 49 17.55 25.77 -16.19
C LEU H 49 17.96 25.95 -14.73
N GLU H 50 19.07 25.36 -14.28
CA GLU H 50 19.54 25.53 -12.91
C GLU H 50 21.02 25.89 -12.91
N MET H 51 21.75 25.48 -13.95
CA MET H 51 23.17 25.76 -14.07
C MET H 51 23.45 26.21 -15.50
N GLU H 52 24.55 26.94 -15.67
CA GLU H 52 24.93 27.46 -16.98
C GLU H 52 26.44 27.39 -17.12
N MET H 53 26.91 26.94 -18.29
CA MET H 53 28.33 26.84 -18.58
C MET H 53 28.58 27.48 -19.94
N VAL H 54 29.61 28.31 -20.02
CA VAL H 54 29.96 29.05 -21.24
C VAL H 54 31.45 28.88 -21.50
N ALA H 55 31.80 28.59 -22.74
CA ALA H 55 33.18 28.48 -23.17
C ALA H 55 33.37 29.30 -24.45
N ARG H 56 34.57 29.86 -24.60
CA ARG H 56 34.90 30.72 -25.72
C ARG H 56 36.14 30.19 -26.43
N VAL H 57 36.13 30.27 -27.76
CA VAL H 57 37.23 29.80 -28.60
C VAL H 57 37.58 30.90 -29.59
N ALA H 58 38.87 31.18 -29.73
CA ALA H 58 39.32 32.18 -30.68
C ALA H 58 39.23 31.65 -32.11
N LEU H 59 38.87 32.54 -33.04
CA LEU H 59 38.75 32.21 -34.45
C LEU H 59 39.74 33.02 -35.25
N VAL H 60 40.45 32.35 -36.17
CA VAL H 60 41.44 33.00 -37.03
C VAL H 60 41.04 32.93 -38.50
N GLN H 61 40.01 32.17 -38.85
CA GLN H 61 39.57 32.00 -40.22
C GLN H 61 38.38 32.91 -40.52
N PRO H 62 38.14 33.25 -41.78
CA PRO H 62 36.97 34.07 -42.10
C PRO H 62 35.68 33.40 -41.69
N HIS H 63 34.73 34.20 -41.22
CA HIS H 63 33.48 33.67 -40.69
C HIS H 63 32.42 34.76 -40.77
N GLU H 64 31.17 34.34 -40.55
CA GLU H 64 30.03 35.24 -40.53
C GLU H 64 29.29 35.12 -39.19
N PRO H 65 28.84 36.22 -38.60
CA PRO H 65 28.13 36.12 -37.31
C PRO H 65 26.86 35.29 -37.44
N GLY H 66 26.53 34.58 -36.37
CA GLY H 66 25.32 33.78 -36.37
C GLY H 66 25.14 33.07 -35.04
N ALA H 67 23.99 32.39 -34.92
CA ALA H 67 23.65 31.65 -33.72
C ALA H 67 22.75 30.48 -34.10
N THR H 68 22.83 29.42 -33.30
CA THR H 68 22.00 28.23 -33.54
C THR H 68 22.10 27.32 -32.33
N THR H 69 21.39 26.20 -32.39
CA THR H 69 21.42 25.18 -31.35
C THR H 69 21.65 23.82 -31.99
N VAL H 70 22.53 23.02 -31.41
CA VAL H 70 22.86 21.71 -31.98
C VAL H 70 22.93 20.68 -30.87
N PRO H 71 22.61 19.43 -31.18
CA PRO H 71 22.75 18.37 -30.16
C PRO H 71 24.19 18.26 -29.68
N ALA H 72 24.35 18.11 -28.36
CA ALA H 72 25.68 18.02 -27.78
C ALA H 72 26.34 16.68 -28.07
N ARG H 73 25.59 15.59 -27.87
CA ARG H 73 26.20 14.26 -27.98
C ARG H 73 26.65 13.98 -29.41
N LYS H 74 25.77 14.19 -30.39
CA LYS H 74 26.12 13.87 -31.76
C LYS H 74 27.28 14.73 -32.25
N PHE H 75 27.23 16.04 -31.97
CA PHE H 75 28.30 16.92 -32.42
C PHE H 75 29.63 16.56 -31.76
N PHE H 76 29.61 16.28 -30.46
CA PHE H 76 30.85 15.92 -29.77
C PHE H 76 31.41 14.60 -30.32
N ASP H 77 30.55 13.61 -30.56
CA ASP H 77 31.01 12.35 -31.10
C ASP H 77 31.59 12.53 -32.49
N ILE H 78 30.95 13.34 -33.33
CA ILE H 78 31.45 13.57 -34.69
C ILE H 78 32.82 14.24 -34.62
N CYS H 79 32.96 15.25 -33.77
CA CYS H 79 34.24 15.96 -33.67
C CYS H 79 35.34 15.04 -33.13
N ARG H 80 35.02 14.22 -32.14
CA ARG H 80 36.02 13.34 -31.57
C ARG H 80 36.41 12.21 -32.52
N GLY H 81 35.48 11.75 -33.36
CA GLY H 81 35.78 10.65 -34.26
C GLY H 81 36.71 11.01 -35.40
N LEU H 82 36.83 12.29 -35.72
CA LEU H 82 37.69 12.69 -36.82
C LEU H 82 39.16 12.49 -36.45
N PRO H 83 40.03 12.29 -37.44
CA PRO H 83 41.45 12.09 -37.13
C PRO H 83 42.08 13.35 -36.58
N GLU H 84 43.16 13.16 -35.81
CA GLU H 84 43.86 14.28 -35.20
C GLU H 84 44.41 15.21 -36.27
N GLY H 85 44.36 16.51 -35.99
CA GLY H 85 44.85 17.51 -36.91
C GLY H 85 43.86 17.94 -37.97
N ALA H 86 42.66 17.37 -38.01
CA ALA H 86 41.69 17.74 -39.00
C ALA H 86 41.06 19.10 -38.67
N GLU H 87 40.60 19.79 -39.71
CA GLU H 87 39.95 21.08 -39.58
C GLU H 87 38.47 20.89 -39.90
N ILE H 88 37.60 21.31 -38.99
CA ILE H 88 36.16 21.15 -39.13
C ILE H 88 35.58 22.46 -39.64
N ALA H 89 34.87 22.40 -40.76
CA ALA H 89 34.20 23.55 -41.34
C ALA H 89 32.69 23.36 -41.15
N VAL H 90 32.09 24.23 -40.34
CA VAL H 90 30.67 24.16 -40.01
C VAL H 90 29.96 25.31 -40.71
N GLN H 91 28.92 24.97 -41.47
CA GLN H 91 28.12 25.95 -42.19
C GLN H 91 26.64 25.66 -41.95
N LEU H 92 25.83 26.70 -42.02
CA LEU H 92 24.39 26.59 -41.78
C LEU H 92 23.65 26.84 -43.09
N GLU H 93 22.79 25.90 -43.47
CA GLU H 93 21.99 26.01 -44.68
C GLU H 93 20.55 25.63 -44.32
N GLY H 94 19.65 26.59 -44.35
CA GLY H 94 18.27 26.32 -43.97
C GLY H 94 18.20 25.78 -42.56
N GLU H 95 17.49 24.68 -42.39
CA GLU H 95 17.37 24.01 -41.10
C GLU H 95 18.48 23.01 -40.84
N ARG H 96 19.41 22.82 -41.78
CA ARG H 96 20.47 21.84 -41.66
C ARG H 96 21.82 22.53 -41.44
N MET H 97 22.77 21.75 -40.96
CA MET H 97 24.13 22.23 -40.69
C MET H 97 25.11 21.24 -41.28
N LEU H 98 25.92 21.71 -42.23
CA LEU H 98 26.96 20.90 -42.85
C LEU H 98 28.23 20.98 -42.00
N VAL H 99 28.79 19.82 -41.67
CA VAL H 99 29.98 19.73 -40.84
C VAL H 99 31.11 19.12 -41.67
N ARG H 100 31.10 19.42 -42.97
CA ARG H 100 32.05 18.83 -43.90
C ARG H 100 33.48 19.01 -43.41
N SER H 101 34.25 17.93 -43.44
CA SER H 101 35.65 17.94 -43.04
C SER H 101 36.36 16.81 -43.76
N GLY H 102 37.34 17.14 -44.58
CA GLY H 102 37.99 16.13 -45.39
C GLY H 102 36.99 15.50 -46.35
N ARG H 103 36.94 14.18 -46.34
CA ARG H 103 36.05 13.43 -47.21
C ARG H 103 34.74 13.04 -46.53
N SER H 104 34.51 13.51 -45.30
CA SER H 104 33.31 13.16 -44.54
C SER H 104 32.35 14.33 -44.53
N ARG H 105 31.05 14.02 -44.63
CA ARG H 105 30.00 15.03 -44.63
C ARG H 105 28.89 14.61 -43.68
N PHE H 106 28.36 15.57 -42.93
CA PHE H 106 27.26 15.34 -42.01
C PHE H 106 26.27 16.49 -42.13
N SER H 107 25.01 16.22 -41.80
CA SER H 107 23.93 17.21 -41.89
C SER H 107 23.16 17.19 -40.57
N LEU H 108 23.64 17.95 -39.59
CA LEU H 108 23.00 18.00 -38.28
C LEU H 108 21.76 18.87 -38.30
N SER H 109 20.70 18.41 -37.64
CA SER H 109 19.50 19.20 -37.51
C SER H 109 19.71 20.33 -36.51
N THR H 110 18.92 21.39 -36.67
CA THR H 110 19.05 22.59 -35.85
C THR H 110 17.67 23.07 -35.45
N LEU H 111 17.62 23.81 -34.34
CA LEU H 111 16.42 24.45 -33.82
C LEU H 111 16.67 25.94 -33.66
N PRO H 112 15.61 26.75 -33.63
CA PRO H 112 15.81 28.20 -33.49
C PRO H 112 16.58 28.55 -32.23
N ALA H 113 17.47 29.52 -32.34
CA ALA H 113 18.26 29.96 -31.20
C ALA H 113 17.47 30.82 -30.22
N ALA H 114 16.41 31.47 -30.69
CA ALA H 114 15.61 32.32 -29.80
C ALA H 114 14.94 31.51 -28.70
N ASP H 115 14.66 30.23 -28.95
CA ASP H 115 13.99 29.39 -27.96
C ASP H 115 14.91 28.98 -26.82
N PHE H 116 16.21 29.25 -26.91
CA PHE H 116 17.13 28.84 -25.87
C PHE H 116 16.88 29.64 -24.60
N PRO H 117 16.64 29.01 -23.46
CA PRO H 117 16.43 29.80 -22.23
C PRO H 117 17.68 30.58 -21.83
N ASN H 118 17.46 31.70 -21.14
CA ASN H 118 18.53 32.55 -20.66
C ASN H 118 18.29 32.88 -19.19
N LEU H 119 19.37 33.21 -18.50
CA LEU H 119 19.34 33.52 -17.07
C LEU H 119 19.38 35.03 -16.87
N ASP H 120 18.53 35.52 -15.99
CA ASP H 120 18.47 36.96 -15.72
C ASP H 120 19.75 37.43 -15.03
N ASP H 121 20.09 38.69 -15.27
CA ASP H 121 21.28 39.27 -14.68
C ASP H 121 21.08 39.51 -13.18
N TRP H 122 22.19 39.65 -12.46
CA TRP H 122 22.18 39.85 -11.03
C TRP H 122 23.38 40.68 -10.62
N GLN H 123 23.33 41.22 -9.40
CA GLN H 123 24.38 42.07 -8.87
C GLN H 123 25.31 41.24 -7.99
N SER H 124 26.61 41.41 -8.18
CA SER H 124 27.62 40.65 -7.45
C SER H 124 27.93 41.40 -6.15
N GLU H 125 27.54 40.81 -5.02
CA GLU H 125 27.80 41.43 -3.73
C GLU H 125 29.26 41.30 -3.33
N VAL H 126 29.87 40.14 -3.57
CA VAL H 126 31.25 39.87 -3.18
C VAL H 126 32.01 39.34 -4.39
N GLU H 127 33.26 39.74 -4.52
CA GLU H 127 34.13 39.26 -5.59
C GLU H 127 35.52 39.02 -5.03
N PHE H 128 36.15 37.92 -5.45
CA PHE H 128 37.51 37.64 -5.02
C PHE H 128 38.14 36.65 -6.00
N THR H 129 39.42 36.37 -5.81
CA THR H 129 40.17 35.44 -6.64
C THR H 129 41.06 34.58 -5.75
N LEU H 130 41.14 33.30 -6.05
CA LEU H 130 41.96 32.36 -5.30
C LEU H 130 42.61 31.38 -6.24
N PRO H 131 43.73 30.77 -5.84
CA PRO H 131 44.34 29.73 -6.68
C PRO H 131 43.44 28.51 -6.80
N GLN H 132 43.61 27.79 -7.92
CA GLN H 132 42.83 26.59 -8.15
C GLN H 132 43.11 25.52 -7.09
N ALA H 133 44.37 25.41 -6.66
CA ALA H 133 44.73 24.37 -5.69
C ALA H 133 43.99 24.55 -4.38
N THR H 134 43.88 25.79 -3.90
CA THR H 134 43.17 26.04 -2.65
C THR H 134 41.71 25.64 -2.74
N MET H 135 41.05 26.01 -3.84
CA MET H 135 39.65 25.64 -4.02
C MET H 135 39.49 24.13 -4.10
N LYS H 136 40.38 23.46 -4.83
CA LYS H 136 40.31 22.00 -4.93
C LYS H 136 40.47 21.35 -3.56
N ARG H 137 41.44 21.82 -2.77
CA ARG H 137 41.64 21.25 -1.45
C ARG H 137 40.42 21.50 -0.56
N LEU H 138 39.85 22.71 -0.62
CA LEU H 138 38.68 23.02 0.19
C LEU H 138 37.51 22.12 -0.17
N ILE H 139 37.29 21.90 -1.46
CA ILE H 139 36.15 21.08 -1.88
C ILE H 139 36.39 19.61 -1.52
N GLU H 140 37.62 19.13 -1.69
CA GLU H 140 37.91 17.73 -1.41
C GLU H 140 37.85 17.42 0.08
N ALA H 141 38.19 18.41 0.92
CA ALA H 141 38.19 18.16 2.36
C ALA H 141 36.80 17.90 2.92
N THR H 142 35.73 18.27 2.20
CA THR H 142 34.39 18.17 2.74
C THR H 142 33.34 17.65 1.76
N GLN H 143 33.72 17.26 0.54
CA GLN H 143 32.71 16.78 -0.40
C GLN H 143 32.01 15.52 0.10
N PHE H 144 32.76 14.59 0.67
CA PHE H 144 32.20 13.28 1.00
C PHE H 144 31.14 13.35 2.09
N SER H 145 31.14 14.40 2.92
CA SER H 145 30.21 14.47 4.03
C SER H 145 28.85 15.04 3.65
N MET H 146 28.67 15.50 2.41
CA MET H 146 27.41 16.07 1.99
C MET H 146 26.32 15.01 1.95
N ALA H 147 25.13 15.38 2.39
CA ALA H 147 23.98 14.48 2.33
C ALA H 147 23.57 14.26 0.88
N HIS H 148 23.14 13.03 0.57
CA HIS H 148 22.78 12.68 -0.79
C HIS H 148 21.36 13.14 -1.12
N GLN H 149 20.36 12.54 -0.47
CA GLN H 149 18.96 12.85 -0.74
C GLN H 149 18.19 13.01 0.56
N ASP H 150 18.77 13.74 1.52
CA ASP H 150 18.11 13.98 2.78
C ASP H 150 16.86 14.84 2.57
N VAL H 151 15.88 14.65 3.46
CA VAL H 151 14.63 15.39 3.35
C VAL H 151 14.89 16.89 3.48
N ARG H 152 15.81 17.28 4.37
CA ARG H 152 16.21 18.68 4.45
C ARG H 152 16.87 19.10 3.14
N TYR H 153 16.26 20.06 2.45
CA TYR H 153 16.79 20.48 1.16
C TYR H 153 18.10 21.23 1.31
N TYR H 154 18.31 21.89 2.45
CA TYR H 154 19.52 22.68 2.66
C TYR H 154 20.73 21.86 3.05
N LEU H 155 20.55 20.59 3.43
CA LEU H 155 21.67 19.72 3.78
C LEU H 155 22.25 19.00 2.58
N ASN H 156 21.68 19.18 1.39
CA ASN H 156 22.18 18.54 0.18
C ASN H 156 23.30 19.33 -0.48
N GLY H 157 23.68 20.47 0.08
CA GLY H 157 24.74 21.30 -0.48
C GLY H 157 25.82 21.58 0.54
N MET H 158 26.85 22.28 0.08
CA MET H 158 27.98 22.66 0.90
C MET H 158 27.87 24.13 1.29
N LEU H 159 28.29 24.46 2.51
CA LEU H 159 28.22 25.83 3.02
C LEU H 159 29.59 26.49 2.84
N PHE H 160 29.60 27.60 2.10
CA PHE H 160 30.79 28.41 1.91
C PHE H 160 30.66 29.68 2.72
N GLU H 161 31.61 29.93 3.61
CA GLU H 161 31.60 31.10 4.49
C GLU H 161 32.90 31.87 4.30
N THR H 162 32.79 33.10 3.82
CA THR H 162 33.94 33.99 3.72
C THR H 162 33.95 34.87 4.97
N GLU H 163 35.04 34.85 5.73
CA GLU H 163 35.11 35.58 6.99
C GLU H 163 36.53 36.07 7.18
N GLY H 164 36.67 37.35 7.51
CA GLY H 164 37.99 37.90 7.77
C GLY H 164 38.89 37.71 6.58
N GLU H 165 40.00 37.01 6.80
CA GLU H 165 40.99 36.74 5.76
C GLU H 165 40.96 35.28 5.31
N GLU H 166 39.86 34.58 5.53
CA GLU H 166 39.79 33.15 5.28
C GLU H 166 38.46 32.77 4.65
N LEU H 167 38.47 31.60 4.01
CA LEU H 167 37.29 30.98 3.42
C LEU H 167 37.13 29.59 4.01
N ARG H 168 35.89 29.23 4.35
CA ARG H 168 35.59 28.02 5.07
C ARG H 168 34.53 27.22 4.31
N THR H 169 34.72 25.91 4.26
CA THR H 169 33.77 24.98 3.67
C THR H 169 33.26 24.04 4.75
N VAL H 170 31.95 23.88 4.84
CA VAL H 170 31.30 23.05 5.83
C VAL H 170 30.36 22.08 5.12
N ALA H 171 30.40 20.81 5.54
CA ALA H 171 29.50 19.79 5.00
C ALA H 171 28.99 18.93 6.14
N THR H 172 27.71 18.56 6.07
CA THR H 172 27.10 17.75 7.10
C THR H 172 25.86 17.06 6.53
N ASP H 173 25.41 16.03 7.23
CA ASP H 173 24.22 15.28 6.83
C ASP H 173 23.32 14.93 8.02
N GLY H 174 23.61 15.44 9.22
CA GLY H 174 22.82 15.16 10.40
C GLY H 174 23.50 14.25 11.40
N HIS H 175 24.49 13.47 10.98
CA HIS H 175 25.23 12.59 11.87
C HIS H 175 26.74 12.77 11.82
N ARG H 176 27.28 13.36 10.77
CA ARG H 176 28.72 13.62 10.67
C ARG H 176 28.93 15.03 10.12
N LEU H 177 30.04 15.64 10.53
CA LEU H 177 30.36 17.01 10.15
C LEU H 177 31.81 17.09 9.70
N ALA H 178 32.05 17.85 8.63
CA ALA H 178 33.39 18.11 8.13
C ALA H 178 33.55 19.61 7.91
N VAL H 179 34.62 20.19 8.46
CA VAL H 179 34.89 21.61 8.36
C VAL H 179 36.33 21.81 7.88
N CYS H 180 36.51 22.71 6.94
CA CYS H 180 37.84 23.07 6.45
C CYS H 180 37.93 24.58 6.30
N SER H 181 39.12 25.12 6.50
CA SER H 181 39.37 26.55 6.40
C SER H 181 40.70 26.79 5.71
N MET H 182 40.75 27.81 4.85
CA MET H 182 41.97 28.16 4.14
C MET H 182 42.08 29.67 3.99
N PRO H 183 43.27 30.25 4.17
CA PRO H 183 43.43 31.69 3.97
C PRO H 183 43.32 32.07 2.51
N ILE H 184 42.91 33.31 2.26
CA ILE H 184 42.77 33.82 0.91
C ILE H 184 43.67 35.02 0.64
N GLY H 185 44.22 35.68 1.66
CA GLY H 185 45.13 36.79 1.47
C GLY H 185 44.48 38.13 1.25
N GLN H 186 43.15 38.21 1.26
CA GLN H 186 42.44 39.47 1.09
C GLN H 186 41.25 39.51 2.04
N SER H 187 41.07 40.64 2.71
CA SER H 187 39.98 40.80 3.65
C SER H 187 38.66 40.98 2.91
N LEU H 188 37.65 40.22 3.31
CA LEU H 188 36.33 40.27 2.70
C LEU H 188 35.27 40.37 3.79
N PRO H 189 34.11 40.95 3.49
CA PRO H 189 33.05 41.01 4.50
C PRO H 189 32.50 39.62 4.81
N SER H 190 32.04 39.46 6.05
CA SER H 190 31.47 38.18 6.46
C SER H 190 30.25 37.85 5.62
N HIS H 191 30.22 36.62 5.09
CA HIS H 191 29.10 36.20 4.27
C HIS H 191 29.05 34.68 4.23
N SER H 192 27.84 34.14 4.09
CA SER H 192 27.62 32.70 4.05
C SER H 192 26.65 32.38 2.92
N VAL H 193 26.93 31.28 2.19
CA VAL H 193 26.08 30.83 1.10
C VAL H 193 26.09 29.31 1.07
N ILE H 194 25.09 28.75 0.38
CA ILE H 194 24.93 27.31 0.22
C ILE H 194 24.94 27.00 -1.27
N VAL H 195 25.75 26.02 -1.66
CA VAL H 195 25.92 25.63 -3.06
C VAL H 195 25.40 24.21 -3.22
N PRO H 196 24.60 23.91 -4.24
CA PRO H 196 24.12 22.54 -4.42
C PRO H 196 25.24 21.59 -4.85
N ARG H 197 24.98 20.30 -4.65
CA ARG H 197 26.01 19.29 -4.91
C ARG H 197 26.43 19.28 -6.38
N LYS H 198 25.47 19.45 -7.29
CA LYS H 198 25.81 19.45 -8.72
C LYS H 198 26.75 20.58 -9.06
N GLY H 199 26.52 21.76 -8.49
CA GLY H 199 27.44 22.87 -8.70
C GLY H 199 28.84 22.57 -8.20
N VAL H 200 28.94 21.93 -7.04
CA VAL H 200 30.25 21.56 -6.50
C VAL H 200 30.95 20.57 -7.42
N ILE H 201 30.21 19.59 -7.92
CA ILE H 201 30.80 18.61 -8.82
C ILE H 201 31.29 19.27 -10.10
N GLU H 202 30.48 20.18 -10.66
CA GLU H 202 30.89 20.88 -11.87
C GLU H 202 32.12 21.74 -11.61
N LEU H 203 32.18 22.41 -10.46
CA LEU H 203 33.35 23.22 -10.13
C LEU H 203 34.59 22.34 -10.00
N MET H 204 34.44 21.16 -9.38
CA MET H 204 35.57 20.25 -9.27
C MET H 204 36.06 19.80 -10.63
N ARG H 205 35.13 19.43 -11.52
CA ARG H 205 35.53 19.01 -12.86
C ARG H 205 36.15 20.16 -13.63
N MET H 206 35.75 21.40 -13.34
CA MET H 206 36.30 22.55 -14.03
C MET H 206 37.79 22.70 -13.75
N LEU H 207 38.20 22.52 -12.50
CA LEU H 207 39.60 22.70 -12.13
C LEU H 207 40.48 21.71 -12.86
N ASP H 208 41.65 22.18 -13.31
CA ASP H 208 42.61 21.34 -14.02
C ASP H 208 44.03 21.54 -13.52
N GLY H 209 44.22 22.23 -12.39
CA GLY H 209 45.55 22.45 -11.85
C GLY H 209 46.35 23.52 -12.56
N GLY H 210 45.74 24.32 -13.41
CA GLY H 210 46.45 25.35 -14.12
C GLY H 210 46.83 26.51 -13.22
N ASP H 211 47.76 27.33 -13.73
CA ASP H 211 48.23 28.49 -12.99
C ASP H 211 47.28 29.68 -13.05
N ASN H 212 46.24 29.61 -13.86
CA ASN H 212 45.29 30.71 -13.97
C ASN H 212 44.48 30.82 -12.67
N PRO H 213 44.51 31.96 -11.97
CA PRO H 213 43.68 32.08 -10.77
C PRO H 213 42.20 31.98 -11.11
N LEU H 214 41.44 31.41 -10.17
CA LEU H 214 40.00 31.25 -10.33
C LEU H 214 39.29 32.39 -9.60
N ARG H 215 38.37 33.05 -10.31
CA ARG H 215 37.68 34.23 -9.79
C ARG H 215 36.25 33.84 -9.43
N VAL H 216 35.83 34.22 -8.23
CA VAL H 216 34.52 33.87 -7.68
C VAL H 216 33.74 35.15 -7.42
N GLN H 217 32.50 35.19 -7.90
CA GLN H 217 31.55 36.26 -7.62
C GLN H 217 30.32 35.67 -6.97
N ILE H 218 29.83 36.32 -5.92
CA ILE H 218 28.67 35.86 -5.17
C ILE H 218 27.68 37.01 -5.05
N GLY H 219 26.43 36.75 -5.45
CA GLY H 219 25.36 37.71 -5.33
C GLY H 219 24.37 37.32 -4.25
N SER H 220 23.15 37.83 -4.40
CA SER H 220 22.11 37.52 -3.42
C SER H 220 21.77 36.03 -3.44
N ASN H 221 21.52 35.48 -4.64
CA ASN H 221 21.14 34.07 -4.78
C ASN H 221 21.82 33.43 -5.98
N ASN H 222 23.02 33.86 -6.32
CA ASN H 222 23.73 33.32 -7.48
C ASN H 222 25.22 33.31 -7.22
N ILE H 223 25.92 32.41 -7.89
CA ILE H 223 27.37 32.28 -7.79
C ILE H 223 27.94 32.08 -9.19
N ARG H 224 29.05 32.76 -9.47
CA ARG H 224 29.72 32.68 -10.76
C ARG H 224 31.19 32.38 -10.54
N ALA H 225 31.73 31.48 -11.35
CA ALA H 225 33.13 31.08 -11.32
C ALA H 225 33.74 31.29 -12.69
N HIS H 226 34.89 31.94 -12.73
CA HIS H 226 35.59 32.25 -13.97
C HIS H 226 37.00 31.68 -13.91
N VAL H 227 37.38 30.92 -14.94
CA VAL H 227 38.75 30.41 -15.03
C VAL H 227 39.11 30.24 -16.50
N GLY H 228 40.20 30.85 -16.92
CA GLY H 228 40.59 30.78 -18.33
C GLY H 228 39.48 31.33 -19.21
N ASP H 229 39.06 30.53 -20.19
CA ASP H 229 37.98 30.89 -21.09
C ASP H 229 36.65 30.24 -20.69
N PHE H 230 36.54 29.78 -19.45
CA PHE H 230 35.37 29.06 -18.97
C PHE H 230 34.66 29.87 -17.89
N ILE H 231 33.34 29.97 -18.01
CA ILE H 231 32.49 30.65 -17.04
C ILE H 231 31.37 29.71 -16.63
N PHE H 232 31.09 29.68 -15.34
CA PHE H 232 30.04 28.82 -14.78
C PHE H 232 29.16 29.66 -13.88
N THR H 233 27.85 29.46 -13.98
CA THR H 233 26.87 30.18 -13.17
C THR H 233 25.90 29.19 -12.56
N SER H 234 25.59 29.39 -11.27
CA SER H 234 24.70 28.50 -10.55
C SER H 234 23.88 29.31 -9.55
N LYS H 235 22.76 28.72 -9.13
CA LYS H 235 21.90 29.32 -8.13
C LYS H 235 22.33 28.89 -6.73
N LEU H 236 21.66 29.43 -5.72
CA LEU H 236 21.94 29.13 -4.32
C LEU H 236 20.73 28.51 -3.66
N VAL H 237 20.98 27.61 -2.72
CA VAL H 237 19.89 26.94 -2.01
C VAL H 237 19.14 27.90 -1.09
N ASP H 238 19.79 28.99 -0.66
CA ASP H 238 19.20 30.01 0.21
C ASP H 238 18.37 29.37 1.33
N GLY H 239 19.08 28.57 2.15
CA GLY H 239 18.47 27.85 3.25
C GLY H 239 19.16 28.14 4.57
N ARG H 240 18.62 27.51 5.62
CA ARG H 240 19.13 27.64 6.98
C ARG H 240 20.10 26.49 7.25
N PHE H 241 21.37 26.82 7.49
CA PHE H 241 22.40 25.82 7.71
C PHE H 241 22.82 25.81 9.17
N PRO H 242 22.92 24.64 9.81
CA PRO H 242 23.36 24.62 11.22
C PRO H 242 24.76 25.18 11.39
N ASP H 243 24.98 25.83 12.54
CA ASP H 243 26.30 26.36 12.86
C ASP H 243 27.23 25.22 13.26
N TYR H 244 28.44 25.21 12.68
CA TYR H 244 29.39 24.14 12.97
C TYR H 244 29.98 24.28 14.37
N ARG H 245 30.05 25.50 14.90
CA ARG H 245 30.66 25.71 16.20
C ARG H 245 29.91 24.96 17.29
N ARG H 246 28.57 24.94 17.22
CA ARG H 246 27.79 24.22 18.22
C ARG H 246 28.10 22.73 18.19
N VAL H 247 28.27 22.16 17.00
CA VAL H 247 28.46 20.72 16.88
C VAL H 247 29.78 20.29 17.50
N LEU H 248 30.81 21.11 17.39
CA LEU H 248 32.12 20.71 17.85
C LEU H 248 32.09 20.43 19.36
N PRO H 249 32.75 19.36 19.82
CA PRO H 249 32.79 19.10 21.27
C PRO H 249 33.50 20.23 22.02
N LYS H 250 33.09 20.41 23.27
CA LYS H 250 33.64 21.47 24.12
C LYS H 250 34.59 20.86 25.14
N ASN H 251 35.81 21.40 25.19
CA ASN H 251 36.88 20.99 26.12
C ASN H 251 36.91 19.49 26.35
N PRO H 252 37.11 18.68 25.32
CA PRO H 252 37.25 17.24 25.53
C PRO H 252 38.44 16.92 26.41
N ASP H 253 38.30 15.88 27.23
CA ASP H 253 39.31 15.53 28.22
C ASP H 253 40.14 14.30 27.86
N LYS H 254 39.72 13.52 26.87
CA LYS H 254 40.44 12.31 26.47
C LYS H 254 41.03 12.51 25.08
N HIS H 255 42.33 12.27 24.96
CA HIS H 255 43.06 12.43 23.70
C HIS H 255 43.71 11.10 23.32
N LEU H 256 43.74 10.82 22.03
CA LEU H 256 44.37 9.61 21.51
C LEU H 256 45.10 9.95 20.21
N GLU H 257 46.28 9.39 20.04
CA GLU H 257 47.08 9.58 18.83
C GLU H 257 47.37 8.22 18.21
N ALA H 258 47.24 8.13 16.89
CA ALA H 258 47.42 6.85 16.22
C ALA H 258 47.97 7.08 14.82
N GLY H 259 48.47 6.00 14.21
CA GLY H 259 48.91 6.05 12.83
C GLY H 259 47.75 5.88 11.88
N CYS H 260 47.72 6.73 10.84
CA CYS H 260 46.60 6.73 9.91
C CYS H 260 46.49 5.40 9.17
N ASP H 261 47.61 4.89 8.66
CA ASP H 261 47.57 3.69 7.83
C ASP H 261 47.14 2.47 8.63
N LEU H 262 47.76 2.25 9.78
CA LEU H 262 47.42 1.07 10.58
C LEU H 262 45.99 1.12 11.06
N LEU H 263 45.54 2.29 11.52
CA LEU H 263 44.17 2.43 11.99
C LEU H 263 43.18 2.19 10.85
N LYS H 264 43.46 2.75 9.67
CA LYS H 264 42.59 2.55 8.52
C LYS H 264 42.51 1.08 8.14
N GLN H 265 43.65 0.39 8.12
CA GLN H 265 43.65 -1.03 7.77
C GLN H 265 42.87 -1.84 8.80
N ALA H 266 43.05 -1.53 10.08
CA ALA H 266 42.32 -2.24 11.12
C ALA H 266 40.82 -2.04 10.97
N PHE H 267 40.39 -0.80 10.73
CA PHE H 267 38.96 -0.54 10.55
C PHE H 267 38.43 -1.25 9.31
N ALA H 268 39.20 -1.26 8.22
CA ALA H 268 38.75 -1.93 7.02
C ALA H 268 38.60 -3.43 7.25
N ARG H 269 39.55 -4.04 7.95
CA ARG H 269 39.43 -5.46 8.25
C ARG H 269 38.24 -5.74 9.15
N ALA H 270 38.00 -4.88 10.15
CA ALA H 270 36.89 -5.10 11.06
C ALA H 270 35.55 -4.94 10.35
N ALA H 271 35.45 -4.03 9.39
CA ALA H 271 34.19 -3.76 8.71
C ALA H 271 33.70 -4.94 7.87
N ILE H 272 34.55 -5.93 7.59
CA ILE H 272 34.14 -7.03 6.72
C ILE H 272 33.00 -7.81 7.36
N LEU H 273 33.11 -8.10 8.65
CA LEU H 273 32.12 -8.89 9.37
C LEU H 273 31.19 -8.03 10.22
N SER H 274 30.88 -6.83 9.75
CA SER H 274 29.94 -5.94 10.42
C SER H 274 28.56 -6.03 9.78
N ASN H 275 27.56 -5.50 10.47
CA ASN H 275 26.21 -5.49 9.95
C ASN H 275 26.14 -4.71 8.65
N GLU H 276 25.49 -5.28 7.64
CA GLU H 276 25.43 -4.65 6.32
C GLU H 276 24.56 -3.41 6.34
N LYS H 277 23.50 -3.40 7.15
CA LYS H 277 22.57 -2.27 7.15
C LYS H 277 23.07 -1.14 8.03
N PHE H 278 23.54 -1.45 9.24
CA PHE H 278 23.93 -0.43 10.20
C PHE H 278 25.43 -0.17 10.24
N ARG H 279 26.26 -1.18 9.96
CA ARG H 279 27.70 -1.01 9.90
C ARG H 279 28.26 -0.52 11.24
N GLY H 280 27.84 -1.18 12.31
CA GLY H 280 28.22 -0.78 13.67
C GLY H 280 29.40 -1.57 14.19
N VAL H 281 30.31 -0.85 14.86
CA VAL H 281 31.48 -1.44 15.50
C VAL H 281 31.64 -0.84 16.88
N ARG H 282 32.36 -1.56 17.74
CA ARG H 282 32.60 -1.15 19.11
C ARG H 282 34.09 -0.93 19.32
N LEU H 283 34.45 0.19 19.93
CA LEU H 283 35.82 0.54 20.24
C LEU H 283 36.03 0.53 21.75
N TYR H 284 37.05 -0.19 22.21
CA TYR H 284 37.47 -0.21 23.60
C TYR H 284 38.84 0.44 23.69
N VAL H 285 38.94 1.47 24.53
CA VAL H 285 40.18 2.22 24.72
C VAL H 285 40.69 1.95 26.12
N SER H 286 41.94 1.50 26.22
CA SER H 286 42.59 1.26 27.50
C SER H 286 44.02 1.75 27.39
N GLU H 287 44.78 1.58 28.48
CA GLU H 287 46.12 2.15 28.56
C GLU H 287 46.98 1.69 27.39
N ASN H 288 47.29 2.62 26.49
CA ASN H 288 48.11 2.34 25.31
C ASN H 288 47.58 1.13 24.54
N GLN H 289 46.26 1.06 24.38
CA GLN H 289 45.67 -0.06 23.66
C GLN H 289 44.31 0.34 23.11
N LEU H 290 44.06 -0.04 21.86
CA LEU H 290 42.79 0.17 21.20
C LEU H 290 42.32 -1.16 20.62
N LYS H 291 41.08 -1.54 20.93
CA LYS H 291 40.50 -2.78 20.44
C LYS H 291 39.21 -2.47 19.69
N ILE H 292 39.02 -3.13 18.56
CA ILE H 292 37.87 -2.94 17.69
C ILE H 292 37.17 -4.28 17.55
N THR H 293 35.86 -4.30 17.79
CA THR H 293 35.07 -5.52 17.68
C THR H 293 33.86 -5.27 16.77
N ALA H 294 33.56 -6.24 15.93
CA ALA H 294 32.45 -6.15 15.00
C ALA H 294 31.69 -7.47 14.98
N ASN H 295 30.37 -7.37 14.86
CA ASN H 295 29.50 -8.54 14.79
C ASN H 295 28.46 -8.32 13.69
N ASN H 296 27.94 -9.43 13.18
CA ASN H 296 26.98 -9.43 12.08
C ASN H 296 25.81 -10.33 12.44
N PRO H 297 24.70 -10.24 11.70
CA PRO H 297 23.52 -11.07 12.04
C PRO H 297 23.82 -12.56 12.04
N GLU H 298 24.80 -13.02 11.25
CA GLU H 298 25.18 -14.43 11.24
C GLU H 298 26.04 -14.81 12.44
N GLN H 299 26.24 -13.89 13.39
CA GLN H 299 27.02 -14.15 14.60
C GLN H 299 28.49 -14.38 14.32
N GLU H 300 29.00 -13.87 13.21
CA GLU H 300 30.43 -13.90 12.92
C GLU H 300 31.08 -12.68 13.54
N GLU H 301 32.15 -12.90 14.31
CA GLU H 301 32.78 -11.86 15.10
C GLU H 301 34.19 -11.58 14.58
N ALA H 302 34.53 -10.30 14.50
CA ALA H 302 35.85 -9.85 14.09
C ALA H 302 36.45 -9.01 15.20
N GLU H 303 37.73 -9.25 15.52
CA GLU H 303 38.42 -8.57 16.59
C GLU H 303 39.78 -8.09 16.10
N GLU H 304 40.12 -6.85 16.45
CA GLU H 304 41.41 -6.25 16.10
C GLU H 304 41.96 -5.55 17.33
N ILE H 305 43.28 -5.59 17.50
CA ILE H 305 43.96 -4.95 18.63
C ILE H 305 45.17 -4.22 18.09
N LEU H 306 45.41 -3.01 18.61
CA LEU H 306 46.56 -2.22 18.20
C LEU H 306 47.02 -1.35 19.35
N ASP H 307 48.24 -0.86 19.25
CA ASP H 307 48.86 -0.04 20.27
C ASP H 307 48.83 1.43 19.84
N VAL H 308 48.36 2.29 20.73
CA VAL H 308 48.23 3.72 20.49
C VAL H 308 48.78 4.47 21.69
N THR H 309 48.79 5.80 21.58
CA THR H 309 49.26 6.67 22.67
C THR H 309 48.03 7.15 23.42
N TYR H 310 47.80 6.56 24.60
CA TYR H 310 46.64 6.91 25.42
C TYR H 310 47.00 6.66 26.89
N SER H 311 46.51 7.54 27.76
CA SER H 311 46.80 7.44 29.18
C SER H 311 45.59 7.70 30.06
N GLY H 312 44.40 7.84 29.49
CA GLY H 312 43.20 8.11 30.27
C GLY H 312 42.57 6.83 30.80
N ALA H 313 41.38 7.00 31.36
CA ALA H 313 40.64 5.87 31.91
C ALA H 313 40.06 5.02 30.79
N GLU H 314 39.79 3.75 31.12
CA GLU H 314 39.22 2.84 30.15
C GLU H 314 37.84 3.32 29.71
N MET H 315 37.53 3.09 28.43
CA MET H 315 36.27 3.58 27.88
C MET H 315 35.79 2.62 26.79
N GLU H 316 34.48 2.60 26.58
CA GLU H 316 33.84 1.81 25.53
C GLU H 316 32.88 2.70 24.78
N ILE H 317 32.89 2.61 23.45
CA ILE H 317 32.03 3.44 22.61
C ILE H 317 31.64 2.65 21.36
N GLY H 318 30.61 3.13 20.68
CA GLY H 318 30.15 2.53 19.44
C GLY H 318 30.17 3.54 18.31
N PHE H 319 30.32 3.05 17.09
CA PHE H 319 30.44 3.94 15.94
C PHE H 319 29.98 3.23 14.67
N ASN H 320 29.76 4.03 13.63
CA ASN H 320 29.50 3.54 12.29
C ASN H 320 30.83 3.54 11.52
N VAL H 321 31.28 2.33 11.13
CA VAL H 321 32.62 2.20 10.57
C VAL H 321 32.75 2.94 9.25
N SER H 322 31.64 3.12 8.52
CA SER H 322 31.70 3.78 7.22
C SER H 322 32.18 5.22 7.37
N TYR H 323 31.63 5.95 8.34
CA TYR H 323 32.04 7.33 8.54
C TYR H 323 33.51 7.43 8.92
N VAL H 324 33.97 6.54 9.82
CA VAL H 324 35.38 6.56 10.23
C VAL H 324 36.28 6.27 9.05
N LEU H 325 35.92 5.29 8.22
CA LEU H 325 36.72 4.98 7.05
C LEU H 325 36.76 6.15 6.08
N ASP H 326 35.62 6.81 5.88
CA ASP H 326 35.60 7.99 5.00
C ASP H 326 36.51 9.09 5.53
N VAL H 327 36.45 9.35 6.83
CA VAL H 327 37.30 10.39 7.42
C VAL H 327 38.76 10.04 7.26
N LEU H 328 39.13 8.78 7.53
CA LEU H 328 40.52 8.37 7.41
C LEU H 328 41.00 8.47 5.98
N ASN H 329 40.16 8.08 5.02
CA ASN H 329 40.53 8.23 3.61
C ASN H 329 40.72 9.70 3.25
N ALA H 330 39.87 10.58 3.77
CA ALA H 330 39.96 11.99 3.45
C ALA H 330 41.22 12.62 4.03
N LEU H 331 41.61 12.20 5.24
CA LEU H 331 42.71 12.88 5.92
C LEU H 331 44.01 12.77 5.13
N LYS H 332 44.39 11.55 4.76
CA LYS H 332 45.64 11.30 4.03
C LYS H 332 46.83 11.96 4.74
N CYS H 333 46.98 11.62 6.01
CA CYS H 333 48.04 12.18 6.86
C CYS H 333 48.84 11.04 7.48
N GLU H 334 49.90 11.41 8.19
CA GLU H 334 50.77 10.44 8.82
C GLU H 334 50.26 10.01 10.20
N ASN H 335 49.71 10.94 10.97
CA ASN H 335 49.18 10.65 12.30
C ASN H 335 47.81 11.32 12.45
N VAL H 336 46.97 10.71 13.28
CA VAL H 336 45.61 11.16 13.50
C VAL H 336 45.38 11.31 15.00
N ARG H 337 44.76 12.43 15.39
CA ARG H 337 44.37 12.69 16.76
C ARG H 337 42.86 12.59 16.90
N MET H 338 42.41 11.84 17.89
CA MET H 338 41.00 11.68 18.22
C MET H 338 40.76 12.24 19.61
N MET H 339 39.75 13.10 19.72
CA MET H 339 39.37 13.74 20.98
C MET H 339 37.98 13.26 21.37
N LEU H 340 37.86 12.76 22.60
CA LEU H 340 36.61 12.23 23.11
C LEU H 340 36.39 12.72 24.54
N THR H 341 35.13 12.72 24.95
CA THR H 341 34.73 13.09 26.30
C THR H 341 34.09 11.94 27.05
N ASP H 342 33.10 11.28 26.45
CA ASP H 342 32.41 10.16 27.09
C ASP H 342 31.77 9.31 26.00
N SER H 343 31.15 8.20 26.42
CA SER H 343 30.56 7.26 25.47
C SER H 343 29.27 7.79 24.83
N VAL H 344 28.70 8.87 25.36
CA VAL H 344 27.45 9.42 24.84
C VAL H 344 27.66 10.74 24.10
N SER H 345 28.89 11.25 24.03
CA SER H 345 29.18 12.50 23.36
C SER H 345 29.87 12.24 22.02
N SER H 346 29.91 13.28 21.20
CA SER H 346 30.53 13.17 19.89
C SER H 346 32.05 13.04 20.03
N VAL H 347 32.69 12.63 18.94
CA VAL H 347 34.14 12.45 18.89
C VAL H 347 34.69 13.27 17.73
N GLN H 348 35.78 13.99 17.99
CA GLN H 348 36.42 14.83 17.00
C GLN H 348 37.67 14.15 16.47
N ILE H 349 37.93 14.32 15.17
CA ILE H 349 39.08 13.73 14.50
C ILE H 349 39.81 14.84 13.75
N GLU H 350 41.13 14.87 13.89
CA GLU H 350 41.96 15.88 13.24
C GLU H 350 43.31 15.28 12.89
N ASP H 351 44.04 15.99 12.04
CA ASP H 351 45.40 15.61 11.70
C ASP H 351 46.37 16.14 12.74
N ALA H 352 47.33 15.30 13.14
CA ALA H 352 48.30 15.71 14.15
C ALA H 352 49.15 16.88 13.66
N ALA H 353 49.59 16.84 12.41
CA ALA H 353 50.50 17.85 11.90
C ALA H 353 49.80 19.21 11.79
N SER H 354 48.59 19.24 11.26
CA SER H 354 47.88 20.48 10.99
C SER H 354 46.44 20.38 11.47
N GLN H 355 45.87 21.53 11.83
CA GLN H 355 44.49 21.63 12.28
C GLN H 355 43.62 22.40 11.29
N SER H 356 44.00 22.41 10.00
CA SER H 356 43.22 23.13 9.01
C SER H 356 41.83 22.54 8.86
N ALA H 357 41.72 21.21 8.87
CA ALA H 357 40.45 20.52 8.70
C ALA H 357 40.13 19.70 9.94
N ALA H 358 38.84 19.62 10.27
CA ALA H 358 38.37 18.87 11.41
C ALA H 358 37.11 18.10 11.02
N TYR H 359 36.88 16.99 11.72
CA TYR H 359 35.70 16.17 11.50
C TYR H 359 35.08 15.79 12.84
N VAL H 360 33.77 15.63 12.85
CA VAL H 360 33.02 15.27 14.05
C VAL H 360 32.08 14.13 13.70
N VAL H 361 32.09 13.08 14.53
CA VAL H 361 31.25 11.90 14.33
C VAL H 361 30.53 11.60 15.65
N MET H 362 29.19 11.39 15.57
CA MET H 362 28.43 11.06 16.76
C MET H 362 28.40 9.55 16.98
N PRO H 363 28.25 9.09 18.22
CA PRO H 363 28.24 7.65 18.50
C PRO H 363 26.85 7.05 18.35
N MET H 364 26.80 5.72 18.46
CA MET H 364 25.56 4.97 18.44
C MET H 364 25.48 4.13 19.70
N ARG H 365 24.25 3.95 20.20
CA ARG H 365 24.00 3.18 21.42
C ARG H 365 23.73 1.73 21.04
N LEU H 366 24.82 1.02 20.72
CA LEU H 366 24.72 -0.39 20.36
C LEU H 366 24.29 -1.22 21.57
PB ADP K . 0.28 -30.81 -0.19
O1B ADP K . 1.49 -30.72 -1.09
O2B ADP K . 0.28 -29.77 0.90
O3B ADP K . -1.03 -30.98 -0.91
PA ADP K . 1.76 -32.45 1.53
O1A ADP K . 2.78 -33.25 0.77
O2A ADP K . 2.14 -31.12 2.14
O3A ADP K . 0.48 -32.21 0.58
O5' ADP K . 1.20 -33.37 2.72
C5' ADP K . 1.69 -33.18 4.04
C4' ADP K . 1.44 -34.40 4.91
O4' ADP K . 0.08 -34.82 4.81
C3' ADP K . 2.31 -35.58 4.48
O3' ADP K . 3.40 -35.75 5.39
C2' ADP K . 1.39 -36.78 4.48
O2' ADP K . 1.75 -37.69 5.52
C1' ADP K . -0.01 -36.25 4.71
N9 ADP K . -0.88 -36.62 3.56
C8 ADP K . -1.45 -35.74 2.71
N7 ADP K . -2.17 -36.40 1.77
C5 ADP K . -2.07 -37.71 2.01
C6 ADP K . -2.59 -38.95 1.41
N6 ADP K . -3.40 -38.91 0.32
N1 ADP K . -2.25 -40.13 1.98
C2 ADP K . -1.46 -40.19 3.07
N3 ADP K . -0.95 -39.10 3.66
C4 ADP K . -1.22 -37.85 3.21
H5'1 ADP K . 1.20 -32.31 4.49
H5'2 ADP K . 2.76 -32.96 4.00
H4' ADP K . 1.67 -34.15 5.95
H3' ADP K . 2.68 -35.40 3.46
HO3' ADP K . 4.03 -36.38 5.01
H2' ADP K . 1.46 -37.27 3.51
HO2' ADP K . 2.60 -38.10 5.32
H1' ADP K . -0.41 -36.67 5.64
H8 ADP K . -1.35 -34.66 2.76
HN61 ADP K . -3.63 -38.02 -0.09
HN62 ADP K . -3.74 -39.76 -0.09
H2 ADP K . -1.22 -41.16 3.48
MG MG L . 3.29 -29.61 -1.04
AL ALF M . 0.77 -27.93 0.01
F1 ALF M . 2.51 -28.28 0.33
F2 ALF M . -0.97 -27.58 -0.30
F3 ALF M . 0.64 -27.11 1.61
F4 ALF M . 0.90 -28.74 -1.58
ZN ZN N . 14.19 -48.58 -7.42
PB ADP O . 1.29 -9.75 24.41
O1B ADP O . 2.49 -10.21 23.63
O2B ADP O . 0.92 -8.31 24.16
O3B ADP O . 0.12 -10.70 24.39
PA ADP O . 2.99 -8.82 26.43
O1A ADP O . 4.25 -9.65 26.51
O2A ADP O . 2.95 -7.56 25.60
O3A ADP O . 1.79 -9.78 25.94
O5' ADP O . 2.57 -8.43 27.93
C5' ADP O . 2.85 -7.12 28.41
C4' ADP O . 2.87 -7.09 29.93
O4' ADP O . 1.66 -7.62 30.47
C3' ADP O . 4.02 -7.91 30.50
O3' ADP O . 5.12 -7.08 30.84
C2' ADP O . 3.44 -8.61 31.70
O2' ADP O . 3.89 -8.02 32.92
C1' ADP O . 1.92 -8.44 31.61
N9 ADP O . 1.27 -9.77 31.42
C8 ADP O . 0.54 -10.11 30.34
N7 ADP O . 0.07 -11.38 30.48
C5 ADP O . 0.50 -11.86 31.66
C6 ADP O . 0.38 -13.13 32.41
N6 ADP O . -0.33 -14.16 31.91
N1 ADP O . 0.99 -13.21 33.61
C2 ADP O . 1.70 -12.19 34.12
N3 ADP O . 1.86 -11.02 33.49
C4 ADP O . 1.29 -10.78 32.28
H5'1 ADP O . 2.08 -6.43 28.05
H5'2 ADP O . 3.81 -6.78 28.01
H4' ADP O . 2.98 -6.04 30.26
H3' ADP O . 4.32 -8.66 29.75
HO3' ADP O . 5.88 -7.63 31.06
H2' ADP O . 3.70 -9.67 31.67
HO2' ADP O . 4.85 -8.16 33.01
H1' ADP O . 1.56 -7.96 32.53
H8 ADP O . 0.34 -9.47 29.49
HN61 ADP O . -0.79 -14.07 31.01
HN62 ADP O . -0.42 -15.02 32.43
H2 ADP O . 2.17 -12.32 35.10
MG MG P . 4.01 -9.21 22.56
AL ALF Q . 1.15 -7.84 22.13
F1 ALF Q . 2.89 -7.48 22.43
F2 ALF Q . -0.58 -8.20 21.82
F3 ALF Q . 0.73 -6.13 22.47
F4 ALF Q . 1.58 -9.56 21.78
ZN ZN R . 18.84 -22.02 32.78
PB ADP S . -4.87 21.74 20.91
O1B ADP S . -3.55 21.08 20.64
O2B ADP S . -5.55 22.24 19.66
O3B ADP S . -5.76 20.99 21.86
PA ADP S . -3.50 24.18 21.08
O1A ADP S . -2.14 24.04 21.71
O2A ADP S . -3.66 24.11 19.58
O3A ADP S . -4.48 23.07 21.72
O5' ADP S . -4.14 25.57 21.57
C5' ADP S . -4.24 26.67 20.66
C4' ADP S . -4.35 27.99 21.41
O4' ADP S . -5.40 27.91 22.38
C3' ADP S . -3.07 28.33 22.14
O3' ADP S . -2.31 29.29 21.41
C2' ADP S . -3.52 28.86 23.49
O2' ADP S . -3.37 30.29 23.55
C1' ADP S . -4.99 28.50 23.62
N9 ADP S . -5.18 27.51 24.71
C8 ADP S . -5.65 26.26 24.55
N7 ADP S . -5.71 25.62 25.73
C5 ADP S . -5.27 26.47 26.69
C6 ADP S . -5.08 26.41 28.15
N6 ADP S . -5.38 25.29 28.85
N1 ADP S . -4.60 27.52 28.76
C2 ADP S . -4.30 28.64 28.08
N3 ADP S . -4.45 28.75 26.74
C4 ADP S . -4.93 27.72 26.00
H5'1 ADP S . -5.10 26.53 20.01
H5'2 ADP S . -3.35 26.69 20.02
H4' ADP S . -4.58 28.78 20.69
H3' ADP S . -2.47 27.41 22.29
HO3' ADP S . -1.43 29.38 21.80
H2' ADP S . -2.93 28.38 24.28
HO2' ADP S . -2.43 30.52 23.51
H1' ADP S . -5.57 29.41 23.82
H8 ADP S . -5.94 25.83 23.60
HN61 ADP S . -5.74 24.47 28.38
HN62 ADP S . -5.25 25.26 29.85
H2 ADP S . -3.92 29.49 28.62
MG MG T . -2.42 20.71 18.88
AL ALF U . -5.83 21.04 17.94
F1 ALF U . -4.05 21.03 17.72
F2 ALF U . -7.62 21.06 18.15
F3 ALF U . -5.95 22.55 16.97
F4 ALF U . -5.72 19.55 18.93
ZN ZN V . 15.47 25.64 31.60
ZN ZN W . 2.45 47.18 -8.52
#